data_2LS6
#
_entry.id   2LS6
#
_entity_poly.entity_id   1
_entity_poly.type   'polypeptide(L)'
_entity_poly.pdbx_seq_one_letter_code
;MGSSHHHHHHSSGLVPRGSHMASDPNRIIATYISNRQDAPTGNPDNIFDNNASTELVYKNPNRIDVGTYVGVKYSNPITL
NNVEFLMGANSNPNDTMQKAKIQYTVDGREWIDLEEGVEYTMPGAIKVENLDLKVRGVRLIATEARENTWLGVRDINVNK
KEDS
;
_entity_poly.pdbx_strand_id   A
#
# COMPACT_ATOMS: atom_id res chain seq x y z
N MET A 1 45.26 2.47 11.14
CA MET A 1 44.90 3.28 9.94
C MET A 1 45.36 2.58 8.66
N GLY A 2 45.24 1.26 8.64
CA GLY A 2 45.64 0.50 7.47
C GLY A 2 47.15 0.47 7.28
N SER A 3 47.73 -0.72 7.33
CA SER A 3 49.17 -0.88 7.16
C SER A 3 49.58 -0.67 5.71
N SER A 4 49.20 -1.60 4.85
CA SER A 4 49.52 -1.51 3.42
C SER A 4 48.52 -0.63 2.70
N HIS A 5 48.74 -0.46 1.40
CA HIS A 5 47.85 0.37 0.57
C HIS A 5 46.43 -0.17 0.59
N HIS A 6 45.48 0.69 0.23
CA HIS A 6 44.07 0.30 0.21
C HIS A 6 43.20 1.43 -0.30
N HIS A 7 43.51 2.65 0.12
CA HIS A 7 42.76 3.83 -0.30
C HIS A 7 41.30 3.72 0.13
N HIS A 8 41.08 3.15 1.32
CA HIS A 8 39.73 2.98 1.86
C HIS A 8 38.88 2.12 0.93
N HIS A 9 37.71 1.71 1.42
CA HIS A 9 36.80 0.88 0.64
C HIS A 9 35.87 1.75 -0.21
N HIS A 10 36.15 1.82 -1.51
CA HIS A 10 35.33 2.61 -2.42
C HIS A 10 35.40 4.09 -2.08
N SER A 11 34.65 4.50 -1.06
CA SER A 11 34.63 5.89 -0.63
C SER A 11 34.61 5.99 0.90
N SER A 12 33.51 5.56 1.50
CA SER A 12 33.36 5.61 2.95
C SER A 12 34.34 4.65 3.62
N GLY A 13 34.82 5.04 4.81
CA GLY A 13 35.75 4.20 5.53
C GLY A 13 35.10 3.46 6.68
N LEU A 14 35.71 3.55 7.85
CA LEU A 14 35.18 2.87 9.04
C LEU A 14 35.11 1.37 8.82
N VAL A 15 34.61 0.66 9.82
CA VAL A 15 34.49 -0.80 9.74
C VAL A 15 33.05 -1.25 9.94
N PRO A 16 32.19 -1.10 8.91
CA PRO A 16 30.79 -1.50 8.98
C PRO A 16 30.61 -2.94 9.44
N ARG A 17 31.60 -3.77 9.15
CA ARG A 17 31.57 -5.18 9.54
C ARG A 17 30.50 -5.93 8.76
N GLY A 18 29.23 -5.63 9.05
CA GLY A 18 28.13 -6.29 8.38
C GLY A 18 26.80 -5.65 8.69
N SER A 19 25.72 -6.43 8.55
CA SER A 19 24.38 -5.93 8.82
C SER A 19 23.92 -6.36 10.21
N HIS A 20 24.86 -6.37 11.15
CA HIS A 20 24.55 -6.75 12.53
C HIS A 20 24.15 -8.21 12.63
N MET A 21 22.95 -8.53 12.14
CA MET A 21 22.45 -9.90 12.17
C MET A 21 22.40 -10.44 13.60
N ALA A 22 21.22 -10.36 14.22
CA ALA A 22 21.04 -10.83 15.58
C ALA A 22 19.59 -11.23 15.84
N SER A 23 18.73 -10.24 16.00
CA SER A 23 17.31 -10.49 16.24
C SER A 23 16.47 -10.13 15.02
N ASP A 24 16.46 -11.01 14.02
CA ASP A 24 15.70 -10.77 12.81
C ASP A 24 14.21 -10.61 13.11
N PRO A 25 13.67 -9.38 12.97
CA PRO A 25 12.26 -9.10 13.24
C PRO A 25 11.34 -9.74 12.21
N ASN A 26 11.77 -9.73 10.95
CA ASN A 26 10.98 -10.31 9.87
C ASN A 26 9.63 -9.63 9.76
N ARG A 27 9.59 -8.34 10.08
CA ARG A 27 8.36 -7.57 10.01
C ARG A 27 8.55 -6.31 9.17
N ILE A 28 7.65 -6.09 8.22
CA ILE A 28 7.71 -4.93 7.35
C ILE A 28 6.51 -4.01 7.57
N ILE A 29 6.79 -2.74 7.83
CA ILE A 29 5.74 -1.76 8.06
C ILE A 29 5.19 -1.26 6.73
N ALA A 30 3.98 -0.72 6.76
CA ALA A 30 3.36 -0.20 5.54
C ALA A 30 2.82 1.20 5.75
N THR A 31 3.59 2.20 5.32
CA THR A 31 3.16 3.59 5.44
C THR A 31 2.30 3.97 4.26
N TYR A 32 1.29 4.78 4.51
CA TYR A 32 0.40 5.19 3.44
C TYR A 32 0.99 6.33 2.63
N ILE A 33 0.92 6.18 1.31
CA ILE A 33 1.44 7.19 0.38
C ILE A 33 0.30 7.91 -0.30
N SER A 34 0.63 9.05 -0.91
CA SER A 34 -0.38 9.81 -1.62
C SER A 34 0.20 11.05 -2.28
N ASN A 35 -0.08 11.22 -3.56
CA ASN A 35 0.41 12.39 -4.28
C ASN A 35 -0.20 13.66 -3.69
N ARG A 36 -1.30 13.47 -2.96
CA ARG A 36 -2.00 14.59 -2.33
C ARG A 36 -1.58 14.74 -0.87
N GLN A 37 -0.88 15.83 -0.57
CA GLN A 37 -0.42 16.09 0.79
C GLN A 37 -1.61 16.38 1.70
N ASP A 38 -2.36 15.32 2.02
CA ASP A 38 -3.54 15.45 2.87
C ASP A 38 -3.41 14.59 4.13
N ALA A 39 -4.43 14.66 4.97
CA ALA A 39 -4.45 13.88 6.21
C ALA A 39 -5.60 12.87 6.18
N PRO A 40 -5.39 11.68 6.76
CA PRO A 40 -6.43 10.64 6.78
C PRO A 40 -7.71 11.14 7.46
N THR A 41 -8.80 11.12 6.69
CA THR A 41 -10.10 11.57 7.18
C THR A 41 -10.35 11.11 8.61
N GLY A 42 -10.17 9.82 8.86
CA GLY A 42 -10.38 9.27 10.18
C GLY A 42 -9.21 8.45 10.64
N ASN A 43 -9.14 7.21 10.17
CA ASN A 43 -8.07 6.30 10.54
C ASN A 43 -7.67 5.44 9.36
N PRO A 44 -6.41 5.54 8.89
CA PRO A 44 -5.92 4.74 7.78
C PRO A 44 -5.63 3.30 8.20
N ASP A 45 -5.85 3.00 9.49
CA ASP A 45 -5.61 1.66 10.03
C ASP A 45 -6.02 0.57 9.04
N ASN A 46 -7.05 0.85 8.24
CA ASN A 46 -7.51 -0.10 7.24
C ASN A 46 -6.34 -0.61 6.41
N ILE A 47 -5.31 0.22 6.31
CA ILE A 47 -4.12 -0.09 5.55
C ILE A 47 -2.99 -0.52 6.48
N PHE A 48 -2.73 0.28 7.50
CA PHE A 48 -1.67 0.00 8.45
C PHE A 48 -1.92 -1.28 9.24
N ASP A 49 -3.18 -1.64 9.39
CA ASP A 49 -3.55 -2.85 10.15
C ASP A 49 -4.25 -3.87 9.26
N ASN A 50 -4.80 -3.43 8.14
CA ASN A 50 -5.50 -4.32 7.22
C ASN A 50 -6.74 -4.93 7.89
N ASN A 51 -7.69 -4.08 8.26
CA ASN A 51 -8.92 -4.53 8.90
C ASN A 51 -10.14 -4.14 8.06
N ALA A 52 -10.08 -2.97 7.45
CA ALA A 52 -11.18 -2.47 6.62
C ALA A 52 -12.40 -2.12 7.46
N SER A 53 -12.15 -1.57 8.65
CA SER A 53 -13.24 -1.18 9.55
C SER A 53 -13.31 0.33 9.68
N THR A 54 -12.15 0.97 9.68
CA THR A 54 -12.08 2.41 9.78
C THR A 54 -12.21 3.07 8.41
N GLU A 55 -12.34 4.38 8.37
CA GLU A 55 -12.48 5.11 7.12
C GLU A 55 -11.18 5.79 6.71
N LEU A 56 -11.06 6.09 5.42
CA LEU A 56 -9.87 6.74 4.88
C LEU A 56 -10.13 7.31 3.51
N VAL A 57 -9.94 8.62 3.36
CA VAL A 57 -10.15 9.28 2.08
C VAL A 57 -9.31 10.55 1.97
N TYR A 58 -8.53 10.64 0.91
CA TYR A 58 -7.70 11.82 0.68
C TYR A 58 -8.45 12.79 -0.22
N LYS A 59 -8.31 14.08 0.07
CA LYS A 59 -9.06 15.08 -0.70
C LYS A 59 -8.52 16.50 -0.54
N ASN A 60 -7.87 16.79 0.60
CA ASN A 60 -7.34 18.14 0.86
C ASN A 60 -7.41 19.02 -0.40
N PRO A 61 -6.62 18.70 -1.46
CA PRO A 61 -6.67 19.44 -2.70
C PRO A 61 -7.79 18.95 -3.60
N ASN A 62 -8.82 19.76 -3.77
CA ASN A 62 -9.97 19.37 -4.61
C ASN A 62 -9.69 19.67 -6.08
N ARG A 63 -8.55 19.18 -6.57
CA ARG A 63 -8.17 19.39 -7.97
C ARG A 63 -6.73 18.92 -8.20
N ILE A 64 -6.55 18.00 -9.13
CA ILE A 64 -5.22 17.49 -9.43
C ILE A 64 -5.18 16.88 -10.84
N ASP A 65 -4.15 17.25 -11.61
CA ASP A 65 -3.99 16.73 -12.96
C ASP A 65 -2.67 15.96 -13.09
N VAL A 66 -2.78 14.67 -13.36
CA VAL A 66 -1.61 13.81 -13.52
C VAL A 66 -0.77 13.77 -12.24
N GLY A 67 -0.31 12.57 -11.88
CA GLY A 67 0.50 12.43 -10.69
C GLY A 67 -0.31 11.99 -9.48
N THR A 68 -1.61 12.19 -9.52
CA THR A 68 -2.48 11.81 -8.42
C THR A 68 -2.44 10.30 -8.19
N TYR A 69 -1.93 9.88 -7.04
CA TYR A 69 -1.85 8.46 -6.74
C TYR A 69 -1.62 8.21 -5.25
N VAL A 70 -1.87 6.97 -4.83
CA VAL A 70 -1.65 6.57 -3.45
C VAL A 70 -1.41 5.07 -3.35
N GLY A 71 -1.26 4.60 -2.13
CA GLY A 71 -1.03 3.19 -1.88
C GLY A 71 -0.47 2.95 -0.50
N VAL A 72 0.75 2.44 -0.43
CA VAL A 72 1.37 2.19 0.84
C VAL A 72 2.84 1.77 0.69
N LYS A 73 3.75 2.55 1.29
CA LYS A 73 5.18 2.24 1.20
C LYS A 73 5.63 1.34 2.34
N TYR A 74 6.71 0.60 2.10
CA TYR A 74 7.26 -0.31 3.10
C TYR A 74 8.46 0.30 3.79
N SER A 75 9.15 -0.49 4.61
CA SER A 75 10.31 -0.02 5.34
C SER A 75 11.60 -0.34 4.60
N ASN A 76 11.59 -1.41 3.81
CA ASN A 76 12.77 -1.83 3.06
C ASN A 76 12.42 -2.89 2.02
N PRO A 77 13.33 -3.14 1.06
CA PRO A 77 13.11 -4.15 0.02
C PRO A 77 12.87 -5.53 0.61
N ILE A 78 11.72 -6.10 0.32
CA ILE A 78 11.36 -7.42 0.84
C ILE A 78 10.89 -8.35 -0.27
N THR A 79 10.37 -9.50 0.13
CA THR A 79 9.86 -10.48 -0.83
C THR A 79 8.33 -10.47 -0.82
N LEU A 80 7.74 -9.74 -1.74
CA LEU A 80 6.29 -9.62 -1.83
C LEU A 80 5.69 -10.78 -2.63
N ASN A 81 4.45 -11.12 -2.30
CA ASN A 81 3.75 -12.20 -2.99
C ASN A 81 2.58 -11.65 -3.79
N ASN A 82 1.93 -10.61 -3.26
CA ASN A 82 0.79 -10.00 -3.93
C ASN A 82 0.17 -8.89 -3.08
N VAL A 83 -0.03 -7.72 -3.68
CA VAL A 83 -0.63 -6.59 -2.98
C VAL A 83 -2.06 -6.38 -3.46
N GLU A 84 -2.90 -5.77 -2.62
CA GLU A 84 -4.28 -5.54 -2.99
C GLU A 84 -4.85 -4.31 -2.30
N PHE A 85 -5.02 -3.23 -3.05
CA PHE A 85 -5.59 -2.02 -2.49
C PHE A 85 -7.11 -2.09 -2.58
N LEU A 86 -7.77 -2.43 -1.49
CA LEU A 86 -9.23 -2.51 -1.48
C LEU A 86 -9.82 -1.16 -1.15
N MET A 87 -10.02 -0.34 -2.17
CA MET A 87 -10.56 1.00 -1.99
C MET A 87 -11.53 1.38 -3.11
N GLY A 88 -12.39 2.35 -2.82
CA GLY A 88 -13.34 2.82 -3.81
C GLY A 88 -13.43 4.34 -3.84
N ALA A 89 -14.44 4.88 -3.16
CA ALA A 89 -14.63 6.33 -3.09
C ALA A 89 -15.13 6.74 -1.72
N ASN A 90 -14.89 8.00 -1.37
CA ASN A 90 -15.32 8.51 -0.07
C ASN A 90 -16.85 8.56 0.02
N SER A 91 -17.46 9.47 -0.75
CA SER A 91 -18.90 9.61 -0.76
C SER A 91 -19.51 8.99 -2.01
N ASN A 92 -19.14 9.53 -3.17
CA ASN A 92 -19.65 9.03 -4.44
C ASN A 92 -18.71 7.99 -5.04
N PRO A 93 -19.22 6.77 -5.31
CA PRO A 93 -18.42 5.69 -5.89
C PRO A 93 -17.59 6.13 -7.09
N ASN A 94 -17.98 7.25 -7.70
CA ASN A 94 -17.26 7.76 -8.87
C ASN A 94 -16.12 8.70 -8.47
N ASP A 95 -15.59 8.52 -7.26
CA ASP A 95 -14.49 9.34 -6.78
C ASP A 95 -13.21 8.53 -6.65
N THR A 96 -12.37 8.59 -7.67
CA THR A 96 -11.12 7.85 -7.69
C THR A 96 -10.32 8.20 -8.95
N MET A 97 -9.30 7.39 -9.27
CA MET A 97 -8.47 7.62 -10.46
C MET A 97 -9.30 8.07 -11.65
N GLN A 98 -8.64 8.64 -12.65
CA GLN A 98 -9.32 9.07 -13.86
C GLN A 98 -9.10 8.00 -14.91
N LYS A 99 -7.86 7.50 -14.94
CA LYS A 99 -7.46 6.43 -15.83
C LYS A 99 -6.01 6.07 -15.52
N ALA A 100 -5.75 4.81 -15.18
CA ALA A 100 -4.37 4.40 -14.85
C ALA A 100 -4.29 2.98 -14.32
N LYS A 101 -3.06 2.47 -14.26
CA LYS A 101 -2.78 1.14 -13.73
C LYS A 101 -2.14 1.29 -12.35
N ILE A 102 -1.72 0.19 -11.71
CA ILE A 102 -1.10 0.29 -10.39
C ILE A 102 0.43 0.39 -10.52
N GLN A 103 1.09 0.85 -9.45
CA GLN A 103 2.55 1.01 -9.45
C GLN A 103 3.20 0.31 -8.26
N TYR A 104 4.53 0.38 -8.22
CA TYR A 104 5.31 -0.22 -7.13
C TYR A 104 6.80 0.11 -7.31
N THR A 105 7.46 0.55 -6.24
CA THR A 105 8.88 0.87 -6.32
C THR A 105 9.71 -0.36 -5.94
N VAL A 106 10.82 -0.56 -6.64
CA VAL A 106 11.68 -1.71 -6.38
C VAL A 106 12.76 -1.39 -5.36
N ASP A 107 13.58 -0.40 -5.65
CA ASP A 107 14.67 -0.02 -4.75
C ASP A 107 14.24 1.13 -3.82
N GLY A 108 12.95 1.16 -3.49
CA GLY A 108 12.44 2.20 -2.61
C GLY A 108 12.82 3.59 -3.10
N ARG A 109 12.81 3.78 -4.40
CA ARG A 109 13.16 5.05 -5.01
C ARG A 109 12.23 5.39 -6.17
N GLU A 110 12.42 4.68 -7.28
CA GLU A 110 11.59 4.90 -8.46
C GLU A 110 10.37 4.00 -8.42
N TRP A 111 9.34 4.39 -9.17
CA TRP A 111 8.11 3.62 -9.22
C TRP A 111 7.76 3.27 -10.67
N ILE A 112 7.59 1.97 -10.94
CA ILE A 112 7.26 1.51 -12.29
C ILE A 112 5.90 0.84 -12.35
N ASP A 113 5.37 0.71 -13.57
CA ASP A 113 4.07 0.08 -13.79
C ASP A 113 3.91 -1.20 -12.99
N LEU A 114 2.67 -1.55 -12.66
CA LEU A 114 2.38 -2.76 -11.90
C LEU A 114 1.33 -3.62 -12.59
N GLU A 115 0.11 -3.09 -12.68
CA GLU A 115 -0.99 -3.84 -13.29
C GLU A 115 -1.26 -3.43 -14.72
N GLU A 116 -1.96 -4.30 -15.43
CA GLU A 116 -2.33 -4.08 -16.83
C GLU A 116 -2.82 -2.65 -17.03
N GLY A 117 -2.93 -2.24 -18.28
CA GLY A 117 -3.40 -0.90 -18.58
C GLY A 117 -4.87 -0.70 -18.22
N VAL A 118 -5.23 -1.06 -16.98
CA VAL A 118 -6.60 -0.91 -16.52
C VAL A 118 -6.85 0.52 -16.14
N GLU A 119 -8.11 0.86 -16.05
CA GLU A 119 -8.49 2.19 -15.66
C GLU A 119 -8.99 2.16 -14.24
N TYR A 120 -8.06 2.31 -13.31
CA TYR A 120 -8.38 2.29 -11.90
C TYR A 120 -9.14 3.54 -11.50
N THR A 121 -9.94 4.04 -12.44
CA THR A 121 -10.79 5.19 -12.21
C THR A 121 -12.12 4.72 -11.68
N MET A 122 -12.41 3.44 -11.91
CA MET A 122 -13.64 2.83 -11.43
C MET A 122 -13.33 1.53 -10.69
N PRO A 123 -12.23 1.50 -9.91
CA PRO A 123 -11.85 0.31 -9.14
C PRO A 123 -12.54 0.27 -7.78
N GLY A 124 -13.15 -0.86 -7.45
CA GLY A 124 -13.83 -0.99 -6.18
C GLY A 124 -12.94 -1.64 -5.16
N ALA A 125 -12.27 -2.71 -5.59
CA ALA A 125 -11.34 -3.43 -4.74
C ALA A 125 -10.15 -3.87 -5.57
N ILE A 126 -8.99 -3.35 -5.24
CA ILE A 126 -7.79 -3.68 -5.98
C ILE A 126 -7.05 -4.86 -5.36
N LYS A 127 -6.73 -5.83 -6.21
CA LYS A 127 -6.01 -7.02 -5.77
C LYS A 127 -5.30 -7.70 -6.93
N VAL A 128 -4.08 -8.15 -6.70
CA VAL A 128 -3.30 -8.83 -7.72
C VAL A 128 -2.71 -10.13 -7.18
N GLU A 129 -2.42 -11.07 -8.07
CA GLU A 129 -1.86 -12.35 -7.67
C GLU A 129 -0.64 -12.70 -8.51
N ASN A 130 -0.08 -13.88 -8.27
CA ASN A 130 1.11 -14.35 -9.00
C ASN A 130 2.14 -13.23 -9.13
N LEU A 131 2.17 -12.35 -8.13
CA LEU A 131 3.12 -11.23 -8.13
C LEU A 131 4.30 -11.51 -7.22
N ASP A 132 4.68 -12.79 -7.12
CA ASP A 132 5.81 -13.17 -6.28
C ASP A 132 7.08 -12.47 -6.76
N LEU A 133 7.32 -11.28 -6.23
CA LEU A 133 8.50 -10.49 -6.61
C LEU A 133 8.86 -9.51 -5.50
N LYS A 134 10.12 -9.48 -5.10
CA LYS A 134 10.57 -8.56 -4.07
C LYS A 134 10.19 -7.15 -4.49
N VAL A 135 9.74 -6.32 -3.54
CA VAL A 135 9.34 -4.97 -3.88
C VAL A 135 9.48 -4.03 -2.72
N ARG A 136 9.56 -2.76 -3.03
CA ARG A 136 9.60 -1.75 -2.01
C ARG A 136 8.30 -0.98 -2.06
N GLY A 137 7.64 -0.87 -0.94
CA GLY A 137 6.38 -0.17 -0.89
C GLY A 137 5.41 -0.58 -1.98
N VAL A 138 4.31 0.15 -2.09
CA VAL A 138 3.28 -0.11 -3.10
C VAL A 138 2.48 1.17 -3.36
N ARG A 139 2.02 1.36 -4.59
CA ARG A 139 1.27 2.57 -4.91
C ARG A 139 0.72 2.54 -6.33
N LEU A 140 -0.33 3.31 -6.55
CA LEU A 140 -0.97 3.42 -7.86
C LEU A 140 -0.33 4.58 -8.63
N ILE A 141 -0.46 4.57 -9.96
CA ILE A 141 0.12 5.63 -10.77
C ILE A 141 -0.90 6.21 -11.75
N ALA A 142 -1.20 7.50 -11.62
CA ALA A 142 -2.15 8.16 -12.50
C ALA A 142 -1.48 8.73 -13.72
N THR A 143 -2.21 8.77 -14.83
CA THR A 143 -1.67 9.31 -16.08
C THR A 143 -2.46 10.53 -16.54
N GLU A 144 -3.56 10.83 -15.85
CA GLU A 144 -4.40 11.98 -16.20
C GLU A 144 -5.57 12.11 -15.23
N ALA A 145 -5.27 12.35 -13.96
CA ALA A 145 -6.31 12.49 -12.93
C ALA A 145 -7.36 13.51 -13.35
N ARG A 146 -8.37 13.71 -12.50
CA ARG A 146 -9.44 14.65 -12.80
C ARG A 146 -9.50 15.76 -11.76
N GLU A 147 -10.11 16.89 -12.13
CA GLU A 147 -10.23 18.03 -11.22
C GLU A 147 -11.41 17.85 -10.28
N ASN A 148 -11.41 18.59 -9.18
CA ASN A 148 -12.49 18.51 -8.19
C ASN A 148 -12.82 17.05 -7.88
N THR A 149 -11.83 16.33 -7.37
CA THR A 149 -12.01 14.92 -7.05
C THR A 149 -11.30 14.57 -5.74
N TRP A 150 -11.78 13.51 -5.10
CA TRP A 150 -11.18 13.03 -3.86
C TRP A 150 -10.65 11.62 -4.06
N LEU A 151 -10.16 11.01 -3.00
CA LEU A 151 -9.63 9.65 -3.08
C LEU A 151 -10.18 8.82 -1.92
N GLY A 152 -11.20 8.03 -2.21
CA GLY A 152 -11.79 7.19 -1.19
C GLY A 152 -11.04 5.89 -0.99
N VAL A 153 -10.63 5.63 0.24
CA VAL A 153 -9.90 4.41 0.57
C VAL A 153 -10.63 3.60 1.63
N ARG A 154 -10.72 2.30 1.43
CA ARG A 154 -11.40 1.42 2.36
C ARG A 154 -10.41 0.52 3.10
N ASP A 155 -9.46 -0.06 2.37
CA ASP A 155 -8.47 -0.94 2.98
C ASP A 155 -7.49 -1.50 1.95
N ILE A 156 -6.20 -1.39 2.24
CA ILE A 156 -5.16 -1.92 1.35
C ILE A 156 -4.12 -2.66 2.18
N ASN A 157 -3.83 -3.90 1.81
CA ASN A 157 -2.84 -4.65 2.53
C ASN A 157 -1.97 -5.48 1.60
N VAL A 158 -0.76 -5.80 2.06
CA VAL A 158 0.17 -6.59 1.26
C VAL A 158 0.42 -7.94 1.94
N ASN A 159 0.23 -9.02 1.19
CA ASN A 159 0.44 -10.37 1.72
C ASN A 159 -0.60 -10.69 2.79
N LYS A 160 -1.81 -10.17 2.61
CA LYS A 160 -2.89 -10.39 3.57
C LYS A 160 -3.16 -11.88 3.76
N LYS A 161 -2.50 -12.49 4.74
CA LYS A 161 -2.66 -13.91 5.02
C LYS A 161 -2.41 -14.76 3.77
N GLU A 162 -1.55 -14.26 2.89
CA GLU A 162 -1.22 -14.96 1.66
C GLU A 162 0.21 -15.51 1.72
N ASP A 163 1.18 -14.60 1.60
CA ASP A 163 2.58 -14.99 1.63
C ASP A 163 2.91 -15.97 0.51
N SER A 164 2.21 -15.84 -0.61
CA SER A 164 2.42 -16.71 -1.75
C SER A 164 1.71 -16.18 -2.99
N MET A 1 8.59 -5.08 34.13
CA MET A 1 9.62 -4.25 34.84
C MET A 1 9.28 -4.06 36.32
N GLY A 2 7.98 -4.05 36.65
CA GLY A 2 7.58 -3.88 38.03
C GLY A 2 7.44 -5.21 38.76
N SER A 3 8.49 -6.03 38.67
CA SER A 3 8.50 -7.35 39.33
C SER A 3 9.91 -7.70 39.80
N SER A 4 10.24 -9.00 39.80
CA SER A 4 11.57 -9.45 40.22
C SER A 4 12.65 -8.98 39.26
N HIS A 5 13.92 -9.24 39.64
CA HIS A 5 15.08 -8.84 38.82
C HIS A 5 15.29 -7.33 38.86
N HIS A 6 14.62 -6.59 37.97
CA HIS A 6 14.74 -5.13 37.91
C HIS A 6 13.80 -4.55 36.85
N HIS A 7 13.96 -4.98 35.60
CA HIS A 7 13.14 -4.49 34.50
C HIS A 7 12.63 -5.64 33.62
N HIS A 8 11.93 -5.29 32.54
CA HIS A 8 11.40 -6.28 31.61
C HIS A 8 12.49 -7.22 31.10
N HIS A 9 13.53 -6.63 30.49
CA HIS A 9 14.65 -7.40 29.95
C HIS A 9 14.22 -8.24 28.75
N HIS A 10 13.55 -9.37 29.03
CA HIS A 10 13.07 -10.25 27.97
C HIS A 10 11.66 -10.76 28.30
N SER A 11 10.84 -9.89 28.89
CA SER A 11 9.47 -10.24 29.25
C SER A 11 8.47 -9.60 28.28
N SER A 12 7.74 -10.46 27.55
CA SER A 12 6.75 -10.00 26.58
C SER A 12 7.38 -9.05 25.55
N GLY A 13 8.37 -9.56 24.81
CA GLY A 13 9.04 -8.76 23.80
C GLY A 13 10.40 -9.30 23.43
N LEU A 14 11.32 -9.33 24.42
CA LEU A 14 12.68 -9.82 24.21
C LEU A 14 13.44 -8.94 23.22
N VAL A 15 14.71 -9.26 22.99
CA VAL A 15 15.55 -8.50 22.07
C VAL A 15 16.30 -9.42 21.11
N PRO A 16 15.91 -9.41 19.81
CA PRO A 16 16.54 -10.24 18.78
C PRO A 16 17.98 -9.81 18.51
N ARG A 17 18.93 -10.63 18.95
CA ARG A 17 20.35 -10.33 18.77
C ARG A 17 21.12 -11.58 18.32
N GLY A 18 20.87 -11.99 17.07
CA GLY A 18 21.54 -13.16 16.53
C GLY A 18 21.27 -14.42 17.32
N SER A 19 19.99 -14.68 17.61
CA SER A 19 19.59 -15.85 18.38
C SER A 19 18.22 -16.37 17.91
N HIS A 20 18.11 -17.69 17.76
CA HIS A 20 16.87 -18.34 17.33
C HIS A 20 16.20 -17.57 16.17
N MET A 21 14.87 -17.66 16.06
CA MET A 21 14.12 -16.98 14.99
C MET A 21 14.36 -17.64 13.63
N ALA A 22 13.51 -17.33 12.66
CA ALA A 22 13.63 -17.90 11.32
C ALA A 22 14.05 -16.87 10.28
N SER A 23 15.36 -16.78 10.04
CA SER A 23 15.93 -15.83 9.07
C SER A 23 15.44 -14.40 9.33
N ASP A 24 15.31 -14.05 10.61
CA ASP A 24 14.86 -12.73 11.02
C ASP A 24 13.42 -12.45 10.55
N PRO A 25 12.46 -12.42 11.49
CA PRO A 25 11.04 -12.16 11.17
C PRO A 25 10.85 -10.86 10.38
N ASN A 26 9.94 -10.89 9.41
CA ASN A 26 9.67 -9.73 8.57
C ASN A 26 8.98 -8.62 9.38
N ARG A 27 7.66 -8.76 9.58
CA ARG A 27 6.88 -7.78 10.33
C ARG A 27 7.11 -6.35 9.82
N ILE A 28 7.25 -6.22 8.50
CA ILE A 28 7.47 -4.92 7.87
C ILE A 28 6.20 -4.09 7.90
N ILE A 29 6.32 -2.85 8.38
CA ILE A 29 5.18 -1.94 8.45
C ILE A 29 4.94 -1.27 7.11
N ALA A 30 3.67 -1.05 6.78
CA ALA A 30 3.31 -0.40 5.53
C ALA A 30 2.66 0.95 5.79
N THR A 31 3.45 2.02 5.68
CA THR A 31 2.94 3.38 5.88
C THR A 31 2.34 3.92 4.60
N TYR A 32 1.07 4.26 4.66
CA TYR A 32 0.33 4.77 3.52
C TYR A 32 1.04 5.94 2.82
N ILE A 33 0.98 5.94 1.48
CA ILE A 33 1.57 7.01 0.66
C ILE A 33 0.59 7.50 -0.40
N SER A 34 0.87 8.67 -0.96
CA SER A 34 0.01 9.24 -2.01
C SER A 34 0.62 10.50 -2.62
N ASN A 35 0.34 10.72 -3.90
CA ASN A 35 0.82 11.89 -4.61
C ASN A 35 0.22 13.16 -4.00
N ARG A 36 -1.03 13.05 -3.54
CA ARG A 36 -1.74 14.17 -2.93
C ARG A 36 -1.25 14.41 -1.50
N GLN A 37 -1.16 15.69 -1.12
CA GLN A 37 -0.70 16.06 0.21
C GLN A 37 -1.89 16.23 1.17
N ASP A 38 -2.59 15.12 1.42
CA ASP A 38 -3.75 15.11 2.30
C ASP A 38 -3.63 14.03 3.36
N ALA A 39 -3.95 14.38 4.60
CA ALA A 39 -3.88 13.43 5.71
C ALA A 39 -5.11 12.51 5.72
N PRO A 40 -4.97 11.32 6.32
CA PRO A 40 -6.06 10.34 6.40
C PRO A 40 -7.24 10.86 7.22
N THR A 41 -8.43 10.81 6.63
CA THR A 41 -9.65 11.28 7.30
C THR A 41 -9.74 10.74 8.73
N GLY A 42 -9.49 9.44 8.88
CA GLY A 42 -9.53 8.81 10.19
C GLY A 42 -8.20 8.21 10.56
N ASN A 43 -7.89 7.05 9.97
CA ASN A 43 -6.63 6.36 10.23
C ASN A 43 -6.29 5.39 9.09
N PRO A 44 -5.03 5.38 8.63
CA PRO A 44 -4.56 4.48 7.56
C PRO A 44 -4.37 3.05 8.05
N ASP A 45 -4.64 2.80 9.35
CA ASP A 45 -4.47 1.46 9.96
C ASP A 45 -4.87 0.35 8.99
N ASN A 46 -6.01 0.51 8.33
CA ASN A 46 -6.51 -0.49 7.37
C ASN A 46 -5.42 -0.83 6.36
N ILE A 47 -4.72 0.19 5.89
CA ILE A 47 -3.63 0.01 4.93
C ILE A 47 -2.30 -0.30 5.63
N PHE A 48 -2.16 0.19 6.86
CA PHE A 48 -0.94 -0.01 7.65
C PHE A 48 -0.58 -1.50 7.77
N ASP A 49 -1.54 -2.32 8.22
CA ASP A 49 -1.29 -3.75 8.38
C ASP A 49 -2.50 -4.60 7.94
N ASN A 50 -3.25 -4.10 6.95
CA ASN A 50 -4.42 -4.82 6.41
C ASN A 50 -5.50 -5.01 7.48
N ASN A 51 -6.49 -4.13 7.47
CA ASN A 51 -7.61 -4.18 8.42
C ASN A 51 -8.67 -3.13 8.05
N ALA A 52 -9.55 -3.49 7.11
CA ALA A 52 -10.60 -2.58 6.64
C ALA A 52 -11.66 -2.29 7.70
N SER A 53 -11.24 -1.66 8.80
CA SER A 53 -12.17 -1.31 9.88
C SER A 53 -12.29 0.20 10.03
N THR A 54 -11.17 0.90 9.90
CA THR A 54 -11.13 2.35 10.01
C THR A 54 -11.45 3.00 8.66
N GLU A 55 -11.52 4.32 8.64
CA GLU A 55 -11.85 5.08 7.43
C GLU A 55 -10.60 5.76 6.88
N LEU A 56 -10.62 6.08 5.58
CA LEU A 56 -9.48 6.72 4.93
C LEU A 56 -9.90 7.36 3.61
N VAL A 57 -9.66 8.67 3.47
CA VAL A 57 -9.99 9.38 2.25
C VAL A 57 -9.10 10.62 2.07
N TYR A 58 -8.57 10.77 0.85
CA TYR A 58 -7.70 11.90 0.53
C TYR A 58 -8.47 12.93 -0.29
N LYS A 59 -8.38 14.19 0.11
CA LYS A 59 -9.12 15.24 -0.59
C LYS A 59 -8.27 16.47 -0.87
N ASN A 60 -7.73 17.10 0.20
CA ASN A 60 -6.92 18.33 0.10
C ASN A 60 -7.28 19.14 -1.16
N PRO A 61 -6.63 18.94 -2.34
CA PRO A 61 -7.00 19.68 -3.55
C PRO A 61 -8.16 18.99 -4.29
N ASN A 62 -9.31 19.65 -4.33
CA ASN A 62 -10.48 19.08 -5.00
C ASN A 62 -10.37 19.26 -6.52
N ARG A 63 -9.26 18.80 -7.09
CA ARG A 63 -8.99 18.90 -8.52
C ARG A 63 -7.55 18.47 -8.79
N ILE A 64 -7.37 17.48 -9.66
CA ILE A 64 -6.03 16.99 -9.97
C ILE A 64 -5.95 16.37 -11.36
N ASP A 65 -4.78 16.49 -11.98
CA ASP A 65 -4.54 15.95 -13.31
C ASP A 65 -3.51 14.82 -13.25
N VAL A 66 -3.21 14.22 -14.41
CA VAL A 66 -2.25 13.11 -14.50
C VAL A 66 -1.13 13.22 -13.45
N GLY A 67 -1.20 12.36 -12.43
CA GLY A 67 -0.21 12.37 -11.38
C GLY A 67 -0.75 11.92 -10.02
N THR A 68 -2.04 12.16 -9.79
CA THR A 68 -2.68 11.80 -8.52
C THR A 68 -2.73 10.27 -8.34
N TYR A 69 -2.20 9.80 -7.21
CA TYR A 69 -2.20 8.37 -6.91
C TYR A 69 -1.94 8.11 -5.43
N VAL A 70 -2.11 6.84 -5.02
CA VAL A 70 -1.87 6.45 -3.63
C VAL A 70 -1.29 5.04 -3.55
N GLY A 71 -0.96 4.64 -2.34
CA GLY A 71 -0.42 3.33 -2.11
C GLY A 71 -0.06 3.12 -0.66
N VAL A 72 1.14 2.62 -0.41
CA VAL A 72 1.59 2.40 0.94
C VAL A 72 3.07 1.96 0.97
N LYS A 73 3.93 2.77 1.60
CA LYS A 73 5.36 2.48 1.65
C LYS A 73 5.72 1.58 2.83
N TYR A 74 6.65 0.65 2.60
CA TYR A 74 7.07 -0.29 3.63
C TYR A 74 8.40 0.12 4.25
N SER A 75 8.64 -0.31 5.49
CA SER A 75 9.87 -0.01 6.19
C SER A 75 11.07 -0.66 5.50
N ASN A 76 10.87 -1.89 5.03
CA ASN A 76 11.91 -2.64 4.32
C ASN A 76 11.30 -3.52 3.23
N PRO A 77 12.10 -3.88 2.20
CA PRO A 77 11.63 -4.72 1.08
C PRO A 77 11.24 -6.12 1.56
N ILE A 78 9.98 -6.48 1.34
CA ILE A 78 9.46 -7.79 1.75
C ILE A 78 8.97 -8.59 0.55
N THR A 79 9.15 -9.91 0.60
CA THR A 79 8.70 -10.79 -0.47
C THR A 79 7.19 -10.73 -0.60
N LEU A 80 6.71 -9.88 -1.50
CA LEU A 80 5.27 -9.69 -1.72
C LEU A 80 4.74 -10.66 -2.77
N ASN A 81 3.70 -11.40 -2.41
CA ASN A 81 3.09 -12.36 -3.33
C ASN A 81 2.05 -11.65 -4.21
N ASN A 82 1.38 -10.64 -3.65
CA ASN A 82 0.37 -9.88 -4.39
C ASN A 82 -0.10 -8.66 -3.60
N VAL A 83 -0.12 -7.51 -4.26
CA VAL A 83 -0.55 -6.26 -3.62
C VAL A 83 -1.95 -5.88 -4.12
N GLU A 84 -2.84 -5.54 -3.18
CA GLU A 84 -4.20 -5.18 -3.53
C GLU A 84 -4.71 -3.98 -2.72
N PHE A 85 -4.98 -2.86 -3.42
CA PHE A 85 -5.48 -1.66 -2.76
C PHE A 85 -7.01 -1.61 -2.89
N LEU A 86 -7.73 -2.04 -1.86
CA LEU A 86 -9.20 -2.01 -1.89
C LEU A 86 -9.68 -0.61 -1.50
N MET A 87 -9.80 0.27 -2.49
CA MET A 87 -10.22 1.64 -2.23
C MET A 87 -11.11 2.18 -3.35
N GLY A 88 -12.34 2.55 -2.98
CA GLY A 88 -13.27 3.10 -3.94
C GLY A 88 -13.32 4.62 -3.88
N ALA A 89 -14.31 5.14 -3.16
CA ALA A 89 -14.46 6.59 -3.00
C ALA A 89 -14.98 6.95 -1.61
N ASN A 90 -14.88 8.23 -1.25
CA ASN A 90 -15.33 8.69 0.07
C ASN A 90 -16.85 8.75 0.14
N SER A 91 -17.46 9.70 -0.58
CA SER A 91 -18.91 9.86 -0.61
C SER A 91 -19.48 9.34 -1.92
N ASN A 92 -19.07 9.95 -3.02
CA ASN A 92 -19.53 9.56 -4.35
C ASN A 92 -18.54 8.59 -4.98
N PRO A 93 -19.01 7.38 -5.38
CA PRO A 93 -18.17 6.33 -5.99
C PRO A 93 -17.20 6.86 -7.05
N ASN A 94 -17.57 7.93 -7.76
CA ASN A 94 -16.73 8.51 -8.80
C ASN A 94 -15.52 9.27 -8.22
N ASP A 95 -15.49 9.46 -6.90
CA ASP A 95 -14.38 10.18 -6.26
C ASP A 95 -13.13 9.30 -6.20
N THR A 96 -12.37 9.31 -7.30
CA THR A 96 -11.14 8.52 -7.40
C THR A 96 -10.47 8.77 -8.76
N MET A 97 -9.53 7.91 -9.14
CA MET A 97 -8.82 8.03 -10.43
C MET A 97 -9.78 8.28 -11.59
N GLN A 98 -9.26 8.82 -12.68
CA GLN A 98 -10.05 9.05 -13.89
C GLN A 98 -9.76 7.92 -14.87
N LYS A 99 -8.50 7.46 -14.85
CA LYS A 99 -8.04 6.34 -15.67
C LYS A 99 -6.56 6.08 -15.35
N ALA A 100 -6.22 4.87 -14.89
CA ALA A 100 -4.82 4.59 -14.56
C ALA A 100 -4.57 3.17 -14.04
N LYS A 101 -3.30 2.76 -14.14
CA LYS A 101 -2.84 1.44 -13.68
C LYS A 101 -2.09 1.61 -12.35
N ILE A 102 -1.56 0.52 -11.79
CA ILE A 102 -0.82 0.59 -10.52
C ILE A 102 0.70 0.53 -10.75
N GLN A 103 1.45 0.93 -9.72
CA GLN A 103 2.91 0.95 -9.77
C GLN A 103 3.51 0.34 -8.49
N TYR A 104 4.83 0.46 -8.32
CA TYR A 104 5.52 -0.06 -7.14
C TYR A 104 7.00 0.31 -7.14
N THR A 105 7.56 0.55 -5.96
CA THR A 105 8.96 0.87 -5.82
C THR A 105 9.67 -0.36 -5.25
N VAL A 106 10.92 -0.57 -5.64
CA VAL A 106 11.64 -1.74 -5.16
C VAL A 106 12.48 -1.43 -3.91
N ASP A 107 13.12 -0.28 -3.87
CA ASP A 107 13.94 0.11 -2.71
C ASP A 107 13.47 1.43 -2.11
N GLY A 108 12.16 1.71 -2.20
CA GLY A 108 11.61 2.94 -1.66
C GLY A 108 12.28 4.18 -2.22
N ARG A 109 12.43 4.21 -3.55
CA ARG A 109 13.05 5.34 -4.23
C ARG A 109 12.39 5.59 -5.58
N GLU A 110 12.65 4.72 -6.54
CA GLU A 110 12.06 4.84 -7.88
C GLU A 110 10.80 3.99 -7.95
N TRP A 111 9.86 4.40 -8.78
CA TRP A 111 8.61 3.67 -8.92
C TRP A 111 8.38 3.20 -10.37
N ILE A 112 8.10 1.91 -10.52
CA ILE A 112 7.86 1.30 -11.83
C ILE A 112 6.45 0.73 -11.92
N ASP A 113 5.92 0.63 -13.15
CA ASP A 113 4.57 0.11 -13.38
C ASP A 113 4.39 -1.26 -12.73
N LEU A 114 3.21 -1.47 -12.15
CA LEU A 114 2.89 -2.74 -11.48
C LEU A 114 1.74 -3.47 -12.18
N GLU A 115 0.62 -2.77 -12.39
CA GLU A 115 -0.55 -3.37 -13.01
C GLU A 115 -0.72 -2.95 -14.47
N GLU A 116 -1.43 -3.80 -15.22
CA GLU A 116 -1.74 -3.56 -16.62
C GLU A 116 -2.37 -2.18 -16.79
N GLY A 117 -2.50 -1.73 -18.04
CA GLY A 117 -3.12 -0.43 -18.30
C GLY A 117 -4.59 -0.45 -17.88
N VAL A 118 -4.82 -0.62 -16.59
CA VAL A 118 -6.14 -0.70 -16.01
C VAL A 118 -6.73 0.68 -15.82
N GLU A 119 -8.03 0.73 -15.68
CA GLU A 119 -8.74 1.97 -15.47
C GLU A 119 -9.23 2.02 -14.04
N TYR A 120 -8.30 2.29 -13.11
CA TYR A 120 -8.62 2.36 -11.69
C TYR A 120 -9.32 3.67 -11.36
N THR A 121 -10.25 4.06 -12.23
CA THR A 121 -11.05 5.26 -12.05
C THR A 121 -12.28 4.89 -11.25
N MET A 122 -12.66 3.61 -11.36
CA MET A 122 -13.79 3.06 -10.64
C MET A 122 -13.31 1.79 -9.93
N PRO A 123 -12.19 1.90 -9.17
CA PRO A 123 -11.59 0.78 -8.46
C PRO A 123 -12.35 0.43 -7.18
N GLY A 124 -13.21 -0.58 -7.25
CA GLY A 124 -13.94 -1.00 -6.07
C GLY A 124 -13.02 -1.79 -5.16
N ALA A 125 -12.33 -2.75 -5.76
CA ALA A 125 -11.36 -3.57 -5.07
C ALA A 125 -10.19 -3.85 -5.97
N ILE A 126 -9.06 -3.21 -5.67
CA ILE A 126 -7.88 -3.37 -6.48
C ILE A 126 -7.01 -4.50 -5.94
N LYS A 127 -6.57 -5.38 -6.84
CA LYS A 127 -5.73 -6.51 -6.46
C LYS A 127 -4.84 -6.95 -7.61
N VAL A 128 -3.56 -7.14 -7.31
CA VAL A 128 -2.58 -7.56 -8.31
C VAL A 128 -2.09 -8.97 -8.02
N GLU A 129 -2.63 -9.93 -8.75
CA GLU A 129 -2.24 -11.33 -8.58
C GLU A 129 -1.05 -11.69 -9.47
N ASN A 130 -0.40 -12.81 -9.15
CA ASN A 130 0.78 -13.27 -9.90
C ASN A 130 1.90 -12.24 -9.83
N LEU A 131 2.09 -11.66 -8.64
CA LEU A 131 3.13 -10.65 -8.43
C LEU A 131 4.02 -11.04 -7.25
N ASP A 132 4.61 -12.23 -7.32
CA ASP A 132 5.49 -12.73 -6.26
C ASP A 132 6.91 -12.20 -6.43
N LEU A 133 7.17 -11.05 -5.79
CA LEU A 133 8.49 -10.42 -5.85
C LEU A 133 8.72 -9.51 -4.65
N LYS A 134 9.90 -9.59 -4.06
CA LYS A 134 10.24 -8.75 -2.91
C LYS A 134 10.08 -7.29 -3.32
N VAL A 135 9.36 -6.52 -2.52
CA VAL A 135 9.12 -5.13 -2.85
C VAL A 135 9.10 -4.23 -1.64
N ARG A 136 9.51 -2.99 -1.85
CA ARG A 136 9.45 -2.02 -0.79
C ARG A 136 8.35 -1.04 -1.15
N GLY A 137 7.39 -0.89 -0.27
CA GLY A 137 6.28 0.02 -0.52
C GLY A 137 5.40 -0.39 -1.69
N VAL A 138 4.41 0.45 -2.00
CA VAL A 138 3.45 0.22 -3.09
C VAL A 138 2.73 1.52 -3.45
N ARG A 139 2.30 1.66 -4.72
CA ARG A 139 1.61 2.89 -5.14
C ARG A 139 1.06 2.78 -6.56
N LEU A 140 -0.06 3.47 -6.80
CA LEU A 140 -0.70 3.50 -8.10
C LEU A 140 -0.13 4.65 -8.93
N ILE A 141 -0.33 4.61 -10.25
CA ILE A 141 0.16 5.66 -11.14
C ILE A 141 -0.98 6.20 -12.01
N ALA A 142 -1.28 7.50 -11.86
CA ALA A 142 -2.36 8.14 -12.61
C ALA A 142 -1.95 8.39 -14.06
N THR A 143 -2.94 8.27 -14.96
CA THR A 143 -2.70 8.49 -16.39
C THR A 143 -3.54 9.66 -16.92
N GLU A 144 -4.69 9.91 -16.30
CA GLU A 144 -5.57 11.00 -16.73
C GLU A 144 -5.96 11.91 -15.56
N ALA A 145 -6.60 11.33 -14.54
CA ALA A 145 -7.05 12.09 -13.37
C ALA A 145 -8.20 13.04 -13.72
N ARG A 146 -8.97 13.47 -12.71
CA ARG A 146 -10.10 14.37 -12.94
C ARG A 146 -10.17 15.48 -11.90
N GLU A 147 -10.93 16.54 -12.22
CA GLU A 147 -11.10 17.68 -11.32
C GLU A 147 -12.26 17.44 -10.36
N ASN A 148 -12.25 18.15 -9.23
CA ASN A 148 -13.31 18.02 -8.21
C ASN A 148 -13.54 16.54 -7.88
N THR A 149 -12.59 15.96 -7.15
CA THR A 149 -12.68 14.55 -6.78
C THR A 149 -11.72 14.19 -5.64
N TRP A 150 -12.21 13.39 -4.70
CA TRP A 150 -11.40 12.93 -3.58
C TRP A 150 -10.94 11.49 -3.84
N LEU A 151 -10.33 10.88 -2.84
CA LEU A 151 -9.85 9.51 -2.96
C LEU A 151 -10.24 8.71 -1.72
N GLY A 152 -11.34 7.97 -1.84
CA GLY A 152 -11.83 7.18 -0.71
C GLY A 152 -11.16 5.83 -0.59
N VAL A 153 -10.25 5.71 0.37
CA VAL A 153 -9.53 4.47 0.62
C VAL A 153 -10.17 3.68 1.75
N ARG A 154 -10.61 2.47 1.43
CA ARG A 154 -11.25 1.61 2.43
C ARG A 154 -10.23 0.66 3.08
N ASP A 155 -9.29 0.16 2.28
CA ASP A 155 -8.29 -0.78 2.78
C ASP A 155 -7.27 -1.16 1.70
N ILE A 156 -6.14 -1.70 2.13
CA ILE A 156 -5.10 -2.18 1.22
C ILE A 156 -4.44 -3.41 1.81
N ASN A 157 -4.55 -4.53 1.11
CA ASN A 157 -3.96 -5.76 1.58
C ASN A 157 -2.72 -6.12 0.77
N VAL A 158 -1.66 -6.53 1.47
CA VAL A 158 -0.41 -6.90 0.82
C VAL A 158 0.24 -8.07 1.55
N ASN A 159 0.77 -9.03 0.78
CA ASN A 159 1.40 -10.22 1.32
C ASN A 159 0.38 -11.11 2.03
N LYS A 160 -0.92 -10.83 1.84
CA LYS A 160 -1.98 -11.60 2.49
C LYS A 160 -1.74 -11.66 3.99
N LYS A 161 -1.80 -10.47 4.62
CA LYS A 161 -1.57 -10.34 6.06
C LYS A 161 -0.08 -10.56 6.37
N GLU A 162 0.79 -10.05 5.48
CA GLU A 162 2.23 -10.18 5.63
C GLU A 162 2.64 -11.65 5.71
N ASP A 163 2.48 -12.38 4.60
CA ASP A 163 2.82 -13.81 4.56
C ASP A 163 3.63 -14.15 3.31
N SER A 164 2.93 -14.35 2.18
CA SER A 164 3.58 -14.70 0.91
C SER A 164 3.99 -16.17 0.88
N MET A 1 -1.05 3.31 28.27
CA MET A 1 -0.47 2.70 29.48
C MET A 1 -1.05 1.31 29.73
N GLY A 2 -2.34 1.25 30.03
CA GLY A 2 -2.99 -0.02 30.28
C GLY A 2 -3.87 -0.46 29.13
N SER A 3 -4.30 -1.72 29.16
CA SER A 3 -5.15 -2.26 28.11
C SER A 3 -5.56 -3.69 28.42
N SER A 4 -4.58 -4.53 28.75
CA SER A 4 -4.84 -5.93 29.07
C SER A 4 -5.49 -6.65 27.90
N HIS A 5 -4.67 -7.04 26.92
CA HIS A 5 -5.16 -7.74 25.74
C HIS A 5 -6.17 -6.88 24.98
N HIS A 6 -6.40 -7.23 23.72
CA HIS A 6 -7.34 -6.49 22.88
C HIS A 6 -7.97 -7.39 21.83
N HIS A 7 -8.12 -8.67 22.18
CA HIS A 7 -8.70 -9.65 21.26
C HIS A 7 -8.84 -11.01 21.94
N HIS A 8 -9.97 -11.66 21.71
CA HIS A 8 -10.22 -12.98 22.30
C HIS A 8 -10.04 -14.08 21.26
N HIS A 9 -8.83 -14.62 21.17
CA HIS A 9 -8.54 -15.68 20.22
C HIS A 9 -7.11 -16.19 20.39
N HIS A 10 -6.98 -17.36 20.98
CA HIS A 10 -5.66 -17.96 21.21
C HIS A 10 -5.38 -19.06 20.20
N SER A 11 -4.98 -18.66 19.00
CA SER A 11 -4.69 -19.61 17.93
C SER A 11 -4.17 -18.90 16.69
N SER A 12 -2.98 -19.29 16.23
CA SER A 12 -2.39 -18.68 15.05
C SER A 12 -2.81 -19.42 13.78
N GLY A 13 -3.04 -20.72 13.92
CA GLY A 13 -3.45 -21.53 12.78
C GLY A 13 -2.38 -22.52 12.36
N LEU A 14 -1.31 -21.99 11.78
CA LEU A 14 -0.21 -22.84 11.32
C LEU A 14 1.14 -22.17 11.56
N VAL A 15 2.19 -22.97 11.65
CA VAL A 15 3.53 -22.45 11.89
C VAL A 15 4.52 -22.99 10.84
N PRO A 16 4.42 -22.52 9.60
CA PRO A 16 5.30 -22.96 8.51
C PRO A 16 6.78 -22.81 8.88
N ARG A 17 7.17 -21.60 9.24
CA ARG A 17 8.55 -21.32 9.61
C ARG A 17 8.81 -21.70 11.06
N GLY A 18 10.04 -21.46 11.52
CA GLY A 18 10.38 -21.77 12.89
C GLY A 18 11.58 -20.97 13.39
N SER A 19 11.75 -19.77 12.84
CA SER A 19 12.86 -18.91 13.23
C SER A 19 12.37 -17.74 14.08
N HIS A 20 12.80 -17.73 15.34
CA HIS A 20 12.40 -16.66 16.26
C HIS A 20 13.58 -15.76 16.59
N MET A 21 14.78 -16.32 16.59
CA MET A 21 15.99 -15.56 16.88
C MET A 21 17.09 -15.87 15.87
N ALA A 22 17.81 -14.84 15.46
CA ALA A 22 18.89 -15.00 14.49
C ALA A 22 19.77 -13.76 14.45
N SER A 23 19.28 -12.71 13.80
CA SER A 23 20.02 -11.45 13.69
C SER A 23 19.25 -10.30 14.32
N ASP A 24 18.15 -9.92 13.69
CA ASP A 24 17.32 -8.82 14.18
C ASP A 24 15.99 -8.78 13.44
N PRO A 25 14.90 -8.43 14.15
CA PRO A 25 13.56 -8.35 13.55
C PRO A 25 13.40 -7.12 12.65
N ASN A 26 13.64 -7.30 11.35
CA ASN A 26 13.53 -6.22 10.39
C ASN A 26 12.11 -5.66 10.37
N ARG A 27 11.14 -6.52 10.13
CA ARG A 27 9.73 -6.10 10.09
C ARG A 27 9.50 -5.08 8.98
N ILE A 28 8.29 -5.08 8.43
CA ILE A 28 7.92 -4.15 7.38
C ILE A 28 6.88 -3.15 7.86
N ILE A 29 7.05 -1.89 7.49
CA ILE A 29 6.14 -0.84 7.90
C ILE A 29 5.31 -0.33 6.72
N ALA A 30 4.17 -0.97 6.48
CA ALA A 30 3.29 -0.56 5.40
C ALA A 30 2.59 0.75 5.73
N THR A 31 3.11 1.86 5.22
CA THR A 31 2.52 3.16 5.48
C THR A 31 1.82 3.70 4.24
N TYR A 32 0.54 3.95 4.37
CA TYR A 32 -0.25 4.47 3.28
C TYR A 32 0.39 5.71 2.65
N ILE A 33 0.43 5.74 1.31
CA ILE A 33 1.01 6.86 0.57
C ILE A 33 -0.07 7.66 -0.15
N SER A 34 0.35 8.68 -0.89
CA SER A 34 -0.59 9.49 -1.64
C SER A 34 0.14 10.57 -2.45
N ASN A 35 -0.58 11.17 -3.40
CA ASN A 35 -0.03 12.22 -4.24
C ASN A 35 -0.67 13.56 -3.92
N ARG A 36 -1.98 13.51 -3.64
CA ARG A 36 -2.73 14.72 -3.32
C ARG A 36 -2.32 15.28 -1.96
N GLN A 37 -2.18 16.60 -1.90
CA GLN A 37 -1.79 17.26 -0.66
C GLN A 37 -2.95 17.24 0.34
N ASP A 38 -3.31 16.03 0.76
CA ASP A 38 -4.41 15.85 1.71
C ASP A 38 -4.06 14.81 2.76
N ALA A 39 -4.60 14.97 3.96
CA ALA A 39 -4.35 14.04 5.05
C ALA A 39 -5.51 13.07 5.20
N PRO A 40 -5.27 11.90 5.82
CA PRO A 40 -6.32 10.90 6.02
C PRO A 40 -7.49 11.45 6.82
N THR A 41 -8.68 11.35 6.24
CA THR A 41 -9.91 11.84 6.89
C THR A 41 -9.95 11.46 8.36
N GLY A 42 -9.77 10.18 8.64
CA GLY A 42 -9.80 9.70 10.01
C GLY A 42 -8.54 8.95 10.39
N ASN A 43 -8.37 7.76 9.84
CA ASN A 43 -7.21 6.95 10.12
C ASN A 43 -6.94 5.95 8.99
N PRO A 44 -5.77 6.06 8.34
CA PRO A 44 -5.39 5.15 7.25
C PRO A 44 -4.95 3.79 7.77
N ASP A 45 -4.93 3.65 9.11
CA ASP A 45 -4.53 2.41 9.76
C ASP A 45 -5.12 1.20 9.05
N ASN A 46 -6.30 1.39 8.45
CA ASN A 46 -6.96 0.31 7.72
C ASN A 46 -5.98 -0.40 6.80
N ILE A 47 -5.00 0.36 6.32
CA ILE A 47 -3.98 -0.14 5.41
C ILE A 47 -2.68 -0.44 6.14
N PHE A 48 -2.42 0.31 7.20
CA PHE A 48 -1.20 0.12 7.98
C PHE A 48 -1.04 -1.34 8.40
N ASP A 49 -2.09 -1.88 9.04
CA ASP A 49 -2.08 -3.27 9.50
C ASP A 49 -3.14 -4.10 8.79
N ASN A 50 -3.75 -3.53 7.75
CA ASN A 50 -4.78 -4.23 6.98
C ASN A 50 -6.02 -4.48 7.83
N ASN A 51 -6.25 -3.62 8.82
CA ASN A 51 -7.41 -3.73 9.69
C ASN A 51 -8.43 -2.64 9.37
N ALA A 52 -9.36 -2.96 8.48
CA ALA A 52 -10.40 -2.01 8.07
C ALA A 52 -11.34 -1.63 9.21
N SER A 53 -10.78 -1.02 10.26
CA SER A 53 -11.58 -0.60 11.40
C SER A 53 -11.58 0.92 11.52
N THR A 54 -11.44 1.57 10.38
CA THR A 54 -11.42 3.04 10.32
C THR A 54 -11.71 3.53 8.90
N GLU A 55 -11.88 4.84 8.75
CA GLU A 55 -12.18 5.42 7.44
C GLU A 55 -10.92 6.05 6.84
N LEU A 56 -10.95 6.29 5.53
CA LEU A 56 -9.81 6.87 4.84
C LEU A 56 -10.20 7.41 3.47
N VAL A 57 -10.04 8.71 3.28
CA VAL A 57 -10.37 9.35 2.01
C VAL A 57 -9.56 10.64 1.82
N TYR A 58 -9.17 10.90 0.58
CA TYR A 58 -8.42 12.11 0.25
C TYR A 58 -9.33 13.11 -0.44
N LYS A 59 -9.39 14.33 0.10
CA LYS A 59 -10.29 15.32 -0.47
C LYS A 59 -10.00 16.75 -0.02
N ASN A 60 -8.83 17.00 0.55
CA ASN A 60 -8.50 18.36 0.97
C ASN A 60 -8.69 19.32 -0.21
N PRO A 61 -8.07 19.01 -1.35
CA PRO A 61 -8.18 19.81 -2.56
C PRO A 61 -9.15 19.18 -3.56
N ASN A 62 -10.31 19.81 -3.75
CA ASN A 62 -11.30 19.28 -4.69
C ASN A 62 -10.88 19.53 -6.13
N ARG A 63 -9.70 19.04 -6.49
CA ARG A 63 -9.17 19.21 -7.84
C ARG A 63 -7.78 18.58 -7.94
N ILE A 64 -7.57 17.78 -8.98
CA ILE A 64 -6.28 17.13 -9.17
C ILE A 64 -5.93 17.00 -10.65
N ASP A 65 -4.63 16.90 -10.92
CA ASP A 65 -4.14 16.75 -12.29
C ASP A 65 -3.39 15.43 -12.44
N VAL A 66 -2.93 15.16 -13.66
CA VAL A 66 -2.19 13.93 -13.93
C VAL A 66 -1.11 13.68 -12.87
N GLY A 67 -1.44 12.86 -11.88
CA GLY A 67 -0.49 12.56 -10.82
C GLY A 67 -1.14 11.99 -9.58
N THR A 68 -2.43 12.24 -9.40
CA THR A 68 -3.15 11.73 -8.25
C THR A 68 -2.99 10.22 -8.12
N TYR A 69 -2.39 9.78 -7.02
CA TYR A 69 -2.18 8.36 -6.79
C TYR A 69 -1.89 8.06 -5.34
N VAL A 70 -1.94 6.78 -4.98
CA VAL A 70 -1.67 6.36 -3.61
C VAL A 70 -1.16 4.92 -3.54
N GLY A 71 -1.07 4.41 -2.32
CA GLY A 71 -0.61 3.05 -2.09
C GLY A 71 -0.24 2.83 -0.64
N VAL A 72 0.96 2.33 -0.41
CA VAL A 72 1.43 2.09 0.93
C VAL A 72 2.91 1.66 0.92
N LYS A 73 3.76 2.46 1.56
CA LYS A 73 5.20 2.18 1.57
C LYS A 73 5.62 1.29 2.73
N TYR A 74 6.62 0.46 2.50
CA TYR A 74 7.13 -0.45 3.52
C TYR A 74 8.50 -0.01 4.02
N SER A 75 9.12 -0.83 4.86
CA SER A 75 10.42 -0.52 5.41
C SER A 75 11.52 -1.22 4.62
N ASN A 76 11.36 -2.53 4.43
CA ASN A 76 12.33 -3.32 3.69
C ASN A 76 11.65 -4.16 2.62
N PRO A 77 12.42 -4.72 1.67
CA PRO A 77 11.88 -5.54 0.59
C PRO A 77 11.23 -6.82 1.11
N ILE A 78 10.04 -7.12 0.62
CA ILE A 78 9.31 -8.31 1.04
C ILE A 78 8.69 -9.03 -0.15
N THR A 79 8.82 -10.35 -0.18
CA THR A 79 8.26 -11.14 -1.26
C THR A 79 6.75 -10.98 -1.31
N LEU A 80 6.28 -10.07 -2.15
CA LEU A 80 4.86 -9.82 -2.28
C LEU A 80 4.20 -10.82 -3.23
N ASN A 81 3.49 -11.78 -2.65
CA ASN A 81 2.81 -12.80 -3.44
C ASN A 81 1.65 -12.19 -4.20
N ASN A 82 0.95 -11.26 -3.56
CA ASN A 82 -0.19 -10.59 -4.17
C ASN A 82 -0.43 -9.23 -3.53
N VAL A 83 -0.56 -8.19 -4.35
CA VAL A 83 -0.82 -6.85 -3.86
C VAL A 83 -2.24 -6.42 -4.21
N GLU A 84 -2.91 -5.77 -3.27
CA GLU A 84 -4.28 -5.34 -3.49
C GLU A 84 -4.64 -4.08 -2.69
N PHE A 85 -5.13 -3.07 -3.40
CA PHE A 85 -5.54 -1.82 -2.75
C PHE A 85 -7.06 -1.74 -2.71
N LEU A 86 -7.65 -2.05 -1.56
CA LEU A 86 -9.10 -2.00 -1.41
C LEU A 86 -9.57 -0.56 -1.23
N MET A 87 -10.10 0.02 -2.30
CA MET A 87 -10.56 1.40 -2.24
C MET A 87 -11.84 1.58 -3.07
N GLY A 88 -12.33 2.82 -3.07
CA GLY A 88 -13.54 3.13 -3.82
C GLY A 88 -13.78 4.63 -3.88
N ALA A 89 -14.80 5.08 -3.17
CA ALA A 89 -15.14 6.50 -3.14
C ALA A 89 -15.63 6.91 -1.76
N ASN A 90 -15.38 8.16 -1.38
CA ASN A 90 -15.81 8.65 -0.08
C ASN A 90 -17.28 9.05 -0.13
N SER A 91 -17.56 10.12 -0.88
CA SER A 91 -18.94 10.60 -1.03
C SER A 91 -19.51 10.19 -2.38
N ASN A 92 -18.86 10.63 -3.45
CA ASN A 92 -19.30 10.31 -4.80
C ASN A 92 -18.63 9.04 -5.30
N PRO A 93 -19.41 8.01 -5.67
CA PRO A 93 -18.88 6.73 -6.18
C PRO A 93 -17.79 6.92 -7.24
N ASN A 94 -17.84 8.04 -7.93
CA ASN A 94 -16.85 8.34 -8.97
C ASN A 94 -15.72 9.19 -8.42
N ASP A 95 -15.47 9.09 -7.12
CA ASP A 95 -14.42 9.86 -6.47
C ASP A 95 -13.13 9.04 -6.34
N THR A 96 -12.32 9.07 -7.39
CA THR A 96 -11.05 8.34 -7.38
C THR A 96 -10.28 8.61 -8.67
N MET A 97 -9.27 7.79 -8.94
CA MET A 97 -8.45 7.92 -10.15
C MET A 97 -9.30 8.26 -11.37
N GLN A 98 -8.66 8.75 -12.41
CA GLN A 98 -9.34 9.05 -13.66
C GLN A 98 -9.08 7.91 -14.62
N LYS A 99 -7.83 7.46 -14.61
CA LYS A 99 -7.39 6.33 -15.40
C LYS A 99 -5.92 6.05 -15.07
N ALA A 100 -5.60 4.84 -14.62
CA ALA A 100 -4.20 4.54 -14.29
C ALA A 100 -3.97 3.12 -13.79
N LYS A 101 -2.71 2.70 -13.85
CA LYS A 101 -2.29 1.38 -13.38
C LYS A 101 -1.56 1.56 -12.05
N ILE A 102 -1.07 0.47 -11.45
CA ILE A 102 -0.36 0.58 -10.17
C ILE A 102 1.15 0.48 -10.35
N GLN A 103 1.88 0.92 -9.34
CA GLN A 103 3.34 0.91 -9.37
C GLN A 103 3.91 0.24 -8.13
N TYR A 104 5.24 0.24 -8.02
CA TYR A 104 5.93 -0.37 -6.88
C TYR A 104 7.43 -0.15 -6.97
N THR A 105 8.06 0.21 -5.84
CA THR A 105 9.50 0.42 -5.82
C THR A 105 10.21 -0.84 -5.33
N VAL A 106 11.35 -1.14 -5.94
CA VAL A 106 12.11 -2.33 -5.58
C VAL A 106 13.14 -2.06 -4.49
N ASP A 107 14.08 -1.18 -4.78
CA ASP A 107 15.12 -0.85 -3.82
C ASP A 107 14.77 0.42 -3.04
N GLY A 108 13.48 0.61 -2.78
CA GLY A 108 13.04 1.79 -2.06
C GLY A 108 13.55 3.08 -2.66
N ARG A 109 13.72 3.09 -3.98
CA ARG A 109 14.21 4.27 -4.68
C ARG A 109 13.35 4.57 -5.90
N GLU A 110 13.48 3.73 -6.94
CA GLU A 110 12.71 3.92 -8.15
C GLU A 110 11.36 3.20 -8.04
N TRP A 111 10.45 3.51 -8.95
CA TRP A 111 9.14 2.90 -8.95
C TRP A 111 8.77 2.39 -10.34
N ILE A 112 8.58 1.08 -10.47
CA ILE A 112 8.24 0.47 -11.75
C ILE A 112 6.78 0.02 -11.80
N ASP A 113 6.21 0.00 -13.01
CA ASP A 113 4.82 -0.42 -13.19
C ASP A 113 4.49 -1.68 -12.39
N LEU A 114 3.26 -1.76 -11.92
CA LEU A 114 2.83 -2.91 -11.13
C LEU A 114 1.73 -3.68 -11.84
N GLU A 115 0.63 -3.00 -12.17
CA GLU A 115 -0.49 -3.65 -12.83
C GLU A 115 -0.70 -3.17 -14.26
N GLU A 116 -1.37 -4.01 -15.04
CA GLU A 116 -1.67 -3.71 -16.44
C GLU A 116 -2.21 -2.30 -16.58
N GLY A 117 -2.28 -1.80 -17.80
CA GLY A 117 -2.81 -0.47 -18.02
C GLY A 117 -4.28 -0.39 -17.62
N VAL A 118 -4.54 -0.65 -16.35
CA VAL A 118 -5.88 -0.64 -15.80
C VAL A 118 -6.32 0.78 -15.53
N GLU A 119 -7.62 0.97 -15.43
CA GLU A 119 -8.16 2.27 -15.15
C GLU A 119 -8.73 2.29 -13.74
N TYR A 120 -7.84 2.47 -12.77
CA TYR A 120 -8.22 2.49 -11.36
C TYR A 120 -9.00 3.76 -11.02
N THR A 121 -9.85 4.16 -11.95
CA THR A 121 -10.71 5.32 -11.78
C THR A 121 -12.03 4.87 -11.18
N MET A 122 -12.27 3.57 -11.30
CA MET A 122 -13.46 2.94 -10.77
C MET A 122 -13.07 1.61 -10.12
N PRO A 123 -11.98 1.61 -9.33
CA PRO A 123 -11.46 0.40 -8.69
C PRO A 123 -12.13 0.12 -7.34
N GLY A 124 -13.10 -0.78 -7.35
CA GLY A 124 -13.77 -1.15 -6.12
C GLY A 124 -12.84 -1.99 -5.26
N ALA A 125 -12.20 -2.95 -5.89
CA ALA A 125 -11.26 -3.83 -5.22
C ALA A 125 -10.09 -4.14 -6.13
N ILE A 126 -8.94 -3.59 -5.81
CA ILE A 126 -7.75 -3.80 -6.61
C ILE A 126 -6.88 -4.91 -6.02
N LYS A 127 -6.45 -5.83 -6.88
CA LYS A 127 -5.62 -6.94 -6.46
C LYS A 127 -4.81 -7.50 -7.63
N VAL A 128 -3.67 -8.10 -7.32
CA VAL A 128 -2.79 -8.67 -8.34
C VAL A 128 -2.33 -10.07 -7.94
N GLU A 129 -1.97 -10.86 -8.95
CA GLU A 129 -1.49 -12.22 -8.71
C GLU A 129 -0.21 -12.49 -9.48
N ASN A 130 0.47 -13.58 -9.12
CA ASN A 130 1.72 -13.94 -9.78
C ASN A 130 2.75 -12.83 -9.64
N LEU A 131 2.62 -12.03 -8.58
CA LEU A 131 3.53 -10.93 -8.33
C LEU A 131 4.54 -11.29 -7.25
N ASP A 132 4.67 -12.58 -6.95
CA ASP A 132 5.61 -13.05 -5.92
C ASP A 132 7.02 -12.53 -6.20
N LEU A 133 7.32 -11.35 -5.67
CA LEU A 133 8.62 -10.73 -5.86
C LEU A 133 8.91 -9.74 -4.74
N LYS A 134 10.13 -9.79 -4.20
CA LYS A 134 10.51 -8.86 -3.13
C LYS A 134 10.26 -7.44 -3.62
N VAL A 135 9.58 -6.62 -2.82
CA VAL A 135 9.28 -5.28 -3.24
C VAL A 135 9.30 -4.32 -2.08
N ARG A 136 9.60 -3.07 -2.38
CA ARG A 136 9.59 -2.06 -1.36
C ARG A 136 8.35 -1.19 -1.55
N GLY A 137 7.59 -1.03 -0.49
CA GLY A 137 6.39 -0.22 -0.55
C GLY A 137 5.52 -0.51 -1.77
N VAL A 138 4.49 0.32 -1.94
CA VAL A 138 3.56 0.18 -3.06
C VAL A 138 2.90 1.53 -3.36
N ARG A 139 2.47 1.72 -4.60
CA ARG A 139 1.84 2.98 -5.00
C ARG A 139 1.28 2.91 -6.41
N LEU A 140 0.42 3.86 -6.73
CA LEU A 140 -0.22 3.93 -8.04
C LEU A 140 0.29 5.13 -8.84
N ILE A 141 0.14 5.09 -10.16
CA ILE A 141 0.57 6.19 -11.01
C ILE A 141 -0.57 6.69 -11.89
N ALA A 142 -1.00 7.92 -11.66
CA ALA A 142 -2.10 8.51 -12.42
C ALA A 142 -1.60 9.03 -13.77
N THR A 143 -2.43 8.89 -14.80
CA THR A 143 -2.08 9.35 -16.14
C THR A 143 -3.18 10.23 -16.72
N GLU A 144 -3.87 10.96 -15.85
CA GLU A 144 -4.95 11.85 -16.29
C GLU A 144 -5.53 12.65 -15.12
N ALA A 145 -6.14 11.94 -14.17
CA ALA A 145 -6.74 12.58 -13.01
C ALA A 145 -7.93 13.45 -13.41
N ARG A 146 -8.78 13.79 -12.45
CA ARG A 146 -9.96 14.60 -12.71
C ARG A 146 -10.12 15.69 -11.65
N GLU A 147 -10.74 16.81 -12.04
CA GLU A 147 -10.95 17.92 -11.13
C GLU A 147 -12.23 17.71 -10.31
N ASN A 148 -12.36 18.44 -9.21
CA ASN A 148 -13.52 18.32 -8.34
C ASN A 148 -13.86 16.86 -8.07
N THR A 149 -13.03 16.23 -7.24
CA THR A 149 -13.23 14.81 -6.91
C THR A 149 -12.33 14.40 -5.76
N TRP A 150 -12.80 13.43 -4.98
CA TRP A 150 -12.05 12.92 -3.84
C TRP A 150 -11.52 11.52 -4.12
N LEU A 151 -10.94 10.89 -3.11
CA LEU A 151 -10.41 9.54 -3.24
C LEU A 151 -10.69 8.76 -1.96
N GLY A 152 -11.74 7.95 -1.99
CA GLY A 152 -12.10 7.16 -0.82
C GLY A 152 -11.54 5.76 -0.84
N VAL A 153 -10.76 5.42 0.18
CA VAL A 153 -10.17 4.09 0.29
C VAL A 153 -10.68 3.37 1.54
N ARG A 154 -10.69 2.05 1.51
CA ARG A 154 -11.17 1.28 2.63
C ARG A 154 -10.07 0.41 3.23
N ASP A 155 -9.13 -0.03 2.39
CA ASP A 155 -8.04 -0.89 2.87
C ASP A 155 -7.07 -1.25 1.76
N ILE A 156 -6.05 -2.02 2.13
CA ILE A 156 -5.02 -2.49 1.19
C ILE A 156 -4.32 -3.71 1.79
N ASN A 157 -4.12 -4.74 0.99
CA ASN A 157 -3.47 -5.94 1.49
C ASN A 157 -2.35 -6.42 0.56
N VAL A 158 -1.40 -7.14 1.15
CA VAL A 158 -0.26 -7.66 0.40
C VAL A 158 0.03 -9.10 0.83
N ASN A 159 0.61 -9.87 -0.09
CA ASN A 159 0.94 -11.27 0.18
C ASN A 159 -0.32 -12.09 0.42
N LYS A 160 -1.41 -11.70 -0.23
CA LYS A 160 -2.68 -12.40 -0.09
C LYS A 160 -3.15 -12.39 1.36
N LYS A 161 -3.75 -11.27 1.77
CA LYS A 161 -4.25 -11.13 3.13
C LYS A 161 -3.12 -11.30 4.14
N GLU A 162 -1.99 -10.66 3.87
CA GLU A 162 -0.84 -10.73 4.75
C GLU A 162 -0.33 -12.16 4.89
N ASP A 163 -0.19 -12.85 3.75
CA ASP A 163 0.27 -14.23 3.74
C ASP A 163 -0.77 -15.16 4.35
N SER A 164 -0.99 -15.04 5.65
CA SER A 164 -1.97 -15.86 6.36
C SER A 164 -3.25 -15.09 6.62
N MET A 1 33.49 -49.93 38.43
CA MET A 1 33.32 -48.49 38.09
C MET A 1 32.29 -48.30 36.99
N GLY A 2 31.71 -47.10 36.93
CA GLY A 2 30.72 -46.81 35.92
C GLY A 2 31.33 -46.55 34.56
N SER A 3 32.55 -46.03 34.55
CA SER A 3 33.26 -45.74 33.31
C SER A 3 32.53 -44.66 32.51
N SER A 4 31.48 -45.07 31.80
CA SER A 4 30.69 -44.14 30.99
C SER A 4 31.56 -43.49 29.93
N HIS A 5 30.99 -42.51 29.23
CA HIS A 5 31.71 -41.80 28.17
C HIS A 5 32.26 -40.48 28.69
N HIS A 6 31.37 -39.61 29.15
CA HIS A 6 31.76 -38.31 29.68
C HIS A 6 30.55 -37.55 30.19
N HIS A 7 29.44 -37.65 29.49
CA HIS A 7 28.20 -36.97 29.88
C HIS A 7 26.98 -37.81 29.57
N HIS A 8 25.81 -37.35 30.01
CA HIS A 8 24.57 -38.07 29.78
C HIS A 8 23.78 -37.43 28.65
N HIS A 9 24.42 -37.27 27.49
CA HIS A 9 23.77 -36.66 26.34
C HIS A 9 23.35 -35.23 26.64
N HIS A 10 23.04 -34.49 25.59
CA HIS A 10 22.61 -33.10 25.73
C HIS A 10 21.29 -32.85 25.02
N SER A 11 21.18 -33.36 23.78
CA SER A 11 19.97 -33.19 22.99
C SER A 11 20.07 -33.98 21.69
N SER A 12 21.23 -33.90 21.04
CA SER A 12 21.45 -34.61 19.78
C SER A 12 20.46 -34.14 18.72
N GLY A 13 20.42 -34.86 17.60
CA GLY A 13 19.51 -34.50 16.52
C GLY A 13 18.06 -34.60 16.93
N LEU A 14 17.32 -35.48 16.28
CA LEU A 14 15.91 -35.67 16.59
C LEU A 14 15.11 -34.39 16.30
N VAL A 15 14.15 -34.51 15.39
CA VAL A 15 13.32 -33.36 15.02
C VAL A 15 14.15 -32.27 14.36
N PRO A 16 14.51 -32.45 13.08
CA PRO A 16 15.31 -31.47 12.33
C PRO A 16 14.71 -30.07 12.39
N ARG A 17 13.39 -30.00 12.55
CA ARG A 17 12.70 -28.72 12.62
C ARG A 17 12.90 -27.92 11.33
N GLY A 18 13.04 -28.62 10.22
CA GLY A 18 13.23 -27.96 8.94
C GLY A 18 11.96 -27.88 8.13
N SER A 19 11.95 -27.02 7.11
CA SER A 19 10.79 -26.85 6.27
C SER A 19 9.58 -26.39 7.07
N HIS A 20 9.84 -25.64 8.14
CA HIS A 20 8.78 -25.14 9.00
C HIS A 20 8.65 -23.63 8.90
N MET A 21 9.79 -22.96 8.71
CA MET A 21 9.82 -21.50 8.59
C MET A 21 11.05 -21.04 7.84
N ALA A 22 10.83 -20.36 6.71
CA ALA A 22 11.92 -19.85 5.89
C ALA A 22 11.81 -18.35 5.70
N SER A 23 10.81 -17.93 4.94
CA SER A 23 10.60 -16.51 4.67
C SER A 23 9.30 -16.03 5.31
N ASP A 24 8.91 -16.66 6.40
CA ASP A 24 7.69 -16.29 7.11
C ASP A 24 7.86 -14.98 7.85
N PRO A 25 8.80 -14.91 8.81
CA PRO A 25 9.06 -13.70 9.58
C PRO A 25 9.74 -12.61 8.76
N ASN A 26 8.99 -12.00 7.85
CA ASN A 26 9.52 -10.95 7.01
C ASN A 26 9.80 -9.68 7.82
N ARG A 27 8.82 -9.29 8.63
CA ARG A 27 8.96 -8.10 9.47
C ARG A 27 9.09 -6.84 8.62
N ILE A 28 8.00 -6.43 7.98
CA ILE A 28 7.99 -5.25 7.14
C ILE A 28 6.67 -4.51 7.26
N ILE A 29 6.73 -3.27 7.74
CA ILE A 29 5.54 -2.44 7.89
C ILE A 29 5.18 -1.79 6.57
N ALA A 30 3.93 -1.34 6.45
CA ALA A 30 3.46 -0.69 5.24
C ALA A 30 2.75 0.63 5.56
N THR A 31 3.47 1.74 5.42
CA THR A 31 2.90 3.06 5.69
C THR A 31 2.18 3.60 4.47
N TYR A 32 0.89 3.86 4.61
CA TYR A 32 0.09 4.40 3.54
C TYR A 32 0.72 5.66 2.93
N ILE A 33 0.67 5.77 1.61
CA ILE A 33 1.23 6.92 0.89
C ILE A 33 0.16 7.67 0.12
N SER A 34 0.58 8.69 -0.62
CA SER A 34 -0.35 9.47 -1.42
C SER A 34 0.37 10.53 -2.22
N ASN A 35 -0.26 10.98 -3.31
CA ASN A 35 0.31 12.02 -4.16
C ASN A 35 -0.22 13.38 -3.75
N ARG A 36 -1.39 13.40 -3.13
CA ARG A 36 -2.02 14.63 -2.69
C ARG A 36 -1.70 14.91 -1.22
N GLN A 37 -1.18 16.11 -0.94
CA GLN A 37 -0.84 16.50 0.42
C GLN A 37 -2.10 16.81 1.22
N ASP A 38 -2.92 15.78 1.44
CA ASP A 38 -4.16 15.92 2.18
C ASP A 38 -4.09 15.18 3.51
N ALA A 39 -5.02 15.47 4.40
CA ALA A 39 -5.08 14.83 5.71
C ALA A 39 -6.16 13.75 5.72
N PRO A 40 -5.82 12.50 6.03
CA PRO A 40 -6.78 11.40 6.07
C PRO A 40 -8.00 11.73 6.93
N THR A 41 -9.17 11.40 6.41
CA THR A 41 -10.43 11.65 7.11
C THR A 41 -10.33 11.30 8.59
N GLY A 42 -9.86 10.08 8.87
CA GLY A 42 -9.71 9.63 10.24
C GLY A 42 -8.34 9.04 10.50
N ASN A 43 -8.13 7.83 10.03
CA ASN A 43 -6.85 7.15 10.21
C ASN A 43 -6.67 6.04 9.17
N PRO A 44 -5.61 6.13 8.35
CA PRO A 44 -5.33 5.12 7.33
C PRO A 44 -4.79 3.82 7.92
N ASP A 45 -4.64 3.80 9.25
CA ASP A 45 -4.14 2.61 9.95
C ASP A 45 -4.71 1.33 9.35
N ASN A 46 -5.94 1.40 8.87
CA ASN A 46 -6.60 0.24 8.27
C ASN A 46 -5.66 -0.43 7.27
N ILE A 47 -4.80 0.38 6.66
CA ILE A 47 -3.84 -0.11 5.67
C ILE A 47 -2.48 -0.36 6.31
N PHE A 48 -2.17 0.37 7.37
CA PHE A 48 -0.90 0.22 8.05
C PHE A 48 -0.65 -1.24 8.45
N ASP A 49 -1.73 -1.93 8.82
CA ASP A 49 -1.63 -3.32 9.23
C ASP A 49 -2.81 -4.14 8.71
N ASN A 50 -3.51 -3.61 7.71
CA ASN A 50 -4.66 -4.30 7.13
C ASN A 50 -5.71 -4.60 8.20
N ASN A 51 -6.74 -3.76 8.26
CA ASN A 51 -7.82 -3.93 9.24
C ASN A 51 -9.15 -3.47 8.66
N ALA A 52 -9.15 -2.29 8.06
CA ALA A 52 -10.36 -1.73 7.46
C ALA A 52 -11.41 -1.40 8.53
N SER A 53 -10.95 -0.93 9.67
CA SER A 53 -11.85 -0.56 10.76
C SER A 53 -11.83 0.94 11.01
N THR A 54 -11.56 1.68 9.95
CA THR A 54 -11.50 3.14 10.03
C THR A 54 -11.79 3.75 8.65
N GLU A 55 -11.93 5.07 8.60
CA GLU A 55 -12.21 5.75 7.35
C GLU A 55 -10.95 6.38 6.78
N LEU A 56 -10.92 6.52 5.46
CA LEU A 56 -9.75 7.08 4.77
C LEU A 56 -10.15 7.67 3.43
N VAL A 57 -9.96 8.98 3.28
CA VAL A 57 -10.30 9.67 2.03
C VAL A 57 -9.44 10.91 1.82
N TYR A 58 -9.06 11.16 0.58
CA TYR A 58 -8.26 12.33 0.24
C TYR A 58 -9.14 13.35 -0.46
N LYS A 59 -9.07 14.60 -0.02
CA LYS A 59 -9.92 15.63 -0.60
C LYS A 59 -9.46 17.05 -0.26
N ASN A 60 -8.20 17.22 0.13
CA ASN A 60 -7.72 18.57 0.44
C ASN A 60 -7.99 19.48 -0.75
N PRO A 61 -7.43 19.16 -1.93
CA PRO A 61 -7.64 19.92 -3.15
C PRO A 61 -8.70 19.27 -4.02
N ASN A 62 -9.87 19.90 -4.14
CA ASN A 62 -10.95 19.35 -4.96
C ASN A 62 -10.61 19.45 -6.45
N ARG A 63 -9.48 18.86 -6.83
CA ARG A 63 -9.03 18.87 -8.22
C ARG A 63 -7.62 18.32 -8.30
N ILE A 64 -7.34 17.55 -9.34
CA ILE A 64 -6.01 16.97 -9.51
C ILE A 64 -5.70 16.68 -10.97
N ASP A 65 -4.40 16.60 -11.28
CA ASP A 65 -3.95 16.34 -12.64
C ASP A 65 -3.14 15.04 -12.68
N VAL A 66 -2.69 14.66 -13.87
CA VAL A 66 -1.90 13.44 -14.04
C VAL A 66 -0.85 13.28 -12.94
N GLY A 67 -1.19 12.49 -11.93
CA GLY A 67 -0.27 12.27 -10.83
C GLY A 67 -0.98 11.85 -9.55
N THR A 68 -2.27 12.13 -9.44
CA THR A 68 -3.04 11.76 -8.26
C THR A 68 -3.00 10.25 -8.06
N TYR A 69 -2.39 9.80 -6.97
CA TYR A 69 -2.30 8.38 -6.69
C TYR A 69 -1.97 8.12 -5.22
N VAL A 70 -2.06 6.84 -4.84
CA VAL A 70 -1.75 6.44 -3.48
C VAL A 70 -1.24 5.00 -3.44
N GLY A 71 -1.13 4.48 -2.22
CA GLY A 71 -0.67 3.13 -2.00
C GLY A 71 -0.25 2.91 -0.58
N VAL A 72 0.96 2.42 -0.39
CA VAL A 72 1.48 2.20 0.94
C VAL A 72 2.95 1.78 0.87
N LYS A 73 3.83 2.57 1.49
CA LYS A 73 5.26 2.29 1.45
C LYS A 73 5.69 1.38 2.59
N TYR A 74 6.71 0.55 2.33
CA TYR A 74 7.22 -0.39 3.32
C TYR A 74 8.55 0.08 3.90
N SER A 75 9.16 -0.78 4.70
CA SER A 75 10.44 -0.47 5.33
C SER A 75 11.56 -1.29 4.69
N ASN A 76 11.22 -2.48 4.20
CA ASN A 76 12.20 -3.36 3.57
C ASN A 76 11.53 -4.21 2.48
N PRO A 77 12.35 -4.84 1.61
CA PRO A 77 11.84 -5.69 0.53
C PRO A 77 11.22 -6.99 1.05
N ILE A 78 10.04 -7.33 0.51
CA ILE A 78 9.35 -8.54 0.92
C ILE A 78 8.70 -9.23 -0.28
N THR A 79 8.83 -10.56 -0.33
CA THR A 79 8.23 -11.32 -1.43
C THR A 79 6.72 -11.15 -1.41
N LEU A 80 6.22 -10.23 -2.22
CA LEU A 80 4.79 -9.96 -2.29
C LEU A 80 4.13 -10.86 -3.35
N ASN A 81 3.46 -11.90 -2.89
CA ASN A 81 2.78 -12.83 -3.80
C ASN A 81 1.58 -12.17 -4.47
N ASN A 82 1.15 -11.03 -3.94
CA ASN A 82 0.02 -10.30 -4.50
C ASN A 82 -0.30 -9.06 -3.70
N VAL A 83 -0.45 -7.93 -4.40
CA VAL A 83 -0.79 -6.66 -3.77
C VAL A 83 -2.22 -6.28 -4.08
N GLU A 84 -2.90 -5.64 -3.13
CA GLU A 84 -4.30 -5.27 -3.34
C GLU A 84 -4.68 -4.02 -2.54
N PHE A 85 -5.15 -2.99 -3.24
CA PHE A 85 -5.59 -1.76 -2.58
C PHE A 85 -7.11 -1.68 -2.60
N LEU A 86 -7.74 -2.00 -1.47
CA LEU A 86 -9.20 -1.95 -1.38
C LEU A 86 -9.64 -0.51 -1.15
N MET A 87 -9.82 0.22 -2.24
CA MET A 87 -10.24 1.62 -2.17
C MET A 87 -11.21 1.97 -3.29
N GLY A 88 -12.16 2.83 -2.98
CA GLY A 88 -13.14 3.26 -3.96
C GLY A 88 -13.36 4.76 -3.91
N ALA A 89 -14.42 5.19 -3.24
CA ALA A 89 -14.73 6.60 -3.09
C ALA A 89 -15.31 6.88 -1.72
N ASN A 90 -15.29 8.14 -1.32
CA ASN A 90 -15.82 8.52 -0.02
C ASN A 90 -17.34 8.49 -0.02
N SER A 91 -17.96 9.39 -0.79
CA SER A 91 -19.41 9.46 -0.89
C SER A 91 -19.91 8.85 -2.19
N ASN A 92 -19.48 9.44 -3.31
CA ASN A 92 -19.88 8.97 -4.63
C ASN A 92 -18.83 8.03 -5.22
N PRO A 93 -19.22 6.78 -5.56
CA PRO A 93 -18.30 5.79 -6.13
C PRO A 93 -17.55 6.30 -7.36
N ASN A 94 -18.04 7.39 -7.96
CA ASN A 94 -17.40 7.96 -9.14
C ASN A 94 -16.35 9.00 -8.76
N ASP A 95 -15.81 8.89 -7.55
CA ASP A 95 -14.79 9.82 -7.08
C ASP A 95 -13.45 9.10 -6.89
N THR A 96 -12.64 9.10 -7.94
CA THR A 96 -11.34 8.46 -7.88
C THR A 96 -10.56 8.67 -9.19
N MET A 97 -9.50 7.88 -9.39
CA MET A 97 -8.67 7.98 -10.59
C MET A 97 -9.50 8.22 -11.84
N GLN A 98 -8.84 8.65 -12.91
CA GLN A 98 -9.50 8.86 -14.18
C GLN A 98 -9.19 7.67 -15.07
N LYS A 99 -7.94 7.25 -14.99
CA LYS A 99 -7.45 6.08 -15.71
C LYS A 99 -5.99 5.85 -15.34
N ALA A 100 -5.65 4.66 -14.82
CA ALA A 100 -4.27 4.40 -14.44
C ALA A 100 -4.03 3.01 -13.88
N LYS A 101 -2.77 2.59 -13.95
CA LYS A 101 -2.32 1.29 -13.43
C LYS A 101 -1.54 1.51 -12.12
N ILE A 102 -1.23 0.43 -11.39
CA ILE A 102 -0.49 0.57 -10.14
C ILE A 102 1.01 0.33 -10.35
N GLN A 103 1.81 0.78 -9.39
CA GLN A 103 3.27 0.63 -9.48
C GLN A 103 3.87 0.23 -8.13
N TYR A 104 5.19 0.26 -8.05
CA TYR A 104 5.91 -0.10 -6.82
C TYR A 104 7.37 0.37 -6.90
N THR A 105 8.02 0.48 -5.74
CA THR A 105 9.44 0.89 -5.70
C THR A 105 10.31 -0.27 -5.26
N VAL A 106 11.48 -0.39 -5.87
CA VAL A 106 12.39 -1.47 -5.55
C VAL A 106 13.38 -1.09 -4.45
N ASP A 107 14.18 -0.07 -4.70
CA ASP A 107 15.17 0.39 -3.73
C ASP A 107 14.68 1.63 -2.99
N GLY A 108 13.37 1.69 -2.72
CA GLY A 108 12.81 2.82 -2.02
C GLY A 108 13.26 4.15 -2.60
N ARG A 109 13.54 4.14 -3.90
CA ARG A 109 13.99 5.34 -4.60
C ARG A 109 13.18 5.58 -5.85
N GLU A 110 13.14 4.58 -6.73
CA GLU A 110 12.39 4.68 -7.97
C GLU A 110 11.09 3.91 -7.86
N TRP A 111 10.18 4.13 -8.79
CA TRP A 111 8.89 3.45 -8.79
C TRP A 111 8.53 2.98 -10.20
N ILE A 112 8.51 1.66 -10.37
CA ILE A 112 8.20 1.07 -11.68
C ILE A 112 6.78 0.51 -11.72
N ASP A 113 6.19 0.49 -12.91
CA ASP A 113 4.83 -0.03 -13.09
C ASP A 113 4.65 -1.34 -12.35
N LEU A 114 3.42 -1.62 -11.92
CA LEU A 114 3.12 -2.84 -11.18
C LEU A 114 1.94 -3.59 -11.79
N GLU A 115 0.77 -2.98 -11.69
CA GLU A 115 -0.45 -3.60 -12.20
C GLU A 115 -0.68 -3.29 -13.67
N GLU A 116 -1.35 -4.23 -14.35
CA GLU A 116 -1.67 -4.09 -15.76
C GLU A 116 -2.22 -2.70 -16.06
N GLY A 117 -2.30 -2.34 -17.33
CA GLY A 117 -2.84 -1.05 -17.69
C GLY A 117 -4.31 -0.93 -17.32
N VAL A 118 -4.59 -1.06 -16.03
CA VAL A 118 -5.94 -1.00 -15.52
C VAL A 118 -6.39 0.43 -15.37
N GLU A 119 -7.70 0.62 -15.34
CA GLU A 119 -8.26 1.93 -15.18
C GLU A 119 -8.84 2.06 -13.78
N TYR A 120 -7.95 2.29 -12.81
CA TYR A 120 -8.35 2.42 -11.41
C TYR A 120 -9.11 3.71 -11.17
N THR A 121 -9.94 4.06 -12.15
CA THR A 121 -10.79 5.24 -12.07
C THR A 121 -12.13 4.83 -11.50
N MET A 122 -12.40 3.54 -11.59
CA MET A 122 -13.63 2.95 -11.08
C MET A 122 -13.29 1.67 -10.32
N PRO A 123 -12.21 1.68 -9.51
CA PRO A 123 -11.76 0.52 -8.75
C PRO A 123 -12.45 0.40 -7.39
N GLY A 124 -13.13 -0.72 -7.18
CA GLY A 124 -13.79 -0.96 -5.91
C GLY A 124 -12.90 -1.78 -5.01
N ALA A 125 -12.28 -2.79 -5.60
CA ALA A 125 -11.36 -3.66 -4.89
C ALA A 125 -10.20 -4.02 -5.79
N ILE A 126 -9.06 -3.41 -5.53
CA ILE A 126 -7.88 -3.65 -6.33
C ILE A 126 -7.01 -4.77 -5.78
N LYS A 127 -6.69 -5.72 -6.64
CA LYS A 127 -5.85 -6.85 -6.25
C LYS A 127 -4.96 -7.28 -7.42
N VAL A 128 -3.92 -8.05 -7.11
CA VAL A 128 -2.99 -8.53 -8.14
C VAL A 128 -2.69 -10.01 -7.95
N GLU A 129 -2.29 -10.67 -9.03
CA GLU A 129 -1.96 -12.09 -8.98
C GLU A 129 -0.64 -12.36 -9.70
N ASN A 130 0.08 -13.36 -9.22
CA ASN A 130 1.36 -13.73 -9.81
C ASN A 130 2.35 -12.57 -9.73
N LEU A 131 2.43 -11.95 -8.55
CA LEU A 131 3.33 -10.83 -8.34
C LEU A 131 4.40 -11.17 -7.30
N ASP A 132 4.57 -12.46 -7.01
CA ASP A 132 5.57 -12.90 -6.03
C ASP A 132 6.95 -12.35 -6.37
N LEU A 133 7.25 -11.17 -5.84
CA LEU A 133 8.53 -10.53 -6.07
C LEU A 133 8.85 -9.55 -4.95
N LYS A 134 10.06 -9.66 -4.38
CA LYS A 134 10.47 -8.76 -3.32
C LYS A 134 10.31 -7.32 -3.80
N VAL A 135 9.65 -6.48 -3.00
CA VAL A 135 9.42 -5.11 -3.40
C VAL A 135 9.43 -4.17 -2.23
N ARG A 136 9.63 -2.91 -2.50
CA ARG A 136 9.59 -1.91 -1.47
C ARG A 136 8.36 -1.05 -1.67
N GLY A 137 7.58 -0.91 -0.61
CA GLY A 137 6.37 -0.12 -0.68
C GLY A 137 5.47 -0.47 -1.85
N VAL A 138 4.42 0.33 -2.02
CA VAL A 138 3.45 0.15 -3.10
C VAL A 138 2.75 1.47 -3.39
N ARG A 139 2.30 1.66 -4.63
CA ARG A 139 1.65 2.90 -5.01
C ARG A 139 1.07 2.84 -6.41
N LEU A 140 0.18 3.77 -6.72
CA LEU A 140 -0.47 3.85 -8.02
C LEU A 140 0.05 5.03 -8.81
N ILE A 141 -0.11 4.99 -10.13
CA ILE A 141 0.36 6.08 -10.99
C ILE A 141 -0.75 6.56 -11.92
N ALA A 142 -1.20 7.79 -11.71
CA ALA A 142 -2.25 8.37 -12.53
C ALA A 142 -1.72 8.87 -13.86
N THR A 143 -2.54 8.75 -14.91
CA THR A 143 -2.16 9.19 -16.24
C THR A 143 -3.21 10.14 -16.83
N GLU A 144 -3.93 10.84 -15.95
CA GLU A 144 -4.96 11.76 -16.38
C GLU A 144 -5.58 12.49 -15.19
N ALA A 145 -5.89 11.73 -14.14
CA ALA A 145 -6.48 12.29 -12.93
C ALA A 145 -7.85 12.91 -13.23
N ARG A 146 -8.50 13.43 -12.18
CA ARG A 146 -9.80 14.04 -12.32
C ARG A 146 -9.85 15.41 -11.64
N GLU A 147 -10.97 16.11 -11.80
CA GLU A 147 -11.15 17.44 -11.21
C GLU A 147 -12.39 17.46 -10.31
N ASN A 148 -12.36 18.29 -9.27
CA ASN A 148 -13.48 18.39 -8.34
C ASN A 148 -13.93 16.99 -7.91
N THR A 149 -13.03 16.30 -7.24
CA THR A 149 -13.29 14.95 -6.77
C THR A 149 -12.34 14.57 -5.65
N TRP A 150 -12.76 13.60 -4.84
CA TRP A 150 -11.94 13.13 -3.73
C TRP A 150 -11.45 11.72 -4.02
N LEU A 151 -10.79 11.12 -3.03
CA LEU A 151 -10.28 9.77 -3.17
C LEU A 151 -10.58 8.96 -1.91
N GLY A 152 -11.64 8.17 -1.95
CA GLY A 152 -12.01 7.38 -0.80
C GLY A 152 -11.32 6.03 -0.74
N VAL A 153 -10.57 5.81 0.33
CA VAL A 153 -9.84 4.57 0.53
C VAL A 153 -10.45 3.76 1.67
N ARG A 154 -10.48 2.44 1.51
CA ARG A 154 -11.05 1.57 2.54
C ARG A 154 -9.98 0.71 3.19
N ASP A 155 -9.03 0.23 2.38
CA ASP A 155 -7.97 -0.62 2.91
C ASP A 155 -7.00 -1.06 1.81
N ILE A 156 -5.98 -1.80 2.21
CA ILE A 156 -4.97 -2.31 1.30
C ILE A 156 -4.29 -3.53 1.93
N ASN A 157 -4.16 -4.60 1.16
CA ASN A 157 -3.54 -5.82 1.68
C ASN A 157 -2.45 -6.33 0.73
N VAL A 158 -1.44 -6.97 1.30
CA VAL A 158 -0.35 -7.53 0.54
C VAL A 158 -0.08 -8.97 0.95
N ASN A 159 0.39 -9.78 0.00
CA ASN A 159 0.66 -11.18 0.26
C ASN A 159 -0.59 -11.93 0.68
N LYS A 160 -1.75 -11.44 0.22
CA LYS A 160 -3.03 -12.07 0.55
C LYS A 160 -3.23 -12.12 2.06
N LYS A 161 -3.76 -11.03 2.61
CA LYS A 161 -4.02 -10.95 4.05
C LYS A 161 -2.73 -11.17 4.84
N GLU A 162 -1.63 -10.65 4.32
CA GLU A 162 -0.33 -10.79 4.98
C GLU A 162 0.06 -12.26 5.10
N ASP A 163 0.37 -12.88 3.96
CA ASP A 163 0.76 -14.28 3.95
C ASP A 163 1.96 -14.50 3.02
N SER A 164 3.15 -14.24 3.54
CA SER A 164 4.37 -14.42 2.76
C SER A 164 4.68 -15.90 2.53
N MET A 1 6.72 -6.52 22.44
CA MET A 1 7.74 -6.93 21.43
C MET A 1 9.03 -6.12 21.58
N GLY A 2 8.90 -4.80 21.59
CA GLY A 2 10.06 -3.94 21.73
C GLY A 2 9.72 -2.61 22.38
N SER A 3 9.58 -2.62 23.70
CA SER A 3 9.25 -1.41 24.44
C SER A 3 10.12 -1.28 25.69
N SER A 4 11.35 -1.77 25.59
CA SER A 4 12.29 -1.71 26.70
C SER A 4 12.88 -0.31 26.84
N HIS A 5 12.10 0.61 27.38
CA HIS A 5 12.55 1.98 27.57
C HIS A 5 12.91 2.62 26.23
N HIS A 6 12.24 2.19 25.16
CA HIS A 6 12.50 2.71 23.84
C HIS A 6 11.55 2.11 22.81
N HIS A 7 11.82 2.37 21.53
CA HIS A 7 10.99 1.84 20.46
C HIS A 7 11.78 0.91 19.55
N HIS A 8 12.80 1.46 18.89
CA HIS A 8 13.64 0.67 18.00
C HIS A 8 15.04 0.50 18.58
N HIS A 9 15.18 -0.44 19.50
CA HIS A 9 16.46 -0.72 20.13
C HIS A 9 16.65 -2.21 20.40
N HIS A 10 16.07 -3.02 19.52
CA HIS A 10 16.17 -4.47 19.66
C HIS A 10 16.16 -5.15 18.29
N SER A 11 16.64 -6.39 18.25
CA SER A 11 16.68 -7.15 17.00
C SER A 11 17.54 -6.44 15.96
N SER A 12 18.73 -6.98 15.73
CA SER A 12 19.65 -6.40 14.75
C SER A 12 20.88 -7.30 14.56
N GLY A 13 20.74 -8.29 13.69
CA GLY A 13 21.84 -9.20 13.43
C GLY A 13 21.96 -9.56 11.97
N LEU A 14 21.34 -10.68 11.59
CA LEU A 14 21.38 -11.14 10.20
C LEU A 14 22.81 -11.42 9.76
N VAL A 15 22.99 -11.63 8.45
CA VAL A 15 24.31 -11.91 7.89
C VAL A 15 24.73 -13.35 8.16
N PRO A 16 25.51 -13.95 7.23
CA PRO A 16 25.98 -15.33 7.37
C PRO A 16 26.66 -15.59 8.71
N ARG A 17 25.92 -16.16 9.65
CA ARG A 17 26.45 -16.45 10.98
C ARG A 17 25.41 -17.18 11.82
N GLY A 18 24.32 -16.50 12.13
CA GLY A 18 23.27 -17.10 12.93
C GLY A 18 21.91 -16.47 12.68
N SER A 19 21.07 -17.17 11.91
CA SER A 19 19.74 -16.68 11.59
C SER A 19 18.69 -17.72 11.91
N HIS A 20 17.58 -17.28 12.50
CA HIS A 20 16.49 -18.18 12.86
C HIS A 20 15.31 -17.40 13.45
N MET A 21 14.16 -18.05 13.53
CA MET A 21 12.96 -17.43 14.07
C MET A 21 13.18 -17.02 15.52
N ALA A 22 13.73 -15.83 15.73
CA ALA A 22 13.99 -15.33 17.07
C ALA A 22 13.89 -13.80 17.10
N SER A 23 13.19 -13.28 18.11
CA SER A 23 13.02 -11.85 18.26
C SER A 23 12.33 -11.24 17.04
N ASP A 24 11.49 -12.04 16.38
CA ASP A 24 10.78 -11.58 15.19
C ASP A 24 11.75 -11.18 14.09
N PRO A 25 11.28 -11.21 12.83
CA PRO A 25 12.12 -10.85 11.68
C PRO A 25 12.40 -9.35 11.61
N ASN A 26 12.91 -8.90 10.48
CA ASN A 26 13.23 -7.48 10.30
C ASN A 26 12.00 -6.61 10.54
N ARG A 27 10.81 -7.19 10.34
CA ARG A 27 9.56 -6.46 10.54
C ARG A 27 9.46 -5.29 9.57
N ILE A 28 8.67 -5.47 8.53
CA ILE A 28 8.46 -4.43 7.52
C ILE A 28 7.13 -3.72 7.73
N ILE A 29 7.20 -2.42 7.98
CA ILE A 29 6.02 -1.61 8.21
C ILE A 29 5.36 -1.20 6.90
N ALA A 30 4.10 -0.81 6.96
CA ALA A 30 3.37 -0.39 5.77
C ALA A 30 2.73 0.98 5.97
N THR A 31 3.41 2.02 5.48
CA THR A 31 2.89 3.38 5.59
C THR A 31 2.08 3.75 4.37
N TYR A 32 1.16 4.68 4.52
CA TYR A 32 0.32 5.09 3.41
C TYR A 32 0.92 6.24 2.64
N ILE A 33 0.78 6.19 1.31
CA ILE A 33 1.29 7.21 0.42
C ILE A 33 0.16 7.85 -0.37
N SER A 34 0.46 8.97 -1.02
CA SER A 34 -0.54 9.64 -1.84
C SER A 34 0.03 10.86 -2.54
N ASN A 35 -0.18 10.95 -3.85
CA ASN A 35 0.30 12.08 -4.62
C ASN A 35 -0.49 13.32 -4.26
N ARG A 36 -1.76 13.11 -3.90
CA ARG A 36 -2.65 14.20 -3.53
C ARG A 36 -2.08 14.99 -2.36
N GLN A 37 -2.57 16.22 -2.19
CA GLN A 37 -2.11 17.09 -1.11
C GLN A 37 -3.07 17.08 0.07
N ASP A 38 -2.86 16.14 0.99
CA ASP A 38 -3.72 16.03 2.17
C ASP A 38 -3.16 14.99 3.14
N ALA A 39 -3.64 15.03 4.38
CA ALA A 39 -3.18 14.10 5.41
C ALA A 39 -4.22 13.01 5.65
N PRO A 40 -3.76 11.78 5.96
CA PRO A 40 -4.65 10.65 6.21
C PRO A 40 -5.66 10.97 7.33
N THR A 41 -6.94 10.90 6.98
CA THR A 41 -8.00 11.17 7.94
C THR A 41 -8.37 9.91 8.71
N GLY A 42 -9.45 10.00 9.50
CA GLY A 42 -9.93 8.86 10.27
C GLY A 42 -8.81 8.00 10.82
N ASN A 43 -8.60 6.85 10.18
CA ASN A 43 -7.56 5.94 10.59
C ASN A 43 -7.18 5.01 9.45
N PRO A 44 -6.00 5.21 8.84
CA PRO A 44 -5.52 4.38 7.74
C PRO A 44 -5.16 2.96 8.18
N ASP A 45 -5.32 2.69 9.49
CA ASP A 45 -5.02 1.37 10.04
C ASP A 45 -5.38 0.25 9.07
N ASN A 46 -6.56 0.36 8.46
CA ASN A 46 -7.01 -0.65 7.49
C ASN A 46 -5.90 -0.96 6.50
N ILE A 47 -5.11 0.07 6.21
CA ILE A 47 -4.00 -0.04 5.29
C ILE A 47 -2.73 -0.48 6.01
N PHE A 48 -2.62 -0.08 7.27
CA PHE A 48 -1.45 -0.42 8.07
C PHE A 48 -1.51 -1.85 8.63
N ASP A 49 -2.72 -2.41 8.72
CA ASP A 49 -2.90 -3.75 9.24
C ASP A 49 -4.05 -4.48 8.58
N ASN A 50 -4.35 -4.11 7.33
CA ASN A 50 -5.44 -4.75 6.59
C ASN A 50 -6.74 -4.78 7.40
N ASN A 51 -6.88 -3.83 8.32
CA ASN A 51 -8.08 -3.75 9.15
C ASN A 51 -9.18 -2.96 8.45
N ALA A 52 -9.89 -3.60 7.53
CA ALA A 52 -10.95 -2.94 6.77
C ALA A 52 -12.18 -2.62 7.64
N SER A 53 -11.95 -2.26 8.90
CA SER A 53 -13.05 -1.92 9.80
C SER A 53 -12.98 -0.44 10.16
N THR A 54 -12.44 0.35 9.25
CA THR A 54 -12.29 1.78 9.44
C THR A 54 -12.40 2.51 8.10
N GLU A 55 -12.51 3.83 8.13
CA GLU A 55 -12.61 4.61 6.90
C GLU A 55 -11.64 5.78 6.87
N LEU A 56 -11.16 6.11 5.68
CA LEU A 56 -10.23 7.22 5.50
C LEU A 56 -10.37 7.80 4.10
N VAL A 57 -10.14 9.12 3.98
CA VAL A 57 -10.26 9.79 2.70
C VAL A 57 -9.38 11.04 2.63
N TYR A 58 -8.93 11.37 1.43
CA TYR A 58 -8.09 12.54 1.21
C TYR A 58 -8.88 13.62 0.47
N LYS A 59 -8.92 14.82 1.05
CA LYS A 59 -9.66 15.93 0.45
C LYS A 59 -8.80 16.63 -0.59
N ASN A 60 -7.66 17.16 -0.16
CA ASN A 60 -6.73 17.86 -1.06
C ASN A 60 -7.50 18.80 -2.00
N PRO A 61 -6.82 19.53 -2.89
CA PRO A 61 -7.51 20.42 -3.81
C PRO A 61 -8.47 19.62 -4.67
N ASN A 62 -9.77 19.80 -4.44
CA ASN A 62 -10.80 19.07 -5.17
C ASN A 62 -10.42 18.89 -6.64
N ARG A 63 -9.80 19.91 -7.21
CA ARG A 63 -9.37 19.86 -8.61
C ARG A 63 -7.86 19.69 -8.71
N ILE A 64 -7.44 18.63 -9.41
CA ILE A 64 -6.02 18.36 -9.57
C ILE A 64 -5.72 17.89 -10.99
N ASP A 65 -4.43 17.66 -11.27
CA ASP A 65 -4.01 17.21 -12.59
C ASP A 65 -3.33 15.85 -12.50
N VAL A 66 -2.93 15.31 -13.66
CA VAL A 66 -2.27 14.00 -13.73
C VAL A 66 -1.24 13.83 -12.61
N GLY A 67 -1.27 12.66 -11.98
CA GLY A 67 -0.35 12.38 -10.88
C GLY A 67 -1.07 11.95 -9.61
N THR A 68 -2.35 12.24 -9.53
CA THR A 68 -3.14 11.86 -8.36
C THR A 68 -3.12 10.34 -8.19
N TYR A 69 -2.43 9.87 -7.15
CA TYR A 69 -2.34 8.44 -6.89
C TYR A 69 -2.01 8.16 -5.43
N VAL A 70 -2.09 6.88 -5.05
CA VAL A 70 -1.78 6.48 -3.67
C VAL A 70 -1.31 5.03 -3.61
N GLY A 71 -1.16 4.54 -2.39
CA GLY A 71 -0.73 3.18 -2.16
C GLY A 71 -0.33 2.98 -0.72
N VAL A 72 0.89 2.49 -0.51
CA VAL A 72 1.39 2.27 0.83
C VAL A 72 2.87 1.87 0.80
N LYS A 73 3.72 2.71 1.38
CA LYS A 73 5.17 2.45 1.38
C LYS A 73 5.59 1.62 2.59
N TYR A 74 6.58 0.76 2.38
CA TYR A 74 7.08 -0.09 3.45
C TYR A 74 8.44 0.39 3.93
N SER A 75 9.04 -0.35 4.87
CA SER A 75 10.34 0.00 5.41
C SER A 75 11.46 -0.61 4.57
N ASN A 76 11.47 -1.93 4.48
CA ASN A 76 12.47 -2.65 3.71
C ASN A 76 11.81 -3.63 2.74
N PRO A 77 12.58 -4.18 1.78
CA PRO A 77 12.05 -5.13 0.79
C PRO A 77 11.26 -6.26 1.43
N ILE A 78 10.19 -6.68 0.78
CA ILE A 78 9.34 -7.75 1.29
C ILE A 78 8.75 -8.58 0.17
N THR A 79 8.86 -9.91 0.29
CA THR A 79 8.32 -10.81 -0.72
C THR A 79 6.85 -10.51 -0.97
N LEU A 80 6.60 -9.71 -2.00
CA LEU A 80 5.23 -9.33 -2.35
C LEU A 80 4.51 -10.46 -3.07
N ASN A 81 3.77 -11.26 -2.32
CA ASN A 81 3.03 -12.37 -2.92
C ASN A 81 1.86 -11.86 -3.74
N ASN A 82 1.36 -10.68 -3.38
CA ASN A 82 0.24 -10.07 -4.09
C ASN A 82 -0.19 -8.78 -3.42
N VAL A 83 -0.32 -7.72 -4.22
CA VAL A 83 -0.75 -6.42 -3.70
C VAL A 83 -2.20 -6.14 -4.08
N GLU A 84 -2.95 -5.56 -3.16
CA GLU A 84 -4.35 -5.26 -3.41
C GLU A 84 -4.82 -4.04 -2.62
N PHE A 85 -5.17 -2.97 -3.33
CA PHE A 85 -5.67 -1.76 -2.67
C PHE A 85 -7.19 -1.76 -2.69
N LEU A 86 -7.80 -2.12 -1.57
CA LEU A 86 -9.25 -2.13 -1.46
C LEU A 86 -9.74 -0.71 -1.18
N MET A 87 -10.12 -0.01 -2.23
CA MET A 87 -10.57 1.37 -2.09
C MET A 87 -11.74 1.68 -3.02
N GLY A 88 -12.37 2.83 -2.77
CA GLY A 88 -13.48 3.28 -3.58
C GLY A 88 -13.58 4.78 -3.59
N ALA A 89 -14.64 5.31 -3.01
CA ALA A 89 -14.83 6.76 -2.94
C ALA A 89 -15.46 7.16 -1.61
N ASN A 90 -15.18 8.38 -1.18
CA ASN A 90 -15.70 8.86 0.09
C ASN A 90 -17.23 8.98 0.04
N SER A 91 -17.72 9.93 -0.76
CA SER A 91 -19.15 10.15 -0.89
C SER A 91 -19.68 9.59 -2.22
N ASN A 92 -19.17 10.13 -3.32
CA ASN A 92 -19.59 9.69 -4.65
C ASN A 92 -18.66 8.61 -5.20
N PRO A 93 -19.19 7.42 -5.53
CA PRO A 93 -18.39 6.31 -6.05
C PRO A 93 -17.54 6.72 -7.26
N ASN A 94 -17.89 7.83 -7.90
CA ASN A 94 -17.15 8.31 -9.07
C ASN A 94 -16.04 9.28 -8.66
N ASP A 95 -15.54 9.15 -7.43
CA ASP A 95 -14.48 10.01 -6.94
C ASP A 95 -13.19 9.22 -6.74
N THR A 96 -12.35 9.20 -7.78
CA THR A 96 -11.09 8.48 -7.73
C THR A 96 -10.32 8.69 -9.03
N MET A 97 -9.28 7.87 -9.26
CA MET A 97 -8.46 7.96 -10.47
C MET A 97 -9.32 8.27 -11.70
N GLN A 98 -8.68 8.78 -12.74
CA GLN A 98 -9.37 9.07 -13.98
C GLN A 98 -9.12 7.90 -14.92
N LYS A 99 -7.88 7.43 -14.90
CA LYS A 99 -7.46 6.29 -15.68
C LYS A 99 -6.00 5.99 -15.36
N ALA A 100 -5.69 4.78 -14.90
CA ALA A 100 -4.30 4.47 -14.56
C ALA A 100 -4.09 3.06 -14.01
N LYS A 101 -2.84 2.63 -14.06
CA LYS A 101 -2.42 1.32 -13.54
C LYS A 101 -1.68 1.52 -12.23
N ILE A 102 -1.32 0.43 -11.55
CA ILE A 102 -0.58 0.55 -10.28
C ILE A 102 0.91 0.36 -10.49
N GLN A 103 1.71 0.79 -9.51
CA GLN A 103 3.16 0.67 -9.58
C GLN A 103 3.75 0.16 -8.27
N TYR A 104 5.09 0.11 -8.20
CA TYR A 104 5.79 -0.35 -7.00
C TYR A 104 7.28 -0.06 -7.11
N THR A 105 7.91 0.25 -5.98
CA THR A 105 9.35 0.51 -5.97
C THR A 105 10.10 -0.70 -5.43
N VAL A 106 11.23 -1.03 -6.06
CA VAL A 106 12.01 -2.18 -5.64
C VAL A 106 13.02 -1.84 -4.56
N ASP A 107 13.94 -0.93 -4.87
CA ASP A 107 14.97 -0.53 -3.91
C ASP A 107 14.57 0.74 -3.17
N GLY A 108 13.27 0.90 -2.92
CA GLY A 108 12.79 2.07 -2.20
C GLY A 108 13.34 3.37 -2.78
N ARG A 109 13.47 3.41 -4.09
CA ARG A 109 14.00 4.59 -4.78
C ARG A 109 13.15 4.92 -5.99
N GLU A 110 13.26 4.09 -7.03
CA GLU A 110 12.50 4.29 -8.26
C GLU A 110 11.19 3.53 -8.18
N TRP A 111 10.25 3.89 -9.05
CA TRP A 111 8.94 3.23 -9.07
C TRP A 111 8.59 2.80 -10.49
N ILE A 112 8.32 1.50 -10.66
CA ILE A 112 7.97 0.95 -11.96
C ILE A 112 6.52 0.47 -11.99
N ASP A 113 6.00 0.25 -13.20
CA ASP A 113 4.64 -0.21 -13.37
C ASP A 113 4.41 -1.51 -12.59
N LEU A 114 3.18 -1.71 -12.12
CA LEU A 114 2.84 -2.90 -11.36
C LEU A 114 1.70 -3.68 -12.01
N GLU A 115 0.55 -3.02 -12.15
CA GLU A 115 -0.62 -3.67 -12.74
C GLU A 115 -0.84 -3.28 -14.19
N GLU A 116 -1.48 -4.19 -14.91
CA GLU A 116 -1.79 -3.99 -16.33
C GLU A 116 -2.34 -2.60 -16.55
N GLY A 117 -2.42 -2.18 -17.82
CA GLY A 117 -2.95 -0.87 -18.13
C GLY A 117 -4.41 -0.77 -17.70
N VAL A 118 -4.63 -0.90 -16.40
CA VAL A 118 -5.98 -0.85 -15.84
C VAL A 118 -6.41 0.58 -15.64
N GLU A 119 -7.71 0.77 -15.57
CA GLU A 119 -8.27 2.08 -15.36
C GLU A 119 -8.81 2.16 -13.94
N TYR A 120 -7.90 2.32 -12.98
CA TYR A 120 -8.28 2.41 -11.57
C TYR A 120 -9.00 3.71 -11.28
N THR A 121 -9.87 4.10 -12.20
CA THR A 121 -10.69 5.30 -12.05
C THR A 121 -12.00 4.92 -11.40
N MET A 122 -12.29 3.63 -11.45
CA MET A 122 -13.49 3.07 -10.85
C MET A 122 -13.11 1.77 -10.16
N PRO A 123 -12.00 1.77 -9.40
CA PRO A 123 -11.50 0.59 -8.71
C PRO A 123 -12.16 0.36 -7.35
N GLY A 124 -13.15 -0.52 -7.31
CA GLY A 124 -13.81 -0.82 -6.06
C GLY A 124 -12.92 -1.68 -5.18
N ALA A 125 -12.32 -2.68 -5.80
CA ALA A 125 -11.40 -3.58 -5.11
C ALA A 125 -10.24 -3.94 -6.00
N ILE A 126 -9.07 -3.46 -5.65
CA ILE A 126 -7.89 -3.71 -6.44
C ILE A 126 -7.03 -4.83 -5.85
N LYS A 127 -6.66 -5.80 -6.69
CA LYS A 127 -5.84 -6.92 -6.26
C LYS A 127 -5.14 -7.56 -7.46
N VAL A 128 -4.01 -8.20 -7.21
CA VAL A 128 -3.25 -8.85 -8.26
C VAL A 128 -2.72 -10.21 -7.81
N GLU A 129 -2.46 -11.08 -8.78
CA GLU A 129 -1.95 -12.42 -8.48
C GLU A 129 -0.68 -12.70 -9.28
N ASN A 130 0.06 -13.72 -8.87
CA ASN A 130 1.30 -14.10 -9.56
C ASN A 130 2.30 -12.95 -9.51
N LEU A 131 2.25 -12.16 -8.45
CA LEU A 131 3.15 -11.03 -8.28
C LEU A 131 4.18 -11.31 -7.20
N ASP A 132 4.45 -12.59 -6.95
CA ASP A 132 5.42 -13.00 -5.94
C ASP A 132 6.81 -12.44 -6.21
N LEU A 133 7.07 -11.24 -5.68
CA LEU A 133 8.37 -10.60 -5.86
C LEU A 133 8.65 -9.61 -4.74
N LYS A 134 9.81 -9.76 -4.09
CA LYS A 134 10.19 -8.86 -3.01
C LYS A 134 10.13 -7.42 -3.49
N VAL A 135 9.59 -6.52 -2.69
CA VAL A 135 9.48 -5.13 -3.10
C VAL A 135 9.49 -4.19 -1.93
N ARG A 136 9.59 -2.91 -2.24
CA ARG A 136 9.54 -1.90 -1.22
C ARG A 136 8.34 -1.02 -1.50
N GLY A 137 7.52 -0.85 -0.49
CA GLY A 137 6.33 -0.03 -0.63
C GLY A 137 5.48 -0.37 -1.85
N VAL A 138 4.40 0.40 -2.03
CA VAL A 138 3.47 0.21 -3.14
C VAL A 138 2.79 1.53 -3.47
N ARG A 139 2.32 1.69 -4.71
CA ARG A 139 1.67 2.93 -5.11
C ARG A 139 1.08 2.84 -6.52
N LEU A 140 0.18 3.78 -6.81
CA LEU A 140 -0.49 3.85 -8.10
C LEU A 140 0.03 5.06 -8.89
N ILE A 141 -0.14 5.03 -10.21
CA ILE A 141 0.32 6.14 -11.05
C ILE A 141 -0.80 6.61 -11.97
N ALA A 142 -1.27 7.84 -11.74
CA ALA A 142 -2.34 8.43 -12.54
C ALA A 142 -1.80 9.03 -13.84
N THR A 143 -2.57 8.91 -14.90
CA THR A 143 -2.18 9.43 -16.20
C THR A 143 -3.26 10.33 -16.80
N GLU A 144 -3.99 11.04 -15.93
CA GLU A 144 -5.06 11.92 -16.39
C GLU A 144 -5.67 12.71 -15.23
N ALA A 145 -6.17 11.99 -14.23
CA ALA A 145 -6.79 12.62 -13.08
C ALA A 145 -8.02 13.43 -13.48
N ARG A 146 -8.79 13.89 -12.51
CA ARG A 146 -9.99 14.67 -12.78
C ARG A 146 -10.18 15.79 -11.76
N GLU A 147 -11.12 16.69 -12.04
CA GLU A 147 -11.41 17.81 -11.15
C GLU A 147 -12.48 17.44 -10.14
N ASN A 148 -12.48 18.11 -8.98
CA ASN A 148 -13.46 17.83 -7.94
C ASN A 148 -13.60 16.34 -7.71
N THR A 149 -12.58 15.74 -7.09
CA THR A 149 -12.59 14.32 -6.83
C THR A 149 -11.72 13.97 -5.63
N TRP A 150 -12.34 13.37 -4.61
CA TRP A 150 -11.62 12.97 -3.42
C TRP A 150 -11.09 11.55 -3.58
N LEU A 151 -10.53 11.00 -2.52
CA LEU A 151 -10.01 9.64 -2.57
C LEU A 151 -10.55 8.83 -1.38
N GLY A 152 -11.58 8.03 -1.65
CA GLY A 152 -12.17 7.22 -0.60
C GLY A 152 -11.56 5.84 -0.54
N VAL A 153 -10.66 5.64 0.40
CA VAL A 153 -10.00 4.36 0.57
C VAL A 153 -10.71 3.53 1.63
N ARG A 154 -10.61 2.21 1.52
CA ARG A 154 -11.25 1.31 2.47
C ARG A 154 -10.22 0.42 3.16
N ASP A 155 -9.23 -0.03 2.40
CA ASP A 155 -8.18 -0.90 2.94
C ASP A 155 -7.19 -1.31 1.86
N ILE A 156 -6.07 -1.89 2.28
CA ILE A 156 -5.05 -2.38 1.36
C ILE A 156 -4.39 -3.62 1.95
N ASN A 157 -4.07 -4.59 1.11
CA ASN A 157 -3.45 -5.82 1.58
C ASN A 157 -2.14 -6.11 0.85
N VAL A 158 -1.28 -6.86 1.52
CA VAL A 158 0.02 -7.23 0.96
C VAL A 158 0.55 -8.50 1.63
N ASN A 159 1.12 -9.39 0.83
CA ASN A 159 1.66 -10.64 1.35
C ASN A 159 0.55 -11.48 1.99
N LYS A 160 -0.64 -11.44 1.38
CA LYS A 160 -1.77 -12.19 1.90
C LYS A 160 -2.10 -11.74 3.33
N LYS A 161 -2.77 -12.60 4.08
CA LYS A 161 -3.14 -12.27 5.46
C LYS A 161 -1.90 -12.22 6.35
N GLU A 162 -1.03 -11.25 6.09
CA GLU A 162 0.20 -11.09 6.86
C GLU A 162 0.66 -9.63 6.86
N ASP A 163 0.83 -9.07 5.66
CA ASP A 163 1.26 -7.68 5.53
C ASP A 163 2.69 -7.51 6.04
N SER A 164 3.43 -6.60 5.43
CA SER A 164 4.81 -6.33 5.82
C SER A 164 5.42 -5.23 4.96
N MET A 1 10.02 -47.34 -3.36
CA MET A 1 8.92 -47.48 -4.35
C MET A 1 7.60 -46.98 -3.78
N GLY A 2 7.67 -45.91 -2.98
CA GLY A 2 6.47 -45.36 -2.39
C GLY A 2 5.74 -46.35 -1.50
N SER A 3 5.79 -46.13 -0.20
CA SER A 3 5.13 -47.02 0.76
C SER A 3 3.66 -46.63 0.94
N SER A 4 3.44 -45.54 1.67
CA SER A 4 2.08 -45.06 1.92
C SER A 4 2.10 -43.77 2.74
N HIS A 5 0.91 -43.28 3.09
CA HIS A 5 0.79 -42.06 3.86
C HIS A 5 0.07 -42.32 5.18
N HIS A 6 0.84 -42.74 6.19
CA HIS A 6 0.27 -43.02 7.50
C HIS A 6 0.10 -41.73 8.31
N HIS A 7 1.18 -40.98 8.46
CA HIS A 7 1.14 -39.74 9.21
C HIS A 7 2.40 -38.91 8.94
N HIS A 8 2.91 -39.00 7.71
CA HIS A 8 4.10 -38.25 7.33
C HIS A 8 5.29 -38.65 8.20
N HIS A 9 6.43 -37.99 7.98
CA HIS A 9 7.64 -38.28 8.73
C HIS A 9 8.36 -36.99 9.12
N HIS A 10 8.80 -36.25 8.11
CA HIS A 10 9.51 -34.99 8.33
C HIS A 10 10.82 -35.22 9.08
N SER A 11 11.86 -34.51 8.67
CA SER A 11 13.18 -34.64 9.29
C SER A 11 14.16 -33.64 8.71
N SER A 12 13.68 -32.43 8.41
CA SER A 12 14.51 -31.39 7.85
C SER A 12 13.78 -30.04 7.86
N GLY A 13 14.36 -29.06 7.18
CA GLY A 13 13.76 -27.73 7.12
C GLY A 13 14.45 -26.75 8.04
N LEU A 14 13.85 -26.51 9.21
CA LEU A 14 14.41 -25.58 10.18
C LEU A 14 14.52 -24.18 9.59
N VAL A 15 13.59 -23.85 8.69
CA VAL A 15 13.58 -22.53 8.06
C VAL A 15 12.90 -21.48 8.93
N PRO A 16 11.73 -21.81 9.53
CA PRO A 16 11.00 -20.88 10.39
C PRO A 16 11.90 -20.26 11.46
N ARG A 17 12.45 -21.12 12.32
CA ARG A 17 13.33 -20.65 13.40
C ARG A 17 14.55 -19.95 12.83
N GLY A 18 15.40 -19.43 13.72
CA GLY A 18 16.60 -18.74 13.29
C GLY A 18 17.76 -18.94 14.24
N SER A 19 18.79 -19.64 13.77
CA SER A 19 19.96 -19.91 14.59
C SER A 19 21.12 -19.00 14.19
N HIS A 20 21.09 -17.76 14.66
CA HIS A 20 22.13 -16.79 14.35
C HIS A 20 22.00 -15.54 15.21
N MET A 21 20.86 -14.87 15.07
CA MET A 21 20.59 -13.65 15.84
C MET A 21 19.21 -13.70 16.47
N ALA A 22 18.21 -14.04 15.66
CA ALA A 22 16.83 -14.12 16.14
C ALA A 22 15.93 -14.78 15.11
N SER A 23 15.58 -14.04 14.06
CA SER A 23 14.73 -14.56 13.00
C SER A 23 14.90 -13.75 11.71
N ASP A 24 16.13 -13.35 11.43
CA ASP A 24 16.43 -12.56 10.23
C ASP A 24 15.69 -11.23 10.25
N PRO A 25 16.21 -10.22 9.54
CA PRO A 25 15.59 -8.89 9.48
C PRO A 25 14.30 -8.89 8.68
N ASN A 26 13.19 -9.24 9.34
CA ASN A 26 11.90 -9.28 8.68
C ASN A 26 10.84 -8.57 9.53
N ARG A 27 10.81 -7.24 9.46
CA ARG A 27 9.85 -6.45 10.22
C ARG A 27 9.45 -5.20 9.44
N ILE A 28 9.37 -5.32 8.12
CA ILE A 28 9.00 -4.20 7.26
C ILE A 28 7.57 -3.76 7.55
N ILE A 29 7.34 -2.46 7.50
CA ILE A 29 6.02 -1.89 7.75
C ILE A 29 5.42 -1.36 6.46
N ALA A 30 4.10 -1.20 6.44
CA ALA A 30 3.41 -0.69 5.26
C ALA A 30 2.68 0.60 5.58
N THR A 31 3.29 1.73 5.23
CA THR A 31 2.69 3.03 5.49
C THR A 31 1.95 3.56 4.27
N TYR A 32 0.67 3.83 4.46
CA TYR A 32 -0.17 4.34 3.40
C TYR A 32 0.44 5.60 2.74
N ILE A 33 0.11 5.83 1.49
CA ILE A 33 0.61 7.00 0.75
C ILE A 33 -0.50 7.74 0.04
N SER A 34 -0.13 8.80 -0.66
CA SER A 34 -1.08 9.59 -1.41
C SER A 34 -0.37 10.72 -2.16
N ASN A 35 -0.64 10.82 -3.47
CA ASN A 35 -0.02 11.86 -4.28
C ASN A 35 -0.35 13.24 -3.74
N ARG A 36 -1.57 13.40 -3.23
CA ARG A 36 -2.02 14.68 -2.69
C ARG A 36 -1.55 14.87 -1.26
N GLN A 37 -1.09 16.08 -0.95
CA GLN A 37 -0.60 16.41 0.38
C GLN A 37 -1.75 16.43 1.40
N ASP A 38 -2.33 15.27 1.67
CA ASP A 38 -3.42 15.16 2.61
C ASP A 38 -3.23 13.96 3.54
N ALA A 39 -3.52 14.16 4.82
CA ALA A 39 -3.38 13.10 5.80
C ALA A 39 -4.69 12.31 5.91
N PRO A 40 -4.60 11.05 6.37
CA PRO A 40 -5.78 10.20 6.52
C PRO A 40 -6.78 10.79 7.51
N THR A 41 -7.99 11.05 7.03
CA THR A 41 -9.04 11.63 7.87
C THR A 41 -9.18 10.87 9.18
N GLY A 42 -9.29 9.56 9.10
CA GLY A 42 -9.44 8.73 10.28
C GLY A 42 -8.14 8.06 10.67
N ASN A 43 -7.93 6.85 10.18
CA ASN A 43 -6.72 6.11 10.47
C ASN A 43 -6.45 5.02 9.43
N PRO A 44 -5.24 5.00 8.84
CA PRO A 44 -4.88 3.99 7.83
C PRO A 44 -4.86 2.58 8.39
N ASP A 45 -5.14 2.43 9.69
CA ASP A 45 -5.16 1.13 10.35
C ASP A 45 -5.65 0.02 9.41
N ASN A 46 -6.77 0.26 8.75
CA ASN A 46 -7.33 -0.70 7.80
C ASN A 46 -6.25 -1.15 6.83
N ILE A 47 -5.46 -0.18 6.42
CA ILE A 47 -4.39 -0.40 5.46
C ILE A 47 -3.09 -0.83 6.15
N PHE A 48 -2.78 -0.20 7.27
CA PHE A 48 -1.56 -0.48 8.00
C PHE A 48 -1.43 -1.98 8.33
N ASP A 49 -2.47 -2.55 8.94
CA ASP A 49 -2.43 -3.97 9.30
C ASP A 49 -3.74 -4.68 8.97
N ASN A 50 -4.25 -4.44 7.76
CA ASN A 50 -5.49 -5.07 7.30
C ASN A 50 -6.56 -5.11 8.40
N ASN A 51 -7.46 -4.13 8.36
CA ASN A 51 -8.53 -4.05 9.35
C ASN A 51 -9.89 -3.81 8.68
N ALA A 52 -9.89 -2.92 7.69
CA ALA A 52 -11.10 -2.58 6.95
C ALA A 52 -12.26 -2.24 7.88
N SER A 53 -11.93 -1.77 9.09
CA SER A 53 -12.96 -1.41 10.06
C SER A 53 -13.18 0.09 10.05
N THR A 54 -12.09 0.84 10.14
CA THR A 54 -12.14 2.29 10.13
C THR A 54 -12.10 2.76 8.67
N GLU A 55 -12.29 4.05 8.46
CA GLU A 55 -12.28 4.60 7.10
C GLU A 55 -11.32 5.79 6.99
N LEU A 56 -10.76 5.97 5.80
CA LEU A 56 -9.84 7.07 5.55
C LEU A 56 -9.89 7.53 4.09
N VAL A 57 -9.68 8.82 3.86
CA VAL A 57 -9.72 9.37 2.52
C VAL A 57 -8.86 10.63 2.41
N TYR A 58 -8.35 10.88 1.21
CA TYR A 58 -7.53 12.05 0.95
C TYR A 58 -8.32 13.06 0.11
N LYS A 59 -8.06 14.35 0.32
CA LYS A 59 -8.78 15.38 -0.41
C LYS A 59 -7.94 16.62 -0.66
N ASN A 60 -7.47 17.24 0.43
CA ASN A 60 -6.66 18.47 0.38
C ASN A 60 -6.89 19.25 -0.93
N PRO A 61 -6.20 18.92 -2.06
CA PRO A 61 -6.43 19.61 -3.32
C PRO A 61 -7.63 19.04 -4.07
N ASN A 62 -8.71 19.80 -4.15
CA ASN A 62 -9.92 19.34 -4.83
C ASN A 62 -9.80 19.61 -6.33
N ARG A 63 -8.67 19.20 -6.92
CA ARG A 63 -8.44 19.39 -8.35
C ARG A 63 -6.99 19.04 -8.69
N ILE A 64 -6.81 18.11 -9.61
CA ILE A 64 -5.47 17.69 -10.02
C ILE A 64 -5.47 17.05 -11.40
N ASP A 65 -4.34 17.16 -12.10
CA ASP A 65 -4.20 16.59 -13.43
C ASP A 65 -3.09 15.54 -13.44
N VAL A 66 -3.46 14.30 -13.73
CA VAL A 66 -2.51 13.19 -13.78
C VAL A 66 -1.61 13.18 -12.54
N GLY A 67 -2.02 12.42 -11.53
CA GLY A 67 -1.25 12.33 -10.30
C GLY A 67 -2.03 11.80 -9.13
N THR A 68 -3.35 11.96 -9.17
CA THR A 68 -4.20 11.47 -8.09
C THR A 68 -4.03 9.97 -7.91
N TYR A 69 -3.33 9.57 -6.84
CA TYR A 69 -3.11 8.16 -6.57
C TYR A 69 -2.69 7.91 -5.13
N VAL A 70 -2.71 6.64 -4.73
CA VAL A 70 -2.33 6.26 -3.37
C VAL A 70 -1.81 4.82 -3.34
N GLY A 71 -1.63 4.32 -2.13
CA GLY A 71 -1.15 2.96 -1.94
C GLY A 71 -0.60 2.79 -0.54
N VAL A 72 0.65 2.40 -0.45
CA VAL A 72 1.28 2.23 0.83
C VAL A 72 2.78 1.95 0.71
N LYS A 73 3.60 2.86 1.24
CA LYS A 73 5.06 2.72 1.16
C LYS A 73 5.59 1.94 2.36
N TYR A 74 6.64 1.16 2.12
CA TYR A 74 7.23 0.35 3.18
C TYR A 74 8.56 0.95 3.65
N SER A 75 9.25 0.24 4.54
CA SER A 75 10.52 0.70 5.07
C SER A 75 11.67 -0.07 4.44
N ASN A 76 11.42 -1.33 4.06
CA ASN A 76 12.43 -2.17 3.44
C ASN A 76 11.79 -3.14 2.45
N PRO A 77 12.62 -3.85 1.65
CA PRO A 77 12.13 -4.80 0.65
C PRO A 77 11.61 -6.09 1.28
N ILE A 78 10.43 -6.53 0.83
CA ILE A 78 9.82 -7.76 1.33
C ILE A 78 9.18 -8.55 0.22
N THR A 79 9.41 -9.86 0.21
CA THR A 79 8.82 -10.73 -0.81
C THR A 79 7.32 -10.50 -0.89
N LEU A 80 6.91 -9.66 -1.83
CA LEU A 80 5.49 -9.34 -2.01
C LEU A 80 4.80 -10.41 -2.86
N ASN A 81 4.02 -11.27 -2.21
CA ASN A 81 3.31 -12.32 -2.92
C ASN A 81 2.20 -11.73 -3.77
N ASN A 82 1.66 -10.58 -3.35
CA ASN A 82 0.60 -9.91 -4.08
C ASN A 82 0.04 -8.73 -3.29
N VAL A 83 -0.05 -7.58 -3.95
CA VAL A 83 -0.60 -6.38 -3.33
C VAL A 83 -2.01 -6.13 -3.84
N GLU A 84 -2.89 -5.62 -2.98
CA GLU A 84 -4.26 -5.36 -3.39
C GLU A 84 -4.87 -4.17 -2.66
N PHE A 85 -5.12 -3.09 -3.40
CA PHE A 85 -5.74 -1.91 -2.81
C PHE A 85 -7.25 -2.00 -2.99
N LEU A 86 -7.96 -2.40 -1.93
CA LEU A 86 -9.41 -2.53 -1.99
C LEU A 86 -10.10 -1.27 -1.48
N MET A 87 -10.31 -0.32 -2.38
CA MET A 87 -10.97 0.93 -2.01
C MET A 87 -11.89 1.43 -3.12
N GLY A 88 -12.52 2.57 -2.88
CA GLY A 88 -13.42 3.15 -3.86
C GLY A 88 -13.40 4.67 -3.83
N ALA A 89 -14.40 5.26 -3.19
CA ALA A 89 -14.49 6.71 -3.08
C ALA A 89 -15.04 7.11 -1.72
N ASN A 90 -14.75 8.34 -1.31
CA ASN A 90 -15.21 8.83 -0.01
C ASN A 90 -16.70 9.17 -0.05
N SER A 91 -17.04 10.21 -0.81
CA SER A 91 -18.44 10.65 -0.93
C SER A 91 -19.03 10.21 -2.26
N ASN A 92 -18.44 10.71 -3.35
CA ASN A 92 -18.91 10.39 -4.69
C ASN A 92 -18.19 9.15 -5.24
N PRO A 93 -18.93 8.09 -5.60
CA PRO A 93 -18.35 6.86 -6.14
C PRO A 93 -17.48 7.12 -7.37
N ASN A 94 -17.68 8.26 -8.01
CA ASN A 94 -16.91 8.62 -9.20
C ASN A 94 -15.70 9.48 -8.83
N ASP A 95 -15.22 9.33 -7.60
CA ASP A 95 -14.08 10.11 -7.14
C ASP A 95 -12.84 9.21 -7.01
N THR A 96 -12.03 9.17 -8.07
CA THR A 96 -10.83 8.36 -8.07
C THR A 96 -10.05 8.57 -9.38
N MET A 97 -9.10 7.67 -9.64
CA MET A 97 -8.30 7.74 -10.86
C MET A 97 -9.19 8.03 -12.07
N GLN A 98 -8.60 8.53 -13.14
CA GLN A 98 -9.36 8.79 -14.35
C GLN A 98 -9.13 7.62 -15.30
N LYS A 99 -7.89 7.14 -15.29
CA LYS A 99 -7.49 5.98 -16.07
C LYS A 99 -6.03 5.67 -15.76
N ALA A 100 -5.73 4.45 -15.29
CA ALA A 100 -4.34 4.13 -14.96
C ALA A 100 -4.18 2.75 -14.33
N LYS A 101 -2.92 2.31 -14.28
CA LYS A 101 -2.55 1.03 -13.70
C LYS A 101 -1.90 1.30 -12.34
N ILE A 102 -1.42 0.26 -11.66
CA ILE A 102 -0.77 0.44 -10.36
C ILE A 102 0.75 0.46 -10.51
N GLN A 103 1.43 0.97 -9.49
CA GLN A 103 2.89 1.04 -9.52
C GLN A 103 3.51 0.51 -8.22
N TYR A 104 4.83 0.51 -8.18
CA TYR A 104 5.57 0.02 -7.01
C TYR A 104 7.06 0.35 -7.14
N THR A 105 7.71 0.67 -6.02
CA THR A 105 9.13 0.97 -6.04
C THR A 105 9.92 -0.23 -5.54
N VAL A 106 11.06 -0.49 -6.17
CA VAL A 106 11.88 -1.64 -5.79
C VAL A 106 12.92 -1.28 -4.73
N ASP A 107 13.80 -0.34 -5.05
CA ASP A 107 14.82 0.08 -4.11
C ASP A 107 14.40 1.31 -3.31
N GLY A 108 13.10 1.40 -3.01
CA GLY A 108 12.59 2.52 -2.25
C GLY A 108 13.06 3.85 -2.79
N ARG A 109 13.13 3.97 -4.11
CA ARG A 109 13.58 5.18 -4.76
C ARG A 109 12.70 5.52 -5.96
N GLU A 110 12.81 4.72 -7.01
CA GLU A 110 12.02 4.93 -8.21
C GLU A 110 10.75 4.08 -8.18
N TRP A 111 9.76 4.49 -8.95
CA TRP A 111 8.49 3.78 -9.00
C TRP A 111 8.16 3.39 -10.45
N ILE A 112 7.97 2.10 -10.68
CA ILE A 112 7.67 1.60 -12.02
C ILE A 112 6.29 0.94 -12.07
N ASP A 113 5.79 0.74 -13.29
CA ASP A 113 4.48 0.12 -13.51
C ASP A 113 4.33 -1.16 -12.69
N LEU A 114 3.08 -1.51 -12.39
CA LEU A 114 2.79 -2.71 -11.62
C LEU A 114 1.75 -3.59 -12.32
N GLU A 115 0.53 -3.08 -12.43
CA GLU A 115 -0.55 -3.83 -13.05
C GLU A 115 -0.77 -3.46 -14.50
N GLU A 116 -1.41 -4.38 -15.22
CA GLU A 116 -1.74 -4.19 -16.63
C GLU A 116 -2.31 -2.81 -16.86
N GLY A 117 -2.40 -2.40 -18.13
CA GLY A 117 -2.96 -1.10 -18.43
C GLY A 117 -4.42 -1.03 -17.99
N VAL A 118 -4.63 -1.18 -16.69
CA VAL A 118 -5.96 -1.15 -16.10
C VAL A 118 -6.43 0.27 -15.93
N GLU A 119 -7.73 0.43 -15.83
CA GLU A 119 -8.31 1.74 -15.66
C GLU A 119 -8.83 1.86 -14.23
N TYR A 120 -7.90 2.06 -13.30
CA TYR A 120 -8.25 2.18 -11.89
C TYR A 120 -8.98 3.50 -11.61
N THR A 121 -9.86 3.87 -12.53
CA THR A 121 -10.67 5.08 -12.38
C THR A 121 -12.00 4.70 -11.76
N MET A 122 -12.27 3.41 -11.76
CA MET A 122 -13.47 2.85 -11.16
C MET A 122 -13.09 1.58 -10.43
N PRO A 123 -11.97 1.63 -9.66
CA PRO A 123 -11.47 0.48 -8.93
C PRO A 123 -12.14 0.28 -7.57
N GLY A 124 -13.12 -0.61 -7.52
CA GLY A 124 -13.78 -0.88 -6.26
C GLY A 124 -12.93 -1.76 -5.39
N ALA A 125 -12.30 -2.74 -6.02
CA ALA A 125 -11.40 -3.66 -5.33
C ALA A 125 -10.22 -4.00 -6.20
N ILE A 126 -9.06 -3.48 -5.83
CA ILE A 126 -7.86 -3.71 -6.60
C ILE A 126 -7.00 -4.81 -5.98
N LYS A 127 -6.56 -5.75 -6.82
CA LYS A 127 -5.72 -6.84 -6.36
C LYS A 127 -4.76 -7.27 -7.46
N VAL A 128 -3.52 -7.57 -7.06
CA VAL A 128 -2.49 -7.99 -8.00
C VAL A 128 -1.97 -9.39 -7.65
N GLU A 129 -2.47 -10.39 -8.36
CA GLU A 129 -2.06 -11.77 -8.12
C GLU A 129 -0.83 -12.12 -8.96
N ASN A 130 -0.09 -13.15 -8.53
CA ASN A 130 1.10 -13.58 -9.24
C ASN A 130 2.13 -12.45 -9.33
N LEU A 131 2.52 -11.93 -8.16
CA LEU A 131 3.49 -10.85 -8.11
C LEU A 131 4.56 -11.13 -7.04
N ASP A 132 4.82 -12.41 -6.78
CA ASP A 132 5.81 -12.81 -5.79
C ASP A 132 7.17 -12.18 -6.11
N LEU A 133 7.41 -10.99 -5.57
CA LEU A 133 8.66 -10.27 -5.81
C LEU A 133 8.94 -9.28 -4.69
N LYS A 134 10.12 -9.38 -4.07
CA LYS A 134 10.49 -8.46 -3.02
C LYS A 134 10.36 -7.03 -3.53
N VAL A 135 9.77 -6.14 -2.74
CA VAL A 135 9.57 -4.78 -3.20
C VAL A 135 9.54 -3.79 -2.06
N ARG A 136 9.65 -2.53 -2.40
CA ARG A 136 9.57 -1.49 -1.42
C ARG A 136 8.30 -0.68 -1.69
N GLY A 137 7.51 -0.51 -0.67
CA GLY A 137 6.28 0.25 -0.79
C GLY A 137 5.38 -0.21 -1.92
N VAL A 138 4.30 0.54 -2.13
CA VAL A 138 3.31 0.25 -3.16
C VAL A 138 2.45 1.50 -3.42
N ARG A 139 1.98 1.68 -4.65
CA ARG A 139 1.18 2.85 -4.98
C ARG A 139 0.63 2.81 -6.39
N LEU A 140 -0.38 3.65 -6.63
CA LEU A 140 -1.03 3.76 -7.93
C LEU A 140 -0.50 4.98 -8.66
N ILE A 141 -0.64 5.00 -9.98
CA ILE A 141 -0.17 6.14 -10.78
C ILE A 141 -1.19 6.48 -11.87
N ALA A 142 -1.80 7.65 -11.75
CA ALA A 142 -2.79 8.10 -12.72
C ALA A 142 -2.13 8.69 -13.96
N THR A 143 -2.85 8.64 -15.07
CA THR A 143 -2.34 9.17 -16.33
C THR A 143 -3.33 10.15 -16.96
N GLU A 144 -4.11 10.82 -16.11
CA GLU A 144 -5.09 11.79 -16.57
C GLU A 144 -5.79 12.47 -15.41
N ALA A 145 -6.24 11.67 -14.45
CA ALA A 145 -6.94 12.20 -13.27
C ALA A 145 -8.11 13.08 -13.68
N ARG A 146 -8.83 13.58 -12.69
CA ARG A 146 -9.98 14.45 -12.93
C ARG A 146 -10.02 15.62 -11.96
N GLU A 147 -10.77 16.66 -12.32
CA GLU A 147 -10.88 17.85 -11.48
C GLU A 147 -11.96 17.66 -10.42
N ASN A 148 -11.79 18.34 -9.29
CA ASN A 148 -12.75 18.24 -8.18
C ASN A 148 -13.07 16.78 -7.88
N THR A 149 -12.16 16.11 -7.19
CA THR A 149 -12.35 14.70 -6.85
C THR A 149 -11.37 14.26 -5.77
N TRP A 150 -11.88 13.56 -4.77
CA TRP A 150 -11.06 13.06 -3.68
C TRP A 150 -10.68 11.60 -3.94
N LEU A 151 -10.05 10.98 -2.95
CA LEU A 151 -9.66 9.58 -3.06
C LEU A 151 -10.08 8.82 -1.80
N GLY A 152 -11.21 8.12 -1.90
CA GLY A 152 -11.70 7.36 -0.78
C GLY A 152 -11.00 6.03 -0.62
N VAL A 153 -10.96 5.51 0.61
CA VAL A 153 -10.30 4.24 0.87
C VAL A 153 -10.97 3.52 2.04
N ARG A 154 -11.09 2.20 1.91
CA ARG A 154 -11.70 1.39 2.95
C ARG A 154 -10.73 0.34 3.48
N ASP A 155 -9.97 -0.26 2.57
CA ASP A 155 -9.00 -1.28 2.95
C ASP A 155 -7.96 -1.50 1.85
N ILE A 156 -6.83 -2.07 2.24
CA ILE A 156 -5.74 -2.35 1.31
C ILE A 156 -4.53 -2.91 2.05
N ASN A 157 -4.28 -4.20 1.87
CA ASN A 157 -3.17 -4.87 2.53
C ASN A 157 -2.47 -5.84 1.58
N VAL A 158 -1.20 -6.10 1.84
CA VAL A 158 -0.43 -7.01 1.00
C VAL A 158 -0.23 -8.35 1.69
N ASN A 159 -0.23 -9.43 0.90
CA ASN A 159 -0.06 -10.77 1.44
C ASN A 159 -1.24 -11.16 2.33
N LYS A 160 -2.45 -11.06 1.79
CA LYS A 160 -3.65 -11.39 2.53
C LYS A 160 -3.88 -12.91 2.56
N LYS A 161 -3.11 -13.60 3.38
CA LYS A 161 -3.22 -15.04 3.50
C LYS A 161 -2.92 -15.72 2.16
N GLU A 162 -1.93 -15.19 1.44
CA GLU A 162 -1.57 -15.74 0.14
C GLU A 162 -2.73 -15.68 -0.83
N ASP A 163 -2.96 -14.50 -1.41
CA ASP A 163 -4.04 -14.31 -2.36
C ASP A 163 -3.70 -14.94 -3.70
N SER A 164 -4.73 -15.25 -4.49
CA SER A 164 -4.54 -15.87 -5.80
C SER A 164 -5.86 -15.96 -6.54
N MET A 1 20.10 -30.56 12.70
CA MET A 1 21.11 -31.58 13.06
C MET A 1 22.48 -31.24 12.48
N GLY A 2 23.53 -31.82 13.05
CA GLY A 2 24.87 -31.56 12.58
C GLY A 2 25.65 -30.65 13.51
N SER A 3 26.85 -31.06 13.89
CA SER A 3 27.69 -30.27 14.78
C SER A 3 28.62 -29.36 13.99
N SER A 4 28.07 -28.23 13.53
CA SER A 4 28.86 -27.27 12.76
C SER A 4 28.13 -25.93 12.66
N HIS A 5 28.34 -25.08 13.65
CA HIS A 5 27.70 -23.77 13.67
C HIS A 5 28.58 -22.71 13.00
N HIS A 6 28.37 -22.52 11.70
CA HIS A 6 29.15 -21.55 10.94
C HIS A 6 28.24 -20.66 10.11
N HIS A 7 27.41 -21.29 9.27
CA HIS A 7 26.48 -20.55 8.41
C HIS A 7 25.29 -21.41 8.03
N HIS A 8 24.27 -21.40 8.88
CA HIS A 8 23.06 -22.19 8.64
C HIS A 8 22.18 -21.51 7.58
N HIS A 9 22.63 -21.54 6.33
CA HIS A 9 21.89 -20.92 5.23
C HIS A 9 21.74 -19.42 5.44
N HIS A 10 20.79 -19.03 6.27
CA HIS A 10 20.56 -17.61 6.55
C HIS A 10 19.47 -17.44 7.60
N SER A 11 19.25 -16.20 8.02
CA SER A 11 18.24 -15.89 9.02
C SER A 11 18.13 -14.39 9.25
N SER A 12 16.93 -13.93 9.60
CA SER A 12 16.69 -12.52 9.84
C SER A 12 16.69 -12.22 11.34
N GLY A 13 15.67 -12.72 12.04
CA GLY A 13 15.58 -12.50 13.47
C GLY A 13 15.30 -11.04 13.81
N LEU A 14 16.33 -10.21 13.69
CA LEU A 14 16.20 -8.79 13.99
C LEU A 14 15.81 -8.58 15.45
N VAL A 15 16.79 -8.26 16.29
CA VAL A 15 16.55 -8.03 17.70
C VAL A 15 17.18 -6.72 18.16
N PRO A 16 16.44 -5.60 18.05
CA PRO A 16 16.93 -4.28 18.46
C PRO A 16 17.48 -4.28 19.88
N ARG A 17 16.62 -4.60 20.84
CA ARG A 17 17.01 -4.64 22.24
C ARG A 17 15.87 -5.15 23.12
N GLY A 18 14.81 -4.36 23.21
CA GLY A 18 13.67 -4.74 24.02
C GLY A 18 12.41 -3.96 23.67
N SER A 19 11.74 -3.45 24.70
CA SER A 19 10.53 -2.67 24.50
C SER A 19 10.79 -1.18 24.70
N HIS A 20 11.32 -0.52 23.65
CA HIS A 20 11.61 0.90 23.72
C HIS A 20 11.87 1.46 22.32
N MET A 21 11.19 0.90 21.33
CA MET A 21 11.34 1.34 19.94
C MET A 21 9.98 1.68 19.33
N ALA A 22 9.21 0.64 19.02
CA ALA A 22 7.89 0.82 18.43
C ALA A 22 7.15 -0.51 18.31
N SER A 23 6.97 -1.18 19.44
CA SER A 23 6.29 -2.47 19.46
C SER A 23 7.02 -3.49 18.59
N ASP A 24 8.33 -3.37 18.54
CA ASP A 24 9.15 -4.29 17.74
C ASP A 24 8.75 -4.24 16.27
N PRO A 25 9.63 -4.72 15.37
CA PRO A 25 9.37 -4.72 13.93
C PRO A 25 8.27 -5.70 13.55
N ASN A 26 8.35 -6.92 14.07
CA ASN A 26 7.37 -7.95 13.79
C ASN A 26 7.36 -8.30 12.30
N ARG A 27 6.70 -7.47 11.50
CA ARG A 27 6.61 -7.70 10.06
C ARG A 27 6.89 -6.41 9.29
N ILE A 28 6.69 -6.46 7.97
CA ILE A 28 6.91 -5.29 7.13
C ILE A 28 5.90 -4.18 7.46
N ILE A 29 6.41 -2.99 7.71
CA ILE A 29 5.57 -1.84 8.04
C ILE A 29 5.00 -1.18 6.79
N ALA A 30 3.76 -1.52 6.46
CA ALA A 30 3.11 -0.94 5.29
C ALA A 30 2.43 0.38 5.65
N THR A 31 3.12 1.48 5.36
CA THR A 31 2.58 2.80 5.64
C THR A 31 1.87 3.40 4.44
N TYR A 32 0.60 3.67 4.60
CA TYR A 32 -0.21 4.24 3.55
C TYR A 32 0.44 5.49 2.96
N ILE A 33 0.39 5.61 1.63
CA ILE A 33 0.94 6.78 0.93
C ILE A 33 -0.15 7.51 0.16
N SER A 34 0.23 8.61 -0.49
CA SER A 34 -0.71 9.37 -1.29
C SER A 34 -0.03 10.54 -1.97
N ASN A 35 -0.24 10.67 -3.27
CA ASN A 35 0.35 11.76 -4.04
C ASN A 35 -0.11 13.11 -3.47
N ARG A 36 -1.34 13.12 -2.99
CA ARG A 36 -1.93 14.32 -2.41
C ARG A 36 -1.21 14.71 -1.11
N GLN A 37 -1.01 16.01 -0.92
CA GLN A 37 -0.34 16.51 0.27
C GLN A 37 -1.29 16.52 1.48
N ASP A 38 -2.53 16.13 1.26
CA ASP A 38 -3.52 16.10 2.33
C ASP A 38 -3.31 14.90 3.24
N ALA A 39 -3.41 15.12 4.55
CA ALA A 39 -3.23 14.05 5.52
C ALA A 39 -4.38 13.05 5.48
N PRO A 40 -4.14 11.81 5.90
CA PRO A 40 -5.18 10.77 5.91
C PRO A 40 -6.24 11.04 6.97
N THR A 41 -7.48 11.18 6.53
CA THR A 41 -8.59 11.43 7.45
C THR A 41 -8.74 10.30 8.45
N GLY A 42 -9.43 10.57 9.56
CA GLY A 42 -9.63 9.56 10.58
C GLY A 42 -8.38 8.76 10.88
N ASN A 43 -8.25 7.60 10.25
CA ASN A 43 -7.09 6.75 10.46
C ASN A 43 -6.91 5.78 9.30
N PRO A 44 -5.77 5.87 8.59
CA PRO A 44 -5.47 4.97 7.45
C PRO A 44 -5.09 3.57 7.93
N ASP A 45 -5.06 3.38 9.25
CA ASP A 45 -4.71 2.09 9.85
C ASP A 45 -5.28 0.92 9.05
N ASN A 46 -6.43 1.13 8.42
CA ASN A 46 -7.08 0.09 7.62
C ASN A 46 -6.05 -0.60 6.72
N ILE A 47 -5.03 0.15 6.32
CA ILE A 47 -3.99 -0.37 5.44
C ILE A 47 -2.71 -0.70 6.21
N PHE A 48 -2.48 0.01 7.31
CA PHE A 48 -1.28 -0.22 8.11
C PHE A 48 -1.16 -1.69 8.50
N ASP A 49 -2.24 -2.23 9.07
CA ASP A 49 -2.26 -3.62 9.50
C ASP A 49 -3.53 -4.32 9.05
N ASN A 50 -4.00 -3.97 7.85
CA ASN A 50 -5.21 -4.56 7.28
C ASN A 50 -6.34 -4.66 8.32
N ASN A 51 -7.21 -3.65 8.33
CA ASN A 51 -8.33 -3.63 9.27
C ASN A 51 -9.64 -3.40 8.54
N ALA A 52 -9.67 -2.38 7.68
CA ALA A 52 -10.86 -2.07 6.90
C ALA A 52 -12.03 -1.70 7.81
N SER A 53 -11.72 -1.20 9.01
CA SER A 53 -12.75 -0.81 9.96
C SER A 53 -12.85 0.72 10.04
N THR A 54 -11.70 1.36 10.00
CA THR A 54 -11.63 2.81 10.04
C THR A 54 -11.79 3.40 8.63
N GLU A 55 -11.93 4.71 8.54
CA GLU A 55 -12.09 5.38 7.25
C GLU A 55 -10.79 6.03 6.81
N LEU A 56 -10.68 6.32 5.51
CA LEU A 56 -9.48 6.93 4.96
C LEU A 56 -9.73 7.51 3.58
N VAL A 57 -9.61 8.84 3.48
CA VAL A 57 -9.80 9.54 2.21
C VAL A 57 -9.02 10.86 2.22
N TYR A 58 -8.55 11.26 1.04
CA TYR A 58 -7.79 12.50 0.91
C TYR A 58 -8.64 13.55 0.21
N LYS A 59 -8.11 14.75 0.04
CA LYS A 59 -8.87 15.82 -0.62
C LYS A 59 -8.01 16.66 -1.55
N ASN A 60 -6.98 17.32 -1.00
CA ASN A 60 -6.09 18.15 -1.81
C ASN A 60 -6.94 19.05 -2.75
N PRO A 61 -6.32 19.87 -3.61
CA PRO A 61 -7.09 20.72 -4.52
C PRO A 61 -8.14 19.90 -5.27
N ASN A 62 -9.40 20.12 -4.95
CA ASN A 62 -10.52 19.39 -5.57
C ASN A 62 -10.24 19.05 -7.04
N ARG A 63 -9.56 19.96 -7.73
CA ARG A 63 -9.21 19.77 -9.13
C ARG A 63 -7.72 19.54 -9.29
N ILE A 64 -7.36 18.41 -9.89
CA ILE A 64 -5.96 18.07 -10.11
C ILE A 64 -5.76 17.28 -11.39
N ASP A 65 -4.62 17.48 -12.05
CA ASP A 65 -4.32 16.78 -13.30
C ASP A 65 -3.08 15.92 -13.15
N VAL A 66 -3.26 14.61 -13.30
CA VAL A 66 -2.16 13.66 -13.20
C VAL A 66 -1.50 13.71 -11.82
N GLY A 67 -1.10 12.54 -11.33
CA GLY A 67 -0.46 12.48 -10.03
C GLY A 67 -1.37 11.94 -8.94
N THR A 68 -2.65 12.23 -9.06
CA THR A 68 -3.62 11.77 -8.07
C THR A 68 -3.53 10.25 -7.92
N TYR A 69 -2.86 9.79 -6.87
CA TYR A 69 -2.70 8.36 -6.64
C TYR A 69 -2.31 8.06 -5.19
N VAL A 70 -2.40 6.79 -4.81
CA VAL A 70 -2.05 6.37 -3.46
C VAL A 70 -1.57 4.92 -3.42
N GLY A 71 -1.42 4.40 -2.22
CA GLY A 71 -0.99 3.04 -2.00
C GLY A 71 -0.53 2.82 -0.59
N VAL A 72 0.69 2.34 -0.43
CA VAL A 72 1.24 2.14 0.89
C VAL A 72 2.73 1.74 0.82
N LYS A 73 3.59 2.52 1.47
CA LYS A 73 5.03 2.25 1.44
C LYS A 73 5.47 1.32 2.56
N TYR A 74 6.49 0.52 2.28
CA TYR A 74 7.01 -0.43 3.26
C TYR A 74 8.34 0.07 3.85
N SER A 75 8.98 -0.78 4.65
CA SER A 75 10.24 -0.42 5.27
C SER A 75 11.43 -0.95 4.47
N ASN A 76 11.43 -2.27 4.25
CA ASN A 76 12.51 -2.91 3.50
C ASN A 76 11.93 -3.84 2.43
N PRO A 77 12.78 -4.31 1.50
CA PRO A 77 12.33 -5.21 0.42
C PRO A 77 11.63 -6.44 0.99
N ILE A 78 10.53 -6.84 0.35
CA ILE A 78 9.76 -7.99 0.81
C ILE A 78 9.12 -8.73 -0.36
N THR A 79 9.29 -10.06 -0.38
CA THR A 79 8.70 -10.87 -1.43
C THR A 79 7.18 -10.76 -1.40
N LEU A 80 6.64 -9.87 -2.23
CA LEU A 80 5.21 -9.66 -2.29
C LEU A 80 4.55 -10.65 -3.22
N ASN A 81 3.82 -11.61 -2.64
CA ASN A 81 3.14 -12.62 -3.44
C ASN A 81 1.98 -12.01 -4.21
N ASN A 82 1.48 -10.88 -3.74
CA ASN A 82 0.37 -10.20 -4.40
C ASN A 82 -0.05 -8.94 -3.63
N VAL A 83 -0.17 -7.83 -4.35
CA VAL A 83 -0.58 -6.57 -3.75
C VAL A 83 -2.03 -6.25 -4.13
N GLU A 84 -2.78 -5.69 -3.20
CA GLU A 84 -4.18 -5.39 -3.47
C GLU A 84 -4.69 -4.19 -2.67
N PHE A 85 -5.16 -3.16 -3.37
CA PHE A 85 -5.72 -1.98 -2.70
C PHE A 85 -7.25 -2.04 -2.77
N LEU A 86 -7.87 -2.46 -1.67
CA LEU A 86 -9.33 -2.55 -1.61
C LEU A 86 -9.92 -1.22 -1.20
N MET A 87 -10.30 -0.41 -2.18
CA MET A 87 -10.85 0.90 -1.90
C MET A 87 -11.98 1.27 -2.85
N GLY A 88 -12.70 2.34 -2.50
CA GLY A 88 -13.79 2.84 -3.32
C GLY A 88 -13.71 4.34 -3.47
N ALA A 89 -14.58 5.05 -2.75
CA ALA A 89 -14.59 6.50 -2.79
C ALA A 89 -14.90 7.09 -1.42
N ASN A 90 -14.84 8.40 -1.31
CA ASN A 90 -15.14 9.08 -0.05
C ASN A 90 -16.65 9.15 0.17
N SER A 91 -17.34 9.85 -0.72
CA SER A 91 -18.78 10.00 -0.64
C SER A 91 -19.46 9.09 -1.68
N ASN A 92 -19.09 9.29 -2.94
CA ASN A 92 -19.64 8.52 -4.04
C ASN A 92 -18.54 7.69 -4.72
N PRO A 93 -18.69 6.36 -4.77
CA PRO A 93 -17.71 5.46 -5.38
C PRO A 93 -16.99 6.04 -6.60
N ASN A 94 -17.69 6.89 -7.34
CA ASN A 94 -17.10 7.52 -8.53
C ASN A 94 -15.86 8.33 -8.18
N ASP A 95 -15.73 8.71 -6.91
CA ASP A 95 -14.58 9.49 -6.46
C ASP A 95 -13.33 8.64 -6.36
N THR A 96 -12.49 8.71 -7.39
CA THR A 96 -11.25 7.95 -7.42
C THR A 96 -10.44 8.28 -8.68
N MET A 97 -9.46 7.45 -8.99
CA MET A 97 -8.64 7.64 -10.18
C MET A 97 -9.50 7.97 -11.38
N GLN A 98 -8.92 8.57 -12.40
CA GLN A 98 -9.67 8.88 -13.60
C GLN A 98 -9.38 7.79 -14.62
N LYS A 99 -8.12 7.36 -14.62
CA LYS A 99 -7.65 6.27 -15.47
C LYS A 99 -6.18 6.00 -15.14
N ALA A 100 -5.84 4.77 -14.74
CA ALA A 100 -4.44 4.49 -14.41
C ALA A 100 -4.22 3.07 -13.89
N LYS A 101 -2.95 2.66 -13.93
CA LYS A 101 -2.52 1.35 -13.45
C LYS A 101 -1.78 1.52 -12.12
N ILE A 102 -1.41 0.44 -11.46
CA ILE A 102 -0.69 0.54 -10.19
C ILE A 102 0.81 0.38 -10.39
N GLN A 103 1.59 0.82 -9.41
CA GLN A 103 3.05 0.75 -9.48
C GLN A 103 3.66 0.30 -8.15
N TYR A 104 4.99 0.40 -8.07
CA TYR A 104 5.73 0.01 -6.86
C TYR A 104 7.17 0.49 -6.94
N THR A 105 7.83 0.61 -5.79
CA THR A 105 9.22 1.03 -5.76
C THR A 105 10.11 -0.13 -5.33
N VAL A 106 11.27 -0.26 -5.97
CA VAL A 106 12.19 -1.35 -5.67
C VAL A 106 13.17 -1.00 -4.55
N ASP A 107 13.98 0.03 -4.78
CA ASP A 107 14.96 0.45 -3.79
C ASP A 107 14.43 1.61 -2.95
N GLY A 108 13.14 1.58 -2.66
CA GLY A 108 12.54 2.64 -1.86
C GLY A 108 12.92 4.02 -2.33
N ARG A 109 13.16 4.14 -3.64
CA ARG A 109 13.55 5.41 -4.23
C ARG A 109 12.68 5.73 -5.44
N GLU A 110 12.88 4.98 -6.52
CA GLU A 110 12.11 5.17 -7.74
C GLU A 110 10.83 4.33 -7.71
N TRP A 111 9.92 4.63 -8.62
CA TRP A 111 8.66 3.89 -8.70
C TRP A 111 8.34 3.53 -10.14
N ILE A 112 8.21 2.24 -10.41
CA ILE A 112 7.92 1.74 -11.75
C ILE A 112 6.57 1.04 -11.81
N ASP A 113 5.95 1.06 -13.00
CA ASP A 113 4.65 0.44 -13.20
C ASP A 113 4.57 -0.93 -12.52
N LEU A 114 3.36 -1.31 -12.12
CA LEU A 114 3.14 -2.59 -11.44
C LEU A 114 2.02 -3.39 -12.10
N GLU A 115 0.86 -2.75 -12.24
CA GLU A 115 -0.29 -3.41 -12.83
C GLU A 115 -0.51 -3.01 -14.30
N GLU A 116 -1.17 -3.91 -15.01
CA GLU A 116 -1.49 -3.70 -16.43
C GLU A 116 -2.10 -2.32 -16.62
N GLY A 117 -2.20 -1.88 -17.86
CA GLY A 117 -2.79 -0.59 -18.14
C GLY A 117 -4.26 -0.56 -17.75
N VAL A 118 -4.51 -0.77 -16.47
CA VAL A 118 -5.87 -0.81 -15.93
C VAL A 118 -6.37 0.60 -15.68
N GLU A 119 -7.68 0.73 -15.64
CA GLU A 119 -8.30 2.00 -15.39
C GLU A 119 -8.88 2.01 -13.98
N TYR A 120 -7.99 2.17 -13.01
CA TYR A 120 -8.38 2.17 -11.61
C TYR A 120 -9.15 3.43 -11.25
N THR A 121 -10.05 3.81 -12.16
CA THR A 121 -10.91 4.97 -11.95
C THR A 121 -12.21 4.50 -11.34
N MET A 122 -12.42 3.20 -11.42
CA MET A 122 -13.60 2.56 -10.86
C MET A 122 -13.16 1.26 -10.17
N PRO A 123 -12.05 1.33 -9.41
CA PRO A 123 -11.50 0.16 -8.71
C PRO A 123 -12.17 -0.11 -7.37
N GLY A 124 -13.12 -1.04 -7.34
CA GLY A 124 -13.77 -1.38 -6.10
C GLY A 124 -12.81 -2.10 -5.19
N ALA A 125 -12.17 -3.12 -5.74
CA ALA A 125 -11.19 -3.90 -5.01
C ALA A 125 -10.04 -4.28 -5.93
N ILE A 126 -8.89 -3.64 -5.72
CA ILE A 126 -7.74 -3.92 -6.54
C ILE A 126 -6.85 -4.99 -5.94
N LYS A 127 -6.46 -5.96 -6.76
CA LYS A 127 -5.61 -7.05 -6.32
C LYS A 127 -4.88 -7.68 -7.49
N VAL A 128 -3.58 -7.88 -7.34
CA VAL A 128 -2.76 -8.49 -8.39
C VAL A 128 -2.17 -9.81 -7.94
N GLU A 129 -2.36 -10.85 -8.76
CA GLU A 129 -1.85 -12.18 -8.44
C GLU A 129 -0.60 -12.48 -9.25
N ASN A 130 0.14 -13.51 -8.84
CA ASN A 130 1.36 -13.90 -9.53
C ASN A 130 2.37 -12.76 -9.54
N LEU A 131 2.39 -12.00 -8.46
CA LEU A 131 3.32 -10.87 -8.34
C LEU A 131 4.43 -11.17 -7.35
N ASP A 132 4.67 -12.47 -7.10
CA ASP A 132 5.71 -12.88 -6.16
C ASP A 132 7.06 -12.27 -6.52
N LEU A 133 7.33 -11.09 -5.98
CA LEU A 133 8.58 -10.39 -6.26
C LEU A 133 8.91 -9.42 -5.13
N LYS A 134 10.14 -9.47 -4.63
CA LYS A 134 10.55 -8.56 -3.56
C LYS A 134 10.32 -7.13 -4.02
N VAL A 135 9.67 -6.33 -3.19
CA VAL A 135 9.37 -4.97 -3.57
C VAL A 135 9.36 -4.04 -2.38
N ARG A 136 9.50 -2.76 -2.65
CA ARG A 136 9.44 -1.78 -1.60
C ARG A 136 8.19 -0.96 -1.78
N GLY A 137 7.41 -0.86 -0.71
CA GLY A 137 6.18 -0.09 -0.75
C GLY A 137 5.29 -0.44 -1.93
N VAL A 138 4.18 0.29 -2.04
CA VAL A 138 3.21 0.11 -3.11
C VAL A 138 2.49 1.43 -3.39
N ARG A 139 2.04 1.63 -4.63
CA ARG A 139 1.36 2.86 -5.00
C ARG A 139 0.79 2.82 -6.41
N LEU A 140 -0.11 3.74 -6.68
CA LEU A 140 -0.76 3.85 -7.97
C LEU A 140 -0.24 5.09 -8.72
N ILE A 141 -0.40 5.11 -10.04
CA ILE A 141 0.06 6.24 -10.83
C ILE A 141 -1.01 6.68 -11.83
N ALA A 142 -1.56 7.87 -11.63
CA ALA A 142 -2.58 8.41 -12.50
C ALA A 142 -2.02 8.77 -13.87
N THR A 143 -2.90 8.99 -14.84
CA THR A 143 -2.50 9.33 -16.20
C THR A 143 -3.19 10.60 -16.67
N GLU A 144 -4.47 10.73 -16.36
CA GLU A 144 -5.25 11.90 -16.77
C GLU A 144 -5.91 12.58 -15.57
N ALA A 145 -6.46 11.77 -14.67
CA ALA A 145 -7.14 12.30 -13.49
C ALA A 145 -8.32 13.16 -13.87
N ARG A 146 -9.09 13.59 -12.86
CA ARG A 146 -10.27 14.42 -13.10
C ARG A 146 -10.31 15.60 -12.14
N GLU A 147 -11.18 16.57 -12.42
CA GLU A 147 -11.32 17.75 -11.59
C GLU A 147 -12.37 17.53 -10.50
N ASN A 148 -12.31 18.35 -9.45
CA ASN A 148 -13.25 18.25 -8.34
C ASN A 148 -13.49 16.80 -7.94
N THR A 149 -12.48 16.18 -7.34
CA THR A 149 -12.58 14.79 -6.93
C THR A 149 -11.57 14.46 -5.83
N TRP A 150 -12.02 13.71 -4.84
CA TRP A 150 -11.15 13.31 -3.73
C TRP A 150 -10.61 11.90 -3.98
N LEU A 151 -9.93 11.36 -2.97
CA LEU A 151 -9.38 10.02 -3.05
C LEU A 151 -9.85 9.20 -1.86
N GLY A 152 -10.89 8.40 -2.05
CA GLY A 152 -11.42 7.59 -0.99
C GLY A 152 -10.65 6.29 -0.81
N VAL A 153 -10.75 5.69 0.37
CA VAL A 153 -10.06 4.45 0.65
C VAL A 153 -10.84 3.60 1.65
N ARG A 154 -10.68 2.28 1.55
CA ARG A 154 -11.36 1.35 2.44
C ARG A 154 -10.36 0.44 3.14
N ASP A 155 -9.44 -0.12 2.37
CA ASP A 155 -8.42 -1.03 2.92
C ASP A 155 -7.47 -1.52 1.84
N ILE A 156 -6.29 -1.97 2.26
CA ILE A 156 -5.29 -2.51 1.34
C ILE A 156 -4.61 -3.72 1.95
N ASN A 157 -4.31 -4.71 1.13
CA ASN A 157 -3.66 -5.93 1.61
C ASN A 157 -2.39 -6.21 0.82
N VAL A 158 -1.38 -6.74 1.51
CA VAL A 158 -0.11 -7.07 0.88
C VAL A 158 0.45 -8.37 1.42
N ASN A 159 0.39 -9.42 0.61
CA ASN A 159 0.89 -10.73 1.01
C ASN A 159 0.02 -11.35 2.08
N LYS A 160 -1.14 -11.86 1.67
CA LYS A 160 -2.08 -12.49 2.59
C LYS A 160 -2.83 -13.63 1.92
N LYS A 161 -2.10 -14.45 1.16
CA LYS A 161 -2.69 -15.58 0.46
C LYS A 161 -3.74 -15.11 -0.54
N GLU A 162 -3.42 -15.23 -1.83
CA GLU A 162 -4.32 -14.82 -2.90
C GLU A 162 -4.94 -13.46 -2.61
N ASP A 163 -4.15 -12.56 -2.02
CA ASP A 163 -4.62 -11.22 -1.69
C ASP A 163 -5.67 -11.27 -0.58
N SER A 164 -6.84 -11.81 -0.90
CA SER A 164 -7.92 -11.91 0.07
C SER A 164 -7.65 -13.02 1.08
N MET A 1 -5.60 30.39 13.50
CA MET A 1 -4.18 30.21 13.89
C MET A 1 -3.35 31.43 13.51
N GLY A 2 -3.92 32.62 13.67
CA GLY A 2 -3.22 33.83 13.33
C GLY A 2 -3.03 34.75 14.54
N SER A 3 -2.97 34.15 15.73
CA SER A 3 -2.79 34.91 16.96
C SER A 3 -1.37 34.77 17.48
N SER A 4 -1.06 33.60 18.05
CA SER A 4 0.26 33.35 18.59
C SER A 4 1.11 32.54 17.62
N HIS A 5 0.88 32.77 16.32
CA HIS A 5 1.62 32.06 15.28
C HIS A 5 2.79 32.90 14.79
N HIS A 6 3.40 32.47 13.69
CA HIS A 6 4.54 33.17 13.11
C HIS A 6 5.71 33.22 14.09
N HIS A 7 6.56 32.20 14.03
CA HIS A 7 7.72 32.12 14.91
C HIS A 7 8.94 31.60 14.16
N HIS A 8 9.01 31.90 12.87
CA HIS A 8 10.12 31.47 12.04
C HIS A 8 10.00 32.02 10.62
N HIS A 9 10.43 33.26 10.43
CA HIS A 9 10.37 33.91 9.13
C HIS A 9 11.18 33.14 8.09
N HIS A 10 12.29 32.57 8.53
CA HIS A 10 13.15 31.79 7.65
C HIS A 10 12.96 30.30 7.87
N SER A 11 13.76 29.50 7.16
CA SER A 11 13.68 28.05 7.28
C SER A 11 13.94 27.60 8.72
N SER A 12 13.32 26.49 9.11
CA SER A 12 13.49 25.95 10.46
C SER A 12 14.95 25.60 10.72
N GLY A 13 15.32 25.54 12.00
CA GLY A 13 16.69 25.21 12.36
C GLY A 13 16.87 23.73 12.64
N LEU A 14 15.82 23.09 13.15
CA LEU A 14 15.87 21.67 13.47
C LEU A 14 14.90 20.88 12.59
N VAL A 15 15.18 19.59 12.42
CA VAL A 15 14.33 18.73 11.61
C VAL A 15 14.43 17.28 12.06
N PRO A 16 13.30 16.56 12.09
CA PRO A 16 13.28 15.14 12.51
C PRO A 16 14.29 14.30 11.75
N ARG A 17 15.02 13.45 12.48
CA ARG A 17 16.03 12.59 11.87
C ARG A 17 15.55 11.15 11.85
N GLY A 18 16.00 10.40 10.83
CA GLY A 18 15.61 9.01 10.70
C GLY A 18 16.19 8.15 11.81
N SER A 19 17.36 7.58 11.55
CA SER A 19 18.03 6.72 12.52
C SER A 19 17.26 5.42 12.72
N HIS A 20 16.07 5.51 13.32
CA HIS A 20 15.24 4.35 13.57
C HIS A 20 15.96 3.35 14.48
N MET A 21 15.95 3.63 15.77
CA MET A 21 16.60 2.76 16.75
C MET A 21 15.90 2.83 18.09
N ALA A 22 16.53 2.25 19.12
CA ALA A 22 15.97 2.24 20.47
C ALA A 22 14.71 1.37 20.54
N SER A 23 13.64 1.83 19.89
CA SER A 23 12.39 1.09 19.88
C SER A 23 12.58 -0.30 19.27
N ASP A 24 13.50 -0.40 18.32
CA ASP A 24 13.77 -1.67 17.65
C ASP A 24 12.52 -2.19 16.95
N PRO A 25 12.30 -1.79 15.69
CA PRO A 25 11.14 -2.23 14.90
C PRO A 25 11.23 -3.70 14.52
N ASN A 26 10.08 -4.29 14.21
CA ASN A 26 10.03 -5.70 13.83
C ASN A 26 9.23 -5.88 12.54
N ARG A 27 9.76 -6.71 11.64
CA ARG A 27 9.11 -6.96 10.35
C ARG A 27 8.96 -5.68 9.55
N ILE A 28 8.54 -5.81 8.30
CA ILE A 28 8.36 -4.66 7.42
C ILE A 28 6.96 -4.07 7.58
N ILE A 29 6.90 -2.77 7.85
CA ILE A 29 5.64 -2.08 8.02
C ILE A 29 5.19 -1.46 6.69
N ALA A 30 3.90 -1.16 6.59
CA ALA A 30 3.34 -0.57 5.38
C ALA A 30 2.63 0.74 5.70
N THR A 31 3.23 1.86 5.28
CA THR A 31 2.65 3.17 5.52
C THR A 31 1.95 3.70 4.29
N TYR A 32 0.69 4.02 4.44
CA TYR A 32 -0.12 4.55 3.35
C TYR A 32 0.53 5.80 2.72
N ILE A 33 0.52 5.86 1.39
CA ILE A 33 1.08 7.00 0.65
C ILE A 33 -0.01 7.75 -0.09
N SER A 34 0.39 8.76 -0.86
CA SER A 34 -0.56 9.53 -1.65
C SER A 34 0.14 10.59 -2.49
N ASN A 35 -0.46 10.90 -3.65
CA ASN A 35 0.08 11.91 -4.55
C ASN A 35 -0.82 13.15 -4.57
N ARG A 36 -2.07 12.96 -4.16
CA ARG A 36 -3.05 14.04 -4.12
C ARG A 36 -2.64 15.14 -3.14
N GLN A 37 -1.69 14.83 -2.26
CA GLN A 37 -1.23 15.79 -1.27
C GLN A 37 -2.31 16.04 -0.21
N ASP A 38 -3.10 15.01 0.05
CA ASP A 38 -4.18 15.10 1.03
C ASP A 38 -3.94 14.14 2.18
N ALA A 39 -3.70 14.68 3.37
CA ALA A 39 -3.46 13.86 4.55
C ALA A 39 -4.61 12.88 4.78
N PRO A 40 -4.30 11.63 5.15
CA PRO A 40 -5.31 10.61 5.41
C PRO A 40 -6.25 11.00 6.54
N THR A 41 -7.54 11.10 6.24
CA THR A 41 -8.52 11.47 7.24
C THR A 41 -8.90 10.26 8.10
N GLY A 42 -9.86 10.47 9.01
CA GLY A 42 -10.30 9.40 9.88
C GLY A 42 -9.15 8.61 10.48
N ASN A 43 -8.90 7.42 9.92
CA ASN A 43 -7.82 6.57 10.40
C ASN A 43 -7.41 5.57 9.33
N PRO A 44 -6.24 5.79 8.68
CA PRO A 44 -5.75 4.88 7.64
C PRO A 44 -5.11 3.63 8.23
N ASP A 45 -5.09 3.55 9.57
CA ASP A 45 -4.53 2.41 10.27
C ASP A 45 -4.95 1.09 9.61
N ASN A 46 -6.22 1.01 9.23
CA ASN A 46 -6.74 -0.19 8.57
C ASN A 46 -5.79 -0.62 7.46
N ILE A 47 -5.26 0.37 6.77
CA ILE A 47 -4.35 0.14 5.66
C ILE A 47 -2.94 -0.16 6.16
N PHE A 48 -2.56 0.49 7.26
CA PHE A 48 -1.23 0.31 7.82
C PHE A 48 -0.93 -1.16 8.09
N ASP A 49 -1.84 -1.85 8.77
CA ASP A 49 -1.63 -3.26 9.10
C ASP A 49 -2.80 -4.12 8.64
N ASN A 50 -3.33 -3.83 7.44
CA ASN A 50 -4.45 -4.58 6.88
C ASN A 50 -5.51 -4.91 7.94
N ASN A 51 -6.54 -4.06 8.01
CA ASN A 51 -7.63 -4.25 8.96
C ASN A 51 -8.66 -3.13 8.80
N ALA A 52 -9.54 -3.28 7.82
CA ALA A 52 -10.56 -2.28 7.54
C ALA A 52 -11.52 -2.06 8.72
N SER A 53 -10.98 -1.58 9.84
CA SER A 53 -11.78 -1.31 11.01
C SER A 53 -11.84 0.18 11.31
N THR A 54 -11.73 0.98 10.26
CA THR A 54 -11.76 2.44 10.38
C THR A 54 -12.09 3.09 9.04
N GLU A 55 -12.33 4.39 9.05
CA GLU A 55 -12.67 5.11 7.83
C GLU A 55 -11.60 6.16 7.47
N LEU A 56 -11.47 6.42 6.18
CA LEU A 56 -10.49 7.39 5.69
C LEU A 56 -10.80 7.80 4.25
N VAL A 57 -10.53 9.05 3.93
CA VAL A 57 -10.78 9.58 2.58
C VAL A 57 -9.81 10.70 2.24
N TYR A 58 -9.42 10.77 0.97
CA TYR A 58 -8.50 11.80 0.50
C TYR A 58 -9.28 12.89 -0.22
N LYS A 59 -9.21 14.11 0.30
CA LYS A 59 -9.95 15.20 -0.30
C LYS A 59 -9.51 16.58 0.16
N ASN A 60 -8.30 16.71 0.70
CA ASN A 60 -7.83 18.02 1.14
C ASN A 60 -8.00 19.03 0.00
N PRO A 61 -7.29 18.83 -1.13
CA PRO A 61 -7.40 19.69 -2.30
C PRO A 61 -8.40 19.12 -3.30
N ASN A 62 -9.55 19.77 -3.44
CA ASN A 62 -10.57 19.29 -4.38
C ASN A 62 -10.17 19.58 -5.82
N ARG A 63 -9.00 19.05 -6.22
CA ARG A 63 -8.50 19.26 -7.58
C ARG A 63 -7.11 18.64 -7.73
N ILE A 64 -6.90 17.92 -8.82
CA ILE A 64 -5.63 17.27 -9.08
C ILE A 64 -5.41 17.04 -10.56
N ASP A 65 -4.14 16.96 -10.95
CA ASP A 65 -3.78 16.73 -12.35
C ASP A 65 -3.08 15.38 -12.50
N VAL A 66 -2.73 15.03 -13.73
CA VAL A 66 -2.05 13.76 -14.01
C VAL A 66 -0.94 13.49 -13.01
N GLY A 67 -1.23 12.61 -12.04
CA GLY A 67 -0.26 12.28 -11.02
C GLY A 67 -0.91 11.79 -9.73
N THR A 68 -2.17 12.10 -9.55
CA THR A 68 -2.90 11.68 -8.36
C THR A 68 -2.87 10.16 -8.21
N TYR A 69 -2.28 9.69 -7.11
CA TYR A 69 -2.18 8.26 -6.86
C TYR A 69 -1.86 7.97 -5.40
N VAL A 70 -2.01 6.70 -5.02
CA VAL A 70 -1.71 6.29 -3.64
C VAL A 70 -1.28 4.84 -3.56
N GLY A 71 -1.10 4.38 -2.33
CA GLY A 71 -0.71 3.02 -2.06
C GLY A 71 -0.25 2.89 -0.64
N VAL A 72 0.99 2.46 -0.45
CA VAL A 72 1.53 2.33 0.89
C VAL A 72 3.03 1.98 0.84
N LYS A 73 3.86 2.83 1.44
CA LYS A 73 5.30 2.62 1.44
C LYS A 73 5.76 1.77 2.62
N TYR A 74 6.73 0.91 2.37
CA TYR A 74 7.25 0.03 3.41
C TYR A 74 8.58 0.53 3.96
N SER A 75 9.15 -0.22 4.89
CA SER A 75 10.41 0.14 5.51
C SER A 75 11.55 -0.70 4.93
N ASN A 76 11.22 -1.91 4.51
CA ASN A 76 12.21 -2.83 3.94
C ASN A 76 11.57 -3.72 2.88
N PRO A 77 12.40 -4.45 2.12
CA PRO A 77 11.91 -5.35 1.07
C PRO A 77 11.29 -6.64 1.62
N ILE A 78 10.13 -7.01 1.09
CA ILE A 78 9.44 -8.22 1.52
C ILE A 78 8.85 -8.97 0.34
N THR A 79 9.07 -10.28 0.28
CA THR A 79 8.54 -11.09 -0.80
C THR A 79 7.03 -10.88 -0.91
N LEU A 80 6.64 -9.99 -1.82
CA LEU A 80 5.23 -9.69 -2.02
C LEU A 80 4.60 -10.64 -3.03
N ASN A 81 3.80 -11.58 -2.54
CA ASN A 81 3.14 -12.54 -3.40
C ASN A 81 2.06 -11.87 -4.25
N ASN A 82 1.53 -10.77 -3.75
CA ASN A 82 0.49 -10.02 -4.46
C ASN A 82 0.07 -8.77 -3.69
N VAL A 83 -0.06 -7.66 -4.42
CA VAL A 83 -0.46 -6.39 -3.81
C VAL A 83 -1.91 -6.08 -4.15
N GLU A 84 -2.61 -5.45 -3.21
CA GLU A 84 -4.01 -5.12 -3.43
C GLU A 84 -4.43 -3.88 -2.64
N PHE A 85 -5.07 -2.94 -3.32
CA PHE A 85 -5.55 -1.72 -2.67
C PHE A 85 -7.07 -1.67 -2.71
N LEU A 86 -7.71 -2.02 -1.59
CA LEU A 86 -9.17 -2.02 -1.51
C LEU A 86 -9.68 -0.61 -1.23
N MET A 87 -10.07 0.10 -2.28
CA MET A 87 -10.55 1.47 -2.12
C MET A 87 -11.72 1.77 -3.07
N GLY A 88 -12.35 2.93 -2.86
CA GLY A 88 -13.46 3.34 -3.68
C GLY A 88 -13.70 4.83 -3.59
N ALA A 89 -14.83 5.23 -3.00
CA ALA A 89 -15.16 6.63 -2.84
C ALA A 89 -15.86 6.88 -1.52
N ASN A 90 -15.94 8.14 -1.11
CA ASN A 90 -16.60 8.49 0.14
C ASN A 90 -18.09 8.71 -0.07
N SER A 91 -18.44 9.69 -0.90
CA SER A 91 -19.83 9.99 -1.20
C SER A 91 -20.23 9.46 -2.57
N ASN A 92 -19.57 9.97 -3.60
CA ASN A 92 -19.84 9.57 -4.97
C ASN A 92 -18.84 8.52 -5.45
N PRO A 93 -19.31 7.33 -5.85
CA PRO A 93 -18.45 6.24 -6.33
C PRO A 93 -17.50 6.67 -7.45
N ASN A 94 -17.81 7.81 -8.08
CA ASN A 94 -16.99 8.32 -9.17
C ASN A 94 -15.90 9.27 -8.65
N ASP A 95 -15.50 9.08 -7.40
CA ASP A 95 -14.48 9.93 -6.80
C ASP A 95 -13.16 9.16 -6.63
N THR A 96 -12.36 9.15 -7.68
CA THR A 96 -11.07 8.45 -7.66
C THR A 96 -10.32 8.68 -8.96
N MET A 97 -9.29 7.86 -9.21
CA MET A 97 -8.47 7.98 -10.42
C MET A 97 -9.33 8.28 -11.64
N GLN A 98 -8.70 8.78 -12.69
CA GLN A 98 -9.39 9.07 -13.93
C GLN A 98 -9.12 7.92 -14.89
N LYS A 99 -7.88 7.46 -14.87
CA LYS A 99 -7.43 6.33 -15.67
C LYS A 99 -5.99 6.03 -15.34
N ALA A 100 -5.68 4.80 -14.90
CA ALA A 100 -4.29 4.49 -14.56
C ALA A 100 -4.09 3.07 -14.03
N LYS A 101 -2.84 2.62 -14.08
CA LYS A 101 -2.43 1.30 -13.60
C LYS A 101 -1.70 1.49 -12.26
N ILE A 102 -1.36 0.39 -11.58
CA ILE A 102 -0.65 0.50 -10.31
C ILE A 102 0.86 0.37 -10.49
N GLN A 103 1.62 0.86 -9.52
CA GLN A 103 3.08 0.82 -9.57
C GLN A 103 3.68 0.31 -8.25
N TYR A 104 5.00 0.24 -8.20
CA TYR A 104 5.72 -0.23 -7.02
C TYR A 104 7.20 0.11 -7.12
N THR A 105 7.84 0.39 -5.98
CA THR A 105 9.27 0.70 -5.97
C THR A 105 10.05 -0.48 -5.42
N VAL A 106 11.20 -0.76 -6.01
CA VAL A 106 12.02 -1.88 -5.59
C VAL A 106 13.03 -1.48 -4.51
N ASP A 107 13.92 -0.56 -4.84
CA ASP A 107 14.93 -0.11 -3.89
C ASP A 107 14.51 1.20 -3.22
N GLY A 108 13.21 1.34 -2.97
CA GLY A 108 12.69 2.54 -2.32
C GLY A 108 13.23 3.80 -2.96
N ARG A 109 13.40 3.78 -4.27
CA ARG A 109 13.92 4.93 -5.00
C ARG A 109 13.10 5.19 -6.26
N GLU A 110 13.04 4.19 -7.14
CA GLU A 110 12.29 4.31 -8.38
C GLU A 110 10.98 3.53 -8.28
N TRP A 111 10.04 3.86 -9.15
CA TRP A 111 8.75 3.19 -9.16
C TRP A 111 8.40 2.72 -10.56
N ILE A 112 8.24 1.40 -10.71
CA ILE A 112 7.91 0.82 -12.01
C ILE A 112 6.47 0.32 -12.06
N ASP A 113 5.97 0.10 -13.28
CA ASP A 113 4.60 -0.38 -13.47
C ASP A 113 4.35 -1.65 -12.67
N LEU A 114 3.14 -1.77 -12.14
CA LEU A 114 2.78 -2.94 -11.34
C LEU A 114 1.65 -3.73 -11.98
N GLU A 115 0.52 -3.05 -12.18
CA GLU A 115 -0.66 -3.70 -12.76
C GLU A 115 -0.88 -3.31 -14.21
N GLU A 116 -1.54 -4.21 -14.94
CA GLU A 116 -1.85 -4.00 -16.34
C GLU A 116 -2.38 -2.60 -16.57
N GLY A 117 -2.45 -2.18 -17.84
CA GLY A 117 -2.97 -0.86 -18.14
C GLY A 117 -4.42 -0.74 -17.72
N VAL A 118 -4.66 -0.89 -16.43
CA VAL A 118 -6.00 -0.82 -15.87
C VAL A 118 -6.42 0.62 -15.67
N GLU A 119 -7.72 0.82 -15.60
CA GLU A 119 -8.26 2.13 -15.37
C GLU A 119 -8.80 2.20 -13.96
N TYR A 120 -7.89 2.35 -13.01
CA TYR A 120 -8.25 2.41 -11.59
C TYR A 120 -8.97 3.71 -11.27
N THR A 121 -9.86 4.11 -12.18
CA THR A 121 -10.67 5.31 -12.00
C THR A 121 -12.01 4.90 -11.40
N MET A 122 -12.29 3.61 -11.50
CA MET A 122 -13.50 3.03 -10.93
C MET A 122 -13.12 1.72 -10.22
N PRO A 123 -12.01 1.74 -9.45
CA PRO A 123 -11.53 0.55 -8.74
C PRO A 123 -12.19 0.36 -7.39
N GLY A 124 -13.16 -0.56 -7.33
CA GLY A 124 -13.81 -0.85 -6.07
C GLY A 124 -12.91 -1.66 -5.17
N ALA A 125 -12.28 -2.67 -5.76
CA ALA A 125 -11.36 -3.54 -5.06
C ALA A 125 -10.19 -3.90 -5.96
N ILE A 126 -9.03 -3.40 -5.61
CA ILE A 126 -7.84 -3.64 -6.40
C ILE A 126 -6.97 -4.75 -5.82
N LYS A 127 -6.53 -5.65 -6.68
CA LYS A 127 -5.68 -6.76 -6.27
C LYS A 127 -4.91 -7.32 -7.47
N VAL A 128 -3.59 -7.33 -7.35
CA VAL A 128 -2.73 -7.82 -8.43
C VAL A 128 -2.23 -9.23 -8.13
N GLU A 129 -2.61 -10.18 -8.96
CA GLU A 129 -2.19 -11.56 -8.79
C GLU A 129 -0.99 -11.89 -9.67
N ASN A 130 -0.40 -13.06 -9.46
CA ASN A 130 0.76 -13.49 -10.23
C ASN A 130 1.91 -12.50 -10.06
N LEU A 131 1.96 -11.86 -8.90
CA LEU A 131 3.02 -10.88 -8.60
C LEU A 131 3.79 -11.29 -7.34
N ASP A 132 4.70 -12.23 -7.50
CA ASP A 132 5.51 -12.71 -6.38
C ASP A 132 6.95 -12.21 -6.48
N LEU A 133 7.21 -11.04 -5.90
CA LEU A 133 8.55 -10.46 -5.94
C LEU A 133 8.75 -9.49 -4.77
N LYS A 134 9.87 -9.63 -4.06
CA LYS A 134 10.17 -8.74 -2.95
C LYS A 134 10.11 -7.30 -3.43
N VAL A 135 9.63 -6.39 -2.61
CA VAL A 135 9.52 -5.01 -3.04
C VAL A 135 9.51 -4.04 -1.88
N ARG A 136 9.65 -2.78 -2.20
CA ARG A 136 9.59 -1.75 -1.20
C ARG A 136 8.38 -0.88 -1.49
N GLY A 137 7.56 -0.70 -0.47
CA GLY A 137 6.37 0.12 -0.63
C GLY A 137 5.49 -0.30 -1.79
N VAL A 138 4.43 0.47 -2.00
CA VAL A 138 3.47 0.23 -3.08
C VAL A 138 2.72 1.52 -3.42
N ARG A 139 2.27 1.65 -4.65
CA ARG A 139 1.57 2.87 -5.07
C ARG A 139 1.00 2.76 -6.48
N LEU A 140 0.07 3.65 -6.78
CA LEU A 140 -0.57 3.69 -8.09
C LEU A 140 0.03 4.83 -8.92
N ILE A 141 -0.12 4.76 -10.24
CA ILE A 141 0.42 5.80 -11.10
C ILE A 141 -0.66 6.36 -12.02
N ALA A 142 -1.02 7.62 -11.81
CA ALA A 142 -2.05 8.29 -12.61
C ALA A 142 -1.54 8.64 -14.00
N THR A 143 -2.45 8.72 -14.96
CA THR A 143 -2.09 9.06 -16.33
C THR A 143 -2.94 10.21 -16.85
N GLU A 144 -3.59 10.93 -15.93
CA GLU A 144 -4.43 12.07 -16.30
C GLU A 144 -5.10 12.68 -15.07
N ALA A 145 -5.47 11.83 -14.13
CA ALA A 145 -6.11 12.28 -12.90
C ALA A 145 -7.49 12.88 -13.18
N ARG A 146 -8.18 13.30 -12.11
CA ARG A 146 -9.50 13.88 -12.24
C ARG A 146 -9.61 15.19 -11.46
N GLU A 147 -10.27 16.18 -12.05
CA GLU A 147 -10.44 17.48 -11.41
C GLU A 147 -11.63 17.47 -10.47
N ASN A 148 -11.55 18.25 -9.40
CA ASN A 148 -12.64 18.33 -8.41
C ASN A 148 -13.17 16.94 -8.09
N THR A 149 -12.55 16.30 -7.12
CA THR A 149 -12.96 14.95 -6.73
C THR A 149 -12.14 14.46 -5.54
N TRP A 150 -12.74 13.56 -4.76
CA TRP A 150 -12.06 12.99 -3.60
C TRP A 150 -11.75 11.53 -3.84
N LEU A 151 -11.26 10.86 -2.80
CA LEU A 151 -10.95 9.45 -2.87
C LEU A 151 -11.12 8.80 -1.50
N GLY A 152 -12.26 8.16 -1.31
CA GLY A 152 -12.54 7.50 -0.04
C GLY A 152 -12.02 6.08 0.01
N VAL A 153 -10.72 5.93 0.22
CA VAL A 153 -10.12 4.61 0.29
C VAL A 153 -10.65 3.86 1.50
N ARG A 154 -10.71 2.53 1.40
CA ARG A 154 -11.22 1.71 2.48
C ARG A 154 -10.13 0.88 3.12
N ASP A 155 -9.20 0.39 2.31
CA ASP A 155 -8.10 -0.43 2.83
C ASP A 155 -7.15 -0.89 1.74
N ILE A 156 -6.11 -1.60 2.16
CA ILE A 156 -5.10 -2.14 1.26
C ILE A 156 -4.50 -3.41 1.86
N ASN A 157 -4.30 -4.42 1.03
CA ASN A 157 -3.74 -5.67 1.52
C ASN A 157 -2.50 -6.09 0.72
N VAL A 158 -1.62 -6.83 1.37
CA VAL A 158 -0.39 -7.30 0.73
C VAL A 158 0.11 -8.56 1.42
N ASN A 159 0.61 -9.50 0.62
CA ASN A 159 1.14 -10.75 1.15
C ASN A 159 -0.01 -11.63 1.67
N LYS A 160 -1.01 -11.85 0.83
CA LYS A 160 -2.16 -12.67 1.19
C LYS A 160 -1.72 -14.07 1.58
N LYS A 161 -2.29 -14.59 2.67
CA LYS A 161 -1.94 -15.93 3.14
C LYS A 161 -0.44 -16.04 3.40
N GLU A 162 0.21 -14.90 3.63
CA GLU A 162 1.64 -14.87 3.88
C GLU A 162 1.98 -13.82 4.94
N ASP A 163 1.74 -12.55 4.62
CA ASP A 163 2.03 -11.46 5.54
C ASP A 163 3.52 -11.29 5.74
N SER A 164 4.15 -12.27 6.38
CA SER A 164 5.59 -12.22 6.62
C SER A 164 6.17 -13.63 6.72
N MET A 1 26.12 -37.67 11.76
CA MET A 1 26.95 -38.49 12.70
C MET A 1 27.01 -37.82 14.07
N GLY A 2 27.78 -36.74 14.17
CA GLY A 2 27.92 -36.03 15.42
C GLY A 2 29.36 -35.69 15.73
N SER A 3 30.18 -36.71 15.96
CA SER A 3 31.59 -36.51 16.27
C SER A 3 31.75 -35.72 17.55
N SER A 4 30.80 -35.88 18.47
CA SER A 4 30.84 -35.18 19.75
C SER A 4 30.62 -33.68 19.55
N HIS A 5 31.61 -33.01 18.96
CA HIS A 5 31.52 -31.58 18.72
C HIS A 5 31.65 -31.28 17.23
N HIS A 6 30.52 -30.93 16.61
CA HIS A 6 30.50 -30.61 15.19
C HIS A 6 29.11 -30.16 14.75
N HIS A 7 28.80 -28.89 14.97
CA HIS A 7 27.50 -28.34 14.61
C HIS A 7 27.56 -27.71 13.22
N HIS A 8 28.46 -26.75 13.04
CA HIS A 8 28.61 -26.06 11.77
C HIS A 8 29.80 -25.10 11.81
N HIS A 9 31.00 -25.64 11.65
CA HIS A 9 32.21 -24.83 11.67
C HIS A 9 32.81 -24.73 10.27
N HIS A 10 32.25 -23.84 9.45
CA HIS A 10 32.73 -23.64 8.09
C HIS A 10 32.03 -22.45 7.44
N SER A 11 32.51 -21.25 7.72
CA SER A 11 31.94 -20.03 7.15
C SER A 11 30.55 -19.78 7.72
N SER A 12 29.59 -20.61 7.32
CA SER A 12 28.21 -20.47 7.78
C SER A 12 27.63 -19.12 7.40
N GLY A 13 26.45 -18.81 7.92
CA GLY A 13 25.81 -17.54 7.62
C GLY A 13 25.01 -17.59 6.34
N LEU A 14 23.69 -17.57 6.47
CA LEU A 14 22.80 -17.60 5.31
C LEU A 14 23.01 -18.90 4.51
N VAL A 15 21.98 -19.75 4.51
CA VAL A 15 22.04 -21.02 3.79
C VAL A 15 20.77 -21.25 2.98
N PRO A 16 20.69 -20.65 1.78
CA PRO A 16 19.52 -20.80 0.91
C PRO A 16 19.16 -22.26 0.67
N ARG A 17 18.27 -22.80 1.50
CA ARG A 17 17.84 -24.18 1.38
C ARG A 17 16.42 -24.36 1.91
N GLY A 18 16.16 -23.80 3.09
CA GLY A 18 14.85 -23.91 3.68
C GLY A 18 14.36 -22.60 4.26
N SER A 19 13.33 -22.03 3.65
CA SER A 19 12.76 -20.77 4.10
C SER A 19 12.17 -20.91 5.50
N HIS A 20 13.02 -20.84 6.51
CA HIS A 20 12.59 -20.95 7.90
C HIS A 20 13.27 -19.91 8.77
N MET A 21 14.59 -19.80 8.63
CA MET A 21 15.37 -18.85 9.42
C MET A 21 16.72 -18.57 8.75
N ALA A 22 17.12 -17.30 8.74
CA ALA A 22 18.38 -16.91 8.14
C ALA A 22 18.77 -15.49 8.54
N SER A 23 18.07 -14.51 7.98
CA SER A 23 18.32 -13.11 8.28
C SER A 23 17.23 -12.53 9.19
N ASP A 24 16.68 -13.39 10.04
CA ASP A 24 15.62 -12.96 10.96
C ASP A 24 14.41 -12.44 10.20
N PRO A 25 13.87 -13.25 9.27
CA PRO A 25 12.70 -12.88 8.47
C PRO A 25 11.42 -12.86 9.29
N ASN A 26 10.38 -12.20 8.77
CA ASN A 26 9.11 -12.11 9.46
C ASN A 26 8.08 -11.35 8.62
N ARG A 27 8.31 -10.06 8.46
CA ARG A 27 7.41 -9.22 7.68
C ARG A 27 7.93 -7.79 7.59
N ILE A 28 7.10 -6.89 7.06
CA ILE A 28 7.49 -5.49 6.92
C ILE A 28 6.30 -4.56 7.15
N ILE A 29 6.59 -3.31 7.45
CA ILE A 29 5.53 -2.33 7.68
C ILE A 29 5.03 -1.78 6.36
N ALA A 30 3.82 -1.22 6.38
CA ALA A 30 3.21 -0.67 5.19
C ALA A 30 2.42 0.60 5.51
N THR A 31 3.04 1.75 5.30
CA THR A 31 2.38 3.03 5.56
C THR A 31 1.70 3.56 4.31
N TYR A 32 0.42 3.87 4.45
CA TYR A 32 -0.36 4.39 3.35
C TYR A 32 0.33 5.59 2.69
N ILE A 33 0.00 5.83 1.42
CA ILE A 33 0.60 6.93 0.67
C ILE A 33 -0.43 7.74 -0.11
N SER A 34 0.07 8.60 -0.98
CA SER A 34 -0.77 9.41 -1.84
C SER A 34 0.10 10.23 -2.79
N ASN A 35 -0.53 11.09 -3.58
CA ASN A 35 0.20 11.92 -4.54
C ASN A 35 0.36 13.35 -4.02
N ARG A 36 -0.67 13.84 -3.32
CA ARG A 36 -0.65 15.19 -2.78
C ARG A 36 -0.35 15.18 -1.29
N GLN A 37 0.04 16.34 -0.77
CA GLN A 37 0.36 16.47 0.66
C GLN A 37 -0.82 16.00 1.51
N ASP A 38 -2.02 16.04 0.92
CA ASP A 38 -3.23 15.62 1.61
C ASP A 38 -3.08 14.21 2.18
N ALA A 39 -2.57 14.12 3.41
CA ALA A 39 -2.39 12.84 4.06
C ALA A 39 -3.73 12.14 4.26
N PRO A 40 -3.76 10.80 4.26
CA PRO A 40 -4.99 10.04 4.46
C PRO A 40 -5.73 10.48 5.72
N THR A 41 -6.96 10.95 5.54
CA THR A 41 -7.77 11.43 6.65
C THR A 41 -8.17 10.28 7.57
N GLY A 42 -9.13 10.55 8.45
CA GLY A 42 -9.62 9.56 9.39
C GLY A 42 -8.51 8.71 9.99
N ASN A 43 -8.36 7.50 9.47
CA ASN A 43 -7.32 6.61 9.96
C ASN A 43 -6.97 5.53 8.92
N PRO A 44 -5.80 5.65 8.26
CA PRO A 44 -5.35 4.68 7.27
C PRO A 44 -4.87 3.39 7.93
N ASP A 45 -4.92 3.35 9.27
CA ASP A 45 -4.50 2.18 10.03
C ASP A 45 -5.01 0.90 9.39
N ASN A 46 -6.30 0.88 9.04
CA ASN A 46 -6.90 -0.30 8.40
C ASN A 46 -6.01 -0.80 7.27
N ILE A 47 -5.33 0.15 6.63
CA ILE A 47 -4.44 -0.15 5.53
C ILE A 47 -3.06 -0.55 6.02
N PHE A 48 -2.66 -0.02 7.17
CA PHE A 48 -1.35 -0.31 7.73
C PHE A 48 -1.11 -1.82 7.87
N ASP A 49 -2.13 -2.55 8.30
CA ASP A 49 -2.00 -4.01 8.47
C ASP A 49 -3.34 -4.72 8.39
N ASN A 50 -4.06 -4.51 7.30
CA ASN A 50 -5.37 -5.16 7.09
C ASN A 50 -6.23 -5.11 8.34
N ASN A 51 -7.15 -4.16 8.37
CA ASN A 51 -8.06 -3.99 9.50
C ASN A 51 -9.05 -2.87 9.20
N ALA A 52 -9.96 -3.12 8.26
CA ALA A 52 -10.96 -2.12 7.85
C ALA A 52 -11.91 -1.73 8.99
N SER A 53 -11.35 -1.22 10.08
CA SER A 53 -12.14 -0.78 11.21
C SER A 53 -12.03 0.73 11.38
N THR A 54 -11.79 1.42 10.27
CA THR A 54 -11.64 2.86 10.28
C THR A 54 -11.91 3.44 8.89
N GLU A 55 -11.99 4.76 8.80
CA GLU A 55 -12.25 5.41 7.52
C GLU A 55 -11.11 6.35 7.14
N LEU A 56 -10.85 6.47 5.83
CA LEU A 56 -9.79 7.35 5.35
C LEU A 56 -9.95 7.64 3.87
N VAL A 57 -9.72 8.89 3.54
CA VAL A 57 -9.83 9.35 2.18
C VAL A 57 -8.96 10.59 1.94
N TYR A 58 -7.84 10.42 1.26
CA TYR A 58 -6.98 11.57 0.96
C TYR A 58 -7.69 12.46 -0.05
N LYS A 59 -8.07 13.65 0.39
CA LYS A 59 -8.82 14.56 -0.45
C LYS A 59 -8.37 16.01 -0.30
N ASN A 60 -8.45 16.54 0.92
CA ASN A 60 -8.09 17.93 1.23
C ASN A 60 -8.29 18.83 0.00
N PRO A 61 -7.30 18.97 -0.92
CA PRO A 61 -7.50 19.79 -2.11
C PRO A 61 -8.31 19.03 -3.16
N ASN A 62 -9.54 19.47 -3.38
CA ASN A 62 -10.42 18.81 -4.35
C ASN A 62 -10.04 19.20 -5.77
N ARG A 63 -8.84 18.83 -6.18
CA ARG A 63 -8.34 19.13 -7.52
C ARG A 63 -6.98 18.48 -7.74
N ILE A 64 -6.88 17.66 -8.77
CA ILE A 64 -5.63 16.96 -9.08
C ILE A 64 -5.45 16.77 -10.58
N ASP A 65 -4.25 17.07 -11.06
CA ASP A 65 -3.94 16.91 -12.48
C ASP A 65 -2.80 15.92 -12.68
N VAL A 66 -3.11 14.80 -13.34
CA VAL A 66 -2.11 13.75 -13.60
C VAL A 66 -1.23 13.49 -12.38
N GLY A 67 -1.62 12.51 -11.57
CA GLY A 67 -0.84 12.17 -10.39
C GLY A 67 -1.69 11.59 -9.27
N THR A 68 -2.99 11.83 -9.31
CA THR A 68 -3.90 11.31 -8.29
C THR A 68 -3.71 9.81 -8.10
N TYR A 69 -3.13 9.42 -6.97
CA TYR A 69 -2.91 8.00 -6.68
C TYR A 69 -2.64 7.76 -5.21
N VAL A 70 -2.68 6.48 -4.82
CA VAL A 70 -2.43 6.09 -3.44
C VAL A 70 -1.83 4.68 -3.40
N GLY A 71 -1.73 4.14 -2.19
CA GLY A 71 -1.20 2.81 -2.01
C GLY A 71 -0.69 2.60 -0.61
N VAL A 72 0.55 2.19 -0.48
CA VAL A 72 1.12 1.97 0.83
C VAL A 72 2.62 1.66 0.76
N LYS A 73 3.44 2.51 1.37
CA LYS A 73 4.88 2.33 1.34
C LYS A 73 5.38 1.47 2.50
N TYR A 74 6.48 0.75 2.27
CA TYR A 74 7.04 -0.13 3.28
C TYR A 74 8.32 0.45 3.87
N SER A 75 9.01 -0.34 4.69
CA SER A 75 10.25 0.10 5.32
C SER A 75 11.47 -0.31 4.49
N ASN A 76 11.32 -1.36 3.68
CA ASN A 76 12.42 -1.84 2.85
C ASN A 76 11.94 -2.93 1.89
N PRO A 77 12.77 -3.29 0.89
CA PRO A 77 12.42 -4.33 -0.09
C PRO A 77 11.97 -5.63 0.60
N ILE A 78 10.75 -6.04 0.32
CA ILE A 78 10.20 -7.26 0.91
C ILE A 78 9.51 -8.13 -0.13
N THR A 79 9.65 -9.44 0.02
CA THR A 79 9.02 -10.37 -0.91
C THR A 79 7.51 -10.19 -0.91
N LEU A 80 7.01 -9.41 -1.87
CA LEU A 80 5.59 -9.15 -1.97
C LEU A 80 4.87 -10.28 -2.71
N ASN A 81 4.08 -11.04 -1.97
CA ASN A 81 3.33 -12.15 -2.56
C ASN A 81 2.23 -11.63 -3.47
N ASN A 82 1.68 -10.47 -3.12
CA ASN A 82 0.61 -9.86 -3.91
C ASN A 82 0.05 -8.63 -3.21
N VAL A 83 -0.28 -7.61 -3.99
CA VAL A 83 -0.84 -6.38 -3.44
C VAL A 83 -2.32 -6.29 -3.72
N GLU A 84 -3.05 -5.57 -2.87
CA GLU A 84 -4.49 -5.43 -3.03
C GLU A 84 -4.97 -4.10 -2.46
N PHE A 85 -5.32 -3.17 -3.33
CA PHE A 85 -5.82 -1.86 -2.90
C PHE A 85 -7.33 -1.83 -2.99
N LEU A 86 -8.00 -2.00 -1.85
CA LEU A 86 -9.46 -1.98 -1.80
C LEU A 86 -9.96 -0.57 -1.51
N MET A 87 -10.43 0.12 -2.55
CA MET A 87 -10.92 1.48 -2.40
C MET A 87 -12.14 1.74 -3.26
N GLY A 88 -12.65 2.96 -3.18
CA GLY A 88 -13.81 3.35 -3.95
C GLY A 88 -13.96 4.85 -4.02
N ALA A 89 -14.99 5.37 -3.37
CA ALA A 89 -15.23 6.81 -3.35
C ALA A 89 -15.76 7.26 -1.99
N ASN A 90 -15.59 8.54 -1.70
CA ASN A 90 -16.06 9.09 -0.43
C ASN A 90 -17.53 9.51 -0.54
N SER A 91 -17.79 10.53 -1.34
CA SER A 91 -19.14 11.03 -1.54
C SER A 91 -19.68 10.59 -2.90
N ASN A 92 -19.00 10.99 -3.96
CA ASN A 92 -19.40 10.64 -5.31
C ASN A 92 -18.74 9.33 -5.74
N PRO A 93 -19.54 8.30 -6.11
CA PRO A 93 -19.02 7.00 -6.52
C PRO A 93 -17.91 7.11 -7.57
N ASN A 94 -17.90 8.23 -8.30
CA ASN A 94 -16.88 8.45 -9.33
C ASN A 94 -15.72 9.27 -8.78
N ASP A 95 -15.50 9.20 -7.46
CA ASP A 95 -14.41 9.94 -6.83
C ASP A 95 -13.15 9.09 -6.70
N THR A 96 -12.36 9.08 -7.76
CA THR A 96 -11.11 8.32 -7.79
C THR A 96 -10.37 8.57 -9.10
N MET A 97 -9.38 7.71 -9.38
CA MET A 97 -8.58 7.82 -10.60
C MET A 97 -9.47 8.15 -11.80
N GLN A 98 -8.86 8.60 -12.88
CA GLN A 98 -9.59 8.89 -14.11
C GLN A 98 -9.34 7.75 -15.07
N LYS A 99 -8.08 7.32 -15.09
CA LYS A 99 -7.63 6.20 -15.90
C LYS A 99 -6.16 5.95 -15.57
N ALA A 100 -5.81 4.74 -15.12
CA ALA A 100 -4.41 4.48 -14.78
C ALA A 100 -4.16 3.09 -14.21
N LYS A 101 -2.90 2.68 -14.25
CA LYS A 101 -2.45 1.39 -13.73
C LYS A 101 -1.72 1.63 -12.40
N ILE A 102 -1.38 0.56 -11.69
CA ILE A 102 -0.68 0.71 -10.41
C ILE A 102 0.83 0.72 -10.59
N GLN A 103 1.54 1.21 -9.58
CA GLN A 103 3.00 1.28 -9.62
C GLN A 103 3.61 0.65 -8.36
N TYR A 104 4.93 0.80 -8.21
CA TYR A 104 5.66 0.24 -7.07
C TYR A 104 7.12 0.68 -7.12
N THR A 105 7.76 0.75 -5.95
CA THR A 105 9.18 1.13 -5.88
C THR A 105 10.01 -0.06 -5.42
N VAL A 106 11.16 -0.25 -6.04
CA VAL A 106 12.04 -1.36 -5.70
C VAL A 106 13.03 -1.01 -4.60
N ASP A 107 13.87 -0.03 -4.86
CA ASP A 107 14.87 0.39 -3.87
C ASP A 107 14.37 1.56 -3.04
N GLY A 108 13.08 1.59 -2.77
CA GLY A 108 12.50 2.67 -1.99
C GLY A 108 12.93 4.04 -2.47
N ARG A 109 13.06 4.18 -3.78
CA ARG A 109 13.46 5.44 -4.38
C ARG A 109 12.59 5.78 -5.59
N GLU A 110 12.77 5.03 -6.67
CA GLU A 110 12.00 5.24 -7.88
C GLU A 110 10.74 4.38 -7.86
N TRP A 111 9.80 4.71 -8.74
CA TRP A 111 8.55 3.96 -8.81
C TRP A 111 8.23 3.58 -10.26
N ILE A 112 8.05 2.28 -10.49
CA ILE A 112 7.77 1.78 -11.83
C ILE A 112 6.39 1.11 -11.90
N ASP A 113 5.88 0.91 -13.12
CA ASP A 113 4.58 0.29 -13.32
C ASP A 113 4.43 -0.98 -12.49
N LEU A 114 3.19 -1.30 -12.13
CA LEU A 114 2.92 -2.48 -11.32
C LEU A 114 1.82 -3.34 -11.95
N GLU A 115 0.65 -2.76 -12.15
CA GLU A 115 -0.48 -3.48 -12.71
C GLU A 115 -0.72 -3.15 -14.18
N GLU A 116 -1.37 -4.09 -14.87
CA GLU A 116 -1.71 -3.93 -16.27
C GLU A 116 -2.32 -2.56 -16.54
N GLY A 117 -2.42 -2.19 -17.80
CA GLY A 117 -3.01 -0.91 -18.14
C GLY A 117 -4.48 -0.85 -17.73
N VAL A 118 -4.71 -0.99 -16.43
CA VAL A 118 -6.05 -0.98 -15.88
C VAL A 118 -6.52 0.45 -15.66
N GLU A 119 -7.83 0.63 -15.58
CA GLU A 119 -8.39 1.93 -15.34
C GLU A 119 -8.90 2.01 -13.91
N TYR A 120 -7.96 2.23 -12.99
CA TYR A 120 -8.29 2.32 -11.57
C TYR A 120 -9.05 3.60 -11.27
N THR A 121 -9.86 4.04 -12.24
CA THR A 121 -10.70 5.21 -12.09
C THR A 121 -12.05 4.81 -11.52
N MET A 122 -12.35 3.53 -11.68
CA MET A 122 -13.59 2.96 -11.16
C MET A 122 -13.28 1.62 -10.50
N PRO A 123 -12.16 1.54 -9.74
CA PRO A 123 -11.74 0.30 -9.08
C PRO A 123 -12.35 0.12 -7.70
N GLY A 124 -13.41 -0.67 -7.63
CA GLY A 124 -14.04 -0.93 -6.34
C GLY A 124 -13.15 -1.80 -5.48
N ALA A 125 -12.48 -2.74 -6.13
CA ALA A 125 -11.56 -3.64 -5.46
C ALA A 125 -10.36 -3.92 -6.34
N ILE A 126 -9.18 -3.76 -5.77
CA ILE A 126 -7.95 -3.97 -6.51
C ILE A 126 -7.08 -5.05 -5.88
N LYS A 127 -6.67 -6.01 -6.69
CA LYS A 127 -5.83 -7.10 -6.23
C LYS A 127 -5.09 -7.75 -7.39
N VAL A 128 -4.02 -8.47 -7.08
CA VAL A 128 -3.22 -9.15 -8.09
C VAL A 128 -2.38 -10.27 -7.48
N GLU A 129 -2.71 -11.51 -7.83
CA GLU A 129 -2.00 -12.66 -7.31
C GLU A 129 -0.80 -13.01 -8.20
N ASN A 130 0.05 -13.91 -7.71
CA ASN A 130 1.23 -14.32 -8.46
C ASN A 130 2.16 -13.13 -8.70
N LEU A 131 2.40 -12.35 -7.65
CA LEU A 131 3.27 -11.19 -7.76
C LEU A 131 4.46 -11.31 -6.82
N ASP A 132 4.86 -12.55 -6.53
CA ASP A 132 5.99 -12.80 -5.65
C ASP A 132 7.23 -12.07 -6.15
N LEU A 133 7.47 -10.88 -5.60
CA LEU A 133 8.62 -10.08 -6.00
C LEU A 133 9.04 -9.11 -4.89
N LYS A 134 10.26 -9.25 -4.40
CA LYS A 134 10.77 -8.36 -3.36
C LYS A 134 10.62 -6.92 -3.82
N VAL A 135 9.96 -6.09 -3.02
CA VAL A 135 9.75 -4.72 -3.41
C VAL A 135 9.67 -3.80 -2.21
N ARG A 136 9.75 -2.51 -2.48
CA ARG A 136 9.63 -1.53 -1.43
C ARG A 136 8.33 -0.76 -1.66
N GLY A 137 7.54 -0.68 -0.61
CA GLY A 137 6.28 0.04 -0.70
C GLY A 137 5.41 -0.36 -1.87
N VAL A 138 4.33 0.38 -2.07
CA VAL A 138 3.38 0.15 -3.15
C VAL A 138 2.53 1.39 -3.39
N ARG A 139 2.09 1.60 -4.63
CA ARG A 139 1.28 2.78 -4.94
C ARG A 139 0.77 2.74 -6.38
N LEU A 140 -0.26 3.54 -6.63
CA LEU A 140 -0.87 3.65 -7.94
C LEU A 140 -0.30 4.84 -8.69
N ILE A 141 -0.40 4.84 -10.01
CA ILE A 141 0.11 5.94 -10.82
C ILE A 141 -0.97 6.44 -11.79
N ALA A 142 -1.16 7.76 -11.82
CA ALA A 142 -2.17 8.35 -12.69
C ALA A 142 -1.55 8.88 -13.98
N THR A 143 -2.33 8.87 -15.05
CA THR A 143 -1.88 9.35 -16.35
C THR A 143 -2.85 10.39 -16.92
N GLU A 144 -3.89 10.73 -16.16
CA GLU A 144 -4.87 11.70 -16.60
C GLU A 144 -5.93 11.93 -15.52
N ALA A 145 -5.47 12.34 -14.34
CA ALA A 145 -6.37 12.60 -13.21
C ALA A 145 -7.56 13.46 -13.63
N ARG A 146 -8.50 13.64 -12.70
CA ARG A 146 -9.69 14.45 -12.97
C ARG A 146 -9.79 15.61 -11.98
N GLU A 147 -10.62 16.59 -12.31
CA GLU A 147 -10.81 17.75 -11.45
C GLU A 147 -11.85 17.46 -10.37
N ASN A 148 -11.59 17.94 -9.16
CA ASN A 148 -12.49 17.74 -8.03
C ASN A 148 -12.83 16.26 -7.88
N THR A 149 -11.99 15.53 -7.16
CA THR A 149 -12.20 14.10 -6.95
C THR A 149 -11.46 13.61 -5.71
N TRP A 150 -12.18 12.92 -4.84
CA TRP A 150 -11.61 12.37 -3.62
C TRP A 150 -11.33 10.88 -3.79
N LEU A 151 -10.95 10.21 -2.70
CA LEU A 151 -10.67 8.79 -2.73
C LEU A 151 -11.16 8.11 -1.45
N GLY A 152 -12.33 7.49 -1.51
CA GLY A 152 -12.87 6.82 -0.35
C GLY A 152 -12.40 5.39 -0.23
N VAL A 153 -11.22 5.21 0.36
CA VAL A 153 -10.65 3.89 0.53
C VAL A 153 -11.27 3.16 1.73
N ARG A 154 -11.28 1.84 1.67
CA ARG A 154 -11.85 1.05 2.75
C ARG A 154 -10.84 0.04 3.30
N ASP A 155 -10.06 -0.57 2.40
CA ASP A 155 -9.07 -1.56 2.82
C ASP A 155 -7.97 -1.72 1.78
N ILE A 156 -6.84 -2.25 2.21
CA ILE A 156 -5.69 -2.48 1.33
C ILE A 156 -4.49 -2.99 2.12
N ASN A 157 -4.14 -4.26 1.88
CA ASN A 157 -3.02 -4.88 2.55
C ASN A 157 -2.22 -5.75 1.59
N VAL A 158 -0.95 -5.95 1.88
CA VAL A 158 -0.08 -6.77 1.04
C VAL A 158 0.48 -7.95 1.81
N ASN A 159 0.71 -9.06 1.12
CA ASN A 159 1.25 -10.27 1.73
C ASN A 159 0.27 -10.83 2.77
N LYS A 160 -1.00 -10.93 2.38
CA LYS A 160 -2.03 -11.45 3.28
C LYS A 160 -1.84 -12.95 3.51
N LYS A 161 -0.86 -13.30 4.35
CA LYS A 161 -0.58 -14.69 4.65
C LYS A 161 -0.22 -15.46 3.39
N GLU A 162 0.48 -14.80 2.47
CA GLU A 162 0.89 -15.43 1.22
C GLU A 162 -0.33 -15.83 0.40
N ASP A 163 -0.99 -14.85 -0.21
CA ASP A 163 -2.17 -15.10 -1.02
C ASP A 163 -1.79 -15.73 -2.36
N SER A 164 -2.49 -16.81 -2.72
CA SER A 164 -2.22 -17.50 -3.98
C SER A 164 -2.83 -16.74 -5.16
N MET A 1 19.75 -18.37 -5.23
CA MET A 1 20.04 -19.70 -5.84
C MET A 1 21.29 -19.66 -6.71
N GLY A 2 22.29 -18.91 -6.25
CA GLY A 2 23.53 -18.80 -7.01
C GLY A 2 24.08 -17.38 -7.02
N SER A 3 23.59 -16.57 -7.96
CA SER A 3 24.03 -15.19 -8.06
C SER A 3 23.12 -14.25 -7.27
N SER A 4 23.45 -14.06 -5.99
CA SER A 4 22.66 -13.20 -5.13
C SER A 4 23.38 -11.87 -4.89
N HIS A 5 22.72 -10.98 -4.15
CA HIS A 5 23.30 -9.67 -3.85
C HIS A 5 23.97 -9.67 -2.48
N HIS A 6 24.65 -10.77 -2.16
CA HIS A 6 25.33 -10.89 -0.88
C HIS A 6 24.35 -10.81 0.28
N HIS A 7 24.85 -11.06 1.49
CA HIS A 7 24.01 -11.02 2.67
C HIS A 7 23.68 -9.57 3.05
N HIS A 8 22.70 -9.40 3.95
CA HIS A 8 22.30 -8.07 4.39
C HIS A 8 21.83 -8.11 5.84
N HIS A 9 22.78 -8.05 6.77
CA HIS A 9 22.47 -8.06 8.19
C HIS A 9 21.75 -9.35 8.56
N HIS A 10 22.47 -10.26 9.20
CA HIS A 10 21.91 -11.54 9.63
C HIS A 10 22.45 -11.96 10.98
N SER A 11 23.77 -11.88 11.14
CA SER A 11 24.41 -12.24 12.39
C SER A 11 25.84 -11.70 12.46
N SER A 12 26.60 -11.94 11.40
CA SER A 12 27.98 -11.47 11.33
C SER A 12 28.05 -9.94 11.34
N GLY A 13 27.23 -9.31 10.51
CA GLY A 13 27.21 -7.87 10.44
C GLY A 13 26.19 -7.27 11.40
N LEU A 14 26.24 -7.68 12.66
CA LEU A 14 25.31 -7.18 13.67
C LEU A 14 25.98 -7.11 15.04
N VAL A 15 26.84 -6.11 15.22
CA VAL A 15 27.55 -5.93 16.48
C VAL A 15 26.70 -5.18 17.50
N PRO A 16 26.04 -4.08 17.09
CA PRO A 16 25.20 -3.29 17.98
C PRO A 16 24.16 -4.13 18.71
N ARG A 17 24.38 -4.35 20.00
CA ARG A 17 23.46 -5.15 20.81
C ARG A 17 23.90 -5.19 22.27
N GLY A 18 23.00 -4.81 23.16
CA GLY A 18 23.32 -4.82 24.58
C GLY A 18 22.72 -3.64 25.31
N SER A 19 22.52 -2.53 24.59
CA SER A 19 21.94 -1.33 25.18
C SER A 19 20.75 -0.85 24.38
N HIS A 20 20.02 -1.80 23.79
CA HIS A 20 18.84 -1.48 23.00
C HIS A 20 18.15 -2.75 22.50
N MET A 21 17.13 -2.57 21.66
CA MET A 21 16.39 -3.69 21.11
C MET A 21 15.72 -4.51 22.22
N ALA A 22 14.39 -4.57 22.18
CA ALA A 22 13.63 -5.31 23.18
C ALA A 22 12.46 -6.04 22.54
N SER A 23 11.70 -5.34 21.71
CA SER A 23 10.55 -5.93 21.04
C SER A 23 10.84 -6.15 19.55
N ASP A 24 11.46 -5.15 18.92
CA ASP A 24 11.79 -5.23 17.50
C ASP A 24 10.53 -5.36 16.65
N PRO A 25 10.55 -4.80 15.43
CA PRO A 25 9.41 -4.84 14.51
C PRO A 25 9.20 -6.23 13.91
N ASN A 26 10.31 -6.93 13.63
CA ASN A 26 10.25 -8.26 13.06
C ASN A 26 9.24 -8.34 11.92
N ARG A 27 9.07 -7.22 11.22
CA ARG A 27 8.13 -7.15 10.10
C ARG A 27 8.15 -5.77 9.45
N ILE A 28 8.06 -5.75 8.13
CA ILE A 28 8.08 -4.48 7.39
C ILE A 28 6.82 -3.68 7.65
N ILE A 29 6.98 -2.38 7.82
CA ILE A 29 5.86 -1.49 8.07
C ILE A 29 5.18 -1.10 6.77
N ALA A 30 3.94 -0.63 6.86
CA ALA A 30 3.20 -0.23 5.66
C ALA A 30 2.52 1.12 5.86
N THR A 31 3.15 2.17 5.36
CA THR A 31 2.62 3.52 5.47
C THR A 31 1.75 3.84 4.26
N TYR A 32 0.69 4.59 4.46
CA TYR A 32 -0.18 4.95 3.37
C TYR A 32 0.35 6.16 2.60
N ILE A 33 0.23 6.12 1.28
CA ILE A 33 0.71 7.21 0.43
C ILE A 33 -0.42 7.90 -0.31
N SER A 34 -0.04 8.84 -1.17
CA SER A 34 -0.98 9.58 -1.98
C SER A 34 -0.23 10.54 -2.91
N ASN A 35 -0.98 11.36 -3.63
CA ASN A 35 -0.38 12.32 -4.55
C ASN A 35 -0.46 13.74 -3.99
N ARG A 36 -1.50 14.01 -3.21
CA ARG A 36 -1.69 15.32 -2.61
C ARG A 36 -1.10 15.37 -1.21
N GLN A 37 -0.58 16.54 -0.84
CA GLN A 37 0.03 16.73 0.48
C GLN A 37 -0.92 16.33 1.60
N ASP A 38 -2.22 16.39 1.32
CA ASP A 38 -3.23 16.03 2.32
C ASP A 38 -2.89 14.71 3.00
N ALA A 39 -3.28 14.59 4.26
CA ALA A 39 -3.02 13.38 5.04
C ALA A 39 -4.25 12.48 5.07
N PRO A 40 -4.09 11.24 5.54
CA PRO A 40 -5.21 10.29 5.63
C PRO A 40 -6.17 10.65 6.75
N THR A 41 -7.42 10.90 6.39
CA THR A 41 -8.45 11.26 7.36
C THR A 41 -8.61 10.16 8.40
N GLY A 42 -9.24 10.50 9.52
CA GLY A 42 -9.44 9.53 10.58
C GLY A 42 -8.21 8.71 10.87
N ASN A 43 -8.14 7.52 10.29
CA ASN A 43 -7.00 6.64 10.49
C ASN A 43 -6.88 5.62 9.35
N PRO A 44 -5.77 5.65 8.59
CA PRO A 44 -5.54 4.71 7.50
C PRO A 44 -5.23 3.30 8.01
N ASP A 45 -5.20 3.15 9.34
CA ASP A 45 -4.92 1.86 9.98
C ASP A 45 -5.58 0.72 9.22
N ASN A 46 -6.73 0.99 8.60
CA ASN A 46 -7.45 -0.02 7.84
C ASN A 46 -6.49 -0.79 6.93
N ILE A 47 -5.44 -0.11 6.49
CA ILE A 47 -4.44 -0.70 5.62
C ILE A 47 -3.19 -1.12 6.39
N PHE A 48 -2.86 -0.36 7.43
CA PHE A 48 -1.68 -0.64 8.24
C PHE A 48 -1.69 -2.09 8.77
N ASP A 49 -2.87 -2.69 8.86
CA ASP A 49 -2.98 -4.05 9.35
C ASP A 49 -4.25 -4.72 8.83
N ASN A 50 -4.74 -4.27 7.67
CA ASN A 50 -5.94 -4.84 7.05
C ASN A 50 -7.03 -5.09 8.09
N ASN A 51 -7.76 -4.02 8.45
CA ASN A 51 -8.82 -4.14 9.43
C ASN A 51 -10.14 -3.61 8.86
N ALA A 52 -10.06 -2.48 8.15
CA ALA A 52 -11.24 -1.87 7.55
C ALA A 52 -12.23 -1.42 8.63
N SER A 53 -11.71 -1.14 9.82
CA SER A 53 -12.55 -0.70 10.93
C SER A 53 -12.41 0.81 11.15
N THR A 54 -12.10 1.52 10.07
CA THR A 54 -11.93 2.96 10.12
C THR A 54 -12.07 3.56 8.72
N GLU A 55 -12.11 4.88 8.65
CA GLU A 55 -12.24 5.57 7.37
C GLU A 55 -10.91 6.14 6.90
N LEU A 56 -10.80 6.37 5.59
CA LEU A 56 -9.57 6.89 5.01
C LEU A 56 -9.81 7.43 3.62
N VAL A 57 -9.60 8.73 3.43
CA VAL A 57 -9.79 9.36 2.14
C VAL A 57 -8.94 10.63 2.02
N TYR A 58 -8.36 10.86 0.84
CA TYR A 58 -7.55 12.03 0.60
C TYR A 58 -8.39 13.06 -0.18
N LYS A 59 -8.50 14.27 0.37
CA LYS A 59 -9.34 15.26 -0.27
C LYS A 59 -9.10 16.70 0.20
N ASN A 60 -8.01 16.96 0.92
CA ASN A 60 -7.76 18.33 1.38
C ASN A 60 -7.91 19.32 0.23
N PRO A 61 -7.26 19.03 -0.92
CA PRO A 61 -7.34 19.86 -2.11
C PRO A 61 -8.33 19.29 -3.11
N ASN A 62 -9.45 19.96 -3.29
CA ASN A 62 -10.47 19.49 -4.24
C ASN A 62 -10.06 19.80 -5.67
N ARG A 63 -8.94 19.20 -6.09
CA ARG A 63 -8.43 19.38 -7.44
C ARG A 63 -7.04 18.76 -7.57
N ILE A 64 -6.90 17.84 -8.53
CA ILE A 64 -5.63 17.16 -8.75
C ILE A 64 -5.51 16.68 -10.19
N ASP A 65 -4.46 17.16 -10.87
CA ASP A 65 -4.23 16.77 -12.26
C ASP A 65 -2.90 16.05 -12.41
N VAL A 66 -2.93 14.88 -13.02
CA VAL A 66 -1.73 14.09 -13.23
C VAL A 66 -1.04 13.76 -11.91
N GLY A 67 -1.12 12.48 -11.52
CA GLY A 67 -0.50 12.06 -10.27
C GLY A 67 -1.49 11.51 -9.28
N THR A 68 -2.78 11.81 -9.50
CA THR A 68 -3.82 11.34 -8.62
C THR A 68 -3.70 9.84 -8.37
N TYR A 69 -3.06 9.45 -7.26
CA TYR A 69 -2.89 8.05 -6.92
C TYR A 69 -2.54 7.85 -5.46
N VAL A 70 -2.53 6.59 -5.03
CA VAL A 70 -2.19 6.23 -3.66
C VAL A 70 -1.68 4.79 -3.57
N GLY A 71 -1.46 4.35 -2.35
CA GLY A 71 -1.00 3.00 -2.10
C GLY A 71 -0.51 2.85 -0.68
N VAL A 72 0.73 2.43 -0.52
CA VAL A 72 1.30 2.28 0.80
C VAL A 72 2.79 1.95 0.75
N LYS A 73 3.61 2.80 1.36
CA LYS A 73 5.06 2.61 1.35
C LYS A 73 5.53 1.74 2.52
N TYR A 74 6.56 0.94 2.28
CA TYR A 74 7.10 0.05 3.30
C TYR A 74 8.41 0.61 3.85
N SER A 75 9.08 -0.18 4.67
CA SER A 75 10.35 0.23 5.26
C SER A 75 11.53 -0.46 4.59
N ASN A 76 11.33 -1.73 4.21
CA ASN A 76 12.37 -2.51 3.55
C ASN A 76 11.76 -3.44 2.50
N PRO A 77 12.61 -4.02 1.63
CA PRO A 77 12.14 -4.93 0.58
C PRO A 77 11.59 -6.23 1.14
N ILE A 78 10.32 -6.50 0.85
CA ILE A 78 9.66 -7.70 1.34
C ILE A 78 9.06 -8.50 0.18
N THR A 79 9.24 -9.82 0.22
CA THR A 79 8.71 -10.68 -0.82
C THR A 79 7.23 -10.38 -1.07
N LEU A 80 6.97 -9.55 -2.08
CA LEU A 80 5.60 -9.16 -2.43
C LEU A 80 4.89 -10.30 -3.15
N ASN A 81 4.16 -11.12 -2.40
CA ASN A 81 3.43 -12.23 -2.98
C ASN A 81 2.26 -11.73 -3.82
N ASN A 82 1.72 -10.57 -3.46
CA ASN A 82 0.60 -9.99 -4.20
C ASN A 82 0.12 -8.70 -3.54
N VAL A 83 -0.05 -7.66 -4.36
CA VAL A 83 -0.52 -6.36 -3.88
C VAL A 83 -1.97 -6.16 -4.27
N GLU A 84 -2.79 -5.65 -3.35
CA GLU A 84 -4.20 -5.45 -3.65
C GLU A 84 -4.79 -4.29 -2.84
N PHE A 85 -5.04 -3.16 -3.50
CA PHE A 85 -5.65 -2.02 -2.83
C PHE A 85 -7.17 -2.12 -2.95
N LEU A 86 -7.82 -2.59 -1.89
CA LEU A 86 -9.27 -2.75 -1.88
C LEU A 86 -9.94 -1.52 -1.28
N MET A 87 -10.22 -0.53 -2.13
CA MET A 87 -10.85 0.69 -1.66
C MET A 87 -11.85 1.25 -2.66
N GLY A 88 -12.54 2.31 -2.24
CA GLY A 88 -13.52 2.94 -3.09
C GLY A 88 -13.64 4.42 -2.76
N ALA A 89 -14.23 5.19 -3.67
CA ALA A 89 -14.40 6.63 -3.46
C ALA A 89 -14.97 6.92 -2.08
N ASN A 90 -14.83 8.16 -1.63
CA ASN A 90 -15.33 8.56 -0.31
C ASN A 90 -16.84 8.79 -0.35
N SER A 91 -17.26 9.84 -1.04
CA SER A 91 -18.67 10.17 -1.15
C SER A 91 -19.25 9.78 -2.50
N ASN A 92 -18.70 10.38 -3.56
CA ASN A 92 -19.15 10.09 -4.91
C ASN A 92 -18.41 8.89 -5.50
N PRO A 93 -19.14 7.83 -5.90
CA PRO A 93 -18.53 6.62 -6.47
C PRO A 93 -17.60 6.94 -7.64
N ASN A 94 -17.79 8.10 -8.25
CA ASN A 94 -16.97 8.52 -9.39
C ASN A 94 -15.83 9.42 -8.92
N ASP A 95 -15.41 9.28 -7.67
CA ASP A 95 -14.33 10.09 -7.13
C ASP A 95 -13.07 9.26 -6.96
N THR A 96 -12.29 9.17 -8.03
CA THR A 96 -11.04 8.42 -8.02
C THR A 96 -10.32 8.56 -9.35
N MET A 97 -9.33 7.69 -9.59
CA MET A 97 -8.57 7.73 -10.84
C MET A 97 -9.47 7.98 -12.03
N GLN A 98 -8.88 8.46 -13.13
CA GLN A 98 -9.63 8.69 -14.35
C GLN A 98 -9.40 7.50 -15.26
N LYS A 99 -8.15 7.07 -15.27
CA LYS A 99 -7.73 5.89 -16.03
C LYS A 99 -6.26 5.64 -15.72
N ALA A 100 -5.91 4.46 -15.23
CA ALA A 100 -4.51 4.19 -14.90
C ALA A 100 -4.28 2.80 -14.31
N LYS A 101 -3.01 2.38 -14.32
CA LYS A 101 -2.60 1.10 -13.76
C LYS A 101 -1.90 1.33 -12.42
N ILE A 102 -1.52 0.27 -11.73
CA ILE A 102 -0.84 0.42 -10.43
C ILE A 102 0.68 0.39 -10.59
N GLN A 103 1.40 0.87 -9.57
CA GLN A 103 2.85 0.92 -9.62
C GLN A 103 3.47 0.41 -8.31
N TYR A 104 4.80 0.38 -8.28
CA TYR A 104 5.54 -0.08 -7.10
C TYR A 104 7.02 0.28 -7.22
N THR A 105 7.67 0.56 -6.09
CA THR A 105 9.09 0.89 -6.10
C THR A 105 9.90 -0.29 -5.59
N VAL A 106 11.02 -0.57 -6.23
CA VAL A 106 11.87 -1.69 -5.85
C VAL A 106 12.87 -1.32 -4.75
N ASP A 107 13.74 -0.37 -5.05
CA ASP A 107 14.75 0.06 -4.08
C ASP A 107 14.28 1.27 -3.29
N GLY A 108 12.98 1.34 -3.01
CA GLY A 108 12.43 2.46 -2.26
C GLY A 108 12.91 3.80 -2.79
N ARG A 109 13.01 3.90 -4.11
CA ARG A 109 13.46 5.13 -4.75
C ARG A 109 12.62 5.44 -5.99
N GLU A 110 12.78 4.63 -7.03
CA GLU A 110 12.03 4.81 -8.26
C GLU A 110 10.77 3.97 -8.24
N TRP A 111 9.79 4.33 -9.08
CA TRP A 111 8.54 3.60 -9.15
C TRP A 111 8.23 3.20 -10.59
N ILE A 112 8.03 1.90 -10.80
CA ILE A 112 7.75 1.38 -12.13
C ILE A 112 6.36 0.73 -12.19
N ASP A 113 5.83 0.60 -13.40
CA ASP A 113 4.50 0.00 -13.62
C ASP A 113 4.34 -1.27 -12.80
N LEU A 114 3.08 -1.59 -12.45
CA LEU A 114 2.79 -2.78 -11.68
C LEU A 114 1.71 -3.63 -12.33
N GLU A 115 0.49 -3.09 -12.38
CA GLU A 115 -0.64 -3.80 -12.95
C GLU A 115 -0.88 -3.45 -14.42
N GLU A 116 -1.52 -4.38 -15.12
CA GLU A 116 -1.85 -4.20 -16.54
C GLU A 116 -2.43 -2.82 -16.77
N GLY A 117 -2.53 -2.42 -18.04
CA GLY A 117 -3.09 -1.12 -18.36
C GLY A 117 -4.54 -1.04 -17.92
N VAL A 118 -4.77 -1.19 -16.63
CA VAL A 118 -6.10 -1.16 -16.06
C VAL A 118 -6.57 0.27 -15.87
N GLU A 119 -7.87 0.43 -15.78
CA GLU A 119 -8.45 1.73 -15.59
C GLU A 119 -8.97 1.84 -14.16
N TYR A 120 -8.03 2.01 -13.22
CA TYR A 120 -8.38 2.12 -11.81
C TYR A 120 -9.08 3.43 -11.51
N THR A 121 -9.98 3.82 -12.41
CA THR A 121 -10.78 5.02 -12.25
C THR A 121 -12.07 4.66 -11.54
N MET A 122 -12.37 3.36 -11.55
CA MET A 122 -13.55 2.81 -10.91
C MET A 122 -13.13 1.55 -10.17
N PRO A 123 -12.00 1.60 -9.43
CA PRO A 123 -11.47 0.45 -8.71
C PRO A 123 -12.13 0.24 -7.35
N GLY A 124 -13.08 -0.68 -7.29
CA GLY A 124 -13.73 -0.98 -6.03
C GLY A 124 -12.83 -1.83 -5.17
N ALA A 125 -12.23 -2.84 -5.81
CA ALA A 125 -11.31 -3.73 -5.14
C ALA A 125 -10.17 -4.09 -6.07
N ILE A 126 -8.99 -3.56 -5.78
CA ILE A 126 -7.83 -3.82 -6.61
C ILE A 126 -6.98 -4.95 -6.04
N LYS A 127 -6.56 -5.85 -6.93
CA LYS A 127 -5.73 -6.98 -6.53
C LYS A 127 -4.92 -7.51 -7.71
N VAL A 128 -3.85 -8.25 -7.42
CA VAL A 128 -2.99 -8.82 -8.44
C VAL A 128 -2.43 -10.16 -8.00
N GLU A 129 -2.06 -10.99 -8.96
CA GLU A 129 -1.51 -12.31 -8.67
C GLU A 129 -0.21 -12.53 -9.45
N ASN A 130 0.53 -13.57 -9.05
CA ASN A 130 1.78 -13.90 -9.72
C ASN A 130 2.76 -12.72 -9.64
N LEU A 131 2.72 -12.01 -8.52
CA LEU A 131 3.60 -10.86 -8.32
C LEU A 131 4.65 -11.15 -7.24
N ASP A 132 4.87 -12.43 -6.95
CA ASP A 132 5.84 -12.83 -5.94
C ASP A 132 7.22 -12.22 -6.23
N LEU A 133 7.45 -11.03 -5.68
CA LEU A 133 8.71 -10.33 -5.88
C LEU A 133 8.96 -9.34 -4.76
N LYS A 134 10.12 -9.43 -4.11
CA LYS A 134 10.47 -8.50 -3.04
C LYS A 134 10.34 -7.08 -3.56
N VAL A 135 9.75 -6.18 -2.76
CA VAL A 135 9.57 -4.82 -3.22
C VAL A 135 9.53 -3.84 -2.06
N ARG A 136 9.63 -2.57 -2.39
CA ARG A 136 9.53 -1.55 -1.39
C ARG A 136 8.28 -0.73 -1.65
N GLY A 137 7.47 -0.58 -0.62
CA GLY A 137 6.24 0.19 -0.75
C GLY A 137 5.37 -0.22 -1.93
N VAL A 138 4.25 0.48 -2.08
CA VAL A 138 3.29 0.23 -3.15
C VAL A 138 2.52 1.52 -3.46
N ARG A 139 2.08 1.69 -4.70
CA ARG A 139 1.37 2.89 -5.09
C ARG A 139 0.82 2.81 -6.51
N LEU A 140 -0.24 3.56 -6.77
CA LEU A 140 -0.86 3.60 -8.08
C LEU A 140 -0.29 4.77 -8.90
N ILE A 141 -0.41 4.68 -10.21
CA ILE A 141 0.08 5.73 -11.09
C ILE A 141 -1.09 6.29 -11.92
N ALA A 142 -1.08 7.59 -12.14
CA ALA A 142 -2.16 8.22 -12.91
C ALA A 142 -1.68 8.72 -14.26
N THR A 143 -2.56 8.65 -15.25
CA THR A 143 -2.24 9.10 -16.60
C THR A 143 -3.29 10.08 -17.11
N GLU A 144 -3.98 10.75 -16.19
CA GLU A 144 -5.00 11.71 -16.55
C GLU A 144 -5.56 12.42 -15.31
N ALA A 145 -6.08 11.64 -14.37
CA ALA A 145 -6.64 12.17 -13.13
C ALA A 145 -7.95 12.90 -13.40
N ARG A 146 -8.57 13.41 -12.33
CA ARG A 146 -9.84 14.12 -12.44
C ARG A 146 -9.76 15.48 -11.76
N GLU A 147 -10.83 16.26 -11.90
CA GLU A 147 -10.89 17.59 -11.30
C GLU A 147 -11.94 17.62 -10.18
N ASN A 148 -11.65 18.35 -9.12
CA ASN A 148 -12.56 18.46 -7.99
C ASN A 148 -13.01 17.08 -7.53
N THR A 149 -12.05 16.19 -7.33
CA THR A 149 -12.34 14.83 -6.91
C THR A 149 -11.51 14.44 -5.70
N TRP A 150 -12.06 13.55 -4.87
CA TRP A 150 -11.36 13.07 -3.69
C TRP A 150 -10.81 11.68 -3.95
N LEU A 151 -10.27 11.06 -2.90
CA LEU A 151 -9.74 9.71 -3.01
C LEU A 151 -10.15 8.87 -1.81
N GLY A 152 -11.19 8.08 -1.97
CA GLY A 152 -11.69 7.25 -0.89
C GLY A 152 -10.84 6.02 -0.68
N VAL A 153 -10.81 5.51 0.55
CA VAL A 153 -10.03 4.33 0.88
C VAL A 153 -10.70 3.50 1.97
N ARG A 154 -10.65 2.19 1.81
CA ARG A 154 -11.25 1.27 2.76
C ARG A 154 -10.21 0.30 3.33
N ASP A 155 -9.37 -0.24 2.46
CA ASP A 155 -8.34 -1.19 2.90
C ASP A 155 -7.44 -1.65 1.74
N ILE A 156 -6.25 -2.13 2.10
CA ILE A 156 -5.29 -2.64 1.12
C ILE A 156 -4.67 -3.92 1.65
N ASN A 157 -4.43 -4.87 0.77
CA ASN A 157 -3.83 -6.14 1.17
C ASN A 157 -2.51 -6.38 0.47
N VAL A 158 -1.49 -6.70 1.25
CA VAL A 158 -0.16 -6.98 0.71
C VAL A 158 0.46 -8.18 1.41
N ASN A 159 0.28 -9.36 0.81
CA ASN A 159 0.82 -10.59 1.37
C ASN A 159 0.00 -11.05 2.57
N LYS A 160 -1.23 -11.49 2.30
CA LYS A 160 -2.12 -11.96 3.36
C LYS A 160 -2.09 -13.47 3.47
N LYS A 161 -1.42 -13.97 4.52
CA LYS A 161 -1.31 -15.40 4.74
C LYS A 161 -0.61 -16.08 3.57
N GLU A 162 0.30 -15.36 2.93
CA GLU A 162 1.04 -15.90 1.79
C GLU A 162 0.10 -16.27 0.65
N ASP A 163 -0.26 -15.28 -0.17
CA ASP A 163 -1.15 -15.51 -1.29
C ASP A 163 -2.51 -16.01 -0.82
N SER A 164 -3.53 -15.18 -0.97
CA SER A 164 -4.88 -15.53 -0.55
C SER A 164 -5.54 -16.45 -1.58
N MET A 1 15.39 14.73 7.79
CA MET A 1 14.44 14.14 8.76
C MET A 1 13.01 14.25 8.27
N GLY A 2 12.13 13.40 8.81
CA GLY A 2 10.74 13.40 8.41
C GLY A 2 9.82 12.81 9.46
N SER A 3 10.23 11.68 10.02
CA SER A 3 9.44 11.01 11.05
C SER A 3 10.34 10.39 12.11
N SER A 4 10.31 10.95 13.32
CA SER A 4 11.12 10.45 14.42
C SER A 4 10.35 10.50 15.73
N HIS A 5 10.18 9.33 16.35
CA HIS A 5 9.46 9.24 17.62
C HIS A 5 10.42 8.98 18.77
N HIS A 6 10.60 9.99 19.61
CA HIS A 6 11.49 9.88 20.76
C HIS A 6 10.70 9.77 22.06
N HIS A 7 9.52 9.15 21.97
CA HIS A 7 8.66 8.97 23.14
C HIS A 7 7.41 8.18 22.77
N HIS A 8 7.54 6.86 22.78
CA HIS A 8 6.42 5.98 22.45
C HIS A 8 5.56 5.72 23.68
N HIS A 9 4.36 6.30 23.70
CA HIS A 9 3.44 6.12 24.82
C HIS A 9 2.11 5.56 24.34
N HIS A 10 2.08 4.24 24.11
CA HIS A 10 0.87 3.58 23.65
C HIS A 10 0.01 3.13 24.83
N SER A 11 -1.05 2.37 24.54
CA SER A 11 -1.94 1.88 25.57
C SER A 11 -1.18 1.07 26.62
N SER A 12 -0.97 1.68 27.79
CA SER A 12 -0.25 1.03 28.88
C SER A 12 1.16 0.65 28.46
N GLY A 13 1.69 1.35 27.45
CA GLY A 13 3.04 1.07 26.98
C GLY A 13 3.05 0.13 25.79
N LEU A 14 2.05 -0.75 25.72
CA LEU A 14 1.96 -1.71 24.63
C LEU A 14 3.07 -2.76 24.72
N VAL A 15 4.30 -2.32 24.49
CA VAL A 15 5.45 -3.21 24.54
C VAL A 15 6.63 -2.54 25.25
N PRO A 16 6.52 -2.29 26.56
CA PRO A 16 7.58 -1.66 27.34
C PRO A 16 8.92 -2.35 27.17
N ARG A 17 8.97 -3.62 27.58
CA ARG A 17 10.20 -4.40 27.46
C ARG A 17 9.96 -5.86 27.85
N GLY A 18 9.40 -6.63 26.92
CA GLY A 18 9.11 -8.03 27.19
C GLY A 18 10.37 -8.88 27.14
N SER A 19 10.28 -10.01 26.46
CA SER A 19 11.41 -10.93 26.35
C SER A 19 12.40 -10.45 25.29
N HIS A 20 12.97 -9.27 25.51
CA HIS A 20 13.93 -8.68 24.57
C HIS A 20 13.25 -8.28 23.27
N MET A 21 12.78 -9.27 22.51
CA MET A 21 12.11 -9.02 21.25
C MET A 21 10.77 -9.74 21.18
N ALA A 22 10.04 -9.52 20.10
CA ALA A 22 8.74 -10.15 19.91
C ALA A 22 8.87 -11.46 19.15
N SER A 23 9.71 -12.36 19.66
CA SER A 23 9.93 -13.65 19.02
C SER A 23 10.49 -13.48 17.61
N ASP A 24 11.25 -12.41 17.41
CA ASP A 24 11.85 -12.12 16.11
C ASP A 24 10.78 -11.96 15.03
N PRO A 25 10.26 -10.74 14.85
CA PRO A 25 9.23 -10.45 13.86
C PRO A 25 9.76 -10.55 12.43
N ASN A 26 8.93 -11.09 11.53
CA ASN A 26 9.31 -11.25 10.14
C ASN A 26 8.29 -10.60 9.22
N ARG A 27 7.85 -9.39 9.58
CA ARG A 27 6.87 -8.66 8.79
C ARG A 27 7.26 -7.19 8.67
N ILE A 28 6.88 -6.57 7.56
CA ILE A 28 7.18 -5.17 7.32
C ILE A 28 5.97 -4.28 7.63
N ILE A 29 6.24 -3.02 7.94
CA ILE A 29 5.17 -2.07 8.25
C ILE A 29 4.59 -1.52 6.95
N ALA A 30 3.37 -0.99 7.02
CA ALA A 30 2.72 -0.45 5.84
C ALA A 30 2.19 0.95 6.07
N THR A 31 2.94 1.95 5.63
CA THR A 31 2.53 3.34 5.77
C THR A 31 1.81 3.79 4.52
N TYR A 32 0.99 4.82 4.63
CA TYR A 32 0.24 5.31 3.49
C TYR A 32 1.00 6.35 2.70
N ILE A 33 0.66 6.45 1.42
CA ILE A 33 1.28 7.41 0.51
C ILE A 33 0.23 8.19 -0.25
N SER A 34 0.68 9.16 -1.02
CA SER A 34 -0.24 9.95 -1.83
C SER A 34 0.51 10.98 -2.66
N ASN A 35 0.22 11.01 -3.96
CA ASN A 35 0.87 11.97 -4.85
C ASN A 35 0.52 13.39 -4.44
N ARG A 36 -0.62 13.52 -3.75
CA ARG A 36 -1.08 14.81 -3.28
C ARG A 36 -0.59 15.08 -1.86
N GLN A 37 -0.21 16.33 -1.60
CA GLN A 37 0.29 16.71 -0.27
C GLN A 37 -0.83 16.71 0.76
N ASP A 38 -1.39 15.52 1.00
CA ASP A 38 -2.49 15.38 1.97
C ASP A 38 -2.23 14.21 2.91
N ALA A 39 -2.87 14.24 4.07
CA ALA A 39 -2.71 13.18 5.06
C ALA A 39 -4.04 12.45 5.28
N PRO A 40 -3.99 11.26 5.91
CA PRO A 40 -5.20 10.47 6.17
C PRO A 40 -6.18 11.20 7.08
N THR A 41 -7.41 11.32 6.62
CA THR A 41 -8.46 12.00 7.36
C THR A 41 -8.82 11.27 8.65
N GLY A 42 -9.08 9.97 8.54
CA GLY A 42 -9.45 9.18 9.69
C GLY A 42 -8.31 8.30 10.17
N ASN A 43 -8.62 7.03 10.37
CA ASN A 43 -7.62 6.08 10.82
C ASN A 43 -7.28 5.08 9.71
N PRO A 44 -6.15 5.29 9.00
CA PRO A 44 -5.72 4.39 7.93
C PRO A 44 -5.50 2.96 8.44
N ASP A 45 -5.69 2.75 9.75
CA ASP A 45 -5.50 1.43 10.37
C ASP A 45 -5.91 0.29 9.43
N ASN A 46 -6.96 0.51 8.65
CA ASN A 46 -7.42 -0.52 7.71
C ASN A 46 -6.24 -1.01 6.87
N ILE A 47 -5.60 -0.07 6.20
CA ILE A 47 -4.46 -0.37 5.35
C ILE A 47 -3.20 -0.63 6.17
N PHE A 48 -3.14 -0.06 7.36
CA PHE A 48 -1.99 -0.23 8.23
C PHE A 48 -2.11 -1.52 9.06
N ASP A 49 -3.22 -2.23 8.88
CA ASP A 49 -3.46 -3.48 9.61
C ASP A 49 -4.50 -4.34 8.88
N ASN A 50 -4.55 -4.20 7.56
CA ASN A 50 -5.48 -4.94 6.73
C ASN A 50 -6.89 -4.97 7.32
N ASN A 51 -7.24 -3.92 8.07
CA ASN A 51 -8.56 -3.82 8.69
C ASN A 51 -9.54 -3.18 7.70
N ALA A 52 -10.56 -2.49 8.22
CA ALA A 52 -11.54 -1.84 7.35
C ALA A 52 -12.60 -1.06 8.15
N SER A 53 -12.80 -1.40 9.41
CA SER A 53 -13.79 -0.72 10.24
C SER A 53 -13.55 0.78 10.23
N THR A 54 -12.29 1.19 10.21
CA THR A 54 -11.94 2.60 10.17
C THR A 54 -11.93 3.07 8.72
N GLU A 55 -11.79 4.38 8.51
CA GLU A 55 -11.79 4.91 7.14
C GLU A 55 -10.77 6.04 6.98
N LEU A 56 -10.35 6.26 5.74
CA LEU A 56 -9.38 7.31 5.42
C LEU A 56 -9.43 7.67 3.93
N VAL A 57 -9.22 8.94 3.63
CA VAL A 57 -9.24 9.41 2.24
C VAL A 57 -8.39 10.68 2.08
N TYR A 58 -7.93 10.92 0.85
CA TYR A 58 -7.14 12.11 0.55
C TYR A 58 -7.98 13.09 -0.26
N LYS A 59 -7.72 14.39 -0.09
CA LYS A 59 -8.51 15.39 -0.81
C LYS A 59 -7.66 16.35 -1.63
N ASN A 60 -6.76 17.09 -0.97
CA ASN A 60 -5.92 18.06 -1.69
C ASN A 60 -6.81 18.91 -2.61
N PRO A 61 -6.25 19.81 -3.46
CA PRO A 61 -7.09 20.61 -4.35
C PRO A 61 -8.07 19.73 -5.13
N ASN A 62 -9.35 19.85 -4.80
CA ASN A 62 -10.41 19.06 -5.44
C ASN A 62 -10.14 18.88 -6.94
N ARG A 63 -9.53 19.88 -7.56
CA ARG A 63 -9.22 19.83 -8.98
C ARG A 63 -7.72 19.62 -9.20
N ILE A 64 -7.39 18.60 -10.00
CA ILE A 64 -6.00 18.29 -10.31
C ILE A 64 -5.89 17.51 -11.61
N ASP A 65 -4.79 17.72 -12.33
CA ASP A 65 -4.57 17.03 -13.60
C ASP A 65 -3.30 16.18 -13.54
N VAL A 66 -3.49 14.87 -13.68
CA VAL A 66 -2.37 13.93 -13.64
C VAL A 66 -1.63 13.98 -12.31
N GLY A 67 -1.49 12.82 -11.66
CA GLY A 67 -0.81 12.77 -10.39
C GLY A 67 -1.64 12.13 -9.31
N THR A 68 -2.93 12.43 -9.31
CA THR A 68 -3.85 11.89 -8.32
C THR A 68 -3.65 10.38 -8.16
N TYR A 69 -2.89 9.98 -7.14
CA TYR A 69 -2.65 8.57 -6.88
C TYR A 69 -2.13 8.35 -5.46
N VAL A 70 -2.39 7.15 -4.93
CA VAL A 70 -1.94 6.81 -3.58
C VAL A 70 -1.71 5.31 -3.45
N GLY A 71 -1.47 4.86 -2.22
CA GLY A 71 -1.24 3.45 -1.98
C GLY A 71 -0.80 3.19 -0.56
N VAL A 72 0.41 2.66 -0.40
CA VAL A 72 0.93 2.38 0.92
C VAL A 72 2.39 1.93 0.87
N LYS A 73 3.27 2.67 1.52
CA LYS A 73 4.70 2.35 1.52
C LYS A 73 5.07 1.42 2.66
N TYR A 74 6.17 0.69 2.50
CA TYR A 74 6.64 -0.24 3.51
C TYR A 74 7.92 0.27 4.18
N SER A 75 8.53 -0.56 5.01
CA SER A 75 9.75 -0.18 5.71
C SER A 75 10.99 -0.59 4.91
N ASN A 76 10.87 -1.67 4.14
CA ASN A 76 11.97 -2.17 3.33
C ASN A 76 11.48 -3.20 2.32
N PRO A 77 12.30 -3.53 1.31
CA PRO A 77 11.94 -4.52 0.28
C PRO A 77 11.53 -5.85 0.90
N ILE A 78 10.29 -6.25 0.63
CA ILE A 78 9.77 -7.51 1.16
C ILE A 78 9.20 -8.40 0.05
N THR A 79 9.42 -9.70 0.16
CA THR A 79 8.90 -10.64 -0.82
C THR A 79 7.39 -10.56 -0.89
N LEU A 80 6.88 -9.78 -1.83
CA LEU A 80 5.44 -9.61 -2.00
C LEU A 80 4.88 -10.62 -2.98
N ASN A 81 4.08 -11.56 -2.47
CA ASN A 81 3.47 -12.58 -3.31
C ASN A 81 2.31 -12.01 -4.11
N ASN A 82 1.76 -10.88 -3.64
CA ASN A 82 0.64 -10.23 -4.32
C ASN A 82 0.17 -9.00 -3.58
N VAL A 83 0.04 -7.89 -4.31
CA VAL A 83 -0.43 -6.64 -3.72
C VAL A 83 -1.86 -6.36 -4.14
N GLU A 84 -2.67 -5.84 -3.22
CA GLU A 84 -4.07 -5.56 -3.52
C GLU A 84 -4.62 -4.41 -2.68
N PHE A 85 -5.01 -3.32 -3.35
CA PHE A 85 -5.58 -2.17 -2.66
C PHE A 85 -7.11 -2.28 -2.65
N LEU A 86 -7.66 -2.71 -1.52
CA LEU A 86 -9.11 -2.83 -1.39
C LEU A 86 -9.70 -1.48 -0.98
N MET A 87 -10.00 -0.65 -1.96
CA MET A 87 -10.54 0.68 -1.69
C MET A 87 -11.59 1.08 -2.74
N GLY A 88 -12.14 2.28 -2.56
CA GLY A 88 -13.14 2.77 -3.49
C GLY A 88 -13.17 4.29 -3.54
N ALA A 89 -14.15 4.88 -2.88
CA ALA A 89 -14.28 6.34 -2.84
C ALA A 89 -14.75 6.79 -1.46
N ASN A 90 -14.40 8.03 -1.11
CA ASN A 90 -14.80 8.59 0.18
C ASN A 90 -16.32 8.57 0.34
N SER A 91 -17.00 9.40 -0.44
CA SER A 91 -18.45 9.47 -0.39
C SER A 91 -19.08 8.75 -1.58
N ASN A 92 -18.77 9.23 -2.78
CA ASN A 92 -19.29 8.63 -4.00
C ASN A 92 -18.21 7.79 -4.70
N PRO A 93 -18.47 6.49 -4.92
CA PRO A 93 -17.52 5.58 -5.56
C PRO A 93 -16.73 6.23 -6.70
N ASN A 94 -17.35 7.19 -7.37
CA ASN A 94 -16.71 7.88 -8.49
C ASN A 94 -15.47 8.64 -8.02
N ASP A 95 -15.51 9.13 -6.79
CA ASP A 95 -14.39 9.87 -6.21
C ASP A 95 -13.12 9.03 -6.18
N THR A 96 -12.39 9.02 -7.28
CA THR A 96 -11.14 8.26 -7.38
C THR A 96 -10.47 8.52 -8.73
N MET A 97 -9.45 7.71 -9.05
CA MET A 97 -8.72 7.86 -10.31
C MET A 97 -9.68 8.12 -11.48
N GLN A 98 -9.13 8.63 -12.56
CA GLN A 98 -9.92 8.88 -13.76
C GLN A 98 -9.66 7.73 -14.72
N LYS A 99 -8.39 7.32 -14.76
CA LYS A 99 -7.91 6.20 -15.55
C LYS A 99 -6.44 5.99 -15.24
N ALA A 100 -6.06 4.80 -14.79
CA ALA A 100 -4.66 4.55 -14.46
C ALA A 100 -4.39 3.15 -13.92
N LYS A 101 -3.12 2.77 -13.93
CA LYS A 101 -2.67 1.47 -13.43
C LYS A 101 -1.99 1.66 -12.07
N ILE A 102 -1.46 0.58 -11.50
CA ILE A 102 -0.80 0.67 -10.19
C ILE A 102 0.72 0.67 -10.34
N GLN A 103 1.43 1.10 -9.29
CA GLN A 103 2.89 1.16 -9.32
C GLN A 103 3.50 0.63 -8.01
N TYR A 104 4.83 0.55 -7.99
CA TYR A 104 5.56 0.06 -6.82
C TYR A 104 7.03 0.44 -6.93
N THR A 105 7.68 0.67 -5.79
CA THR A 105 9.11 1.01 -5.79
C THR A 105 9.93 -0.19 -5.35
N VAL A 106 11.08 -0.38 -5.98
CA VAL A 106 11.94 -1.51 -5.66
C VAL A 106 12.97 -1.18 -4.59
N ASP A 107 13.82 -0.21 -4.86
CA ASP A 107 14.85 0.20 -3.90
C ASP A 107 14.40 1.40 -3.09
N GLY A 108 13.11 1.45 -2.77
CA GLY A 108 12.57 2.56 -1.98
C GLY A 108 13.04 3.91 -2.49
N ARG A 109 13.11 4.04 -3.80
CA ARG A 109 13.55 5.29 -4.42
C ARG A 109 12.68 5.63 -5.62
N GLU A 110 12.80 4.85 -6.69
CA GLU A 110 12.01 5.05 -7.89
C GLU A 110 10.74 4.23 -7.84
N TRP A 111 9.77 4.59 -8.69
CA TRP A 111 8.51 3.87 -8.75
C TRP A 111 8.16 3.50 -10.18
N ILE A 112 8.05 2.21 -10.45
CA ILE A 112 7.73 1.72 -11.79
C ILE A 112 6.35 1.09 -11.85
N ASP A 113 5.84 0.91 -13.06
CA ASP A 113 4.53 0.32 -13.29
C ASP A 113 4.36 -0.98 -12.49
N LEU A 114 3.11 -1.29 -12.15
CA LEU A 114 2.82 -2.49 -11.38
C LEU A 114 1.73 -3.33 -12.05
N GLU A 115 0.59 -2.70 -12.32
CA GLU A 115 -0.53 -3.40 -12.93
C GLU A 115 -0.79 -2.97 -14.37
N GLU A 116 -1.41 -3.86 -15.13
CA GLU A 116 -1.75 -3.62 -16.52
C GLU A 116 -2.38 -2.24 -16.68
N GLY A 117 -2.48 -1.78 -17.92
CA GLY A 117 -3.10 -0.48 -18.16
C GLY A 117 -4.54 -0.47 -17.72
N VAL A 118 -4.75 -0.70 -16.43
CA VAL A 118 -6.08 -0.75 -15.85
C VAL A 118 -6.59 0.65 -15.59
N GLU A 119 -7.90 0.78 -15.47
CA GLU A 119 -8.51 2.05 -15.20
C GLU A 119 -9.01 2.08 -13.77
N TYR A 120 -8.07 2.25 -12.84
CA TYR A 120 -8.40 2.29 -11.42
C TYR A 120 -9.14 3.57 -11.07
N THR A 121 -10.08 3.94 -11.93
CA THR A 121 -10.92 5.11 -11.72
C THR A 121 -12.20 4.67 -11.05
N MET A 122 -12.45 3.37 -11.14
CA MET A 122 -13.62 2.76 -10.52
C MET A 122 -13.17 1.47 -9.84
N PRO A 123 -12.03 1.55 -9.11
CA PRO A 123 -11.47 0.39 -8.43
C PRO A 123 -12.15 0.08 -7.10
N GLY A 124 -13.00 -0.93 -7.09
CA GLY A 124 -13.67 -1.33 -5.86
C GLY A 124 -12.76 -2.19 -5.02
N ALA A 125 -12.13 -3.15 -5.67
CA ALA A 125 -11.19 -4.04 -5.02
C ALA A 125 -10.02 -4.34 -5.93
N ILE A 126 -8.89 -3.72 -5.64
CA ILE A 126 -7.71 -3.91 -6.45
C ILE A 126 -6.82 -5.02 -5.92
N LYS A 127 -6.52 -5.98 -6.79
CA LYS A 127 -5.67 -7.11 -6.41
C LYS A 127 -5.05 -7.76 -7.65
N VAL A 128 -4.01 -8.54 -7.45
CA VAL A 128 -3.32 -9.23 -8.54
C VAL A 128 -2.53 -10.41 -8.04
N GLU A 129 -2.28 -11.38 -8.93
CA GLU A 129 -1.52 -12.57 -8.58
C GLU A 129 -0.20 -12.62 -9.35
N ASN A 130 0.48 -13.75 -9.25
CA ASN A 130 1.77 -13.93 -9.94
C ASN A 130 2.67 -12.71 -9.79
N LEU A 131 2.52 -12.00 -8.68
CA LEU A 131 3.32 -10.81 -8.41
C LEU A 131 4.37 -11.09 -7.34
N ASP A 132 4.84 -12.33 -7.30
CA ASP A 132 5.86 -12.73 -6.33
C ASP A 132 7.19 -12.08 -6.61
N LEU A 133 7.41 -10.90 -6.04
CA LEU A 133 8.65 -10.16 -6.22
C LEU A 133 8.91 -9.21 -5.05
N LYS A 134 10.11 -9.28 -4.49
CA LYS A 134 10.46 -8.39 -3.38
C LYS A 134 10.21 -6.95 -3.80
N VAL A 135 9.54 -6.18 -2.95
CA VAL A 135 9.24 -4.81 -3.30
C VAL A 135 9.20 -3.92 -2.09
N ARG A 136 9.43 -2.64 -2.30
CA ARG A 136 9.34 -1.69 -1.22
C ARG A 136 8.10 -0.85 -1.41
N GLY A 137 7.29 -0.78 -0.38
CA GLY A 137 6.06 0.00 -0.46
C GLY A 137 5.23 -0.29 -1.69
N VAL A 138 4.10 0.41 -1.80
CA VAL A 138 3.19 0.26 -2.93
C VAL A 138 2.49 1.60 -3.21
N ARG A 139 2.04 1.79 -4.44
CA ARG A 139 1.38 3.04 -4.79
C ARG A 139 0.80 3.01 -6.20
N LEU A 140 -0.34 3.66 -6.36
CA LEU A 140 -1.02 3.75 -7.64
C LEU A 140 -0.44 4.91 -8.45
N ILE A 141 -0.60 4.87 -9.76
CA ILE A 141 -0.08 5.93 -10.61
C ILE A 141 -1.17 6.46 -11.55
N ALA A 142 -1.37 7.78 -11.54
CA ALA A 142 -2.38 8.41 -12.39
C ALA A 142 -1.78 8.89 -13.70
N THR A 143 -2.63 9.08 -14.70
CA THR A 143 -2.19 9.54 -16.01
C THR A 143 -3.01 10.75 -16.45
N GLU A 144 -4.33 10.67 -16.28
CA GLU A 144 -5.21 11.76 -16.66
C GLU A 144 -6.29 11.99 -15.60
N ALA A 145 -5.87 12.50 -14.45
CA ALA A 145 -6.79 12.76 -13.34
C ALA A 145 -8.02 13.54 -13.81
N ARG A 146 -8.96 13.73 -12.89
CA ARG A 146 -10.20 14.45 -13.21
C ARG A 146 -10.35 15.68 -12.30
N GLU A 147 -11.37 16.48 -12.57
CA GLU A 147 -11.62 17.69 -11.78
C GLU A 147 -12.56 17.38 -10.61
N ASN A 148 -12.35 18.09 -9.50
CA ASN A 148 -13.17 17.89 -8.30
C ASN A 148 -13.34 16.41 -7.99
N THR A 149 -12.34 15.82 -7.35
CA THR A 149 -12.38 14.41 -7.01
C THR A 149 -11.42 14.09 -5.87
N TRP A 150 -11.89 13.30 -4.92
CA TRP A 150 -11.08 12.90 -3.78
C TRP A 150 -10.52 11.49 -3.99
N LEU A 151 -9.88 10.96 -2.96
CA LEU A 151 -9.32 9.61 -3.02
C LEU A 151 -9.81 8.80 -1.84
N GLY A 152 -10.83 7.98 -2.07
CA GLY A 152 -11.37 7.16 -1.01
C GLY A 152 -10.58 5.89 -0.81
N VAL A 153 -10.62 5.35 0.41
CA VAL A 153 -9.89 4.14 0.71
C VAL A 153 -10.62 3.31 1.77
N ARG A 154 -10.46 1.99 1.70
CA ARG A 154 -11.08 1.09 2.65
C ARG A 154 -10.04 0.21 3.32
N ASP A 155 -9.13 -0.35 2.52
CA ASP A 155 -8.09 -1.23 3.05
C ASP A 155 -7.17 -1.74 1.94
N ILE A 156 -5.92 -2.00 2.28
CA ILE A 156 -4.95 -2.54 1.33
C ILE A 156 -4.31 -3.79 1.90
N ASN A 157 -4.29 -4.86 1.11
CA ASN A 157 -3.70 -6.11 1.57
C ASN A 157 -2.41 -6.43 0.81
N VAL A 158 -1.42 -6.92 1.54
CA VAL A 158 -0.13 -7.26 0.95
C VAL A 158 0.37 -8.59 1.50
N ASN A 159 0.64 -9.54 0.60
CA ASN A 159 1.12 -10.86 1.00
C ASN A 159 0.08 -11.59 1.83
N LYS A 160 -1.19 -11.31 1.57
CA LYS A 160 -2.28 -11.95 2.28
C LYS A 160 -2.15 -11.73 3.79
N LYS A 161 -2.60 -10.57 4.26
CA LYS A 161 -2.53 -10.22 5.67
C LYS A 161 -1.09 -10.22 6.15
N GLU A 162 -0.18 -9.77 5.30
CA GLU A 162 1.23 -9.70 5.64
C GLU A 162 1.78 -11.10 5.91
N ASP A 163 1.88 -11.91 4.86
CA ASP A 163 2.39 -13.27 4.99
C ASP A 163 1.51 -14.10 5.92
N SER A 164 1.50 -15.41 5.71
CA SER A 164 0.72 -16.32 6.54
C SER A 164 1.39 -16.58 7.87
N MET A 1 13.33 -47.95 -14.24
CA MET A 1 13.67 -47.37 -12.91
C MET A 1 14.49 -46.10 -13.07
N GLY A 2 14.14 -45.29 -14.07
CA GLY A 2 14.86 -44.05 -14.30
C GLY A 2 15.78 -44.13 -15.51
N SER A 3 16.95 -43.52 -15.40
CA SER A 3 17.93 -43.54 -16.48
C SER A 3 19.34 -43.73 -15.95
N SER A 4 19.79 -42.81 -15.09
CA SER A 4 21.11 -42.89 -14.51
C SER A 4 21.18 -42.12 -13.20
N HIS A 5 21.53 -42.80 -12.12
CA HIS A 5 21.64 -42.18 -10.81
C HIS A 5 20.29 -41.61 -10.38
N HIS A 6 20.11 -41.45 -9.07
CA HIS A 6 18.87 -40.92 -8.53
C HIS A 6 19.00 -40.67 -7.03
N HIS A 7 20.18 -40.25 -6.59
CA HIS A 7 20.44 -39.98 -5.19
C HIS A 7 20.50 -38.48 -4.93
N HIS A 8 19.41 -37.91 -4.43
CA HIS A 8 19.35 -36.48 -4.14
C HIS A 8 19.89 -36.19 -2.75
N HIS A 9 20.84 -35.26 -2.67
CA HIS A 9 21.44 -34.90 -1.39
C HIS A 9 21.78 -33.40 -1.37
N HIS A 10 22.69 -33.00 -2.25
CA HIS A 10 23.11 -31.60 -2.33
C HIS A 10 22.53 -30.93 -3.58
N SER A 11 21.32 -31.31 -3.94
CA SER A 11 20.65 -30.76 -5.10
C SER A 11 19.87 -29.50 -4.73
N SER A 12 19.82 -28.54 -5.66
CA SER A 12 19.10 -27.29 -5.43
C SER A 12 17.60 -27.49 -5.58
N GLY A 13 16.82 -26.78 -4.76
CA GLY A 13 15.38 -26.89 -4.82
C GLY A 13 14.75 -26.98 -3.44
N LEU A 14 15.20 -26.13 -2.53
CA LEU A 14 14.68 -26.11 -1.17
C LEU A 14 14.89 -24.74 -0.52
N VAL A 15 14.31 -24.57 0.66
CA VAL A 15 14.44 -23.31 1.40
C VAL A 15 15.91 -22.98 1.67
N PRO A 16 16.46 -21.94 1.00
CA PRO A 16 17.86 -21.54 1.17
C PRO A 16 18.21 -21.31 2.65
N ARG A 17 19.27 -21.96 3.10
CA ARG A 17 19.72 -21.84 4.48
C ARG A 17 20.08 -20.40 4.80
N GLY A 18 19.45 -19.85 5.84
CA GLY A 18 19.72 -18.48 6.24
C GLY A 18 20.41 -18.40 7.59
N SER A 19 21.39 -19.26 7.81
CA SER A 19 22.13 -19.28 9.06
C SER A 19 22.92 -18.00 9.24
N HIS A 20 23.38 -17.75 10.47
CA HIS A 20 24.16 -16.56 10.77
C HIS A 20 23.36 -15.30 10.48
N MET A 21 22.52 -14.90 11.43
CA MET A 21 21.69 -13.71 11.28
C MET A 21 22.49 -12.45 11.59
N ALA A 22 22.26 -11.40 10.81
CA ALA A 22 22.95 -10.13 11.01
C ALA A 22 22.16 -8.97 10.42
N SER A 23 21.67 -9.15 9.20
CA SER A 23 20.89 -8.13 8.52
C SER A 23 19.94 -8.74 7.50
N ASP A 24 19.45 -9.93 7.80
CA ASP A 24 18.53 -10.63 6.91
C ASP A 24 17.17 -9.92 6.86
N PRO A 25 16.57 -9.81 5.66
CA PRO A 25 15.28 -9.15 5.49
C PRO A 25 14.13 -9.96 6.08
N ASN A 26 13.39 -9.34 7.00
CA ASN A 26 12.27 -10.01 7.65
C ASN A 26 11.44 -9.00 8.44
N ARG A 27 10.12 -9.18 8.42
CA ARG A 27 9.22 -8.29 9.14
C ARG A 27 9.38 -6.85 8.66
N ILE A 28 8.60 -6.48 7.64
CA ILE A 28 8.66 -5.13 7.10
C ILE A 28 7.39 -4.35 7.44
N ILE A 29 7.55 -3.07 7.72
CA ILE A 29 6.42 -2.21 8.06
C ILE A 29 5.72 -1.73 6.79
N ALA A 30 4.48 -1.29 6.93
CA ALA A 30 3.74 -0.80 5.78
C ALA A 30 3.15 0.59 6.04
N THR A 31 3.85 1.61 5.55
CA THR A 31 3.41 2.98 5.72
C THR A 31 2.56 3.41 4.54
N TYR A 32 1.54 4.23 4.80
CA TYR A 32 0.65 4.67 3.74
C TYR A 32 1.26 5.83 2.96
N ILE A 33 1.03 5.81 1.65
CA ILE A 33 1.53 6.86 0.77
C ILE A 33 0.38 7.44 -0.06
N SER A 34 0.46 8.74 -0.33
CA SER A 34 -0.56 9.41 -1.12
C SER A 34 0.02 10.60 -1.86
N ASN A 35 -0.23 10.66 -3.16
CA ASN A 35 0.27 11.77 -3.98
C ASN A 35 -0.26 13.10 -3.45
N ARG A 36 -1.44 13.05 -2.84
CA ARG A 36 -2.06 14.24 -2.29
C ARG A 36 -1.30 14.74 -1.06
N GLN A 37 -1.38 16.05 -0.82
CA GLN A 37 -0.71 16.65 0.33
C GLN A 37 -1.68 16.85 1.48
N ASP A 38 -2.71 16.02 1.53
CA ASP A 38 -3.73 16.10 2.58
C ASP A 38 -3.71 14.86 3.46
N ALA A 39 -3.65 15.08 4.77
CA ALA A 39 -3.63 13.99 5.72
C ALA A 39 -4.89 13.14 5.63
N PRO A 40 -4.86 11.92 6.20
CA PRO A 40 -6.02 11.02 6.17
C PRO A 40 -7.10 11.44 7.14
N THR A 41 -8.35 11.25 6.74
CA THR A 41 -9.50 11.61 7.57
C THR A 41 -9.49 10.79 8.87
N GLY A 42 -10.60 10.10 9.16
CA GLY A 42 -10.68 9.29 10.37
C GLY A 42 -9.40 8.55 10.68
N ASN A 43 -9.22 7.40 10.03
CA ASN A 43 -8.02 6.60 10.24
C ASN A 43 -7.78 5.67 9.07
N PRO A 44 -6.52 5.57 8.60
CA PRO A 44 -6.14 4.71 7.49
C PRO A 44 -5.94 3.27 7.94
N ASP A 45 -6.13 3.02 9.25
CA ASP A 45 -5.97 1.68 9.83
C ASP A 45 -6.39 0.58 8.86
N ASN A 46 -7.42 0.83 8.06
CA ASN A 46 -7.89 -0.15 7.09
C ASN A 46 -6.72 -0.67 6.27
N ILE A 47 -5.73 0.19 6.11
CA ILE A 47 -4.52 -0.12 5.35
C ILE A 47 -3.44 -0.72 6.24
N PHE A 48 -3.16 -0.04 7.35
CA PHE A 48 -2.13 -0.49 8.27
C PHE A 48 -2.52 -1.80 8.95
N ASP A 49 -3.72 -1.84 9.53
CA ASP A 49 -4.20 -3.03 10.23
C ASP A 49 -4.76 -4.05 9.24
N ASN A 50 -5.35 -3.56 8.15
CA ASN A 50 -5.93 -4.43 7.14
C ASN A 50 -7.23 -5.07 7.64
N ASN A 51 -8.07 -4.26 8.28
CA ASN A 51 -9.34 -4.74 8.81
C ASN A 51 -10.51 -4.18 8.00
N ALA A 52 -10.33 -2.98 7.46
CA ALA A 52 -11.37 -2.33 6.67
C ALA A 52 -12.55 -1.93 7.54
N SER A 53 -12.28 -1.64 8.82
CA SER A 53 -13.33 -1.25 9.74
C SER A 53 -13.25 0.23 10.07
N THR A 54 -12.74 1.00 9.11
CA THR A 54 -12.59 2.44 9.26
C THR A 54 -12.66 3.12 7.90
N GLU A 55 -12.72 4.45 7.90
CA GLU A 55 -12.80 5.21 6.65
C GLU A 55 -11.48 5.92 6.35
N LEU A 56 -11.35 6.40 5.11
CA LEU A 56 -10.15 7.09 4.67
C LEU A 56 -10.41 7.86 3.39
N VAL A 57 -10.07 9.16 3.38
CA VAL A 57 -10.28 9.99 2.20
C VAL A 57 -9.31 11.16 2.18
N TYR A 58 -8.77 11.45 1.00
CA TYR A 58 -7.85 12.55 0.82
C TYR A 58 -8.53 13.68 0.07
N LYS A 59 -8.50 14.88 0.64
CA LYS A 59 -9.15 16.02 0.01
C LYS A 59 -8.23 16.66 -1.03
N ASN A 60 -7.07 17.14 -0.59
CA ASN A 60 -6.11 17.77 -1.50
C ASN A 60 -6.82 18.76 -2.43
N PRO A 61 -6.10 19.49 -3.30
CA PRO A 61 -6.75 20.43 -4.21
C PRO A 61 -7.85 19.73 -4.99
N ASN A 62 -9.10 20.06 -4.68
CA ASN A 62 -10.25 19.45 -5.34
C ASN A 62 -9.99 19.14 -6.81
N ARG A 63 -9.26 20.03 -7.47
CA ARG A 63 -8.93 19.85 -8.89
C ARG A 63 -7.46 19.48 -9.07
N ILE A 64 -7.21 18.44 -9.84
CA ILE A 64 -5.85 17.98 -10.09
C ILE A 64 -5.77 17.17 -11.37
N ASP A 65 -4.67 17.31 -12.11
CA ASP A 65 -4.47 16.59 -13.36
C ASP A 65 -3.24 15.69 -13.29
N VAL A 66 -3.47 14.39 -13.39
CA VAL A 66 -2.39 13.41 -13.35
C VAL A 66 -1.59 13.51 -12.05
N GLY A 67 -1.70 12.50 -11.20
CA GLY A 67 -0.97 12.50 -9.95
C GLY A 67 -1.78 11.92 -8.79
N THR A 68 -3.09 12.13 -8.81
CA THR A 68 -3.96 11.62 -7.76
C THR A 68 -3.80 10.11 -7.62
N TYR A 69 -3.08 9.69 -6.57
CA TYR A 69 -2.86 8.27 -6.34
C TYR A 69 -2.42 8.00 -4.91
N VAL A 70 -2.64 6.77 -4.43
CA VAL A 70 -2.23 6.38 -3.09
C VAL A 70 -1.53 5.03 -3.10
N GLY A 71 -1.30 4.50 -1.91
CA GLY A 71 -0.64 3.21 -1.79
C GLY A 71 -0.16 2.95 -0.39
N VAL A 72 0.96 2.26 -0.29
CA VAL A 72 1.54 1.97 1.00
C VAL A 72 3.01 1.53 0.87
N LYS A 73 3.91 2.33 1.44
CA LYS A 73 5.34 2.04 1.34
C LYS A 73 5.83 1.14 2.48
N TYR A 74 6.91 0.43 2.21
CA TYR A 74 7.49 -0.48 3.21
C TYR A 74 8.78 0.09 3.79
N SER A 75 9.47 -0.71 4.58
CA SER A 75 10.72 -0.28 5.20
C SER A 75 11.92 -0.76 4.40
N ASN A 76 11.75 -1.88 3.70
CA ASN A 76 12.82 -2.45 2.89
C ASN A 76 12.27 -3.49 1.92
N PRO A 77 13.07 -3.90 0.93
CA PRO A 77 12.66 -4.90 -0.07
C PRO A 77 12.22 -6.20 0.59
N ILE A 78 10.96 -6.58 0.35
CA ILE A 78 10.42 -7.81 0.92
C ILE A 78 9.71 -8.65 -0.13
N THR A 79 9.80 -9.96 0.01
CA THR A 79 9.15 -10.87 -0.93
C THR A 79 7.65 -10.56 -1.01
N LEU A 80 7.27 -9.77 -2.00
CA LEU A 80 5.88 -9.39 -2.18
C LEU A 80 5.14 -10.42 -3.01
N ASN A 81 4.35 -11.27 -2.35
CA ASN A 81 3.58 -12.30 -3.03
C ASN A 81 2.47 -11.68 -3.87
N ASN A 82 1.92 -10.56 -3.38
CA ASN A 82 0.84 -9.87 -4.09
C ASN A 82 0.24 -8.76 -3.23
N VAL A 83 0.04 -7.59 -3.83
CA VAL A 83 -0.55 -6.46 -3.13
C VAL A 83 -1.98 -6.27 -3.59
N GLU A 84 -2.81 -5.67 -2.74
CA GLU A 84 -4.22 -5.48 -3.08
C GLU A 84 -4.79 -4.25 -2.37
N PHE A 85 -5.00 -3.17 -3.12
CA PHE A 85 -5.57 -1.96 -2.56
C PHE A 85 -7.08 -1.99 -2.74
N LEU A 86 -7.81 -2.35 -1.69
CA LEU A 86 -9.26 -2.40 -1.74
C LEU A 86 -9.83 -1.04 -1.36
N MET A 87 -10.14 -0.22 -2.34
CA MET A 87 -10.64 1.12 -2.08
C MET A 87 -11.73 1.54 -3.08
N GLY A 88 -12.32 2.69 -2.82
CA GLY A 88 -13.36 3.22 -3.68
C GLY A 88 -13.33 4.74 -3.69
N ALA A 89 -14.29 5.35 -3.00
CA ALA A 89 -14.37 6.80 -2.91
C ALA A 89 -14.84 7.23 -1.53
N ASN A 90 -14.94 8.54 -1.32
CA ASN A 90 -15.39 9.06 -0.04
C ASN A 90 -16.91 9.17 0.01
N SER A 91 -17.47 10.04 -0.84
CA SER A 91 -18.91 10.22 -0.90
C SER A 91 -19.49 9.53 -2.13
N ASN A 92 -19.04 9.97 -3.31
CA ASN A 92 -19.50 9.41 -4.58
C ASN A 92 -18.54 8.31 -5.05
N PRO A 93 -19.04 7.09 -5.26
CA PRO A 93 -18.20 5.97 -5.73
C PRO A 93 -17.33 6.32 -6.94
N ASN A 94 -17.70 7.39 -7.64
CA ASN A 94 -16.95 7.82 -8.81
C ASN A 94 -15.86 8.83 -8.45
N ASP A 95 -15.38 8.77 -7.20
CA ASP A 95 -14.34 9.68 -6.74
C ASP A 95 -13.01 8.96 -6.59
N THR A 96 -12.23 8.94 -7.67
CA THR A 96 -10.93 8.28 -7.67
C THR A 96 -10.21 8.50 -9.00
N MET A 97 -9.17 7.70 -9.25
CA MET A 97 -8.39 7.80 -10.49
C MET A 97 -9.29 8.11 -11.69
N GLN A 98 -8.69 8.62 -12.77
CA GLN A 98 -9.43 8.90 -13.98
C GLN A 98 -9.21 7.75 -14.95
N LYS A 99 -7.95 7.30 -14.99
CA LYS A 99 -7.53 6.17 -15.79
C LYS A 99 -6.07 5.89 -15.50
N ALA A 100 -5.73 4.67 -15.05
CA ALA A 100 -4.34 4.35 -14.74
C ALA A 100 -4.17 2.94 -14.18
N LYS A 101 -2.91 2.51 -14.12
CA LYS A 101 -2.54 1.21 -13.60
C LYS A 101 -1.90 1.41 -12.22
N ILE A 102 -1.43 0.33 -11.60
CA ILE A 102 -0.81 0.43 -10.28
C ILE A 102 0.71 0.51 -10.40
N GLN A 103 1.37 0.96 -9.34
CA GLN A 103 2.83 1.10 -9.34
C GLN A 103 3.47 0.38 -8.14
N TYR A 104 4.81 0.42 -8.09
CA TYR A 104 5.57 -0.20 -7.02
C TYR A 104 7.06 0.10 -7.17
N THR A 105 7.73 0.41 -6.07
CA THR A 105 9.16 0.71 -6.12
C THR A 105 9.97 -0.54 -5.74
N VAL A 106 11.08 -0.76 -6.43
CA VAL A 106 11.92 -1.92 -6.17
C VAL A 106 12.99 -1.63 -5.13
N ASP A 107 13.86 -0.67 -5.43
CA ASP A 107 14.94 -0.31 -4.52
C ASP A 107 14.54 0.85 -3.62
N GLY A 108 13.27 0.94 -3.28
CA GLY A 108 12.78 2.01 -2.43
C GLY A 108 13.22 3.37 -2.91
N ARG A 109 13.22 3.56 -4.22
CA ARG A 109 13.62 4.83 -4.82
C ARG A 109 12.70 5.20 -5.98
N GLU A 110 12.83 4.48 -7.08
CA GLU A 110 12.00 4.72 -8.25
C GLU A 110 10.73 3.89 -8.19
N TRP A 111 9.73 4.27 -8.97
CA TRP A 111 8.47 3.55 -9.00
C TRP A 111 8.07 3.21 -10.44
N ILE A 112 8.01 1.92 -10.74
CA ILE A 112 7.66 1.47 -12.08
C ILE A 112 6.28 0.80 -12.11
N ASP A 113 5.65 0.83 -13.28
CA ASP A 113 4.31 0.25 -13.46
C ASP A 113 4.17 -1.07 -12.73
N LEU A 114 2.93 -1.44 -12.39
CA LEU A 114 2.66 -2.68 -11.68
C LEU A 114 1.63 -3.53 -12.41
N GLU A 115 0.40 -3.03 -12.47
CA GLU A 115 -0.69 -3.75 -13.11
C GLU A 115 -0.92 -3.32 -14.55
N GLU A 116 -1.52 -4.22 -15.32
CA GLU A 116 -1.86 -3.96 -16.72
C GLU A 116 -2.43 -2.57 -16.89
N GLY A 117 -2.52 -2.11 -18.13
CA GLY A 117 -3.08 -0.79 -18.38
C GLY A 117 -4.53 -0.73 -17.91
N VAL A 118 -4.71 -0.95 -16.62
CA VAL A 118 -6.03 -0.94 -15.99
C VAL A 118 -6.50 0.47 -15.77
N GLU A 119 -7.79 0.62 -15.59
CA GLU A 119 -8.37 1.91 -15.35
C GLU A 119 -8.83 1.98 -13.91
N TYR A 120 -7.86 2.13 -13.00
CA TYR A 120 -8.15 2.20 -11.57
C TYR A 120 -8.84 3.51 -11.23
N THR A 121 -9.72 3.94 -12.13
CA THR A 121 -10.51 5.15 -11.95
C THR A 121 -11.84 4.79 -11.32
N MET A 122 -12.19 3.52 -11.46
CA MET A 122 -13.40 2.97 -10.89
C MET A 122 -13.06 1.63 -10.23
N PRO A 123 -11.93 1.58 -9.49
CA PRO A 123 -11.47 0.36 -8.85
C PRO A 123 -12.09 0.15 -7.48
N GLY A 124 -13.12 -0.68 -7.41
CA GLY A 124 -13.76 -0.97 -6.12
C GLY A 124 -12.83 -1.77 -5.25
N ALA A 125 -12.16 -2.73 -5.86
CA ALA A 125 -11.21 -3.58 -5.16
C ALA A 125 -10.02 -3.87 -6.06
N ILE A 126 -8.84 -3.56 -5.56
CA ILE A 126 -7.63 -3.76 -6.32
C ILE A 126 -6.78 -4.87 -5.76
N LYS A 127 -6.45 -5.84 -6.60
CA LYS A 127 -5.63 -6.97 -6.19
C LYS A 127 -4.89 -7.58 -7.39
N VAL A 128 -3.72 -8.12 -7.14
CA VAL A 128 -2.91 -8.73 -8.19
C VAL A 128 -2.12 -9.93 -7.65
N GLU A 129 -2.54 -11.13 -8.03
CA GLU A 129 -1.87 -12.35 -7.60
C GLU A 129 -0.73 -12.71 -8.54
N ASN A 130 0.02 -13.75 -8.17
CA ASN A 130 1.14 -14.20 -8.98
C ASN A 130 2.18 -13.10 -9.13
N LEU A 131 2.29 -12.26 -8.10
CA LEU A 131 3.24 -11.16 -8.12
C LEU A 131 4.42 -11.44 -7.20
N ASP A 132 4.72 -12.73 -7.00
CA ASP A 132 5.83 -13.12 -6.13
C ASP A 132 7.13 -12.46 -6.57
N LEU A 133 7.39 -11.28 -6.01
CA LEU A 133 8.60 -10.53 -6.35
C LEU A 133 8.98 -9.57 -5.22
N LYS A 134 10.20 -9.72 -4.69
CA LYS A 134 10.66 -8.83 -3.62
C LYS A 134 10.52 -7.39 -4.09
N VAL A 135 9.94 -6.54 -3.25
CA VAL A 135 9.74 -5.15 -3.64
C VAL A 135 9.78 -4.22 -2.46
N ARG A 136 9.81 -2.95 -2.75
CA ARG A 136 9.79 -1.95 -1.72
C ARG A 136 8.50 -1.15 -1.86
N GLY A 137 7.78 -1.04 -0.77
CA GLY A 137 6.53 -0.30 -0.78
C GLY A 137 5.59 -0.69 -1.91
N VAL A 138 4.48 0.04 -2.01
CA VAL A 138 3.47 -0.18 -3.04
C VAL A 138 2.68 1.10 -3.28
N ARG A 139 2.20 1.32 -4.49
CA ARG A 139 1.45 2.54 -4.79
C ARG A 139 0.85 2.56 -6.19
N LEU A 140 -0.17 3.38 -6.36
CA LEU A 140 -0.85 3.55 -7.64
C LEU A 140 -0.40 4.84 -8.30
N ILE A 141 -0.58 4.94 -9.61
CA ILE A 141 -0.18 6.14 -10.33
C ILE A 141 -1.22 6.51 -11.39
N ALA A 142 -1.73 7.74 -11.31
CA ALA A 142 -2.73 8.22 -12.25
C ALA A 142 -2.08 8.86 -13.47
N THR A 143 -2.77 8.81 -14.60
CA THR A 143 -2.27 9.39 -15.85
C THR A 143 -3.28 10.33 -16.47
N GLU A 144 -4.07 11.01 -15.63
CA GLU A 144 -5.07 11.94 -16.12
C GLU A 144 -5.80 12.64 -14.97
N ALA A 145 -6.37 11.86 -14.06
CA ALA A 145 -7.09 12.41 -12.92
C ALA A 145 -8.26 13.28 -13.38
N ARG A 146 -9.06 13.75 -12.42
CA ARG A 146 -10.21 14.60 -12.75
C ARG A 146 -10.29 15.80 -11.81
N GLU A 147 -11.08 16.79 -12.19
CA GLU A 147 -11.25 17.99 -11.38
C GLU A 147 -12.27 17.76 -10.27
N ASN A 148 -12.14 18.54 -9.19
CA ASN A 148 -13.05 18.41 -8.04
C ASN A 148 -13.33 16.95 -7.73
N THR A 149 -12.40 16.31 -7.03
CA THR A 149 -12.56 14.91 -6.68
C THR A 149 -11.55 14.48 -5.63
N TRP A 150 -12.03 13.79 -4.59
CA TRP A 150 -11.18 13.30 -3.53
C TRP A 150 -10.80 11.84 -3.81
N LEU A 151 -10.14 11.22 -2.84
CA LEU A 151 -9.76 9.82 -2.98
C LEU A 151 -10.08 9.07 -1.68
N GLY A 152 -11.21 8.38 -1.67
CA GLY A 152 -11.62 7.64 -0.49
C GLY A 152 -11.15 6.20 -0.51
N VAL A 153 -10.28 5.86 0.42
CA VAL A 153 -9.76 4.50 0.52
C VAL A 153 -10.58 3.69 1.50
N ARG A 154 -10.70 2.39 1.23
CA ARG A 154 -11.47 1.50 2.09
C ARG A 154 -10.56 0.55 2.87
N ASP A 155 -9.59 -0.04 2.18
CA ASP A 155 -8.66 -0.98 2.82
C ASP A 155 -7.66 -1.56 1.83
N ILE A 156 -6.38 -1.43 2.14
CA ILE A 156 -5.32 -1.99 1.30
C ILE A 156 -4.37 -2.82 2.14
N ASN A 157 -3.94 -3.94 1.61
CA ASN A 157 -3.03 -4.80 2.35
C ASN A 157 -1.96 -5.38 1.44
N VAL A 158 -0.81 -5.71 2.02
CA VAL A 158 0.29 -6.28 1.27
C VAL A 158 0.87 -7.50 1.97
N ASN A 159 1.31 -8.48 1.19
CA ASN A 159 1.88 -9.69 1.73
C ASN A 159 0.92 -10.37 2.71
N LYS A 160 -0.10 -11.04 2.15
CA LYS A 160 -1.09 -11.74 2.98
C LYS A 160 -0.56 -13.08 3.47
N LYS A 161 0.75 -13.27 3.35
CA LYS A 161 1.40 -14.50 3.78
C LYS A 161 2.86 -14.21 4.15
N GLU A 162 3.13 -12.96 4.50
CA GLU A 162 4.47 -12.53 4.87
C GLU A 162 4.42 -11.29 5.77
N ASP A 163 3.61 -10.31 5.38
CA ASP A 163 3.48 -9.08 6.15
C ASP A 163 2.04 -8.87 6.61
N SER A 164 1.81 -7.77 7.33
CA SER A 164 0.48 -7.45 7.81
C SER A 164 -0.40 -6.90 6.70
N MET A 1 42.69 -0.41 12.39
CA MET A 1 41.95 0.57 11.54
C MET A 1 40.87 -0.11 10.72
N GLY A 2 39.72 -0.34 11.35
CA GLY A 2 38.62 -1.00 10.67
C GLY A 2 37.70 -1.75 11.62
N SER A 3 37.38 -1.12 12.74
CA SER A 3 36.51 -1.74 13.73
C SER A 3 37.12 -3.03 14.26
N SER A 4 37.60 -2.98 15.50
CA SER A 4 38.21 -4.15 16.13
C SER A 4 38.32 -3.97 17.64
N HIS A 5 37.60 -4.80 18.38
CA HIS A 5 37.60 -4.73 19.84
C HIS A 5 37.35 -6.10 20.45
N HIS A 6 38.42 -6.84 20.72
CA HIS A 6 38.31 -8.17 21.30
C HIS A 6 37.52 -9.10 20.40
N HIS A 7 38.21 -9.71 19.43
CA HIS A 7 37.55 -10.64 18.50
C HIS A 7 38.00 -12.07 18.75
N HIS A 8 38.26 -12.39 20.01
CA HIS A 8 38.69 -13.74 20.38
C HIS A 8 37.87 -14.27 21.55
N HIS A 9 37.77 -13.47 22.62
CA HIS A 9 37.02 -13.87 23.80
C HIS A 9 36.03 -12.78 24.20
N HIS A 10 34.96 -13.17 24.89
CA HIS A 10 33.94 -12.23 25.33
C HIS A 10 33.34 -12.66 26.66
N SER A 11 32.45 -11.83 27.21
CA SER A 11 31.81 -12.13 28.48
C SER A 11 30.54 -11.31 28.65
N SER A 12 29.55 -11.90 29.31
CA SER A 12 28.27 -11.23 29.54
C SER A 12 28.47 -9.95 30.34
N GLY A 13 28.97 -10.10 31.58
CA GLY A 13 29.20 -8.95 32.43
C GLY A 13 27.92 -8.16 32.70
N LEU A 14 27.62 -7.21 31.83
CA LEU A 14 26.42 -6.39 31.99
C LEU A 14 25.29 -6.91 31.12
N VAL A 15 24.46 -7.78 31.69
CA VAL A 15 23.32 -8.38 30.98
C VAL A 15 23.73 -8.97 29.64
N PRO A 16 22.88 -9.82 29.05
CA PRO A 16 23.15 -10.46 27.76
C PRO A 16 23.36 -9.45 26.64
N ARG A 17 23.57 -9.95 25.42
CA ARG A 17 23.78 -9.08 24.27
C ARG A 17 22.61 -9.17 23.30
N GLY A 18 21.42 -9.41 23.83
CA GLY A 18 20.24 -9.52 23.00
C GLY A 18 20.04 -10.91 22.43
N SER A 19 19.51 -11.81 23.26
CA SER A 19 19.28 -13.19 22.83
C SER A 19 17.78 -13.45 22.65
N HIS A 20 17.40 -13.85 21.45
CA HIS A 20 16.00 -14.14 21.14
C HIS A 20 15.85 -14.65 19.72
N MET A 21 16.57 -14.03 18.80
CA MET A 21 16.52 -14.43 17.38
C MET A 21 17.91 -14.83 16.88
N ALA A 22 18.03 -14.97 15.56
CA ALA A 22 19.30 -15.34 14.95
C ALA A 22 19.91 -14.17 14.20
N SER A 23 19.28 -13.80 13.09
CA SER A 23 19.76 -12.69 12.28
C SER A 23 19.13 -11.38 12.71
N ASP A 24 17.81 -11.26 12.50
CA ASP A 24 17.09 -10.06 12.88
C ASP A 24 15.60 -10.19 12.54
N PRO A 25 14.72 -9.57 13.34
CA PRO A 25 13.28 -9.63 13.12
C PRO A 25 12.84 -8.81 11.91
N ASN A 26 13.44 -7.63 11.75
CA ASN A 26 13.12 -6.76 10.63
C ASN A 26 11.68 -6.26 10.72
N ARG A 27 10.74 -7.12 10.33
CA ARG A 27 9.32 -6.78 10.36
C ARG A 27 9.05 -5.56 9.51
N ILE A 28 8.96 -5.76 8.20
CA ILE A 28 8.69 -4.66 7.27
C ILE A 28 7.36 -3.99 7.59
N ILE A 29 7.43 -2.68 7.85
CA ILE A 29 6.25 -1.89 8.16
C ILE A 29 5.51 -1.49 6.90
N ALA A 30 4.24 -1.12 7.04
CA ALA A 30 3.43 -0.71 5.91
C ALA A 30 2.78 0.65 6.15
N THR A 31 3.38 1.70 5.61
CA THR A 31 2.86 3.05 5.76
C THR A 31 2.08 3.46 4.51
N TYR A 32 1.17 4.41 4.67
CA TYR A 32 0.37 4.87 3.55
C TYR A 32 1.01 6.06 2.83
N ILE A 33 0.82 6.11 1.52
CA ILE A 33 1.37 7.19 0.70
C ILE A 33 0.26 7.94 -0.02
N SER A 34 0.65 8.99 -0.74
CA SER A 34 -0.31 9.78 -1.49
C SER A 34 0.35 10.90 -2.27
N ASN A 35 0.02 11.00 -3.55
CA ASN A 35 0.57 12.05 -4.40
C ASN A 35 -0.01 13.39 -3.96
N ARG A 36 -1.21 13.34 -3.39
CA ARG A 36 -1.90 14.53 -2.92
C ARG A 36 -1.38 14.96 -1.55
N GLN A 37 -1.03 16.23 -1.42
CA GLN A 37 -0.53 16.76 -0.15
C GLN A 37 -1.53 16.49 0.97
N ASP A 38 -2.80 16.32 0.60
CA ASP A 38 -3.86 16.06 1.56
C ASP A 38 -3.49 14.89 2.49
N ALA A 39 -3.92 14.99 3.74
CA ALA A 39 -3.65 13.95 4.72
C ALA A 39 -4.86 13.04 4.89
N PRO A 40 -4.68 11.87 5.54
CA PRO A 40 -5.78 10.92 5.74
C PRO A 40 -6.90 11.53 6.58
N THR A 41 -8.13 11.37 6.10
CA THR A 41 -9.31 11.88 6.79
C THR A 41 -9.23 11.66 8.29
N GLY A 42 -8.88 10.45 8.68
CA GLY A 42 -8.78 10.12 10.09
C GLY A 42 -7.56 9.28 10.40
N ASN A 43 -7.61 8.02 9.99
CA ASN A 43 -6.50 7.10 10.23
C ASN A 43 -6.48 5.99 9.18
N PRO A 44 -5.40 5.92 8.37
CA PRO A 44 -5.27 4.88 7.35
C PRO A 44 -5.04 3.50 7.95
N ASP A 45 -4.99 3.42 9.27
CA ASP A 45 -4.79 2.17 9.99
C ASP A 45 -5.48 1.01 9.29
N ASN A 46 -6.63 1.28 8.68
CA ASN A 46 -7.39 0.26 7.97
C ASN A 46 -6.45 -0.57 7.08
N ILE A 47 -5.44 0.11 6.56
CA ILE A 47 -4.45 -0.52 5.69
C ILE A 47 -3.23 -0.99 6.46
N PHE A 48 -2.86 -0.25 7.50
CA PHE A 48 -1.70 -0.60 8.31
C PHE A 48 -1.79 -2.02 8.86
N ASP A 49 -3.01 -2.51 9.06
CA ASP A 49 -3.22 -3.86 9.59
C ASP A 49 -4.26 -4.62 8.78
N ASN A 50 -4.45 -4.22 7.51
CA ASN A 50 -5.41 -4.88 6.64
C ASN A 50 -6.75 -5.07 7.33
N ASN A 51 -7.62 -4.07 7.23
CA ASN A 51 -8.94 -4.12 7.86
C ASN A 51 -9.73 -2.87 7.51
N ALA A 52 -10.89 -2.70 8.15
CA ALA A 52 -11.73 -1.55 7.90
C ALA A 52 -12.41 -1.06 9.17
N SER A 53 -11.61 -0.64 10.15
CA SER A 53 -12.15 -0.15 11.41
C SER A 53 -11.96 1.36 11.54
N THR A 54 -11.74 2.02 10.40
CA THR A 54 -11.55 3.45 10.36
C THR A 54 -11.79 3.98 8.95
N GLU A 55 -11.82 5.29 8.80
CA GLU A 55 -12.04 5.90 7.49
C GLU A 55 -10.73 6.40 6.88
N LEU A 56 -10.71 6.54 5.56
CA LEU A 56 -9.52 6.99 4.85
C LEU A 56 -9.86 7.50 3.46
N VAL A 57 -9.74 8.81 3.26
CA VAL A 57 -10.04 9.42 1.97
C VAL A 57 -9.27 10.73 1.80
N TYR A 58 -8.74 10.92 0.59
CA TYR A 58 -7.99 12.13 0.26
C TYR A 58 -8.89 13.08 -0.51
N LYS A 59 -9.01 14.32 -0.03
CA LYS A 59 -9.90 15.27 -0.66
C LYS A 59 -9.65 16.73 -0.28
N ASN A 60 -8.49 17.02 0.32
CA ASN A 60 -8.19 18.40 0.70
C ASN A 60 -8.42 19.33 -0.50
N PRO A 61 -7.83 19.00 -1.66
CA PRO A 61 -7.97 19.76 -2.88
C PRO A 61 -8.97 19.10 -3.83
N ASN A 62 -10.13 19.74 -4.00
CA ASN A 62 -11.16 19.18 -4.89
C ASN A 62 -10.74 19.29 -6.35
N ARG A 63 -9.63 18.64 -6.69
CA ARG A 63 -9.11 18.66 -8.06
C ARG A 63 -7.80 17.90 -8.14
N ILE A 64 -7.76 16.89 -9.01
CA ILE A 64 -6.57 16.09 -9.19
C ILE A 64 -6.09 16.11 -10.64
N ASP A 65 -4.78 16.16 -10.83
CA ASP A 65 -4.19 16.18 -12.17
C ASP A 65 -3.31 14.96 -12.39
N VAL A 66 -2.75 14.85 -13.59
CA VAL A 66 -1.87 13.74 -13.94
C VAL A 66 -0.80 13.53 -12.87
N GLY A 67 -1.00 12.52 -12.03
CA GLY A 67 -0.05 12.23 -10.98
C GLY A 67 -0.71 11.84 -9.68
N THR A 68 -1.97 12.25 -9.52
CA THR A 68 -2.72 11.94 -8.31
C THR A 68 -2.80 10.43 -8.10
N TYR A 69 -2.19 9.94 -7.02
CA TYR A 69 -2.19 8.52 -6.73
C TYR A 69 -1.83 8.25 -5.28
N VAL A 70 -2.01 7.00 -4.85
CA VAL A 70 -1.67 6.60 -3.50
C VAL A 70 -1.47 5.09 -3.41
N GLY A 71 -1.34 4.60 -2.19
CA GLY A 71 -1.16 3.19 -1.96
C GLY A 71 -0.67 2.92 -0.56
N VAL A 72 0.55 2.42 -0.44
CA VAL A 72 1.11 2.16 0.87
C VAL A 72 2.58 1.73 0.77
N LYS A 73 3.48 2.53 1.33
CA LYS A 73 4.91 2.24 1.28
C LYS A 73 5.35 1.39 2.46
N TYR A 74 6.46 0.68 2.28
CA TYR A 74 7.01 -0.18 3.32
C TYR A 74 8.34 0.37 3.85
N SER A 75 9.00 -0.40 4.70
CA SER A 75 10.28 -0.01 5.26
C SER A 75 11.42 -0.78 4.61
N ASN A 76 11.19 -2.07 4.39
CA ASN A 76 12.19 -2.94 3.77
C ASN A 76 11.54 -3.84 2.72
N PRO A 77 12.35 -4.60 1.96
CA PRO A 77 11.84 -5.50 0.92
C PRO A 77 11.23 -6.78 1.49
N ILE A 78 10.11 -7.19 0.91
CA ILE A 78 9.42 -8.40 1.35
C ILE A 78 8.88 -9.18 0.16
N THR A 79 8.92 -10.51 0.26
CA THR A 79 8.41 -11.35 -0.82
C THR A 79 6.93 -11.09 -1.01
N LEU A 80 6.60 -10.22 -1.97
CA LEU A 80 5.22 -9.87 -2.25
C LEU A 80 4.58 -10.88 -3.20
N ASN A 81 3.81 -11.81 -2.64
CA ASN A 81 3.14 -12.82 -3.45
C ASN A 81 2.03 -12.19 -4.28
N ASN A 82 1.51 -11.05 -3.80
CA ASN A 82 0.45 -10.35 -4.50
C ASN A 82 -0.01 -9.12 -3.71
N VAL A 83 -0.11 -7.98 -4.40
CA VAL A 83 -0.53 -6.74 -3.78
C VAL A 83 -1.96 -6.42 -4.19
N GLU A 84 -2.74 -5.85 -3.26
CA GLU A 84 -4.14 -5.54 -3.55
C GLU A 84 -4.63 -4.35 -2.74
N PHE A 85 -5.09 -3.31 -3.43
CA PHE A 85 -5.63 -2.13 -2.76
C PHE A 85 -7.16 -2.16 -2.77
N LEU A 86 -7.76 -2.56 -1.65
CA LEU A 86 -9.22 -2.62 -1.57
C LEU A 86 -9.78 -1.29 -1.10
N MET A 87 -10.03 -0.40 -2.05
CA MET A 87 -10.57 0.91 -1.74
C MET A 87 -11.57 1.36 -2.79
N GLY A 88 -12.12 2.56 -2.60
CA GLY A 88 -13.09 3.09 -3.55
C GLY A 88 -13.20 4.60 -3.46
N ALA A 89 -14.43 5.08 -3.29
CA ALA A 89 -14.68 6.52 -3.20
C ALA A 89 -15.23 6.88 -1.82
N ASN A 90 -15.05 8.14 -1.43
CA ASN A 90 -15.53 8.59 -0.13
C ASN A 90 -17.03 8.81 -0.15
N SER A 91 -17.46 9.84 -0.90
CA SER A 91 -18.89 10.16 -1.01
C SER A 91 -19.43 9.72 -2.36
N ASN A 92 -18.89 10.28 -3.43
CA ASN A 92 -19.32 9.94 -4.78
C ASN A 92 -18.50 8.77 -5.33
N PRO A 93 -19.17 7.66 -5.72
CA PRO A 93 -18.50 6.48 -6.26
C PRO A 93 -17.45 6.83 -7.31
N ASN A 94 -17.61 7.99 -7.94
CA ASN A 94 -16.67 8.43 -8.97
C ASN A 94 -15.50 9.22 -8.36
N ASP A 95 -15.32 9.12 -7.05
CA ASP A 95 -14.25 9.82 -6.36
C ASP A 95 -13.00 8.95 -6.27
N THR A 96 -12.18 8.99 -7.33
CA THR A 96 -10.95 8.21 -7.38
C THR A 96 -10.19 8.52 -8.66
N MET A 97 -9.22 7.67 -9.00
CA MET A 97 -8.44 7.85 -10.22
C MET A 97 -9.35 8.18 -11.39
N GLN A 98 -8.80 8.80 -12.42
CA GLN A 98 -9.58 9.12 -13.60
C GLN A 98 -9.37 8.01 -14.60
N LYS A 99 -8.13 7.54 -14.65
CA LYS A 99 -7.71 6.44 -15.50
C LYS A 99 -6.24 6.15 -15.22
N ALA A 100 -5.91 4.92 -14.82
CA ALA A 100 -4.51 4.62 -14.53
C ALA A 100 -4.28 3.20 -14.01
N LYS A 101 -3.01 2.81 -14.01
CA LYS A 101 -2.58 1.49 -13.53
C LYS A 101 -1.92 1.64 -12.16
N ILE A 102 -1.44 0.55 -11.58
CA ILE A 102 -0.79 0.60 -10.28
C ILE A 102 0.73 0.56 -10.44
N GLN A 103 1.46 0.96 -9.40
CA GLN A 103 2.91 0.97 -9.45
C GLN A 103 3.53 0.38 -8.18
N TYR A 104 4.85 0.44 -8.08
CA TYR A 104 5.58 -0.09 -6.92
C TYR A 104 7.07 0.26 -7.02
N THR A 105 7.69 0.54 -5.88
CA THR A 105 9.12 0.86 -5.88
C THR A 105 9.92 -0.39 -5.49
N VAL A 106 11.07 -0.57 -6.13
CA VAL A 106 11.91 -1.73 -5.86
C VAL A 106 12.93 -1.47 -4.76
N ASP A 107 13.78 -0.49 -4.96
CA ASP A 107 14.81 -0.17 -3.96
C ASP A 107 14.34 0.94 -3.03
N GLY A 108 13.03 0.99 -2.78
CA GLY A 108 12.48 2.01 -1.89
C GLY A 108 12.94 3.41 -2.28
N ARG A 109 13.14 3.61 -3.57
CA ARG A 109 13.58 4.90 -4.09
C ARG A 109 12.72 5.33 -5.28
N GLU A 110 12.93 4.67 -6.41
CA GLU A 110 12.17 4.97 -7.62
C GLU A 110 10.92 4.12 -7.69
N TRP A 111 9.94 4.58 -8.45
CA TRP A 111 8.69 3.85 -8.60
C TRP A 111 8.39 3.59 -10.07
N ILE A 112 7.91 2.39 -10.38
CA ILE A 112 7.62 2.01 -11.75
C ILE A 112 6.25 1.34 -11.87
N ASP A 113 5.72 1.32 -13.09
CA ASP A 113 4.41 0.71 -13.35
C ASP A 113 4.31 -0.68 -12.73
N LEU A 114 3.09 -1.09 -12.41
CA LEU A 114 2.87 -2.39 -11.79
C LEU A 114 1.80 -3.20 -12.53
N GLU A 115 0.57 -2.71 -12.51
CA GLU A 115 -0.54 -3.41 -13.15
C GLU A 115 -0.81 -2.95 -14.57
N GLU A 116 -1.39 -3.87 -15.35
CA GLU A 116 -1.75 -3.61 -16.75
C GLU A 116 -2.36 -2.24 -16.92
N GLY A 117 -2.46 -1.78 -18.15
CA GLY A 117 -3.07 -0.48 -18.41
C GLY A 117 -4.52 -0.45 -17.96
N VAL A 118 -4.73 -0.62 -16.66
CA VAL A 118 -6.04 -0.63 -16.08
C VAL A 118 -6.51 0.77 -15.79
N GLU A 119 -7.81 0.93 -15.67
CA GLU A 119 -8.39 2.22 -15.38
C GLU A 119 -8.92 2.22 -13.97
N TYR A 120 -8.01 2.37 -13.01
CA TYR A 120 -8.35 2.37 -11.60
C TYR A 120 -9.10 3.64 -11.23
N THR A 121 -10.04 4.02 -12.08
CA THR A 121 -10.88 5.18 -11.87
C THR A 121 -12.17 4.73 -11.20
N MET A 122 -12.37 3.42 -11.24
CA MET A 122 -13.53 2.79 -10.63
C MET A 122 -13.06 1.50 -9.96
N PRO A 123 -11.93 1.56 -9.23
CA PRO A 123 -11.34 0.41 -8.55
C PRO A 123 -11.98 0.12 -7.21
N GLY A 124 -12.92 -0.83 -7.18
CA GLY A 124 -13.55 -1.20 -5.93
C GLY A 124 -12.60 -2.01 -5.08
N ALA A 125 -12.00 -3.01 -5.70
CA ALA A 125 -11.04 -3.88 -5.04
C ALA A 125 -9.92 -4.23 -5.99
N ILE A 126 -8.77 -3.61 -5.79
CA ILE A 126 -7.63 -3.85 -6.65
C ILE A 126 -6.74 -4.95 -6.10
N LYS A 127 -6.33 -5.87 -6.97
CA LYS A 127 -5.47 -6.97 -6.58
C LYS A 127 -4.50 -7.32 -7.71
N VAL A 128 -3.39 -7.96 -7.34
CA VAL A 128 -2.38 -8.35 -8.33
C VAL A 128 -1.90 -9.78 -8.09
N GLU A 129 -2.35 -10.69 -8.94
CA GLU A 129 -1.96 -12.09 -8.82
C GLU A 129 -0.67 -12.37 -9.58
N ASN A 130 0.06 -13.40 -9.15
CA ASN A 130 1.31 -13.77 -9.80
C ASN A 130 2.30 -12.62 -9.75
N LEU A 131 2.49 -12.05 -8.56
CA LEU A 131 3.41 -10.94 -8.38
C LEU A 131 4.50 -11.28 -7.36
N ASP A 132 4.74 -12.57 -7.15
CA ASP A 132 5.76 -13.01 -6.20
C ASP A 132 7.10 -12.38 -6.52
N LEU A 133 7.36 -11.21 -5.93
CA LEU A 133 8.60 -10.50 -6.15
C LEU A 133 8.89 -9.54 -4.99
N LYS A 134 10.10 -9.61 -4.43
CA LYS A 134 10.46 -8.71 -3.34
C LYS A 134 10.24 -7.28 -3.79
N VAL A 135 9.58 -6.48 -2.97
CA VAL A 135 9.30 -5.11 -3.35
C VAL A 135 9.34 -4.18 -2.18
N ARG A 136 9.53 -2.91 -2.45
CA ARG A 136 9.50 -1.91 -1.42
C ARG A 136 8.23 -1.09 -1.61
N GLY A 137 7.47 -0.98 -0.54
CA GLY A 137 6.23 -0.21 -0.60
C GLY A 137 5.36 -0.55 -1.80
N VAL A 138 4.24 0.17 -1.90
CA VAL A 138 3.29 -0.01 -2.99
C VAL A 138 2.57 1.32 -3.25
N ARG A 139 2.10 1.51 -4.48
CA ARG A 139 1.41 2.75 -4.82
C ARG A 139 0.81 2.69 -6.22
N LEU A 140 -0.15 3.57 -6.46
CA LEU A 140 -0.83 3.67 -7.73
C LEU A 140 -0.21 4.78 -8.57
N ILE A 141 -0.40 4.72 -9.89
CA ILE A 141 0.15 5.74 -10.78
C ILE A 141 -0.93 6.30 -11.70
N ALA A 142 -1.19 7.59 -11.59
CA ALA A 142 -2.21 8.26 -12.40
C ALA A 142 -1.70 8.60 -13.80
N THR A 143 -2.63 8.85 -14.70
CA THR A 143 -2.29 9.19 -16.08
C THR A 143 -2.99 10.48 -16.52
N GLU A 144 -4.27 10.58 -16.19
CA GLU A 144 -5.06 11.76 -16.55
C GLU A 144 -6.19 11.97 -15.56
N ALA A 145 -5.84 12.31 -14.32
CA ALA A 145 -6.83 12.52 -13.27
C ALA A 145 -7.93 13.48 -13.71
N ARG A 146 -8.93 13.67 -12.84
CA ARG A 146 -10.05 14.55 -13.14
C ARG A 146 -10.25 15.60 -12.05
N GLU A 147 -10.72 16.78 -12.45
CA GLU A 147 -10.96 17.86 -11.50
C GLU A 147 -12.16 17.56 -10.61
N ASN A 148 -12.24 18.25 -9.47
CA ASN A 148 -13.34 18.05 -8.53
C ASN A 148 -13.61 16.57 -8.30
N THR A 149 -12.86 15.98 -7.38
CA THR A 149 -13.01 14.56 -7.08
C THR A 149 -12.11 14.14 -5.91
N TRP A 150 -12.68 13.37 -4.99
CA TRP A 150 -11.92 12.90 -3.83
C TRP A 150 -11.35 11.51 -4.10
N LEU A 151 -10.71 10.93 -3.10
CA LEU A 151 -10.12 9.60 -3.22
C LEU A 151 -10.53 8.73 -2.04
N GLY A 152 -11.43 7.78 -2.30
CA GLY A 152 -11.89 6.89 -1.25
C GLY A 152 -10.90 5.78 -0.96
N VAL A 153 -10.66 5.51 0.32
CA VAL A 153 -9.75 4.45 0.73
C VAL A 153 -10.30 3.67 1.91
N ARG A 154 -10.53 2.38 1.70
CA ARG A 154 -11.07 1.52 2.75
C ARG A 154 -10.01 0.60 3.35
N ASP A 155 -9.20 -0.03 2.49
CA ASP A 155 -8.16 -0.93 2.97
C ASP A 155 -7.27 -1.45 1.85
N ILE A 156 -6.10 -1.96 2.22
CA ILE A 156 -5.14 -2.51 1.27
C ILE A 156 -4.52 -3.77 1.86
N ASN A 157 -4.30 -4.76 1.01
CA ASN A 157 -3.70 -6.02 1.46
C ASN A 157 -2.48 -6.38 0.65
N VAL A 158 -1.58 -7.15 1.25
CA VAL A 158 -0.35 -7.58 0.59
C VAL A 158 0.26 -8.78 1.31
N ASN A 159 0.59 -9.81 0.55
CA ASN A 159 1.18 -11.02 1.12
C ASN A 159 0.17 -11.74 2.01
N LYS A 160 -0.79 -12.42 1.40
CA LYS A 160 -1.82 -13.14 2.14
C LYS A 160 -2.01 -14.55 1.58
N LYS A 161 -1.00 -15.40 1.77
CA LYS A 161 -1.06 -16.77 1.29
C LYS A 161 -1.41 -16.83 -0.20
N GLU A 162 -0.67 -16.08 -1.00
CA GLU A 162 -0.91 -16.04 -2.44
C GLU A 162 -2.32 -15.54 -2.75
N ASP A 163 -2.68 -14.41 -2.14
CA ASP A 163 -4.00 -13.83 -2.34
C ASP A 163 -5.10 -14.78 -1.86
N SER A 164 -6.20 -14.19 -1.39
CA SER A 164 -7.32 -14.99 -0.89
C SER A 164 -6.89 -15.86 0.29
N MET A 1 2.37 14.06 42.98
CA MET A 1 1.44 13.48 41.97
C MET A 1 0.87 12.16 42.43
N GLY A 2 0.58 12.06 43.73
CA GLY A 2 0.02 10.84 44.28
C GLY A 2 1.08 9.79 44.54
N SER A 3 0.64 8.57 44.81
CA SER A 3 1.56 7.46 45.07
C SER A 3 2.32 7.08 43.81
N SER A 4 3.52 7.64 43.64
CA SER A 4 4.34 7.36 42.48
C SER A 4 5.81 7.23 42.88
N HIS A 5 6.42 6.11 42.53
CA HIS A 5 7.82 5.87 42.84
C HIS A 5 8.58 5.38 41.60
N HIS A 6 8.15 5.84 40.44
CA HIS A 6 8.79 5.44 39.18
C HIS A 6 8.16 6.17 38.00
N HIS A 7 8.71 7.35 37.67
CA HIS A 7 8.20 8.14 36.56
C HIS A 7 9.15 8.07 35.36
N HIS A 8 8.63 7.59 34.23
CA HIS A 8 9.43 7.47 33.02
C HIS A 8 9.24 8.69 32.13
N HIS A 9 10.33 9.11 31.47
CA HIS A 9 10.28 10.27 30.59
C HIS A 9 9.69 9.90 29.24
N HIS A 10 10.47 9.22 28.42
CA HIS A 10 10.02 8.80 27.09
C HIS A 10 11.10 7.98 26.38
N SER A 11 11.80 7.15 27.15
CA SER A 11 12.85 6.31 26.60
C SER A 11 13.95 7.16 25.96
N SER A 12 15.01 6.50 25.49
CA SER A 12 16.13 7.20 24.87
C SER A 12 17.16 6.20 24.35
N GLY A 13 17.78 5.48 25.27
CA GLY A 13 18.79 4.51 24.88
C GLY A 13 20.20 5.06 24.95
N LEU A 14 21.15 4.23 25.36
CA LEU A 14 22.54 4.65 25.46
C LEU A 14 23.37 4.07 24.32
N VAL A 15 22.77 3.97 23.15
CA VAL A 15 23.46 3.43 21.98
C VAL A 15 22.85 3.97 20.68
N PRO A 16 22.94 5.29 20.47
CA PRO A 16 22.41 5.93 19.27
C PRO A 16 22.90 5.27 17.98
N ARG A 17 22.05 4.43 17.39
CA ARG A 17 22.40 3.75 16.16
C ARG A 17 23.63 2.84 16.37
N GLY A 18 24.01 2.13 15.31
CA GLY A 18 25.16 1.25 15.40
C GLY A 18 25.44 0.52 14.10
N SER A 19 24.76 -0.61 13.91
CA SER A 19 24.94 -1.40 12.70
C SER A 19 23.77 -1.21 11.74
N HIS A 20 23.75 -0.07 11.05
CA HIS A 20 22.69 0.24 10.11
C HIS A 20 21.34 0.30 10.81
N MET A 21 21.35 0.70 12.08
CA MET A 21 20.12 0.79 12.86
C MET A 21 19.14 1.76 12.22
N ALA A 22 18.04 2.04 12.91
CA ALA A 22 17.01 2.95 12.42
C ALA A 22 16.14 2.29 11.35
N SER A 23 16.37 1.00 11.12
CA SER A 23 15.60 0.25 10.13
C SER A 23 14.66 -0.74 10.81
N ASP A 24 14.98 -1.11 12.05
CA ASP A 24 14.16 -2.04 12.81
C ASP A 24 14.12 -3.42 12.13
N PRO A 25 15.03 -4.33 12.52
CA PRO A 25 15.08 -5.68 11.96
C PRO A 25 13.88 -6.52 12.36
N ASN A 26 12.71 -6.10 11.92
CA ASN A 26 11.48 -6.82 12.23
C ASN A 26 10.60 -6.95 10.98
N ARG A 27 9.37 -7.40 11.17
CA ARG A 27 8.44 -7.57 10.06
C ARG A 27 8.26 -6.27 9.29
N ILE A 28 8.36 -6.36 7.97
CA ILE A 28 8.23 -5.19 7.12
C ILE A 28 6.81 -4.62 7.19
N ILE A 29 6.70 -3.39 7.68
CA ILE A 29 5.42 -2.72 7.80
C ILE A 29 5.09 -1.99 6.50
N ALA A 30 3.80 -1.71 6.29
CA ALA A 30 3.36 -1.01 5.10
C ALA A 30 2.69 0.31 5.43
N THR A 31 3.46 1.40 5.32
CA THR A 31 2.95 2.73 5.60
C THR A 31 2.26 3.32 4.38
N TYR A 32 0.99 3.63 4.53
CA TYR A 32 0.20 4.19 3.45
C TYR A 32 0.89 5.41 2.82
N ILE A 33 0.76 5.53 1.50
CA ILE A 33 1.36 6.65 0.76
C ILE A 33 0.30 7.38 -0.04
N SER A 34 0.62 8.60 -0.46
CA SER A 34 -0.32 9.38 -1.25
C SER A 34 0.39 10.52 -1.99
N ASN A 35 0.01 10.71 -3.25
CA ASN A 35 0.60 11.78 -4.05
C ASN A 35 -0.02 13.12 -3.66
N ARG A 36 -1.30 13.07 -3.30
CA ARG A 36 -2.03 14.28 -2.90
C ARG A 36 -1.46 14.87 -1.63
N GLN A 37 -1.72 16.15 -1.42
CA GLN A 37 -1.23 16.84 -0.22
C GLN A 37 -2.31 16.89 0.85
N ASP A 38 -3.23 15.94 0.79
CA ASP A 38 -4.33 15.86 1.76
C ASP A 38 -3.96 14.96 2.92
N ALA A 39 -4.70 15.08 4.01
CA ALA A 39 -4.48 14.26 5.20
C ALA A 39 -5.58 13.23 5.36
N PRO A 40 -5.25 12.06 5.93
CA PRO A 40 -6.23 10.99 6.14
C PRO A 40 -7.43 11.47 6.94
N THR A 41 -8.61 11.38 6.34
CA THR A 41 -9.86 11.80 6.98
C THR A 41 -9.91 11.37 8.44
N GLY A 42 -9.71 10.08 8.67
CA GLY A 42 -9.73 9.55 10.02
C GLY A 42 -8.44 8.89 10.40
N ASN A 43 -8.20 7.70 9.85
CA ASN A 43 -6.99 6.96 10.14
C ASN A 43 -6.70 5.94 9.04
N PRO A 44 -5.53 6.05 8.38
CA PRO A 44 -5.14 5.12 7.32
C PRO A 44 -4.67 3.79 7.90
N ASP A 45 -4.66 3.69 9.23
CA ASP A 45 -4.24 2.46 9.92
C ASP A 45 -4.77 1.23 9.22
N ASN A 46 -5.96 1.36 8.61
CA ASN A 46 -6.56 0.26 7.88
C ASN A 46 -5.54 -0.42 6.97
N ILE A 47 -4.60 0.39 6.50
CA ILE A 47 -3.56 -0.07 5.60
C ILE A 47 -2.25 -0.32 6.32
N PHE A 48 -1.98 0.45 7.36
CA PHE A 48 -0.74 0.30 8.12
C PHE A 48 -0.54 -1.14 8.58
N ASP A 49 -1.62 -1.77 9.06
CA ASP A 49 -1.54 -3.14 9.55
C ASP A 49 -2.82 -3.92 9.20
N ASN A 50 -3.37 -3.66 8.02
CA ASN A 50 -4.58 -4.33 7.55
C ASN A 50 -5.63 -4.44 8.65
N ASN A 51 -6.58 -3.52 8.64
CA ASN A 51 -7.66 -3.51 9.62
C ASN A 51 -8.74 -2.50 9.23
N ALA A 52 -9.77 -2.97 8.54
CA ALA A 52 -10.85 -2.11 8.09
C ALA A 52 -11.72 -1.65 9.26
N SER A 53 -11.09 -1.11 10.30
CA SER A 53 -11.81 -0.61 11.47
C SER A 53 -11.66 0.89 11.58
N THR A 54 -11.46 1.54 10.43
CA THR A 54 -11.29 2.98 10.36
C THR A 54 -11.56 3.47 8.94
N GLU A 55 -11.61 4.79 8.76
CA GLU A 55 -11.87 5.38 7.45
C GLU A 55 -10.61 6.02 6.87
N LEU A 56 -10.64 6.27 5.56
CA LEU A 56 -9.51 6.88 4.87
C LEU A 56 -9.93 7.41 3.51
N VAL A 57 -9.80 8.72 3.32
CA VAL A 57 -10.16 9.34 2.05
C VAL A 57 -9.39 10.63 1.82
N TYR A 58 -8.99 10.86 0.58
CA TYR A 58 -8.28 12.07 0.20
C TYR A 58 -9.21 12.97 -0.59
N LYS A 59 -9.15 14.27 -0.33
CA LYS A 59 -10.07 15.19 -0.99
C LYS A 59 -9.65 16.65 -0.89
N ASN A 60 -9.02 17.04 0.22
CA ASN A 60 -8.59 18.43 0.43
C ASN A 60 -8.77 19.26 -0.86
N PRO A 61 -8.00 18.96 -1.92
CA PRO A 61 -8.12 19.65 -3.19
C PRO A 61 -9.13 18.93 -4.09
N ASN A 62 -10.29 19.54 -4.31
CA ASN A 62 -11.31 18.94 -5.17
C ASN A 62 -10.77 18.68 -6.57
N ARG A 63 -9.86 19.54 -7.01
CA ARG A 63 -9.26 19.41 -8.33
C ARG A 63 -8.01 18.54 -8.27
N ILE A 64 -7.98 17.50 -9.08
CA ILE A 64 -6.84 16.60 -9.12
C ILE A 64 -6.03 16.78 -10.39
N ASP A 65 -4.71 16.63 -10.28
CA ASP A 65 -3.81 16.78 -11.41
C ASP A 65 -3.16 15.45 -11.77
N VAL A 66 -2.63 15.37 -12.99
CA VAL A 66 -1.97 14.16 -13.46
C VAL A 66 -0.82 13.76 -12.53
N GLY A 67 -1.02 12.70 -11.76
CA GLY A 67 -0.01 12.23 -10.84
C GLY A 67 -0.57 11.80 -9.50
N THR A 68 -1.83 12.15 -9.25
CA THR A 68 -2.48 11.80 -8.00
C THR A 68 -2.60 10.29 -7.87
N TYR A 69 -2.10 9.75 -6.76
CA TYR A 69 -2.15 8.32 -6.52
C TYR A 69 -1.92 7.98 -5.06
N VAL A 70 -2.28 6.75 -4.68
CA VAL A 70 -2.09 6.27 -3.33
C VAL A 70 -1.52 4.85 -3.34
N GLY A 71 -1.49 4.25 -2.16
CA GLY A 71 -0.99 2.91 -2.03
C GLY A 71 -0.49 2.64 -0.65
N VAL A 72 0.74 2.16 -0.55
CA VAL A 72 1.31 1.90 0.76
C VAL A 72 2.78 1.50 0.67
N LYS A 73 3.65 2.30 1.30
CA LYS A 73 5.08 2.04 1.27
C LYS A 73 5.50 1.13 2.40
N TYR A 74 6.63 0.43 2.22
CA TYR A 74 7.12 -0.47 3.24
C TYR A 74 8.41 0.04 3.88
N SER A 75 8.89 -0.70 4.88
CA SER A 75 10.11 -0.34 5.58
C SER A 75 11.32 -1.06 5.00
N ASN A 76 11.08 -2.27 4.47
CA ASN A 76 12.13 -3.08 3.88
C ASN A 76 11.58 -3.96 2.76
N PRO A 77 12.46 -4.59 1.97
CA PRO A 77 12.05 -5.46 0.87
C PRO A 77 11.49 -6.80 1.35
N ILE A 78 10.36 -7.20 0.76
CA ILE A 78 9.72 -8.45 1.13
C ILE A 78 9.17 -9.17 -0.10
N THR A 79 9.32 -10.48 -0.15
CA THR A 79 8.82 -11.26 -1.27
C THR A 79 7.34 -10.98 -1.49
N LEU A 80 7.05 -10.06 -2.41
CA LEU A 80 5.67 -9.68 -2.70
C LEU A 80 4.92 -10.82 -3.36
N ASN A 81 3.96 -11.40 -2.64
CA ASN A 81 3.16 -12.49 -3.16
C ASN A 81 1.98 -11.95 -3.98
N ASN A 82 1.45 -10.81 -3.54
CA ASN A 82 0.33 -10.17 -4.22
C ASN A 82 -0.26 -9.05 -3.36
N VAL A 83 -0.43 -7.88 -3.96
CA VAL A 83 -1.00 -6.73 -3.25
C VAL A 83 -2.44 -6.52 -3.68
N GLU A 84 -3.21 -5.82 -2.84
CA GLU A 84 -4.60 -5.57 -3.14
C GLU A 84 -5.07 -4.26 -2.49
N PHE A 85 -5.24 -3.22 -3.32
CA PHE A 85 -5.71 -1.94 -2.82
C PHE A 85 -7.23 -1.90 -2.85
N LEU A 86 -7.85 -2.12 -1.70
CA LEU A 86 -9.31 -2.10 -1.60
C LEU A 86 -9.81 -0.70 -1.33
N MET A 87 -10.17 0.01 -2.39
CA MET A 87 -10.65 1.39 -2.27
C MET A 87 -11.78 1.66 -3.25
N GLY A 88 -12.28 2.89 -3.22
CA GLY A 88 -13.36 3.28 -4.11
C GLY A 88 -13.58 4.78 -4.11
N ALA A 89 -14.63 5.22 -3.43
CA ALA A 89 -14.94 6.63 -3.34
C ALA A 89 -15.49 6.99 -1.97
N ASN A 90 -15.30 8.24 -1.58
CA ASN A 90 -15.78 8.71 -0.27
C ASN A 90 -17.29 8.93 -0.31
N SER A 91 -17.72 9.93 -1.06
CA SER A 91 -19.14 10.25 -1.18
C SER A 91 -19.70 9.76 -2.52
N ASN A 92 -19.15 10.30 -3.60
CA ASN A 92 -19.58 9.92 -4.94
C ASN A 92 -18.75 8.75 -5.47
N PRO A 93 -19.40 7.62 -5.83
CA PRO A 93 -18.71 6.43 -6.33
C PRO A 93 -17.71 6.76 -7.45
N ASN A 94 -17.92 7.89 -8.12
CA ASN A 94 -17.04 8.31 -9.20
C ASN A 94 -15.95 9.26 -8.69
N ASP A 95 -15.61 9.14 -7.41
CA ASP A 95 -14.59 9.99 -6.81
C ASP A 95 -13.27 9.25 -6.66
N THR A 96 -12.46 9.26 -7.71
CA THR A 96 -11.16 8.59 -7.70
C THR A 96 -10.41 8.84 -9.01
N MET A 97 -9.36 8.05 -9.26
CA MET A 97 -8.56 8.18 -10.48
C MET A 97 -9.43 8.45 -11.70
N GLN A 98 -8.82 8.96 -12.75
CA GLN A 98 -9.52 9.21 -14.00
C GLN A 98 -9.20 8.07 -14.95
N LYS A 99 -7.94 7.66 -14.93
CA LYS A 99 -7.46 6.54 -15.71
C LYS A 99 -5.99 6.29 -15.37
N ALA A 100 -5.65 5.09 -14.93
CA ALA A 100 -4.26 4.81 -14.58
C ALA A 100 -4.02 3.38 -14.10
N LYS A 101 -2.76 2.96 -14.17
CA LYS A 101 -2.33 1.63 -13.72
C LYS A 101 -1.59 1.78 -12.39
N ILE A 102 -1.31 0.67 -11.71
CA ILE A 102 -0.61 0.73 -10.43
C ILE A 102 0.90 0.66 -10.62
N GLN A 103 1.65 1.06 -9.58
CA GLN A 103 3.10 1.07 -9.63
C GLN A 103 3.69 0.43 -8.37
N TYR A 104 5.03 0.49 -8.26
CA TYR A 104 5.74 -0.07 -7.10
C TYR A 104 7.21 0.32 -7.16
N THR A 105 7.88 0.35 -6.00
CA THR A 105 9.30 0.68 -5.96
C THR A 105 10.10 -0.54 -5.51
N VAL A 106 11.27 -0.73 -6.11
CA VAL A 106 12.11 -1.88 -5.79
C VAL A 106 13.10 -1.56 -4.67
N ASP A 107 13.96 -0.58 -4.89
CA ASP A 107 14.95 -0.21 -3.89
C ASP A 107 14.55 1.07 -3.17
N GLY A 108 13.25 1.22 -2.92
CA GLY A 108 12.75 2.41 -2.24
C GLY A 108 13.31 3.69 -2.80
N ARG A 109 13.54 3.71 -4.11
CA ARG A 109 14.09 4.88 -4.77
C ARG A 109 13.28 5.24 -6.02
N GLU A 110 13.08 4.24 -6.87
CA GLU A 110 12.33 4.43 -8.10
C GLU A 110 10.98 3.73 -8.00
N TRP A 111 10.03 4.16 -8.83
CA TRP A 111 8.71 3.55 -8.84
C TRP A 111 8.28 3.23 -10.26
N ILE A 112 8.26 1.93 -10.57
CA ILE A 112 7.89 1.47 -11.90
C ILE A 112 6.50 0.84 -11.91
N ASP A 113 5.93 0.69 -13.11
CA ASP A 113 4.59 0.11 -13.27
C ASP A 113 4.43 -1.17 -12.46
N LEU A 114 3.19 -1.42 -12.03
CA LEU A 114 2.88 -2.61 -11.24
C LEU A 114 1.75 -3.41 -11.89
N GLU A 115 0.73 -2.70 -12.36
CA GLU A 115 -0.42 -3.35 -12.97
C GLU A 115 -0.63 -2.92 -14.41
N GLU A 116 -1.30 -3.79 -15.16
CA GLU A 116 -1.60 -3.53 -16.56
C GLU A 116 -2.15 -2.14 -16.74
N GLY A 117 -2.22 -1.66 -17.99
CA GLY A 117 -2.77 -0.34 -18.23
C GLY A 117 -4.22 -0.28 -17.83
N VAL A 118 -4.47 -0.50 -16.55
CA VAL A 118 -5.81 -0.49 -15.99
C VAL A 118 -6.30 0.92 -15.77
N GLU A 119 -7.61 1.06 -15.68
CA GLU A 119 -8.21 2.35 -15.44
C GLU A 119 -8.74 2.39 -14.01
N TYR A 120 -7.81 2.54 -13.06
CA TYR A 120 -8.17 2.57 -11.65
C TYR A 120 -8.90 3.86 -11.31
N THR A 121 -9.79 4.26 -12.21
CA THR A 121 -10.63 5.44 -12.04
C THR A 121 -11.94 5.02 -11.40
N MET A 122 -12.22 3.74 -11.53
CA MET A 122 -13.41 3.14 -10.96
C MET A 122 -13.02 1.83 -10.27
N PRO A 123 -11.91 1.85 -9.51
CA PRO A 123 -11.41 0.68 -8.82
C PRO A 123 -12.13 0.40 -7.50
N GLY A 124 -13.08 -0.53 -7.54
CA GLY A 124 -13.79 -0.88 -6.33
C GLY A 124 -12.94 -1.76 -5.45
N ALA A 125 -12.28 -2.73 -6.07
CA ALA A 125 -11.39 -3.63 -5.38
C ALA A 125 -10.17 -3.93 -6.25
N ILE A 126 -9.04 -3.41 -5.83
CA ILE A 126 -7.82 -3.61 -6.58
C ILE A 126 -6.97 -4.75 -6.01
N LYS A 127 -6.63 -5.70 -6.88
CA LYS A 127 -5.82 -6.83 -6.47
C LYS A 127 -5.14 -7.48 -7.67
N VAL A 128 -4.11 -8.29 -7.42
CA VAL A 128 -3.38 -8.96 -8.47
C VAL A 128 -2.65 -10.18 -7.95
N GLU A 129 -2.88 -11.32 -8.58
CA GLU A 129 -2.23 -12.56 -8.18
C GLU A 129 -1.06 -12.89 -9.11
N ASN A 130 -0.48 -14.07 -8.93
CA ASN A 130 0.66 -14.49 -9.75
C ASN A 130 1.78 -13.46 -9.71
N LEU A 131 1.81 -12.66 -8.63
CA LEU A 131 2.82 -11.63 -8.47
C LEU A 131 3.81 -12.02 -7.37
N ASP A 132 4.90 -12.68 -7.76
CA ASP A 132 5.92 -13.10 -6.81
C ASP A 132 7.25 -12.38 -7.05
N LEU A 133 7.43 -11.24 -6.40
CA LEU A 133 8.65 -10.46 -6.57
C LEU A 133 8.90 -9.56 -5.35
N LYS A 134 10.04 -9.76 -4.69
CA LYS A 134 10.38 -8.93 -3.53
C LYS A 134 10.34 -7.47 -3.94
N VAL A 135 9.81 -6.60 -3.08
CA VAL A 135 9.70 -5.20 -3.42
C VAL A 135 9.68 -4.32 -2.20
N ARG A 136 9.77 -3.03 -2.45
CA ARG A 136 9.69 -2.06 -1.39
C ARG A 136 8.46 -1.20 -1.62
N GLY A 137 7.64 -1.10 -0.61
CA GLY A 137 6.42 -0.31 -0.70
C GLY A 137 5.54 -0.70 -1.89
N VAL A 138 4.47 0.09 -2.07
CA VAL A 138 3.51 -0.14 -3.15
C VAL A 138 2.70 1.13 -3.40
N ARG A 139 2.28 1.36 -4.64
CA ARG A 139 1.51 2.56 -4.95
C ARG A 139 0.99 2.56 -6.38
N LEU A 140 0.01 3.43 -6.61
CA LEU A 140 -0.61 3.59 -7.92
C LEU A 140 -0.02 4.78 -8.65
N ILE A 141 -0.15 4.81 -9.97
CA ILE A 141 0.38 5.91 -10.76
C ILE A 141 -0.71 6.53 -11.64
N ALA A 142 -0.94 7.83 -11.48
CA ALA A 142 -1.95 8.53 -12.25
C ALA A 142 -1.40 9.06 -13.56
N THR A 143 -2.19 8.95 -14.62
CA THR A 143 -1.76 9.42 -15.94
C THR A 143 -2.80 10.35 -16.55
N GLU A 144 -3.57 11.04 -15.71
CA GLU A 144 -4.59 11.96 -16.18
C GLU A 144 -5.29 12.67 -15.03
N ALA A 145 -5.67 11.91 -14.01
CA ALA A 145 -6.35 12.47 -12.84
C ALA A 145 -7.74 12.97 -13.21
N ARG A 146 -8.56 13.27 -12.20
CA ARG A 146 -9.91 13.76 -12.43
C ARG A 146 -10.20 15.01 -11.62
N GLU A 147 -10.88 15.97 -12.23
CA GLU A 147 -11.22 17.23 -11.56
C GLU A 147 -12.42 17.05 -10.64
N ASN A 148 -12.48 17.86 -9.58
CA ASN A 148 -13.59 17.79 -8.63
C ASN A 148 -13.90 16.34 -8.26
N THR A 149 -13.08 15.76 -7.40
CA THR A 149 -13.26 14.39 -6.99
C THR A 149 -12.37 14.05 -5.80
N TRP A 150 -12.83 13.12 -4.97
CA TRP A 150 -12.08 12.69 -3.81
C TRP A 150 -11.49 11.29 -4.04
N LEU A 151 -10.90 10.72 -3.01
CA LEU A 151 -10.30 9.39 -3.12
C LEU A 151 -10.76 8.50 -1.97
N GLY A 152 -11.69 7.60 -2.25
CA GLY A 152 -12.20 6.72 -1.22
C GLY A 152 -11.27 5.56 -0.94
N VAL A 153 -11.16 5.18 0.34
CA VAL A 153 -10.30 4.08 0.73
C VAL A 153 -10.87 3.37 1.96
N ARG A 154 -11.03 2.05 1.87
CA ARG A 154 -11.57 1.28 2.96
C ARG A 154 -10.56 0.25 3.47
N ASP A 155 -9.65 -0.20 2.61
CA ASP A 155 -8.65 -1.18 3.00
C ASP A 155 -7.65 -1.47 1.90
N ILE A 156 -6.41 -1.76 2.30
CA ILE A 156 -5.34 -2.11 1.36
C ILE A 156 -4.21 -2.78 2.11
N ASN A 157 -3.91 -4.01 1.75
CA ASN A 157 -2.84 -4.73 2.40
C ASN A 157 -2.03 -5.55 1.40
N VAL A 158 -0.78 -5.82 1.74
CA VAL A 158 0.09 -6.61 0.88
C VAL A 158 0.44 -7.95 1.53
N ASN A 159 0.58 -8.98 0.70
CA ASN A 159 0.91 -10.32 1.20
C ASN A 159 -0.28 -10.95 1.91
N LYS A 160 -1.49 -10.57 1.50
CA LYS A 160 -2.71 -11.10 2.11
C LYS A 160 -2.63 -11.05 3.63
N LYS A 161 -3.13 -9.97 4.21
CA LYS A 161 -3.11 -9.80 5.65
C LYS A 161 -1.67 -9.81 6.18
N GLU A 162 -0.74 -9.39 5.33
CA GLU A 162 0.67 -9.34 5.70
C GLU A 162 1.19 -10.74 6.02
N ASP A 163 1.27 -11.59 5.00
CA ASP A 163 1.75 -12.96 5.17
C ASP A 163 2.13 -13.57 3.84
N SER A 164 1.13 -13.99 3.07
CA SER A 164 1.36 -14.61 1.77
C SER A 164 0.04 -14.89 1.06
N MET A 1 48.66 -36.51 11.20
CA MET A 1 49.64 -35.62 10.51
C MET A 1 49.68 -34.24 11.16
N GLY A 2 48.53 -33.57 11.21
CA GLY A 2 48.47 -32.26 11.81
C GLY A 2 47.04 -31.81 12.08
N SER A 3 46.22 -32.72 12.60
CA SER A 3 44.83 -32.42 12.90
C SER A 3 44.65 -32.11 14.38
N SER A 4 43.40 -31.89 14.79
CA SER A 4 43.09 -31.58 16.18
C SER A 4 41.58 -31.55 16.41
N HIS A 5 40.87 -32.48 15.77
CA HIS A 5 39.42 -32.55 15.90
C HIS A 5 38.75 -31.36 15.24
N HIS A 6 38.95 -30.18 15.81
CA HIS A 6 38.36 -28.95 15.26
C HIS A 6 39.43 -28.07 14.62
N HIS A 7 39.02 -26.89 14.17
CA HIS A 7 39.94 -25.95 13.54
C HIS A 7 40.40 -24.89 14.53
N HIS A 8 40.48 -25.26 15.80
CA HIS A 8 40.90 -24.34 16.85
C HIS A 8 39.96 -23.15 16.94
N HIS A 9 38.89 -23.30 17.71
CA HIS A 9 37.91 -22.24 17.88
C HIS A 9 36.99 -22.53 19.07
N HIS A 10 37.44 -22.13 20.26
CA HIS A 10 36.65 -22.34 21.47
C HIS A 10 36.52 -21.04 22.27
N SER A 11 35.28 -20.58 22.41
CA SER A 11 35.00 -19.36 23.15
C SER A 11 33.52 -19.25 23.51
N SER A 12 33.10 -20.09 24.45
CA SER A 12 31.71 -20.09 24.89
C SER A 12 30.74 -20.17 23.71
N GLY A 13 30.56 -21.37 23.17
CA GLY A 13 29.67 -21.54 22.04
C GLY A 13 29.41 -23.01 21.73
N LEU A 14 28.26 -23.29 21.12
CA LEU A 14 27.89 -24.65 20.77
C LEU A 14 27.23 -24.70 19.39
N VAL A 15 27.26 -25.87 18.78
CA VAL A 15 26.66 -26.05 17.45
C VAL A 15 25.48 -27.01 17.52
N PRO A 16 24.27 -26.49 17.80
CA PRO A 16 23.05 -27.29 17.88
C PRO A 16 22.85 -28.16 16.64
N ARG A 17 23.13 -27.60 15.47
CA ARG A 17 22.97 -28.33 14.22
C ARG A 17 23.44 -27.48 13.04
N GLY A 18 24.27 -28.07 12.18
CA GLY A 18 24.78 -27.36 11.03
C GLY A 18 23.67 -26.96 10.07
N SER A 19 23.38 -25.65 10.03
CA SER A 19 22.34 -25.14 9.14
C SER A 19 22.32 -23.61 9.17
N HIS A 20 22.46 -23.04 10.37
CA HIS A 20 22.46 -21.60 10.52
C HIS A 20 21.14 -21.00 10.05
N MET A 21 20.15 -20.98 10.94
CA MET A 21 18.84 -20.45 10.61
C MET A 21 18.49 -19.27 11.53
N ALA A 22 17.37 -18.62 11.24
CA ALA A 22 16.92 -17.48 12.03
C ALA A 22 15.49 -17.69 12.52
N SER A 23 14.85 -16.60 12.94
CA SER A 23 13.48 -16.66 13.43
C SER A 23 12.49 -16.34 12.31
N ASP A 24 12.84 -16.70 11.09
CA ASP A 24 11.98 -16.46 9.94
C ASP A 24 11.77 -14.96 9.73
N PRO A 25 11.59 -14.53 8.47
CA PRO A 25 11.38 -13.12 8.13
C PRO A 25 10.01 -12.62 8.56
N ASN A 26 9.98 -11.80 9.60
CA ASN A 26 8.73 -11.25 10.10
C ASN A 26 8.09 -10.30 9.08
N ARG A 27 6.80 -10.05 9.25
CA ARG A 27 6.07 -9.17 8.34
C ARG A 27 6.67 -7.76 8.36
N ILE A 28 6.41 -7.00 7.31
CA ILE A 28 6.91 -5.64 7.21
C ILE A 28 5.79 -4.62 7.44
N ILE A 29 6.18 -3.40 7.78
CA ILE A 29 5.20 -2.34 8.00
C ILE A 29 4.80 -1.72 6.67
N ALA A 30 3.66 -1.05 6.64
CA ALA A 30 3.19 -0.44 5.40
C ALA A 30 2.51 0.89 5.65
N THR A 31 3.25 1.98 5.46
CA THR A 31 2.71 3.32 5.66
C THR A 31 2.01 3.81 4.41
N TYR A 32 0.74 4.11 4.54
CA TYR A 32 -0.05 4.60 3.43
C TYR A 32 0.58 5.84 2.79
N ILE A 33 0.66 5.84 1.46
CA ILE A 33 1.23 6.97 0.71
C ILE A 33 0.13 7.74 0.01
N SER A 34 0.49 8.86 -0.61
CA SER A 34 -0.48 9.66 -1.32
C SER A 34 0.15 10.87 -1.99
N ASN A 35 -0.12 11.04 -3.28
CA ASN A 35 0.40 12.19 -4.02
C ASN A 35 -0.21 13.47 -3.49
N ARG A 36 -1.44 13.36 -2.99
CA ARG A 36 -2.17 14.49 -2.45
C ARG A 36 -1.46 15.08 -1.24
N GLN A 37 -0.88 14.21 -0.41
CA GLN A 37 -0.18 14.65 0.79
C GLN A 37 -1.13 15.35 1.76
N ASP A 38 -2.41 15.00 1.66
CA ASP A 38 -3.43 15.59 2.53
C ASP A 38 -3.69 14.69 3.74
N ALA A 39 -3.95 15.31 4.88
CA ALA A 39 -4.22 14.57 6.11
C ALA A 39 -5.38 13.59 5.91
N PRO A 40 -5.27 12.38 6.48
CA PRO A 40 -6.32 11.36 6.35
C PRO A 40 -7.57 11.74 7.14
N THR A 41 -8.73 11.47 6.53
CA THR A 41 -10.02 11.78 7.15
C THR A 41 -10.05 11.31 8.61
N GLY A 42 -9.71 10.04 8.81
CA GLY A 42 -9.72 9.49 10.16
C GLY A 42 -8.40 8.82 10.49
N ASN A 43 -8.20 7.63 9.94
CA ASN A 43 -6.98 6.87 10.19
C ASN A 43 -6.74 5.85 9.07
N PRO A 44 -5.64 6.00 8.32
CA PRO A 44 -5.29 5.08 7.24
C PRO A 44 -4.89 3.70 7.76
N ASP A 45 -4.87 3.55 9.09
CA ASP A 45 -4.50 2.28 9.71
C ASP A 45 -5.10 1.10 8.98
N ASN A 46 -6.27 1.30 8.37
CA ASN A 46 -6.93 0.24 7.61
C ASN A 46 -5.95 -0.45 6.68
N ILE A 47 -4.95 0.31 6.24
CA ILE A 47 -3.92 -0.20 5.33
C ILE A 47 -2.62 -0.50 6.05
N PHE A 48 -2.39 0.17 7.18
CA PHE A 48 -1.16 -0.04 7.94
C PHE A 48 -0.95 -1.51 8.26
N ASP A 49 -2.04 -2.23 8.48
CA ASP A 49 -1.95 -3.66 8.80
C ASP A 49 -3.22 -4.39 8.39
N ASN A 50 -3.92 -3.86 7.38
CA ASN A 50 -5.15 -4.47 6.89
C ASN A 50 -6.14 -4.70 8.03
N ASN A 51 -7.11 -3.79 8.16
CA ASN A 51 -8.12 -3.89 9.21
C ASN A 51 -9.48 -3.45 8.69
N ALA A 52 -9.50 -2.32 7.99
CA ALA A 52 -10.75 -1.79 7.44
C ALA A 52 -11.71 -1.38 8.55
N SER A 53 -11.17 -1.15 9.74
CA SER A 53 -11.99 -0.74 10.89
C SER A 53 -11.90 0.76 11.11
N THR A 54 -11.66 1.49 10.02
CA THR A 54 -11.54 2.94 10.07
C THR A 54 -11.77 3.52 8.67
N GLU A 55 -11.86 4.84 8.59
CA GLU A 55 -12.08 5.52 7.31
C GLU A 55 -10.79 6.11 6.77
N LEU A 56 -10.77 6.41 5.48
CA LEU A 56 -9.58 6.96 4.83
C LEU A 56 -9.92 7.57 3.48
N VAL A 57 -9.75 8.88 3.36
CA VAL A 57 -10.01 9.59 2.11
C VAL A 57 -9.19 10.87 2.03
N TYR A 58 -8.62 11.14 0.87
CA TYR A 58 -7.82 12.34 0.65
C TYR A 58 -8.57 13.33 -0.22
N LYS A 59 -8.38 14.62 0.06
CA LYS A 59 -9.10 15.65 -0.70
C LYS A 59 -8.16 16.50 -1.55
N ASN A 60 -7.21 17.20 -0.91
CA ASN A 60 -6.29 18.05 -1.66
C ASN A 60 -7.10 18.94 -2.62
N PRO A 61 -6.46 19.78 -3.45
CA PRO A 61 -7.22 20.61 -4.39
C PRO A 61 -8.20 19.75 -5.17
N ASN A 62 -9.49 19.92 -4.88
CA ASN A 62 -10.55 19.14 -5.53
C ASN A 62 -10.27 18.94 -7.02
N ARG A 63 -9.63 19.93 -7.64
CA ARG A 63 -9.29 19.85 -9.05
C ARG A 63 -7.81 19.55 -9.24
N ILE A 64 -7.50 18.48 -9.95
CA ILE A 64 -6.12 18.09 -10.18
C ILE A 64 -5.98 17.26 -11.46
N ASP A 65 -4.93 17.55 -12.23
CA ASP A 65 -4.69 16.83 -13.48
C ASP A 65 -3.34 16.12 -13.43
N VAL A 66 -3.39 14.79 -13.51
CA VAL A 66 -2.17 13.97 -13.47
C VAL A 66 -1.43 14.15 -12.15
N GLY A 67 -1.21 13.04 -11.45
CA GLY A 67 -0.51 13.09 -10.18
C GLY A 67 -1.34 12.56 -9.02
N THR A 68 -2.65 12.77 -9.09
CA THR A 68 -3.54 12.30 -8.05
C THR A 68 -3.43 10.77 -7.92
N TYR A 69 -2.71 10.31 -6.92
CA TYR A 69 -2.53 8.88 -6.70
C TYR A 69 -2.09 8.56 -5.29
N VAL A 70 -2.21 7.29 -4.90
CA VAL A 70 -1.81 6.85 -3.57
C VAL A 70 -1.50 5.36 -3.54
N GLY A 71 -1.29 4.84 -2.33
CA GLY A 71 -1.00 3.43 -2.14
C GLY A 71 -0.54 3.16 -0.72
N VAL A 72 0.65 2.61 -0.56
CA VAL A 72 1.17 2.34 0.76
C VAL A 72 2.64 1.86 0.73
N LYS A 73 3.52 2.62 1.40
CA LYS A 73 4.94 2.27 1.42
C LYS A 73 5.28 1.34 2.57
N TYR A 74 6.34 0.55 2.39
CA TYR A 74 6.77 -0.39 3.43
C TYR A 74 8.08 0.07 4.07
N SER A 75 8.65 -0.80 4.91
CA SER A 75 9.90 -0.47 5.60
C SER A 75 11.10 -0.83 4.74
N ASN A 76 11.06 -2.02 4.14
CA ASN A 76 12.16 -2.49 3.29
C ASN A 76 11.66 -3.52 2.28
N PRO A 77 12.48 -3.86 1.27
CA PRO A 77 12.11 -4.84 0.25
C PRO A 77 11.60 -6.14 0.87
N ILE A 78 10.37 -6.50 0.53
CA ILE A 78 9.76 -7.71 1.08
C ILE A 78 9.15 -8.57 -0.03
N THR A 79 9.28 -9.89 0.11
CA THR A 79 8.72 -10.81 -0.87
C THR A 79 7.22 -10.60 -0.97
N LEU A 80 6.79 -9.82 -1.95
CA LEU A 80 5.38 -9.53 -2.15
C LEU A 80 4.70 -10.61 -2.97
N ASN A 81 3.93 -11.47 -2.31
CA ASN A 81 3.24 -12.55 -2.99
C ASN A 81 2.11 -12.01 -3.86
N ASN A 82 1.58 -10.85 -3.49
CA ASN A 82 0.50 -10.22 -4.25
C ASN A 82 0.07 -8.91 -3.59
N VAL A 83 -0.09 -7.87 -4.40
CA VAL A 83 -0.49 -6.56 -3.90
C VAL A 83 -1.95 -6.30 -4.27
N GLU A 84 -2.71 -5.76 -3.31
CA GLU A 84 -4.12 -5.47 -3.54
C GLU A 84 -4.61 -4.31 -2.68
N PHE A 85 -5.17 -3.30 -3.34
CA PHE A 85 -5.71 -2.14 -2.64
C PHE A 85 -7.23 -2.16 -2.71
N LEU A 86 -7.87 -2.61 -1.63
CA LEU A 86 -9.33 -2.68 -1.58
C LEU A 86 -9.92 -1.33 -1.18
N MET A 87 -10.16 -0.47 -2.17
CA MET A 87 -10.70 0.85 -1.92
C MET A 87 -11.70 1.27 -3.00
N GLY A 88 -12.25 2.46 -2.83
CA GLY A 88 -13.21 2.99 -3.80
C GLY A 88 -13.29 4.49 -3.76
N ALA A 89 -14.26 5.01 -3.01
CA ALA A 89 -14.44 6.46 -2.87
C ALA A 89 -14.87 6.82 -1.47
N ASN A 90 -14.91 8.12 -1.18
CA ASN A 90 -15.31 8.60 0.13
C ASN A 90 -16.84 8.62 0.27
N SER A 91 -17.49 9.46 -0.54
CA SER A 91 -18.94 9.58 -0.51
C SER A 91 -19.57 8.88 -1.70
N ASN A 92 -19.22 9.35 -2.90
CA ASN A 92 -19.75 8.78 -4.14
C ASN A 92 -18.78 7.75 -4.71
N PRO A 93 -19.22 6.49 -4.91
CA PRO A 93 -18.38 5.42 -5.44
C PRO A 93 -17.59 5.85 -6.69
N ASN A 94 -18.04 6.92 -7.35
CA ASN A 94 -17.37 7.42 -8.54
C ASN A 94 -16.28 8.43 -8.19
N ASP A 95 -15.73 8.32 -6.98
CA ASP A 95 -14.67 9.23 -6.53
C ASP A 95 -13.35 8.50 -6.40
N THR A 96 -12.54 8.55 -7.45
CA THR A 96 -11.24 7.89 -7.46
C THR A 96 -10.50 8.21 -8.75
N MET A 97 -9.44 7.46 -9.04
CA MET A 97 -8.65 7.67 -10.26
C MET A 97 -9.54 8.01 -11.44
N GLN A 98 -8.98 8.65 -12.45
CA GLN A 98 -9.74 8.97 -13.66
C GLN A 98 -9.42 7.89 -14.67
N LYS A 99 -8.15 7.51 -14.67
CA LYS A 99 -7.63 6.45 -15.51
C LYS A 99 -6.16 6.24 -15.18
N ALA A 100 -5.78 5.04 -14.77
CA ALA A 100 -4.39 4.78 -14.41
C ALA A 100 -4.18 3.41 -13.77
N LYS A 101 -2.92 2.99 -13.75
CA LYS A 101 -2.52 1.72 -13.16
C LYS A 101 -1.69 1.99 -11.90
N ILE A 102 -1.37 0.95 -11.14
CA ILE A 102 -0.58 1.13 -9.92
C ILE A 102 0.91 0.95 -10.20
N GLN A 103 1.74 1.52 -9.32
CA GLN A 103 3.19 1.42 -9.44
C GLN A 103 3.79 0.71 -8.23
N TYR A 104 5.11 0.67 -8.15
CA TYR A 104 5.81 0.01 -7.05
C TYR A 104 7.32 0.21 -7.16
N THR A 105 7.97 0.50 -6.03
CA THR A 105 9.42 0.69 -6.03
C THR A 105 10.12 -0.60 -5.62
N VAL A 106 11.10 -1.01 -6.41
CA VAL A 106 11.84 -2.24 -6.13
C VAL A 106 12.88 -2.05 -5.03
N ASP A 107 13.84 -1.16 -5.27
CA ASP A 107 14.90 -0.90 -4.30
C ASP A 107 14.56 0.30 -3.42
N GLY A 108 13.27 0.51 -3.18
CA GLY A 108 12.85 1.63 -2.35
C GLY A 108 13.39 2.96 -2.84
N ARG A 109 13.67 3.03 -4.14
CA ARG A 109 14.20 4.25 -4.74
C ARG A 109 13.31 4.72 -5.89
N GLU A 110 13.40 4.01 -7.01
CA GLU A 110 12.60 4.35 -8.18
C GLU A 110 11.24 3.67 -8.11
N TRP A 111 10.30 4.14 -8.91
CA TRP A 111 8.97 3.55 -8.94
C TRP A 111 8.53 3.23 -10.35
N ILE A 112 8.13 1.98 -10.57
CA ILE A 112 7.71 1.52 -11.89
C ILE A 112 6.28 0.97 -11.89
N ASP A 113 5.71 0.84 -13.08
CA ASP A 113 4.34 0.33 -13.22
C ASP A 113 4.14 -0.96 -12.44
N LEU A 114 2.90 -1.21 -12.02
CA LEU A 114 2.57 -2.41 -11.25
C LEU A 114 1.45 -3.20 -11.90
N GLU A 115 0.38 -2.51 -12.28
CA GLU A 115 -0.77 -3.17 -12.89
C GLU A 115 -0.80 -3.05 -14.40
N GLU A 116 -1.54 -3.97 -15.02
CA GLU A 116 -1.71 -4.00 -16.46
C GLU A 116 -2.50 -2.81 -16.94
N GLY A 117 -1.82 -1.82 -17.54
CA GLY A 117 -2.51 -0.63 -18.05
C GLY A 117 -3.98 -0.58 -17.66
N VAL A 118 -4.23 -0.75 -16.37
CA VAL A 118 -5.59 -0.79 -15.84
C VAL A 118 -6.07 0.61 -15.52
N GLU A 119 -7.39 0.76 -15.47
CA GLU A 119 -7.99 2.03 -15.16
C GLU A 119 -8.54 2.00 -13.75
N TYR A 120 -7.65 2.25 -12.78
CA TYR A 120 -8.04 2.26 -11.39
C TYR A 120 -8.89 3.49 -11.08
N THR A 121 -9.76 3.84 -12.04
CA THR A 121 -10.67 4.96 -11.88
C THR A 121 -11.97 4.47 -11.29
N MET A 122 -12.20 3.17 -11.44
CA MET A 122 -13.37 2.52 -10.91
C MET A 122 -12.94 1.22 -10.22
N PRO A 123 -11.83 1.27 -9.46
CA PRO A 123 -11.28 0.11 -8.76
C PRO A 123 -11.93 -0.13 -7.41
N GLY A 124 -12.90 -1.04 -7.36
CA GLY A 124 -13.53 -1.36 -6.11
C GLY A 124 -12.60 -2.17 -5.22
N ALA A 125 -11.99 -3.16 -5.83
CA ALA A 125 -11.03 -4.01 -5.15
C ALA A 125 -9.89 -4.36 -6.08
N ILE A 126 -8.74 -3.76 -5.84
CA ILE A 126 -7.58 -3.99 -6.67
C ILE A 126 -6.68 -5.07 -6.08
N LYS A 127 -6.21 -5.97 -6.95
CA LYS A 127 -5.34 -7.06 -6.52
C LYS A 127 -4.54 -7.60 -7.70
N VAL A 128 -3.39 -8.20 -7.40
CA VAL A 128 -2.53 -8.75 -8.44
C VAL A 128 -1.95 -10.10 -8.02
N GLU A 129 -2.14 -11.11 -8.84
CA GLU A 129 -1.64 -12.45 -8.55
C GLU A 129 -0.33 -12.71 -9.30
N ASN A 130 0.41 -13.72 -8.85
CA ASN A 130 1.69 -14.06 -9.47
C ASN A 130 2.68 -12.91 -9.39
N LEU A 131 2.54 -12.09 -8.36
CA LEU A 131 3.42 -10.94 -8.16
C LEU A 131 4.51 -11.26 -7.14
N ASP A 132 4.76 -12.55 -6.90
CA ASP A 132 5.78 -12.98 -5.95
C ASP A 132 7.13 -12.36 -6.29
N LEU A 133 7.39 -11.18 -5.74
CA LEU A 133 8.65 -10.47 -5.98
C LEU A 133 8.96 -9.51 -4.85
N LYS A 134 10.16 -9.61 -4.29
CA LYS A 134 10.57 -8.71 -3.22
C LYS A 134 10.39 -7.27 -3.68
N VAL A 135 9.73 -6.44 -2.88
CA VAL A 135 9.49 -5.07 -3.27
C VAL A 135 9.44 -4.15 -2.07
N ARG A 136 9.63 -2.87 -2.33
CA ARG A 136 9.54 -1.89 -1.27
C ARG A 136 8.32 -1.03 -1.51
N GLY A 137 7.50 -0.93 -0.48
CA GLY A 137 6.29 -0.12 -0.56
C GLY A 137 5.48 -0.35 -1.82
N VAL A 138 4.41 0.44 -1.94
CA VAL A 138 3.50 0.37 -3.09
C VAL A 138 2.85 1.73 -3.31
N ARG A 139 2.41 2.00 -4.52
CA ARG A 139 1.78 3.28 -4.82
C ARG A 139 1.20 3.30 -6.22
N LEU A 140 0.15 4.08 -6.38
CA LEU A 140 -0.53 4.23 -7.66
C LEU A 140 -0.05 5.48 -8.39
N ILE A 141 -0.24 5.51 -9.71
CA ILE A 141 0.18 6.66 -10.50
C ILE A 141 -0.90 7.01 -11.53
N ALA A 142 -1.50 8.19 -11.34
CA ALA A 142 -2.54 8.67 -12.24
C ALA A 142 -1.99 8.99 -13.63
N THR A 143 -2.87 9.15 -14.60
CA THR A 143 -2.47 9.47 -15.97
C THR A 143 -3.19 10.71 -16.48
N GLU A 144 -4.47 10.84 -16.16
CA GLU A 144 -5.26 11.98 -16.61
C GLU A 144 -5.94 12.68 -15.43
N ALA A 145 -6.49 11.89 -14.51
CA ALA A 145 -7.18 12.42 -13.34
C ALA A 145 -8.40 13.25 -13.75
N ARG A 146 -9.16 13.70 -12.77
CA ARG A 146 -10.36 14.50 -13.04
C ARG A 146 -10.47 15.67 -12.05
N GLU A 147 -11.29 16.65 -12.41
CA GLU A 147 -11.49 17.83 -11.56
C GLU A 147 -12.60 17.57 -10.55
N ASN A 148 -12.56 18.29 -9.43
CA ASN A 148 -13.57 18.13 -8.38
C ASN A 148 -13.76 16.65 -8.06
N THR A 149 -12.80 16.09 -7.33
CA THR A 149 -12.86 14.68 -6.96
C THR A 149 -11.86 14.36 -5.87
N TRP A 150 -12.33 13.70 -4.82
CA TRP A 150 -11.46 13.31 -3.71
C TRP A 150 -10.87 11.92 -3.97
N LEU A 151 -10.18 11.38 -2.98
CA LEU A 151 -9.59 10.06 -3.09
C LEU A 151 -10.01 9.22 -1.89
N GLY A 152 -11.03 8.38 -2.08
CA GLY A 152 -11.51 7.54 -1.01
C GLY A 152 -10.77 6.24 -0.90
N VAL A 153 -10.72 5.68 0.30
CA VAL A 153 -10.05 4.41 0.54
C VAL A 153 -10.73 3.63 1.67
N ARG A 154 -10.63 2.32 1.61
CA ARG A 154 -11.24 1.46 2.62
C ARG A 154 -10.20 0.55 3.26
N ASP A 155 -9.34 -0.05 2.44
CA ASP A 155 -8.31 -0.94 2.95
C ASP A 155 -7.41 -1.46 1.83
N ILE A 156 -6.21 -1.89 2.22
CA ILE A 156 -5.24 -2.43 1.28
C ILE A 156 -4.56 -3.66 1.89
N ASN A 157 -4.38 -4.70 1.09
CA ASN A 157 -3.74 -5.92 1.58
C ASN A 157 -2.63 -6.38 0.65
N VAL A 158 -1.67 -7.10 1.21
CA VAL A 158 -0.55 -7.62 0.43
C VAL A 158 0.03 -8.87 1.07
N ASN A 159 -0.13 -10.00 0.39
CA ASN A 159 0.37 -11.29 0.89
C ASN A 159 0.03 -11.49 2.37
N LYS A 160 -1.09 -10.90 2.79
CA LYS A 160 -1.53 -11.02 4.17
C LYS A 160 -3.01 -11.37 4.25
N LYS A 161 -3.34 -12.34 5.10
CA LYS A 161 -4.73 -12.77 5.27
C LYS A 161 -5.29 -13.28 3.95
N GLU A 162 -4.43 -13.85 3.12
CA GLU A 162 -4.85 -14.39 1.83
C GLU A 162 -3.99 -15.58 1.43
N ASP A 163 -2.76 -15.32 1.03
CA ASP A 163 -1.83 -16.37 0.63
C ASP A 163 -2.39 -17.14 -0.57
N SER A 164 -2.24 -16.56 -1.76
CA SER A 164 -2.73 -17.20 -2.98
C SER A 164 -1.67 -17.13 -4.08
N MET A 1 -27.73 -19.55 29.00
CA MET A 1 -26.93 -18.49 28.35
C MET A 1 -25.44 -18.62 28.69
N GLY A 2 -24.77 -19.54 28.02
CA GLY A 2 -23.35 -19.74 28.26
C GLY A 2 -22.49 -19.20 27.14
N SER A 3 -21.46 -19.96 26.76
CA SER A 3 -20.55 -19.54 25.70
C SER A 3 -20.81 -20.34 24.42
N SER A 4 -22.08 -20.68 24.18
CA SER A 4 -22.45 -21.45 23.00
C SER A 4 -23.09 -20.54 21.95
N HIS A 5 -22.25 -19.83 21.21
CA HIS A 5 -22.74 -18.92 20.17
C HIS A 5 -21.84 -18.97 18.95
N HIS A 6 -20.56 -18.66 19.14
CA HIS A 6 -19.58 -18.67 18.05
C HIS A 6 -18.25 -19.25 18.52
N HIS A 7 -18.31 -20.18 19.47
CA HIS A 7 -17.11 -20.81 19.99
C HIS A 7 -17.32 -22.30 20.19
N HIS A 8 -17.92 -22.95 19.20
CA HIS A 8 -18.19 -24.39 19.27
C HIS A 8 -16.89 -25.17 19.43
N HIS A 9 -16.92 -26.21 20.26
CA HIS A 9 -15.75 -27.04 20.50
C HIS A 9 -15.27 -27.69 19.21
N HIS A 10 -14.04 -27.37 18.83
CA HIS A 10 -13.45 -27.92 17.61
C HIS A 10 -14.27 -27.52 16.39
N SER A 11 -13.92 -26.39 15.80
CA SER A 11 -14.62 -25.88 14.61
C SER A 11 -14.25 -26.69 13.37
N SER A 12 -14.77 -26.29 12.23
CA SER A 12 -14.49 -26.97 10.97
C SER A 12 -13.37 -26.27 10.20
N GLY A 13 -12.39 -25.73 10.93
CA GLY A 13 -11.29 -25.03 10.30
C GLY A 13 -9.95 -25.63 10.68
N LEU A 14 -9.23 -24.95 11.58
CA LEU A 14 -7.93 -25.41 12.02
C LEU A 14 -7.37 -24.49 13.11
N VAL A 15 -7.56 -23.18 12.94
CA VAL A 15 -7.09 -22.19 13.89
C VAL A 15 -5.68 -22.51 14.38
N PRO A 16 -4.70 -22.54 13.46
CA PRO A 16 -3.30 -22.83 13.80
C PRO A 16 -2.79 -21.96 14.95
N ARG A 17 -1.61 -22.29 15.46
CA ARG A 17 -1.01 -21.55 16.56
C ARG A 17 0.40 -21.10 16.20
N GLY A 18 0.69 -19.83 16.47
CA GLY A 18 2.01 -19.29 16.17
C GLY A 18 3.10 -19.95 16.99
N SER A 19 4.23 -20.24 16.34
CA SER A 19 5.35 -20.87 17.02
C SER A 19 6.65 -20.12 16.74
N HIS A 20 6.53 -18.80 16.55
CA HIS A 20 7.70 -17.96 16.29
C HIS A 20 7.55 -16.60 16.96
N MET A 21 7.70 -16.58 18.28
CA MET A 21 7.58 -15.35 19.04
C MET A 21 6.18 -14.76 18.93
N ALA A 22 5.93 -14.06 17.83
CA ALA A 22 4.61 -13.45 17.60
C ALA A 22 4.58 -12.73 16.26
N SER A 23 5.25 -11.59 16.19
CA SER A 23 5.29 -10.80 14.97
C SER A 23 5.87 -11.60 13.81
N ASP A 24 6.73 -12.55 14.14
CA ASP A 24 7.37 -13.40 13.13
C ASP A 24 8.22 -12.57 12.19
N PRO A 25 9.23 -13.19 11.55
CA PRO A 25 10.13 -12.50 10.62
C PRO A 25 9.43 -12.12 9.32
N ASN A 26 10.12 -11.34 8.49
CA ASN A 26 9.56 -10.91 7.21
C ASN A 26 8.29 -10.09 7.42
N ARG A 27 8.25 -9.34 8.52
CA ARG A 27 7.10 -8.50 8.83
C ARG A 27 7.01 -7.31 7.89
N ILE A 28 7.99 -6.41 7.98
CA ILE A 28 8.02 -5.23 7.13
C ILE A 28 6.82 -4.33 7.40
N ILE A 29 7.10 -3.05 7.66
CA ILE A 29 6.05 -2.08 7.93
C ILE A 29 5.46 -1.57 6.62
N ALA A 30 4.26 -1.00 6.70
CA ALA A 30 3.60 -0.48 5.52
C ALA A 30 3.03 0.91 5.76
N THR A 31 3.78 1.93 5.32
CA THR A 31 3.35 3.30 5.47
C THR A 31 2.46 3.69 4.31
N TYR A 32 1.45 4.51 4.57
CA TYR A 32 0.54 4.92 3.52
C TYR A 32 1.09 6.09 2.72
N ILE A 33 0.85 6.03 1.41
CA ILE A 33 1.30 7.08 0.49
C ILE A 33 0.13 7.61 -0.32
N SER A 34 0.17 8.90 -0.61
CA SER A 34 -0.89 9.52 -1.39
C SER A 34 -0.39 10.79 -2.07
N ASN A 35 -0.64 10.89 -3.37
CA ASN A 35 -0.22 12.07 -4.14
C ASN A 35 -0.79 13.34 -3.51
N ARG A 36 -1.94 13.20 -2.86
CA ARG A 36 -2.60 14.31 -2.21
C ARG A 36 -1.87 14.73 -0.94
N GLN A 37 -1.90 16.03 -0.64
CA GLN A 37 -1.25 16.54 0.55
C GLN A 37 -2.13 16.33 1.79
N ASP A 38 -3.43 16.21 1.56
CA ASP A 38 -4.38 16.02 2.65
C ASP A 38 -4.14 14.68 3.34
N ALA A 39 -3.74 14.74 4.61
CA ALA A 39 -3.48 13.53 5.39
C ALA A 39 -4.75 12.70 5.54
N PRO A 40 -4.63 11.45 6.02
CA PRO A 40 -5.78 10.56 6.21
C PRO A 40 -6.90 11.24 7.00
N THR A 41 -7.98 10.50 7.21
CA THR A 41 -9.13 11.01 7.94
C THR A 41 -9.37 10.21 9.22
N GLY A 42 -10.41 9.38 9.23
CA GLY A 42 -10.70 8.58 10.39
C GLY A 42 -9.48 7.83 10.87
N ASN A 43 -9.13 6.76 10.15
CA ASN A 43 -7.97 5.96 10.49
C ASN A 43 -7.50 5.17 9.27
N PRO A 44 -6.23 5.33 8.87
CA PRO A 44 -5.67 4.61 7.73
C PRO A 44 -5.45 3.14 8.07
N ASP A 45 -5.76 2.75 9.32
CA ASP A 45 -5.59 1.37 9.78
C ASP A 45 -6.02 0.37 8.71
N ASN A 46 -7.01 0.74 7.90
CA ASN A 46 -7.46 -0.13 6.83
C ASN A 46 -6.28 -0.56 5.97
N ILE A 47 -5.26 0.28 5.96
CA ILE A 47 -4.06 0.03 5.20
C ILE A 47 -2.92 -0.45 6.10
N PHE A 48 -2.89 0.05 7.32
CA PHE A 48 -1.86 -0.33 8.28
C PHE A 48 -2.18 -1.64 8.98
N ASP A 49 -3.36 -1.73 9.56
CA ASP A 49 -3.80 -2.92 10.27
C ASP A 49 -4.71 -3.79 9.41
N ASN A 50 -5.16 -3.25 8.27
CA ASN A 50 -6.04 -3.97 7.37
C ASN A 50 -7.46 -4.04 7.92
N ASN A 51 -7.88 -2.98 8.61
CA ASN A 51 -9.21 -2.92 9.18
C ASN A 51 -10.11 -2.00 8.36
N ALA A 52 -11.16 -2.56 7.76
CA ALA A 52 -12.08 -1.79 6.94
C ALA A 52 -13.08 -0.99 7.79
N SER A 53 -13.20 -1.36 9.06
CA SER A 53 -14.12 -0.68 9.96
C SER A 53 -13.84 0.82 10.00
N THR A 54 -12.58 1.17 9.80
CA THR A 54 -12.17 2.57 9.79
C THR A 54 -12.36 3.16 8.41
N GLU A 55 -12.16 4.47 8.27
CA GLU A 55 -12.34 5.14 6.98
C GLU A 55 -11.07 5.88 6.57
N LEU A 56 -11.08 6.41 5.35
CA LEU A 56 -9.94 7.14 4.80
C LEU A 56 -10.35 7.96 3.58
N VAL A 57 -10.01 9.24 3.59
CA VAL A 57 -10.36 10.13 2.48
C VAL A 57 -9.39 11.30 2.36
N TYR A 58 -8.88 11.52 1.15
CA TYR A 58 -7.97 12.62 0.89
C TYR A 58 -8.67 13.69 0.09
N LYS A 59 -8.84 14.88 0.67
CA LYS A 59 -9.53 15.95 -0.01
C LYS A 59 -8.61 16.71 -0.96
N ASN A 60 -7.56 17.32 -0.42
CA ASN A 60 -6.60 18.08 -1.24
C ASN A 60 -7.36 18.95 -2.26
N PRO A 61 -6.67 19.77 -3.06
CA PRO A 61 -7.34 20.60 -4.06
C PRO A 61 -8.30 19.73 -4.88
N ASN A 62 -9.60 19.93 -4.69
CA ASN A 62 -10.62 19.15 -5.38
C ASN A 62 -10.18 18.76 -6.79
N ARG A 63 -9.48 19.68 -7.46
CA ARG A 63 -8.99 19.42 -8.80
C ARG A 63 -7.51 19.06 -8.77
N ILE A 64 -7.18 17.90 -9.32
CA ILE A 64 -5.80 17.44 -9.34
C ILE A 64 -5.39 16.97 -10.73
N ASP A 65 -4.13 17.21 -11.09
CA ASP A 65 -3.61 16.81 -12.39
C ASP A 65 -2.96 15.43 -12.31
N VAL A 66 -2.48 14.94 -13.45
CA VAL A 66 -1.83 13.62 -13.51
C VAL A 66 -0.88 13.43 -12.34
N GLY A 67 -1.18 12.45 -11.48
CA GLY A 67 -0.35 12.17 -10.33
C GLY A 67 -1.14 11.68 -9.14
N THR A 68 -2.45 11.91 -9.16
CA THR A 68 -3.33 11.49 -8.08
C THR A 68 -3.26 9.97 -7.89
N TYR A 69 -2.67 9.53 -6.78
CA TYR A 69 -2.55 8.11 -6.50
C TYR A 69 -2.26 7.84 -5.04
N VAL A 70 -2.37 6.57 -4.65
CA VAL A 70 -2.09 6.16 -3.28
C VAL A 70 -1.50 4.74 -3.25
N GLY A 71 -1.40 4.20 -2.05
CA GLY A 71 -0.88 2.87 -1.88
C GLY A 71 -0.33 2.65 -0.50
N VAL A 72 0.90 2.18 -0.42
CA VAL A 72 1.52 1.96 0.87
C VAL A 72 2.99 1.58 0.73
N LYS A 73 3.88 2.39 1.29
CA LYS A 73 5.31 2.14 1.19
C LYS A 73 5.81 1.27 2.34
N TYR A 74 6.87 0.51 2.08
CA TYR A 74 7.45 -0.38 3.07
C TYR A 74 8.73 0.23 3.65
N SER A 75 9.36 -0.49 4.58
CA SER A 75 10.58 0.00 5.21
C SER A 75 11.82 -0.31 4.37
N ASN A 76 12.04 -1.60 4.13
CA ASN A 76 13.20 -2.05 3.35
C ASN A 76 12.78 -3.10 2.32
N PRO A 77 13.68 -3.49 1.40
CA PRO A 77 13.38 -4.50 0.39
C PRO A 77 12.82 -5.77 1.01
N ILE A 78 11.80 -6.36 0.40
CA ILE A 78 11.18 -7.57 0.93
C ILE A 78 10.66 -8.46 -0.18
N THR A 79 10.21 -9.66 0.19
CA THR A 79 9.67 -10.60 -0.77
C THR A 79 8.14 -10.60 -0.69
N LEU A 80 7.51 -9.83 -1.57
CA LEU A 80 6.06 -9.72 -1.59
C LEU A 80 5.46 -10.66 -2.63
N ASN A 81 4.48 -11.45 -2.22
CA ASN A 81 3.83 -12.39 -3.12
C ASN A 81 2.72 -11.70 -3.91
N ASN A 82 2.07 -10.72 -3.29
CA ASN A 82 0.99 -9.99 -3.97
C ASN A 82 0.37 -8.93 -3.05
N VAL A 83 0.25 -7.71 -3.57
CA VAL A 83 -0.35 -6.61 -2.83
C VAL A 83 -1.74 -6.32 -3.38
N GLU A 84 -2.59 -5.71 -2.57
CA GLU A 84 -3.95 -5.40 -2.99
C GLU A 84 -4.51 -4.18 -2.29
N PHE A 85 -5.04 -3.25 -3.08
CA PHE A 85 -5.65 -2.04 -2.52
C PHE A 85 -7.17 -2.10 -2.67
N LEU A 86 -7.86 -2.45 -1.59
CA LEU A 86 -9.31 -2.53 -1.61
C LEU A 86 -9.89 -1.18 -1.21
N MET A 87 -10.07 -0.29 -2.18
CA MET A 87 -10.59 1.04 -1.92
C MET A 87 -11.52 1.51 -3.03
N GLY A 88 -12.04 2.72 -2.88
CA GLY A 88 -12.94 3.28 -3.87
C GLY A 88 -12.96 4.79 -3.84
N ALA A 89 -13.93 5.36 -3.14
CA ALA A 89 -14.05 6.81 -3.04
C ALA A 89 -14.54 7.21 -1.64
N ASN A 90 -14.73 8.50 -1.44
CA ASN A 90 -15.20 9.01 -0.15
C ASN A 90 -16.72 8.93 -0.05
N SER A 91 -17.41 9.67 -0.92
CA SER A 91 -18.87 9.68 -0.95
C SER A 91 -19.38 8.85 -2.12
N ASN A 92 -18.89 9.18 -3.31
CA ASN A 92 -19.29 8.48 -4.52
C ASN A 92 -18.08 7.78 -5.14
N PRO A 93 -18.14 6.45 -5.34
CA PRO A 93 -17.04 5.68 -5.92
C PRO A 93 -16.42 6.36 -7.13
N ASN A 94 -17.22 7.17 -7.82
CA ASN A 94 -16.75 7.88 -9.01
C ASN A 94 -15.58 8.79 -8.67
N ASP A 95 -15.49 9.20 -7.42
CA ASP A 95 -14.41 10.08 -6.97
C ASP A 95 -13.10 9.32 -6.82
N THR A 96 -12.32 9.27 -7.90
CA THR A 96 -11.04 8.56 -7.88
C THR A 96 -10.33 8.73 -9.22
N MET A 97 -9.31 7.91 -9.46
CA MET A 97 -8.53 7.96 -10.71
C MET A 97 -9.42 8.21 -11.92
N GLN A 98 -8.82 8.69 -13.00
CA GLN A 98 -9.55 8.92 -14.23
C GLN A 98 -9.29 7.74 -15.16
N LYS A 99 -8.04 7.30 -15.15
CA LYS A 99 -7.59 6.15 -15.92
C LYS A 99 -6.13 5.88 -15.59
N ALA A 100 -5.80 4.68 -15.12
CA ALA A 100 -4.42 4.39 -14.78
C ALA A 100 -4.21 2.99 -14.21
N LYS A 101 -2.95 2.55 -14.25
CA LYS A 101 -2.53 1.26 -13.74
C LYS A 101 -1.78 1.47 -12.41
N ILE A 102 -1.58 0.42 -11.64
CA ILE A 102 -0.88 0.56 -10.36
C ILE A 102 0.64 0.53 -10.56
N GLN A 103 1.38 1.00 -9.54
CA GLN A 103 2.84 1.04 -9.62
C GLN A 103 3.48 0.41 -8.38
N TYR A 104 4.82 0.48 -8.31
CA TYR A 104 5.57 -0.07 -7.19
C TYR A 104 7.06 0.27 -7.33
N THR A 105 7.73 0.50 -6.20
CA THR A 105 9.16 0.81 -6.24
C THR A 105 9.97 -0.41 -5.83
N VAL A 106 11.10 -0.62 -6.51
CA VAL A 106 11.95 -1.77 -6.23
C VAL A 106 13.03 -1.45 -5.19
N ASP A 107 13.89 -0.49 -5.51
CA ASP A 107 14.98 -0.11 -4.61
C ASP A 107 14.60 1.10 -3.76
N GLY A 108 13.32 1.20 -3.41
CA GLY A 108 12.85 2.32 -2.60
C GLY A 108 13.30 3.66 -3.15
N ARG A 109 13.35 3.75 -4.47
CA ARG A 109 13.75 4.99 -5.14
C ARG A 109 12.81 5.32 -6.28
N GLU A 110 12.90 4.55 -7.35
CA GLU A 110 12.05 4.76 -8.51
C GLU A 110 10.77 3.95 -8.37
N TRP A 111 9.77 4.28 -9.18
CA TRP A 111 8.50 3.57 -9.14
C TRP A 111 8.08 3.13 -10.54
N ILE A 112 8.04 1.83 -10.76
CA ILE A 112 7.66 1.27 -12.06
C ILE A 112 6.23 0.75 -12.04
N ASP A 113 5.68 0.51 -13.24
CA ASP A 113 4.31 0.01 -13.37
C ASP A 113 4.12 -1.27 -12.57
N LEU A 114 2.88 -1.52 -12.17
CA LEU A 114 2.56 -2.72 -11.39
C LEU A 114 1.51 -3.56 -12.10
N GLU A 115 0.30 -3.03 -12.22
CA GLU A 115 -0.79 -3.76 -12.85
C GLU A 115 -0.99 -3.36 -14.31
N GLU A 116 -1.59 -4.27 -15.06
CA GLU A 116 -1.89 -4.06 -16.48
C GLU A 116 -2.45 -2.67 -16.70
N GLY A 117 -2.50 -2.25 -17.97
CA GLY A 117 -3.05 -0.95 -18.27
C GLY A 117 -4.51 -0.86 -17.84
N VAL A 118 -4.72 -0.99 -16.53
CA VAL A 118 -6.05 -0.95 -15.94
C VAL A 118 -6.51 0.48 -15.77
N GLU A 119 -7.81 0.63 -15.65
CA GLU A 119 -8.39 1.94 -15.45
C GLU A 119 -8.89 2.05 -14.03
N TYR A 120 -7.95 2.22 -13.10
CA TYR A 120 -8.27 2.33 -11.68
C TYR A 120 -8.98 3.64 -11.39
N THR A 121 -9.87 4.03 -12.29
CA THR A 121 -10.67 5.23 -12.14
C THR A 121 -11.99 4.86 -11.46
N MET A 122 -12.32 3.58 -11.56
CA MET A 122 -13.51 3.03 -10.95
C MET A 122 -13.12 1.76 -10.20
N PRO A 123 -12.00 1.83 -9.44
CA PRO A 123 -11.48 0.69 -8.68
C PRO A 123 -12.22 0.48 -7.37
N GLY A 124 -13.06 -0.55 -7.32
CA GLY A 124 -13.79 -0.85 -6.10
C GLY A 124 -12.92 -1.66 -5.16
N ALA A 125 -12.26 -2.66 -5.72
CA ALA A 125 -11.37 -3.52 -4.96
C ALA A 125 -10.17 -3.87 -5.79
N ILE A 126 -9.04 -3.27 -5.47
CA ILE A 126 -7.82 -3.51 -6.21
C ILE A 126 -6.98 -4.61 -5.58
N LYS A 127 -6.52 -5.54 -6.42
CA LYS A 127 -5.71 -6.65 -5.96
C LYS A 127 -4.81 -7.18 -7.08
N VAL A 128 -3.52 -7.31 -6.80
CA VAL A 128 -2.57 -7.80 -7.77
C VAL A 128 -2.03 -9.17 -7.36
N GLU A 129 -2.64 -10.22 -7.89
CA GLU A 129 -2.22 -11.59 -7.58
C GLU A 129 -1.20 -12.10 -8.58
N ASN A 130 -0.59 -13.24 -8.28
CA ASN A 130 0.42 -13.83 -9.15
C ASN A 130 1.57 -12.86 -9.38
N LEU A 131 1.86 -12.05 -8.36
CA LEU A 131 2.94 -11.07 -8.45
C LEU A 131 4.05 -11.40 -7.46
N ASP A 132 4.54 -12.63 -7.51
CA ASP A 132 5.60 -13.05 -6.61
C ASP A 132 6.92 -12.38 -7.00
N LEU A 133 7.17 -11.21 -6.42
CA LEU A 133 8.38 -10.45 -6.72
C LEU A 133 8.73 -9.51 -5.57
N LYS A 134 9.94 -9.65 -5.03
CA LYS A 134 10.38 -8.78 -3.94
C LYS A 134 10.25 -7.33 -4.37
N VAL A 135 9.86 -6.45 -3.45
CA VAL A 135 9.69 -5.06 -3.81
C VAL A 135 9.76 -4.15 -2.60
N ARG A 136 9.78 -2.86 -2.86
CA ARG A 136 9.77 -1.89 -1.81
C ARG A 136 8.52 -1.06 -1.96
N GLY A 137 7.77 -0.95 -0.89
CA GLY A 137 6.54 -0.18 -0.91
C GLY A 137 5.60 -0.55 -2.04
N VAL A 138 4.50 0.19 -2.15
CA VAL A 138 3.49 -0.02 -3.18
C VAL A 138 2.69 1.26 -3.41
N ARG A 139 2.21 1.47 -4.63
CA ARG A 139 1.45 2.68 -4.94
C ARG A 139 0.86 2.64 -6.34
N LEU A 140 -0.12 3.51 -6.57
CA LEU A 140 -0.77 3.63 -7.86
C LEU A 140 -0.19 4.80 -8.65
N ILE A 141 -0.37 4.77 -9.96
CA ILE A 141 0.15 5.84 -10.82
C ILE A 141 -0.94 6.34 -11.76
N ALA A 142 -1.20 7.64 -11.74
CA ALA A 142 -2.24 8.24 -12.57
C ALA A 142 -1.64 8.81 -13.85
N THR A 143 -2.43 8.77 -14.93
CA THR A 143 -1.99 9.29 -16.22
C THR A 143 -3.03 10.28 -16.78
N GLU A 144 -3.81 10.88 -15.89
CA GLU A 144 -4.83 11.84 -16.29
C GLU A 144 -5.44 12.53 -15.08
N ALA A 145 -5.81 11.74 -14.07
CA ALA A 145 -6.40 12.27 -12.85
C ALA A 145 -7.80 12.84 -13.12
N ARG A 146 -8.50 13.19 -12.04
CA ARG A 146 -9.84 13.75 -12.15
C ARG A 146 -9.97 15.06 -11.40
N GLU A 147 -10.89 15.92 -11.85
CA GLU A 147 -11.10 17.22 -11.22
C GLU A 147 -12.25 17.13 -10.21
N ASN A 148 -12.21 18.00 -9.19
CA ASN A 148 -13.25 18.02 -8.16
C ASN A 148 -13.55 16.60 -7.67
N THR A 149 -12.61 16.05 -6.92
CA THR A 149 -12.77 14.69 -6.40
C THR A 149 -11.71 14.38 -5.35
N TRP A 150 -12.10 13.65 -4.33
CA TRP A 150 -11.19 13.26 -3.27
C TRP A 150 -10.66 11.85 -3.51
N LEU A 151 -9.94 11.31 -2.55
CA LEU A 151 -9.40 9.96 -2.65
C LEU A 151 -9.78 9.14 -1.41
N GLY A 152 -10.84 8.34 -1.54
CA GLY A 152 -11.29 7.52 -0.43
C GLY A 152 -10.69 6.14 -0.45
N VAL A 153 -10.38 5.61 0.73
CA VAL A 153 -9.79 4.29 0.84
C VAL A 153 -10.59 3.41 1.81
N ARG A 154 -10.74 2.15 1.46
CA ARG A 154 -11.48 1.21 2.30
C ARG A 154 -10.55 0.26 3.03
N ASP A 155 -9.55 -0.27 2.33
CA ASP A 155 -8.60 -1.21 2.94
C ASP A 155 -7.59 -1.76 1.93
N ILE A 156 -6.30 -1.59 2.23
CA ILE A 156 -5.24 -2.11 1.38
C ILE A 156 -4.22 -2.87 2.22
N ASN A 157 -3.94 -4.10 1.85
CA ASN A 157 -3.00 -4.89 2.60
C ASN A 157 -2.10 -5.71 1.70
N VAL A 158 -0.91 -6.04 2.20
CA VAL A 158 0.05 -6.84 1.44
C VAL A 158 0.25 -8.20 2.09
N ASN A 159 0.61 -9.20 1.29
CA ASN A 159 0.84 -10.54 1.80
C ASN A 159 -0.44 -11.10 2.42
N LYS A 160 -1.38 -11.52 1.58
CA LYS A 160 -2.64 -12.08 2.06
C LYS A 160 -2.52 -13.56 2.37
N LYS A 161 -1.30 -14.02 2.63
CA LYS A 161 -1.04 -15.42 2.94
C LYS A 161 0.41 -15.60 3.37
N GLU A 162 0.95 -14.60 4.06
CA GLU A 162 2.33 -14.65 4.52
C GLU A 162 3.29 -14.77 3.34
N ASP A 163 3.03 -14.00 2.29
CA ASP A 163 3.88 -14.02 1.10
C ASP A 163 3.86 -15.40 0.45
N SER A 164 4.66 -16.32 0.97
CA SER A 164 4.74 -17.67 0.44
C SER A 164 4.59 -18.71 1.55
N MET A 1 24.22 -48.04 17.94
CA MET A 1 25.19 -47.47 18.92
C MET A 1 25.49 -48.47 20.04
N GLY A 2 24.52 -49.30 20.36
CA GLY A 2 24.70 -50.29 21.41
C GLY A 2 24.17 -51.65 21.02
N SER A 3 23.47 -52.29 21.96
CA SER A 3 22.90 -53.62 21.71
C SER A 3 22.08 -54.08 22.90
N SER A 4 22.59 -53.82 24.10
CA SER A 4 21.89 -54.22 25.33
C SER A 4 21.03 -53.07 25.86
N HIS A 5 19.89 -53.43 26.44
CA HIS A 5 18.98 -52.42 26.99
C HIS A 5 18.50 -51.47 25.91
N HIS A 6 17.59 -51.94 25.07
CA HIS A 6 17.05 -51.13 23.99
C HIS A 6 15.90 -50.26 24.49
N HIS A 7 16.24 -49.19 25.20
CA HIS A 7 15.23 -48.28 25.74
C HIS A 7 15.56 -46.84 25.36
N HIS A 8 16.19 -46.65 24.21
CA HIS A 8 16.56 -45.33 23.75
C HIS A 8 17.49 -44.63 24.74
N HIS A 9 17.77 -43.35 24.49
CA HIS A 9 18.65 -42.58 25.36
C HIS A 9 17.89 -41.44 26.02
N HIS A 10 17.52 -40.44 25.20
CA HIS A 10 16.79 -39.28 25.69
C HIS A 10 17.60 -38.54 26.76
N SER A 11 18.13 -37.39 26.38
CA SER A 11 18.94 -36.58 27.30
C SER A 11 18.47 -35.13 27.29
N SER A 12 17.82 -34.72 28.37
CA SER A 12 17.32 -33.35 28.48
C SER A 12 17.68 -32.75 29.84
N GLY A 13 18.44 -31.65 29.81
CA GLY A 13 18.85 -31.00 31.03
C GLY A 13 18.04 -29.74 31.33
N LEU A 14 18.71 -28.74 31.87
CA LEU A 14 18.05 -27.47 32.20
C LEU A 14 17.75 -26.68 30.93
N VAL A 15 18.60 -26.84 29.91
CA VAL A 15 18.41 -26.14 28.65
C VAL A 15 18.51 -24.62 28.84
N PRO A 16 19.76 -24.10 28.91
CA PRO A 16 19.99 -22.66 29.09
C PRO A 16 19.24 -21.82 28.06
N ARG A 17 19.02 -22.39 26.88
CA ARG A 17 18.32 -21.70 25.81
C ARG A 17 19.06 -20.43 25.41
N GLY A 18 19.79 -20.51 24.29
CA GLY A 18 20.54 -19.36 23.82
C GLY A 18 19.65 -18.18 23.48
N SER A 19 20.10 -17.34 22.56
CA SER A 19 19.33 -16.17 22.14
C SER A 19 19.22 -16.10 20.62
N HIS A 20 18.73 -14.98 20.13
CA HIS A 20 18.58 -14.78 18.68
C HIS A 20 19.92 -14.89 17.97
N MET A 21 19.90 -14.70 16.66
CA MET A 21 21.13 -14.76 15.86
C MET A 21 21.57 -13.37 15.43
N ALA A 22 20.72 -12.69 14.66
CA ALA A 22 21.02 -11.35 14.18
C ALA A 22 19.83 -10.75 13.45
N SER A 23 19.33 -11.47 12.45
CA SER A 23 18.20 -11.00 11.66
C SER A 23 17.15 -12.11 11.53
N ASP A 24 16.86 -12.79 12.63
CA ASP A 24 15.88 -13.86 12.64
C ASP A 24 14.50 -13.35 12.20
N PRO A 25 13.94 -12.38 12.94
CA PRO A 25 12.63 -11.82 12.63
C PRO A 25 12.67 -10.92 11.40
N ASN A 26 11.50 -10.66 10.81
CA ASN A 26 11.41 -9.81 9.63
C ASN A 26 10.03 -9.16 9.53
N ARG A 27 9.81 -8.11 10.30
CA ARG A 27 8.54 -7.40 10.29
C ARG A 27 8.66 -6.08 9.54
N ILE A 28 8.07 -6.02 8.35
CA ILE A 28 8.11 -4.82 7.53
C ILE A 28 6.88 -3.95 7.80
N ILE A 29 7.13 -2.66 8.01
CA ILE A 29 6.05 -1.70 8.27
C ILE A 29 5.41 -1.23 6.96
N ALA A 30 4.22 -0.69 7.06
CA ALA A 30 3.50 -0.19 5.89
C ALA A 30 2.91 1.20 6.16
N THR A 31 3.27 2.17 5.33
CA THR A 31 2.76 3.53 5.49
C THR A 31 2.01 3.96 4.25
N TYR A 32 0.72 4.22 4.42
CA TYR A 32 -0.11 4.67 3.32
C TYR A 32 0.46 5.91 2.64
N ILE A 33 0.57 5.84 1.31
CA ILE A 33 1.08 6.96 0.51
C ILE A 33 -0.06 7.62 -0.24
N SER A 34 0.20 8.76 -0.86
CA SER A 34 -0.83 9.44 -1.62
C SER A 34 -0.30 10.70 -2.28
N ASN A 35 -0.69 10.91 -3.53
CA ASN A 35 -0.26 12.09 -4.28
C ASN A 35 -0.86 13.35 -3.67
N ARG A 36 -2.03 13.19 -3.05
CA ARG A 36 -2.72 14.31 -2.42
C ARG A 36 -2.11 14.62 -1.05
N GLN A 37 -1.72 15.87 -0.85
CA GLN A 37 -1.12 16.30 0.41
C GLN A 37 -2.03 15.96 1.59
N ASP A 38 -3.33 15.82 1.32
CA ASP A 38 -4.29 15.49 2.35
C ASP A 38 -3.97 14.15 3.00
N ALA A 39 -3.40 14.20 4.20
CA ALA A 39 -3.08 12.98 4.92
C ALA A 39 -4.33 12.17 5.17
N PRO A 40 -4.24 10.82 5.13
CA PRO A 40 -5.38 9.95 5.35
C PRO A 40 -6.20 10.37 6.56
N THR A 41 -7.47 10.68 6.34
CA THR A 41 -8.35 11.12 7.41
C THR A 41 -8.78 9.92 8.25
N GLY A 42 -9.69 10.15 9.20
CA GLY A 42 -10.15 9.09 10.06
C GLY A 42 -9.00 8.29 10.66
N ASN A 43 -8.71 7.14 10.06
CA ASN A 43 -7.64 6.29 10.53
C ASN A 43 -7.17 5.33 9.44
N PRO A 44 -6.01 5.62 8.81
CA PRO A 44 -5.46 4.77 7.75
C PRO A 44 -4.84 3.50 8.33
N ASP A 45 -4.85 3.38 9.67
CA ASP A 45 -4.30 2.21 10.34
C ASP A 45 -4.84 0.94 9.71
N ASN A 46 -6.04 1.02 9.17
CA ASN A 46 -6.67 -0.13 8.52
C ASN A 46 -5.80 -0.58 7.35
N ILE A 47 -5.12 0.37 6.75
CA ILE A 47 -4.24 0.10 5.64
C ILE A 47 -2.84 -0.23 6.12
N PHE A 48 -2.45 0.40 7.22
CA PHE A 48 -1.13 0.19 7.80
C PHE A 48 -0.86 -1.30 8.04
N ASP A 49 -1.88 -2.03 8.48
CA ASP A 49 -1.74 -3.45 8.75
C ASP A 49 -2.94 -4.26 8.27
N ASN A 50 -3.75 -3.68 7.39
CA ASN A 50 -4.93 -4.36 6.85
C ASN A 50 -5.97 -4.63 7.94
N ASN A 51 -6.99 -3.78 8.00
CA ASN A 51 -8.06 -3.92 8.98
C ASN A 51 -9.43 -3.74 8.32
N ALA A 52 -9.52 -2.76 7.43
CA ALA A 52 -10.77 -2.48 6.73
C ALA A 52 -11.91 -2.23 7.70
N SER A 53 -11.58 -1.76 8.90
CA SER A 53 -12.59 -1.48 9.92
C SER A 53 -13.04 -0.03 9.84
N THR A 54 -12.08 0.88 9.81
CA THR A 54 -12.37 2.30 9.72
C THR A 54 -12.03 2.82 8.33
N GLU A 55 -12.56 3.98 7.97
CA GLU A 55 -12.32 4.56 6.66
C GLU A 55 -11.37 5.76 6.71
N LEU A 56 -10.92 6.17 5.53
CA LEU A 56 -10.00 7.30 5.40
C LEU A 56 -10.03 7.82 3.97
N VAL A 57 -9.83 9.11 3.78
CA VAL A 57 -9.85 9.70 2.45
C VAL A 57 -9.01 10.97 2.33
N TYR A 58 -8.57 11.22 1.11
CA TYR A 58 -7.79 12.41 0.77
C TYR A 58 -8.68 13.35 -0.05
N LYS A 59 -8.77 14.61 0.34
CA LYS A 59 -9.65 15.54 -0.36
C LYS A 59 -9.35 17.00 -0.05
N ASN A 60 -8.12 17.30 0.35
CA ASN A 60 -7.75 18.68 0.64
C ASN A 60 -7.93 19.54 -0.60
N PRO A 61 -7.21 19.22 -1.69
CA PRO A 61 -7.31 19.94 -2.95
C PRO A 61 -8.33 19.29 -3.88
N ASN A 62 -9.45 19.95 -4.09
CA ASN A 62 -10.49 19.42 -4.96
C ASN A 62 -10.14 19.67 -6.43
N ARG A 63 -9.00 19.14 -6.85
CA ARG A 63 -8.54 19.30 -8.24
C ARG A 63 -7.12 18.77 -8.39
N ILE A 64 -6.92 17.83 -9.30
CA ILE A 64 -5.61 17.24 -9.54
C ILE A 64 -5.48 16.74 -10.96
N ASP A 65 -4.40 17.14 -11.63
CA ASP A 65 -4.15 16.73 -13.01
C ASP A 65 -2.84 15.94 -13.11
N VAL A 66 -2.95 14.68 -13.51
CA VAL A 66 -1.78 13.82 -13.66
C VAL A 66 -0.99 13.72 -12.35
N GLY A 67 -1.05 12.56 -11.71
CA GLY A 67 -0.33 12.37 -10.46
C GLY A 67 -1.21 11.78 -9.37
N THR A 68 -2.52 11.93 -9.51
CA THR A 68 -3.45 11.40 -8.52
C THR A 68 -3.24 9.91 -8.34
N TYR A 69 -2.60 9.54 -7.24
CA TYR A 69 -2.32 8.14 -6.95
C TYR A 69 -1.99 7.91 -5.48
N VAL A 70 -1.96 6.65 -5.08
CA VAL A 70 -1.64 6.30 -3.71
C VAL A 70 -1.19 4.84 -3.60
N GLY A 71 -1.01 4.40 -2.36
CA GLY A 71 -0.60 3.05 -2.08
C GLY A 71 -0.18 2.90 -0.63
N VAL A 72 1.05 2.46 -0.42
CA VAL A 72 1.57 2.33 0.92
C VAL A 72 3.07 1.95 0.90
N LYS A 73 3.89 2.77 1.54
CA LYS A 73 5.34 2.54 1.55
C LYS A 73 5.75 1.66 2.71
N TYR A 74 6.73 0.79 2.47
CA TYR A 74 7.22 -0.12 3.49
C TYR A 74 8.56 0.35 4.04
N SER A 75 9.15 -0.46 4.93
CA SER A 75 10.43 -0.13 5.53
C SER A 75 11.52 -1.04 4.99
N ASN A 76 11.26 -2.33 4.96
CA ASN A 76 12.22 -3.31 4.45
C ASN A 76 11.61 -4.12 3.30
N PRO A 77 12.39 -5.02 2.67
CA PRO A 77 11.90 -5.84 1.56
C PRO A 77 11.08 -7.03 2.03
N ILE A 78 9.96 -7.27 1.34
CA ILE A 78 9.09 -8.38 1.68
C ILE A 78 8.59 -9.09 0.43
N THR A 79 8.67 -10.42 0.42
CA THR A 79 8.21 -11.19 -0.73
C THR A 79 6.76 -10.84 -1.05
N LEU A 80 6.59 -9.93 -2.00
CA LEU A 80 5.26 -9.49 -2.38
C LEU A 80 4.57 -10.53 -3.27
N ASN A 81 3.78 -11.40 -2.66
CA ASN A 81 3.07 -12.43 -3.41
C ASN A 81 1.90 -11.84 -4.17
N ASN A 82 1.43 -10.67 -3.74
CA ASN A 82 0.32 -10.00 -4.40
C ASN A 82 -0.03 -8.68 -3.71
N VAL A 83 -0.20 -7.63 -4.49
CA VAL A 83 -0.56 -6.32 -3.96
C VAL A 83 -2.03 -6.02 -4.24
N GLU A 84 -2.72 -5.48 -3.26
CA GLU A 84 -4.14 -5.18 -3.41
C GLU A 84 -4.55 -3.94 -2.60
N PHE A 85 -5.09 -2.94 -3.29
CA PHE A 85 -5.56 -1.73 -2.62
C PHE A 85 -7.08 -1.67 -2.63
N LEU A 86 -7.69 -2.02 -1.50
CA LEU A 86 -9.15 -1.99 -1.40
C LEU A 86 -9.63 -0.57 -1.14
N MET A 87 -9.86 0.17 -2.21
CA MET A 87 -10.31 1.56 -2.10
C MET A 87 -11.34 1.90 -3.17
N GLY A 88 -12.30 2.75 -2.81
CA GLY A 88 -13.34 3.16 -3.74
C GLY A 88 -13.57 4.66 -3.71
N ALA A 89 -14.64 5.08 -3.04
CA ALA A 89 -14.95 6.50 -2.93
C ALA A 89 -15.52 6.84 -1.56
N ASN A 90 -15.55 8.14 -1.24
CA ASN A 90 -16.07 8.59 0.04
C ASN A 90 -17.58 8.79 -0.02
N SER A 91 -18.00 9.80 -0.77
CA SER A 91 -19.42 10.11 -0.92
C SER A 91 -19.94 9.63 -2.27
N ASN A 92 -19.37 10.20 -3.33
CA ASN A 92 -19.77 9.84 -4.69
C ASN A 92 -18.93 8.68 -5.21
N PRO A 93 -19.57 7.55 -5.61
CA PRO A 93 -18.87 6.37 -6.13
C PRO A 93 -17.90 6.73 -7.25
N ASN A 94 -18.11 7.87 -7.89
CA ASN A 94 -17.25 8.31 -8.98
C ASN A 94 -16.14 9.23 -8.48
N ASP A 95 -15.77 9.07 -7.21
CA ASP A 95 -14.72 9.88 -6.60
C ASP A 95 -13.43 9.09 -6.47
N THR A 96 -12.62 9.10 -7.52
CA THR A 96 -11.35 8.38 -7.52
C THR A 96 -10.59 8.63 -8.82
N MET A 97 -9.57 7.80 -9.08
CA MET A 97 -8.76 7.93 -10.29
C MET A 97 -9.61 8.25 -11.51
N GLN A 98 -8.94 8.64 -12.59
CA GLN A 98 -9.62 8.91 -13.84
C GLN A 98 -9.35 7.74 -14.78
N LYS A 99 -8.11 7.30 -14.76
CA LYS A 99 -7.67 6.15 -15.53
C LYS A 99 -6.20 5.89 -15.20
N ALA A 100 -5.85 4.70 -14.72
CA ALA A 100 -4.45 4.43 -14.39
C ALA A 100 -4.17 3.03 -13.85
N LYS A 101 -2.91 2.62 -13.97
CA LYS A 101 -2.43 1.32 -13.49
C LYS A 101 -1.63 1.54 -12.20
N ILE A 102 -1.33 0.46 -11.47
CA ILE A 102 -0.57 0.59 -10.23
C ILE A 102 0.93 0.38 -10.46
N GLN A 103 1.74 0.82 -9.49
CA GLN A 103 3.19 0.67 -9.59
C GLN A 103 3.79 0.16 -8.28
N TYR A 104 5.13 0.19 -8.20
CA TYR A 104 5.85 -0.26 -7.02
C TYR A 104 7.34 0.02 -7.17
N THR A 105 8.01 0.36 -6.08
CA THR A 105 9.44 0.64 -6.13
C THR A 105 10.22 -0.59 -5.68
N VAL A 106 11.22 -0.98 -6.48
CA VAL A 106 12.02 -2.16 -6.17
C VAL A 106 13.04 -1.89 -5.07
N ASP A 107 13.68 -0.72 -5.11
CA ASP A 107 14.68 -0.37 -4.12
C ASP A 107 14.30 0.92 -3.38
N GLY A 108 13.01 1.13 -3.18
CA GLY A 108 12.55 2.33 -2.50
C GLY A 108 13.18 3.58 -3.07
N ARG A 109 13.55 3.53 -4.34
CA ARG A 109 14.18 4.66 -5.01
C ARG A 109 13.42 5.03 -6.28
N GLU A 110 13.24 4.04 -7.15
CA GLU A 110 12.52 4.23 -8.40
C GLU A 110 11.19 3.51 -8.34
N TRP A 111 10.23 3.97 -9.14
CA TRP A 111 8.92 3.35 -9.17
C TRP A 111 8.52 2.98 -10.59
N ILE A 112 8.28 1.68 -10.81
CA ILE A 112 7.90 1.19 -12.13
C ILE A 112 6.50 0.60 -12.12
N ASP A 113 5.87 0.56 -13.29
CA ASP A 113 4.52 0.02 -13.44
C ASP A 113 4.37 -1.31 -12.70
N LEU A 114 3.14 -1.60 -12.30
CA LEU A 114 2.85 -2.85 -11.58
C LEU A 114 1.70 -3.62 -12.21
N GLU A 115 0.50 -3.05 -12.15
CA GLU A 115 -0.67 -3.72 -12.70
C GLU A 115 -0.98 -3.30 -14.13
N GLU A 116 -1.69 -4.18 -14.83
CA GLU A 116 -2.09 -3.93 -16.21
C GLU A 116 -2.63 -2.53 -16.37
N GLY A 117 -2.78 -2.08 -17.61
CA GLY A 117 -3.32 -0.76 -17.86
C GLY A 117 -4.76 -0.64 -17.41
N VAL A 118 -4.99 -0.94 -16.14
CA VAL A 118 -6.32 -0.88 -15.55
C VAL A 118 -6.73 0.55 -15.30
N GLU A 119 -8.02 0.77 -15.18
CA GLU A 119 -8.53 2.09 -14.92
C GLU A 119 -9.06 2.18 -13.50
N TYR A 120 -8.15 2.42 -12.57
CA TYR A 120 -8.50 2.51 -11.15
C TYR A 120 -9.29 3.78 -10.87
N THR A 121 -10.06 4.20 -11.87
CA THR A 121 -10.92 5.36 -11.77
C THR A 121 -12.27 4.94 -11.24
N MET A 122 -12.55 3.65 -11.40
CA MET A 122 -13.79 3.06 -10.93
C MET A 122 -13.49 1.72 -10.26
N PRO A 123 -12.41 1.65 -9.45
CA PRO A 123 -12.01 0.42 -8.78
C PRO A 123 -12.67 0.26 -7.41
N GLY A 124 -13.22 -0.94 -7.18
CA GLY A 124 -13.85 -1.23 -5.91
C GLY A 124 -12.95 -2.09 -5.05
N ALA A 125 -12.29 -3.05 -5.71
CA ALA A 125 -11.37 -3.94 -5.05
C ALA A 125 -10.18 -4.21 -5.95
N ILE A 126 -9.07 -3.58 -5.63
CA ILE A 126 -7.87 -3.73 -6.42
C ILE A 126 -6.96 -4.82 -5.86
N LYS A 127 -6.57 -5.73 -6.74
CA LYS A 127 -5.69 -6.83 -6.36
C LYS A 127 -4.80 -7.23 -7.54
N VAL A 128 -3.72 -7.96 -7.23
CA VAL A 128 -2.79 -8.40 -8.27
C VAL A 128 -2.34 -9.84 -8.02
N GLU A 129 -1.99 -10.54 -9.09
CA GLU A 129 -1.53 -11.91 -9.00
C GLU A 129 -0.27 -12.13 -9.84
N ASN A 130 0.42 -13.23 -9.58
CA ASN A 130 1.64 -13.55 -10.31
C ASN A 130 2.69 -12.44 -10.15
N LEU A 131 2.67 -11.78 -8.99
CA LEU A 131 3.60 -10.70 -8.71
C LEU A 131 4.52 -11.06 -7.55
N ASP A 132 4.78 -12.35 -7.38
CA ASP A 132 5.64 -12.83 -6.30
C ASP A 132 7.06 -12.28 -6.45
N LEU A 133 7.30 -11.11 -5.86
CA LEU A 133 8.63 -10.49 -5.91
C LEU A 133 8.83 -9.52 -4.75
N LYS A 134 9.93 -9.67 -4.03
CA LYS A 134 10.22 -8.78 -2.91
C LYS A 134 10.18 -7.34 -3.41
N VAL A 135 9.66 -6.42 -2.59
CA VAL A 135 9.57 -5.04 -3.03
C VAL A 135 9.55 -4.09 -1.85
N ARG A 136 9.70 -2.81 -2.16
CA ARG A 136 9.63 -1.80 -1.13
C ARG A 136 8.43 -0.91 -1.42
N GLY A 137 7.60 -0.73 -0.43
CA GLY A 137 6.42 0.10 -0.57
C GLY A 137 5.56 -0.27 -1.78
N VAL A 138 4.51 0.51 -1.98
CA VAL A 138 3.57 0.31 -3.08
C VAL A 138 2.88 1.63 -3.43
N ARG A 139 2.42 1.77 -4.67
CA ARG A 139 1.77 3.00 -5.09
C ARG A 139 1.17 2.88 -6.49
N LEU A 140 0.28 3.81 -6.80
CA LEU A 140 -0.40 3.85 -8.10
C LEU A 140 0.13 5.01 -8.95
N ILE A 141 -0.08 4.94 -10.26
CA ILE A 141 0.38 6.00 -11.15
C ILE A 141 -0.76 6.51 -12.03
N ALA A 142 -1.02 7.81 -11.96
CA ALA A 142 -2.08 8.43 -12.74
C ALA A 142 -1.57 8.91 -14.09
N THR A 143 -2.48 9.05 -15.06
CA THR A 143 -2.12 9.51 -16.39
C THR A 143 -2.97 10.69 -16.82
N GLU A 144 -4.27 10.65 -16.51
CA GLU A 144 -5.18 11.72 -16.88
C GLU A 144 -6.28 11.90 -15.83
N ALA A 145 -5.89 12.28 -14.63
CA ALA A 145 -6.83 12.48 -13.53
C ALA A 145 -7.97 13.42 -13.93
N ARG A 146 -8.91 13.64 -13.01
CA ARG A 146 -10.04 14.51 -13.28
C ARG A 146 -10.09 15.67 -12.27
N GLU A 147 -10.65 16.80 -12.71
CA GLU A 147 -10.77 17.97 -11.85
C GLU A 147 -11.88 17.80 -10.82
N ASN A 148 -11.73 18.47 -9.68
CA ASN A 148 -12.71 18.39 -8.60
C ASN A 148 -13.18 16.96 -8.38
N THR A 149 -12.48 16.25 -7.49
CA THR A 149 -12.82 14.87 -7.21
C THR A 149 -11.92 14.30 -6.10
N TRP A 150 -12.56 13.73 -5.08
CA TRP A 150 -11.81 13.13 -3.98
C TRP A 150 -11.55 11.66 -4.29
N LEU A 151 -11.01 10.94 -3.31
CA LEU A 151 -10.73 9.53 -3.47
C LEU A 151 -10.87 8.82 -2.13
N GLY A 152 -11.90 7.98 -2.02
CA GLY A 152 -12.14 7.27 -0.78
C GLY A 152 -11.41 5.95 -0.71
N VAL A 153 -10.92 5.62 0.47
CA VAL A 153 -10.19 4.37 0.68
C VAL A 153 -10.83 3.53 1.78
N ARG A 154 -10.79 2.22 1.59
CA ARG A 154 -11.36 1.29 2.57
C ARG A 154 -10.26 0.46 3.22
N ASP A 155 -9.25 0.10 2.43
CA ASP A 155 -8.14 -0.71 2.94
C ASP A 155 -7.15 -1.07 1.83
N ILE A 156 -6.10 -1.79 2.22
CA ILE A 156 -5.07 -2.27 1.30
C ILE A 156 -4.37 -3.47 1.90
N ASN A 157 -4.13 -4.50 1.08
CA ASN A 157 -3.46 -5.69 1.57
C ASN A 157 -2.16 -5.94 0.82
N VAL A 158 -1.16 -6.42 1.55
CA VAL A 158 0.14 -6.71 0.97
C VAL A 158 0.69 -8.03 1.51
N ASN A 159 0.63 -9.08 0.69
CA ASN A 159 1.14 -10.39 1.08
C ASN A 159 0.23 -11.02 2.14
N LYS A 160 -1.03 -10.63 2.16
CA LYS A 160 -1.99 -11.15 3.11
C LYS A 160 -1.48 -11.01 4.54
N LYS A 161 -1.75 -9.86 5.15
CA LYS A 161 -1.33 -9.59 6.52
C LYS A 161 0.19 -9.68 6.64
N GLU A 162 0.89 -9.23 5.60
CA GLU A 162 2.35 -9.26 5.59
C GLU A 162 2.86 -10.69 5.69
N ASP A 163 2.54 -11.49 4.68
CA ASP A 163 2.96 -12.90 4.63
C ASP A 163 2.74 -13.59 5.98
N SER A 164 3.29 -14.79 6.12
CA SER A 164 3.16 -15.56 7.35
C SER A 164 1.69 -15.85 7.65
N MET A 1 16.62 -30.03 27.28
CA MET A 1 15.78 -28.83 27.55
C MET A 1 16.60 -27.55 27.53
N GLY A 2 17.30 -27.33 26.42
CA GLY A 2 18.13 -26.14 26.29
C GLY A 2 19.50 -26.44 25.71
N SER A 3 19.98 -25.55 24.85
CA SER A 3 21.29 -25.72 24.22
C SER A 3 22.41 -25.47 25.22
N SER A 4 22.79 -26.51 25.96
CA SER A 4 23.85 -26.40 26.95
C SER A 4 23.49 -25.38 28.02
N HIS A 5 23.07 -25.87 29.19
CA HIS A 5 22.70 -25.00 30.30
C HIS A 5 23.87 -24.13 30.73
N HIS A 6 24.93 -24.77 31.21
CA HIS A 6 26.12 -24.05 31.66
C HIS A 6 26.74 -23.25 30.51
N HIS A 7 27.64 -22.34 30.85
CA HIS A 7 28.30 -21.51 29.85
C HIS A 7 27.29 -20.69 29.07
N HIS A 8 27.80 -19.78 28.24
CA HIS A 8 26.94 -18.92 27.43
C HIS A 8 27.66 -18.46 26.18
N HIS A 9 26.98 -17.66 25.35
CA HIS A 9 27.56 -17.15 24.12
C HIS A 9 27.89 -18.28 23.16
N HIS A 10 27.33 -18.22 21.96
CA HIS A 10 27.57 -19.24 20.95
C HIS A 10 26.98 -18.83 19.60
N SER A 11 27.04 -17.53 19.31
CA SER A 11 26.52 -17.01 18.05
C SER A 11 25.03 -17.33 17.90
N SER A 12 24.33 -17.39 19.02
CA SER A 12 22.89 -17.70 19.01
C SER A 12 22.64 -19.05 18.37
N GLY A 13 22.86 -20.11 19.14
CA GLY A 13 22.65 -21.46 18.64
C GLY A 13 23.77 -21.92 17.74
N LEU A 14 23.81 -21.41 16.52
CA LEU A 14 24.84 -21.77 15.56
C LEU A 14 25.28 -20.56 14.74
N VAL A 15 26.05 -20.82 13.68
CA VAL A 15 26.53 -19.75 12.82
C VAL A 15 25.38 -19.07 12.09
N PRO A 16 25.42 -17.73 11.96
CA PRO A 16 24.36 -16.97 11.29
C PRO A 16 24.06 -17.51 9.90
N ARG A 17 23.15 -16.84 9.19
CA ARG A 17 22.76 -17.25 7.85
C ARG A 17 23.63 -16.55 6.80
N GLY A 18 24.00 -15.31 7.09
CA GLY A 18 24.82 -14.55 6.16
C GLY A 18 24.08 -14.22 4.87
N SER A 19 24.26 -15.07 3.86
CA SER A 19 23.60 -14.87 2.58
C SER A 19 23.38 -16.20 1.86
N HIS A 20 22.31 -16.89 2.25
CA HIS A 20 21.98 -18.18 1.66
C HIS A 20 20.51 -18.23 1.26
N MET A 21 19.95 -17.09 0.90
CA MET A 21 18.55 -17.00 0.51
C MET A 21 17.63 -17.46 1.63
N ALA A 22 17.30 -16.54 2.54
CA ALA A 22 16.43 -16.86 3.67
C ALA A 22 15.80 -15.60 4.24
N SER A 23 15.44 -14.67 3.36
CA SER A 23 14.83 -13.41 3.77
C SER A 23 15.83 -12.55 4.57
N ASP A 24 16.47 -11.63 3.88
CA ASP A 24 17.45 -10.74 4.50
C ASP A 24 16.83 -9.98 5.67
N PRO A 25 15.79 -9.17 5.39
CA PRO A 25 15.11 -8.37 6.42
C PRO A 25 14.25 -9.23 7.34
N ASN A 26 14.03 -8.76 8.56
CA ASN A 26 13.24 -9.48 9.53
C ASN A 26 11.75 -9.20 9.35
N ARG A 27 11.32 -8.01 9.76
CA ARG A 27 9.92 -7.61 9.63
C ARG A 27 9.79 -6.33 8.82
N ILE A 28 8.70 -6.22 8.06
CA ILE A 28 8.46 -5.04 7.24
C ILE A 28 7.03 -4.54 7.41
N ILE A 29 6.90 -3.23 7.64
CA ILE A 29 5.59 -2.62 7.82
C ILE A 29 5.10 -1.99 6.53
N ALA A 30 3.80 -1.78 6.42
CA ALA A 30 3.22 -1.18 5.23
C ALA A 30 2.52 0.14 5.56
N THR A 31 3.22 1.24 5.33
CA THR A 31 2.66 2.56 5.60
C THR A 31 1.96 3.14 4.39
N TYR A 32 0.67 3.38 4.54
CA TYR A 32 -0.14 3.93 3.48
C TYR A 32 0.49 5.20 2.89
N ILE A 33 0.33 5.39 1.58
CA ILE A 33 0.88 6.56 0.89
C ILE A 33 -0.21 7.32 0.15
N SER A 34 0.17 8.42 -0.49
CA SER A 34 -0.78 9.21 -1.25
C SER A 34 -0.09 10.39 -1.94
N ASN A 35 -0.47 10.64 -3.19
CA ASN A 35 0.10 11.75 -3.94
C ASN A 35 -0.45 13.07 -3.42
N ARG A 36 -1.69 13.03 -2.95
CA ARG A 36 -2.36 14.21 -2.42
C ARG A 36 -1.61 14.77 -1.21
N GLN A 37 -1.08 13.88 -0.38
CA GLN A 37 -0.35 14.28 0.81
C GLN A 37 -1.27 15.02 1.78
N ASP A 38 -2.58 14.76 1.66
CA ASP A 38 -3.56 15.40 2.52
C ASP A 38 -3.86 14.54 3.74
N ALA A 39 -4.07 15.18 4.88
CA ALA A 39 -4.37 14.47 6.12
C ALA A 39 -5.55 13.51 5.93
N PRO A 40 -5.44 12.29 6.46
CA PRO A 40 -6.51 11.28 6.36
C PRO A 40 -7.73 11.65 7.18
N THR A 41 -8.91 11.41 6.63
CA THR A 41 -10.17 11.72 7.32
C THR A 41 -10.13 11.24 8.76
N GLY A 42 -9.80 9.97 8.96
CA GLY A 42 -9.74 9.42 10.29
C GLY A 42 -8.41 8.75 10.57
N ASN A 43 -8.25 7.54 10.05
CA ASN A 43 -7.01 6.80 10.25
C ASN A 43 -6.82 5.72 9.18
N PRO A 44 -5.73 5.80 8.39
CA PRO A 44 -5.42 4.80 7.36
C PRO A 44 -4.90 3.51 7.99
N ASP A 45 -4.80 3.49 9.32
CA ASP A 45 -4.32 2.31 10.05
C ASP A 45 -4.97 1.04 9.52
N ASN A 46 -6.22 1.18 9.07
CA ASN A 46 -6.95 0.03 8.52
C ASN A 46 -6.09 -0.67 7.48
N ILE A 47 -5.20 0.09 6.87
CA ILE A 47 -4.32 -0.42 5.83
C ILE A 47 -2.94 -0.74 6.39
N PHE A 48 -2.55 -0.02 7.43
CA PHE A 48 -1.24 -0.23 8.06
C PHE A 48 -1.04 -1.69 8.43
N ASP A 49 -2.09 -2.33 8.94
CA ASP A 49 -2.01 -3.73 9.34
C ASP A 49 -3.22 -4.53 8.86
N ASN A 50 -3.89 -4.04 7.82
CA ASN A 50 -5.05 -4.72 7.27
C ASN A 50 -6.15 -4.87 8.31
N ASN A 51 -7.13 -3.98 8.26
CA ASN A 51 -8.26 -3.99 9.20
C ASN A 51 -9.16 -2.79 8.95
N ALA A 52 -10.08 -2.92 7.99
CA ALA A 52 -11.00 -1.84 7.63
C ALA A 52 -11.93 -1.48 8.79
N SER A 53 -11.36 -0.98 9.88
CA SER A 53 -12.15 -0.59 11.05
C SER A 53 -12.07 0.91 11.27
N THR A 54 -11.87 1.65 10.19
CA THR A 54 -11.76 3.11 10.26
C THR A 54 -12.07 3.73 8.90
N GLU A 55 -12.17 5.06 8.87
CA GLU A 55 -12.46 5.77 7.64
C GLU A 55 -11.18 6.39 7.06
N LEU A 56 -11.04 6.32 5.75
CA LEU A 56 -9.86 6.84 5.07
C LEU A 56 -10.20 7.44 3.71
N VAL A 57 -10.00 8.75 3.57
CA VAL A 57 -10.28 9.45 2.32
C VAL A 57 -9.41 10.69 2.20
N TYR A 58 -8.95 10.98 0.99
CA TYR A 58 -8.12 12.16 0.74
C TYR A 58 -8.91 13.23 0.01
N LYS A 59 -8.65 14.49 0.33
CA LYS A 59 -9.34 15.59 -0.32
C LYS A 59 -8.45 16.31 -1.31
N ASN A 60 -7.33 16.86 -0.84
CA ASN A 60 -6.40 17.58 -1.71
C ASN A 60 -7.18 18.56 -2.61
N PRO A 61 -6.50 19.35 -3.44
CA PRO A 61 -7.20 20.28 -4.33
C PRO A 61 -8.27 19.53 -5.11
N ASN A 62 -9.54 19.82 -4.79
CA ASN A 62 -10.69 19.16 -5.45
C ASN A 62 -10.35 18.69 -6.86
N ARG A 63 -9.63 19.53 -7.60
CA ARG A 63 -9.23 19.19 -8.95
C ARG A 63 -7.86 18.51 -8.93
N ILE A 64 -7.79 17.31 -9.48
CA ILE A 64 -6.54 16.55 -9.51
C ILE A 64 -6.02 16.39 -10.93
N ASP A 65 -4.70 16.31 -11.06
CA ASP A 65 -4.07 16.14 -12.37
C ASP A 65 -3.27 14.84 -12.40
N VAL A 66 -2.67 14.56 -13.56
CA VAL A 66 -1.89 13.34 -13.73
C VAL A 66 -0.85 13.18 -12.62
N GLY A 67 -1.18 12.37 -11.62
CA GLY A 67 -0.28 12.16 -10.51
C GLY A 67 -0.98 11.66 -9.27
N THR A 68 -2.27 11.96 -9.15
CA THR A 68 -3.06 11.53 -7.99
C THR A 68 -3.05 10.01 -7.88
N TYR A 69 -2.51 9.50 -6.77
CA TYR A 69 -2.46 8.06 -6.54
C TYR A 69 -2.21 7.72 -5.07
N VAL A 70 -2.35 6.44 -4.74
CA VAL A 70 -2.10 5.97 -3.38
C VAL A 70 -1.60 4.53 -3.39
N GLY A 71 -1.52 3.96 -2.20
CA GLY A 71 -1.07 2.60 -2.02
C GLY A 71 -0.55 2.38 -0.63
N VAL A 72 0.70 1.99 -0.50
CA VAL A 72 1.27 1.80 0.81
C VAL A 72 2.78 1.51 0.73
N LYS A 73 3.58 2.37 1.35
CA LYS A 73 5.03 2.20 1.34
C LYS A 73 5.50 1.35 2.51
N TYR A 74 6.58 0.61 2.30
CA TYR A 74 7.12 -0.25 3.34
C TYR A 74 8.42 0.30 3.92
N SER A 75 9.01 -0.46 4.83
CA SER A 75 10.26 -0.06 5.47
C SER A 75 11.46 -0.77 4.85
N ASN A 76 11.23 -1.99 4.39
CA ASN A 76 12.29 -2.79 3.75
C ASN A 76 11.71 -3.71 2.69
N PRO A 77 12.54 -4.15 1.72
CA PRO A 77 12.11 -5.02 0.64
C PRO A 77 11.59 -6.37 1.15
N ILE A 78 10.47 -6.81 0.60
CA ILE A 78 9.87 -8.09 0.99
C ILE A 78 9.28 -8.82 -0.20
N THR A 79 9.46 -10.14 -0.25
CA THR A 79 8.94 -10.94 -1.34
C THR A 79 7.47 -10.61 -1.60
N LEU A 80 7.23 -9.72 -2.57
CA LEU A 80 5.88 -9.31 -2.90
C LEU A 80 5.16 -10.41 -3.67
N ASN A 81 4.18 -11.03 -3.03
CA ASN A 81 3.40 -12.10 -3.64
C ASN A 81 2.18 -11.53 -4.34
N ASN A 82 1.58 -10.51 -3.72
CA ASN A 82 0.39 -9.87 -4.29
C ASN A 82 -0.17 -8.83 -3.33
N VAL A 83 -0.54 -7.66 -3.85
CA VAL A 83 -1.12 -6.60 -3.04
C VAL A 83 -2.61 -6.51 -3.29
N GLU A 84 -3.29 -5.69 -2.50
CA GLU A 84 -4.72 -5.51 -2.66
C GLU A 84 -5.12 -4.13 -2.19
N PHE A 85 -5.43 -3.23 -3.14
CA PHE A 85 -5.86 -1.89 -2.78
C PHE A 85 -7.38 -1.79 -2.86
N LEU A 86 -8.02 -1.86 -1.70
CA LEU A 86 -9.48 -1.77 -1.63
C LEU A 86 -9.89 -0.34 -1.30
N MET A 87 -10.05 0.46 -2.33
CA MET A 87 -10.42 1.87 -2.15
C MET A 87 -11.39 2.32 -3.23
N GLY A 88 -12.49 2.92 -2.81
CA GLY A 88 -13.48 3.41 -3.75
C GLY A 88 -13.53 4.93 -3.77
N ALA A 89 -14.57 5.49 -3.15
CA ALA A 89 -14.72 6.94 -3.09
C ALA A 89 -15.29 7.37 -1.75
N ASN A 90 -15.12 8.64 -1.42
CA ASN A 90 -15.63 9.17 -0.16
C ASN A 90 -17.13 9.41 -0.23
N SER A 91 -17.55 10.38 -1.02
CA SER A 91 -18.96 10.71 -1.17
C SER A 91 -19.52 10.17 -2.49
N ASN A 92 -18.98 10.66 -3.59
CA ASN A 92 -19.42 10.25 -4.91
C ASN A 92 -18.66 9.01 -5.38
N PRO A 93 -19.38 7.91 -5.69
CA PRO A 93 -18.75 6.65 -6.14
C PRO A 93 -17.79 6.87 -7.29
N ASN A 94 -17.94 7.98 -8.00
CA ASN A 94 -17.07 8.29 -9.13
C ASN A 94 -15.90 9.18 -8.70
N ASP A 95 -15.53 9.09 -7.42
CA ASP A 95 -14.43 9.89 -6.90
C ASP A 95 -13.17 9.04 -6.76
N THR A 96 -12.34 9.04 -7.80
CA THR A 96 -11.10 8.28 -7.78
C THR A 96 -10.31 8.53 -9.07
N MET A 97 -9.31 7.68 -9.33
CA MET A 97 -8.51 7.79 -10.53
C MET A 97 -9.39 8.06 -11.74
N GLN A 98 -8.81 8.60 -12.79
CA GLN A 98 -9.55 8.86 -14.02
C GLN A 98 -9.29 7.70 -14.97
N LYS A 99 -8.03 7.27 -14.98
CA LYS A 99 -7.58 6.14 -15.76
C LYS A 99 -6.11 5.89 -15.43
N ALA A 100 -5.76 4.68 -14.97
CA ALA A 100 -4.36 4.42 -14.63
C ALA A 100 -4.13 3.02 -14.09
N LYS A 101 -2.85 2.61 -14.13
CA LYS A 101 -2.41 1.31 -13.62
C LYS A 101 -1.69 1.52 -12.29
N ILE A 102 -1.31 0.44 -11.61
CA ILE A 102 -0.61 0.57 -10.33
C ILE A 102 0.91 0.55 -10.53
N GLN A 103 1.63 1.01 -9.51
CA GLN A 103 3.10 1.05 -9.56
C GLN A 103 3.72 0.40 -8.32
N TYR A 104 5.04 0.51 -8.19
CA TYR A 104 5.76 -0.06 -7.05
C TYR A 104 7.25 0.32 -7.12
N THR A 105 7.87 0.51 -5.96
CA THR A 105 9.29 0.84 -5.91
C THR A 105 10.10 -0.36 -5.44
N VAL A 106 11.22 -0.61 -6.10
CA VAL A 106 12.06 -1.75 -5.77
C VAL A 106 13.05 -1.43 -4.65
N ASP A 107 13.93 -0.46 -4.89
CA ASP A 107 14.92 -0.08 -3.90
C ASP A 107 14.46 1.12 -3.07
N GLY A 108 13.14 1.23 -2.90
CA GLY A 108 12.60 2.33 -2.12
C GLY A 108 13.04 3.68 -2.64
N ARG A 109 13.34 3.75 -3.92
CA ARG A 109 13.78 4.99 -4.55
C ARG A 109 12.87 5.34 -5.73
N GLU A 110 13.05 4.61 -6.83
CA GLU A 110 12.24 4.84 -8.02
C GLU A 110 10.95 4.04 -7.94
N TRP A 111 10.01 4.36 -8.81
CA TRP A 111 8.73 3.65 -8.83
C TRP A 111 8.35 3.24 -10.25
N ILE A 112 8.27 1.93 -10.47
CA ILE A 112 7.94 1.39 -11.79
C ILE A 112 6.51 0.85 -11.82
N ASP A 113 6.00 0.63 -13.03
CA ASP A 113 4.64 0.11 -13.21
C ASP A 113 4.45 -1.19 -12.43
N LEU A 114 3.20 -1.48 -12.08
CA LEU A 114 2.90 -2.69 -11.32
C LEU A 114 1.82 -3.53 -12.03
N GLU A 115 0.69 -2.90 -12.33
CA GLU A 115 -0.41 -3.61 -12.98
C GLU A 115 -0.62 -3.18 -14.42
N GLU A 116 -1.26 -4.06 -15.18
CA GLU A 116 -1.58 -3.81 -16.58
C GLU A 116 -2.16 -2.42 -16.74
N GLY A 117 -2.25 -1.95 -17.99
CA GLY A 117 -2.82 -0.64 -18.23
C GLY A 117 -4.28 -0.60 -17.81
N VAL A 118 -4.51 -0.84 -16.53
CA VAL A 118 -5.85 -0.86 -15.97
C VAL A 118 -6.36 0.54 -15.76
N GLU A 119 -7.66 0.67 -15.69
CA GLU A 119 -8.27 1.96 -15.45
C GLU A 119 -8.82 2.01 -14.05
N TYR A 120 -7.92 2.20 -13.09
CA TYR A 120 -8.30 2.26 -11.68
C TYR A 120 -9.06 3.53 -11.37
N THR A 121 -9.96 3.89 -12.29
CA THR A 121 -10.82 5.06 -12.12
C THR A 121 -12.12 4.62 -11.48
N MET A 122 -12.33 3.32 -11.51
CA MET A 122 -13.50 2.69 -10.92
C MET A 122 -13.06 1.42 -10.19
N PRO A 123 -11.95 1.51 -9.44
CA PRO A 123 -11.39 0.37 -8.71
C PRO A 123 -12.04 0.16 -7.35
N GLY A 124 -12.99 -0.77 -7.29
CA GLY A 124 -13.64 -1.06 -6.02
C GLY A 124 -12.69 -1.81 -5.11
N ALA A 125 -12.07 -2.85 -5.67
CA ALA A 125 -11.11 -3.65 -4.95
C ALA A 125 -9.97 -4.05 -5.87
N ILE A 126 -8.82 -3.44 -5.66
CA ILE A 126 -7.67 -3.72 -6.49
C ILE A 126 -6.80 -4.82 -5.90
N LYS A 127 -6.14 -5.56 -6.78
CA LYS A 127 -5.27 -6.66 -6.37
C LYS A 127 -4.23 -6.96 -7.45
N VAL A 128 -3.09 -7.49 -7.04
CA VAL A 128 -2.02 -7.82 -7.96
C VAL A 128 -1.63 -9.30 -7.85
N GLU A 129 -2.21 -10.14 -8.70
CA GLU A 129 -1.92 -11.57 -8.68
C GLU A 129 -0.79 -11.90 -9.66
N ASN A 130 -0.25 -13.12 -9.54
CA ASN A 130 0.82 -13.56 -10.41
C ASN A 130 2.03 -12.62 -10.30
N LEU A 131 2.24 -12.08 -9.11
CA LEU A 131 3.35 -11.15 -8.88
C LEU A 131 4.19 -11.60 -7.69
N ASP A 132 5.27 -12.33 -7.98
CA ASP A 132 6.17 -12.81 -6.93
C ASP A 132 7.54 -12.16 -7.07
N LEU A 133 7.71 -11.01 -6.42
CA LEU A 133 8.98 -10.28 -6.49
C LEU A 133 9.15 -9.38 -5.27
N LYS A 134 10.31 -9.50 -4.60
CA LYS A 134 10.59 -8.66 -3.44
C LYS A 134 10.45 -7.20 -3.85
N VAL A 135 9.87 -6.37 -2.98
CA VAL A 135 9.67 -4.98 -3.33
C VAL A 135 9.64 -4.08 -2.12
N ARG A 136 9.80 -2.80 -2.38
CA ARG A 136 9.72 -1.82 -1.33
C ARG A 136 8.46 -1.01 -1.56
N GLY A 137 7.64 -0.91 -0.53
CA GLY A 137 6.41 -0.15 -0.64
C GLY A 137 5.55 -0.53 -1.84
N VAL A 138 4.45 0.18 -2.00
CA VAL A 138 3.51 -0.03 -3.10
C VAL A 138 2.70 1.23 -3.35
N ARG A 139 2.25 1.44 -4.58
CA ARG A 139 1.49 2.63 -4.90
C ARG A 139 0.94 2.59 -6.33
N LEU A 140 -0.06 3.43 -6.58
CA LEU A 140 -0.69 3.53 -7.89
C LEU A 140 -0.13 4.71 -8.67
N ILE A 141 -0.27 4.68 -9.98
CA ILE A 141 0.23 5.76 -10.82
C ILE A 141 -0.88 6.31 -11.71
N ALA A 142 -1.15 7.61 -11.60
CA ALA A 142 -2.20 8.25 -12.39
C ALA A 142 -1.67 8.78 -13.71
N THR A 143 -2.49 8.69 -14.75
CA THR A 143 -2.10 9.15 -16.08
C THR A 143 -3.14 10.10 -16.66
N GLU A 144 -3.89 10.78 -15.80
CA GLU A 144 -4.93 11.71 -16.26
C GLU A 144 -5.52 12.51 -15.11
N ALA A 145 -6.32 11.83 -14.27
CA ALA A 145 -6.98 12.48 -13.13
C ALA A 145 -8.19 13.30 -13.58
N ARG A 146 -9.07 13.63 -12.63
CA ARG A 146 -10.27 14.40 -12.94
C ARG A 146 -10.39 15.61 -12.03
N GLU A 147 -11.35 16.48 -12.34
CA GLU A 147 -11.58 17.69 -11.56
C GLU A 147 -12.62 17.43 -10.47
N ASN A 148 -12.52 18.19 -9.37
CA ASN A 148 -13.46 18.05 -8.26
C ASN A 148 -13.71 16.59 -7.93
N THR A 149 -12.76 15.97 -7.22
CA THR A 149 -12.88 14.57 -6.85
C THR A 149 -11.93 14.21 -5.73
N TRP A 150 -12.44 13.50 -4.73
CA TRP A 150 -11.64 13.07 -3.60
C TRP A 150 -11.14 11.65 -3.82
N LEU A 151 -10.51 11.07 -2.80
CA LEU A 151 -10.00 9.72 -2.89
C LEU A 151 -10.45 8.92 -1.66
N GLY A 152 -11.52 8.14 -1.82
CA GLY A 152 -12.04 7.36 -0.72
C GLY A 152 -11.42 5.99 -0.62
N VAL A 153 -10.78 5.72 0.51
CA VAL A 153 -10.13 4.43 0.74
C VAL A 153 -10.84 3.67 1.85
N ARG A 154 -10.95 2.36 1.70
CA ARG A 154 -11.62 1.53 2.69
C ARG A 154 -10.68 0.49 3.28
N ASP A 155 -9.76 -0.03 2.46
CA ASP A 155 -8.83 -1.04 2.92
C ASP A 155 -7.80 -1.41 1.86
N ILE A 156 -6.65 -1.88 2.31
CA ILE A 156 -5.57 -2.31 1.42
C ILE A 156 -4.51 -3.06 2.22
N ASN A 157 -4.13 -4.24 1.74
CA ASN A 157 -3.13 -5.05 2.44
C ASN A 157 -2.17 -5.71 1.45
N VAL A 158 -0.98 -6.02 1.92
CA VAL A 158 0.04 -6.66 1.09
C VAL A 158 0.16 -8.14 1.44
N ASN A 159 0.10 -8.99 0.41
CA ASN A 159 0.21 -10.43 0.60
C ASN A 159 -0.94 -10.95 1.46
N LYS A 160 -2.16 -10.56 1.09
CA LYS A 160 -3.35 -11.00 1.82
C LYS A 160 -3.23 -10.61 3.29
N LYS A 161 -4.04 -11.24 4.14
CA LYS A 161 -4.01 -10.95 5.58
C LYS A 161 -2.72 -11.49 6.20
N GLU A 162 -1.59 -10.92 5.77
CA GLU A 162 -0.29 -11.35 6.29
C GLU A 162 0.68 -10.17 6.35
N ASP A 163 0.93 -9.55 5.20
CA ASP A 163 1.84 -8.41 5.14
C ASP A 163 3.25 -8.82 5.57
N SER A 164 3.67 -10.00 5.14
CA SER A 164 5.00 -10.51 5.49
C SER A 164 5.15 -10.65 7.00
N MET A 1 -16.42 -8.78 46.05
CA MET A 1 -17.79 -8.23 46.07
C MET A 1 -17.89 -7.04 47.01
N GLY A 2 -18.98 -6.28 46.90
CA GLY A 2 -19.17 -5.12 47.75
C GLY A 2 -18.57 -3.86 47.14
N SER A 3 -18.50 -3.81 45.82
CA SER A 3 -17.95 -2.67 45.12
C SER A 3 -18.48 -2.59 43.69
N SER A 4 -18.01 -1.60 42.94
CA SER A 4 -18.42 -1.42 41.56
C SER A 4 -17.27 -1.66 40.60
N HIS A 5 -17.53 -2.42 39.54
CA HIS A 5 -16.50 -2.73 38.55
C HIS A 5 -17.09 -3.50 37.38
N HIS A 6 -16.33 -3.61 36.29
CA HIS A 6 -16.78 -4.32 35.11
C HIS A 6 -18.04 -3.69 34.53
N HIS A 7 -17.92 -3.08 33.36
CA HIS A 7 -19.06 -2.44 32.71
C HIS A 7 -19.22 -2.96 31.28
N HIS A 8 -18.18 -2.78 30.47
CA HIS A 8 -18.21 -3.22 29.08
C HIS A 8 -16.80 -3.44 28.55
N HIS A 9 -16.68 -3.64 27.24
CA HIS A 9 -15.39 -3.87 26.61
C HIS A 9 -14.84 -2.59 26.01
N HIS A 10 -13.57 -2.31 26.27
CA HIS A 10 -12.92 -1.11 25.75
C HIS A 10 -12.33 -1.36 24.37
N SER A 11 -11.21 -2.08 24.34
CA SER A 11 -10.53 -2.40 23.09
C SER A 11 -10.11 -1.13 22.36
N SER A 12 -8.99 -0.55 22.79
CA SER A 12 -8.48 0.67 22.18
C SER A 12 -7.21 0.38 21.38
N GLY A 13 -7.38 -0.13 20.17
CA GLY A 13 -6.24 -0.45 19.33
C GLY A 13 -5.30 -1.44 19.97
N LEU A 14 -4.02 -1.33 19.65
CA LEU A 14 -3.01 -2.24 20.19
C LEU A 14 -1.79 -1.46 20.68
N VAL A 15 -1.63 -1.41 21.99
CA VAL A 15 -0.50 -0.69 22.59
C VAL A 15 0.71 -1.62 22.75
N PRO A 16 1.92 -1.11 22.46
CA PRO A 16 3.15 -1.90 22.58
C PRO A 16 3.28 -2.56 23.95
N ARG A 17 3.99 -3.69 23.99
CA ARG A 17 4.20 -4.41 25.24
C ARG A 17 5.26 -5.50 25.07
N GLY A 18 6.26 -5.21 24.25
CA GLY A 18 7.32 -6.17 24.01
C GLY A 18 6.85 -7.40 23.27
N SER A 19 6.38 -8.40 24.01
CA SER A 19 5.89 -9.64 23.41
C SER A 19 6.99 -10.33 22.61
N HIS A 20 6.72 -11.56 22.20
CA HIS A 20 7.68 -12.33 21.43
C HIS A 20 6.98 -13.33 20.50
N MET A 21 7.77 -14.03 19.69
CA MET A 21 7.22 -15.01 18.76
C MET A 21 8.00 -16.31 18.82
N ALA A 22 9.27 -16.25 18.43
CA ALA A 22 10.13 -17.43 18.44
C ALA A 22 11.60 -17.04 18.39
N SER A 23 12.00 -16.38 17.30
CA SER A 23 13.38 -15.95 17.13
C SER A 23 13.44 -14.48 16.72
N ASP A 24 12.96 -14.18 15.53
CA ASP A 24 12.96 -12.81 15.01
C ASP A 24 12.31 -12.75 13.64
N PRO A 25 10.97 -12.70 13.59
CA PRO A 25 10.21 -12.63 12.33
C PRO A 25 10.41 -11.30 11.62
N ASN A 26 10.28 -10.21 12.37
CA ASN A 26 10.44 -8.87 11.81
C ASN A 26 9.43 -8.63 10.69
N ARG A 27 8.20 -8.31 11.05
CA ARG A 27 7.16 -8.05 10.07
C ARG A 27 7.42 -6.74 9.33
N ILE A 28 7.12 -6.74 8.04
CA ILE A 28 7.33 -5.55 7.21
C ILE A 28 6.24 -4.52 7.44
N ILE A 29 6.64 -3.26 7.58
CA ILE A 29 5.70 -2.17 7.79
C ILE A 29 5.11 -1.72 6.46
N ALA A 30 3.95 -1.06 6.53
CA ALA A 30 3.29 -0.56 5.34
C ALA A 30 2.62 0.77 5.62
N THR A 31 3.28 1.86 5.25
CA THR A 31 2.74 3.20 5.47
C THR A 31 2.02 3.69 4.22
N TYR A 32 0.73 3.95 4.39
CA TYR A 32 -0.09 4.44 3.30
C TYR A 32 0.53 5.68 2.65
N ILE A 33 0.53 5.72 1.33
CA ILE A 33 1.08 6.85 0.59
C ILE A 33 -0.01 7.63 -0.11
N SER A 34 0.36 8.76 -0.68
CA SER A 34 -0.60 9.59 -1.40
C SER A 34 0.07 10.80 -2.03
N ASN A 35 -0.18 11.01 -3.32
CA ASN A 35 0.39 12.15 -4.01
C ASN A 35 -0.19 13.45 -3.45
N ARG A 36 -1.39 13.34 -2.89
CA ARG A 36 -2.06 14.51 -2.30
C ARG A 36 -1.49 14.83 -0.93
N GLN A 37 -0.89 16.02 -0.83
CA GLN A 37 -0.29 16.47 0.44
C GLN A 37 -1.31 16.45 1.57
N ASP A 38 -2.59 16.48 1.22
CA ASP A 38 -3.67 16.47 2.22
C ASP A 38 -3.43 15.38 3.26
N ALA A 39 -3.89 15.63 4.48
CA ALA A 39 -3.73 14.67 5.57
C ALA A 39 -4.78 13.57 5.49
N PRO A 40 -4.41 12.33 5.86
CA PRO A 40 -5.34 11.20 5.84
C PRO A 40 -6.39 11.32 6.93
N THR A 41 -7.66 11.37 6.52
CA THR A 41 -8.76 11.49 7.48
C THR A 41 -8.94 10.19 8.25
N GLY A 42 -10.03 10.13 9.02
CA GLY A 42 -10.33 8.93 9.81
C GLY A 42 -9.08 8.25 10.34
N ASN A 43 -8.78 7.09 9.80
CA ASN A 43 -7.61 6.34 10.22
C ASN A 43 -7.18 5.34 9.14
N PRO A 44 -6.03 5.57 8.48
CA PRO A 44 -5.54 4.66 7.45
C PRO A 44 -4.99 3.38 8.07
N ASP A 45 -5.02 3.30 9.41
CA ASP A 45 -4.55 2.13 10.14
C ASP A 45 -4.97 0.84 9.45
N ASN A 46 -6.25 0.76 9.07
CA ASN A 46 -6.76 -0.44 8.40
C ASN A 46 -5.80 -0.86 7.30
N ILE A 47 -5.21 0.14 6.67
CA ILE A 47 -4.25 -0.08 5.60
C ILE A 47 -2.90 -0.45 6.18
N PHE A 48 -2.54 0.20 7.28
CA PHE A 48 -1.26 -0.03 7.94
C PHE A 48 -1.07 -1.51 8.27
N ASP A 49 -2.06 -2.11 8.94
CA ASP A 49 -1.97 -3.51 9.33
C ASP A 49 -3.21 -4.31 8.89
N ASN A 50 -3.72 -3.99 7.71
CA ASN A 50 -4.90 -4.69 7.16
C ASN A 50 -5.99 -4.92 8.20
N ASN A 51 -7.00 -4.06 8.19
CA ASN A 51 -8.12 -4.16 9.13
C ASN A 51 -9.45 -3.98 8.39
N ALA A 52 -9.47 -3.06 7.42
CA ALA A 52 -10.66 -2.78 6.64
C ALA A 52 -11.88 -2.53 7.54
N SER A 53 -11.65 -1.84 8.64
CA SER A 53 -12.75 -1.53 9.57
C SER A 53 -13.04 -0.04 9.62
N THR A 54 -11.98 0.76 9.70
CA THR A 54 -12.12 2.21 9.74
C THR A 54 -12.21 2.77 8.32
N GLU A 55 -12.50 4.06 8.22
CA GLU A 55 -12.63 4.71 6.91
C GLU A 55 -11.66 5.87 6.78
N LEU A 56 -11.06 6.00 5.59
CA LEU A 56 -10.11 7.08 5.32
C LEU A 56 -10.22 7.55 3.87
N VAL A 57 -10.04 8.85 3.67
CA VAL A 57 -10.13 9.44 2.34
C VAL A 57 -9.31 10.73 2.25
N TYR A 58 -8.71 10.96 1.09
CA TYR A 58 -7.91 12.18 0.87
C TYR A 58 -8.67 13.12 -0.04
N LYS A 59 -8.50 14.43 0.15
CA LYS A 59 -9.22 15.39 -0.66
C LYS A 59 -8.30 16.28 -1.49
N ASN A 60 -7.42 17.03 -0.83
CA ASN A 60 -6.53 17.93 -1.56
C ASN A 60 -7.37 18.81 -2.49
N PRO A 61 -6.78 19.72 -3.28
CA PRO A 61 -7.56 20.56 -4.19
C PRO A 61 -8.50 19.70 -5.03
N ASN A 62 -9.81 19.82 -4.76
CA ASN A 62 -10.84 19.06 -5.47
C ASN A 62 -10.41 18.72 -6.90
N ARG A 63 -9.79 19.69 -7.57
CA ARG A 63 -9.32 19.50 -8.93
C ARG A 63 -7.88 19.00 -8.93
N ILE A 64 -7.64 17.86 -9.55
CA ILE A 64 -6.30 17.27 -9.60
C ILE A 64 -5.92 16.91 -11.04
N ASP A 65 -4.61 16.87 -11.30
CA ASP A 65 -4.11 16.54 -12.62
C ASP A 65 -3.24 15.28 -12.56
N VAL A 66 -2.76 14.85 -13.72
CA VAL A 66 -1.92 13.66 -13.81
C VAL A 66 -0.84 13.65 -12.73
N GLY A 67 -0.92 12.66 -11.84
CA GLY A 67 0.05 12.55 -10.77
C GLY A 67 -0.57 12.12 -9.47
N THR A 68 -1.86 12.37 -9.30
CA THR A 68 -2.57 11.98 -8.09
C THR A 68 -2.61 10.46 -7.96
N TYR A 69 -2.09 9.94 -6.86
CA TYR A 69 -2.06 8.50 -6.64
C TYR A 69 -1.83 8.17 -5.18
N VAL A 70 -1.92 6.88 -4.84
CA VAL A 70 -1.70 6.41 -3.47
C VAL A 70 -1.23 4.97 -3.44
N GLY A 71 -1.13 4.43 -2.24
CA GLY A 71 -0.69 3.07 -2.04
C GLY A 71 -0.24 2.83 -0.61
N VAL A 72 0.97 2.33 -0.45
CA VAL A 72 1.49 2.09 0.88
C VAL A 72 2.97 1.68 0.83
N LYS A 73 3.83 2.47 1.47
CA LYS A 73 5.27 2.19 1.45
C LYS A 73 5.70 1.29 2.59
N TYR A 74 6.74 0.49 2.35
CA TYR A 74 7.26 -0.44 3.35
C TYR A 74 8.61 0.05 3.87
N SER A 75 9.26 -0.77 4.68
CA SER A 75 10.56 -0.42 5.26
C SER A 75 11.71 -0.92 4.39
N ASN A 76 11.76 -2.23 4.19
CA ASN A 76 12.82 -2.84 3.39
C ASN A 76 12.22 -3.81 2.37
N PRO A 77 13.02 -4.24 1.36
CA PRO A 77 12.56 -5.17 0.33
C PRO A 77 11.92 -6.43 0.94
N ILE A 78 10.82 -6.88 0.35
CA ILE A 78 10.12 -8.05 0.85
C ILE A 78 9.43 -8.80 -0.28
N THR A 79 9.57 -10.13 -0.30
CA THR A 79 8.93 -10.95 -1.32
C THR A 79 7.43 -10.67 -1.36
N LEU A 80 7.04 -9.80 -2.27
CA LEU A 80 5.63 -9.43 -2.41
C LEU A 80 4.88 -10.46 -3.25
N ASN A 81 4.11 -11.32 -2.59
CA ASN A 81 3.35 -12.33 -3.27
C ASN A 81 2.20 -11.71 -4.06
N ASN A 82 1.59 -10.67 -3.50
CA ASN A 82 0.50 -9.98 -4.16
C ASN A 82 -0.03 -8.80 -3.32
N VAL A 83 -0.16 -7.65 -3.95
CA VAL A 83 -0.67 -6.46 -3.29
C VAL A 83 -2.08 -6.17 -3.77
N GLU A 84 -2.91 -5.59 -2.92
CA GLU A 84 -4.29 -5.29 -3.30
C GLU A 84 -4.83 -4.07 -2.56
N PHE A 85 -5.14 -3.02 -3.32
CA PHE A 85 -5.70 -1.81 -2.71
C PHE A 85 -7.22 -1.78 -2.88
N LEU A 86 -7.93 -2.13 -1.82
CA LEU A 86 -9.39 -2.12 -1.86
C LEU A 86 -9.90 -0.72 -1.58
N MET A 87 -10.38 -0.04 -2.61
CA MET A 87 -10.88 1.32 -2.45
C MET A 87 -12.11 1.58 -3.31
N GLY A 88 -12.75 2.72 -3.07
CA GLY A 88 -13.92 3.11 -3.82
C GLY A 88 -14.07 4.61 -3.87
N ALA A 89 -15.02 5.12 -3.10
CA ALA A 89 -15.26 6.57 -3.05
C ALA A 89 -15.64 7.01 -1.64
N ASN A 90 -15.39 8.26 -1.33
CA ASN A 90 -15.71 8.79 -0.01
C ASN A 90 -17.19 9.17 0.05
N SER A 91 -17.55 10.22 -0.68
CA SER A 91 -18.93 10.69 -0.73
C SER A 91 -19.61 10.27 -2.02
N ASN A 92 -19.06 10.75 -3.15
CA ASN A 92 -19.61 10.43 -4.46
C ASN A 92 -18.97 9.17 -5.03
N PRO A 93 -19.78 8.14 -5.35
CA PRO A 93 -19.28 6.88 -5.91
C PRO A 93 -18.22 7.07 -6.98
N ASN A 94 -18.25 8.22 -7.65
CA ASN A 94 -17.28 8.53 -8.69
C ASN A 94 -16.06 9.26 -8.13
N ASP A 95 -15.78 9.04 -6.84
CA ASP A 95 -14.65 9.68 -6.19
C ASP A 95 -13.44 8.75 -6.12
N THR A 96 -12.58 8.84 -7.13
CA THR A 96 -11.39 8.01 -7.20
C THR A 96 -10.53 8.41 -8.41
N MET A 97 -9.58 7.55 -8.76
CA MET A 97 -8.72 7.82 -9.91
C MET A 97 -9.57 8.14 -11.13
N GLN A 98 -8.94 8.67 -12.16
CA GLN A 98 -9.64 8.98 -13.40
C GLN A 98 -9.34 7.90 -14.41
N LYS A 99 -8.08 7.46 -14.40
CA LYS A 99 -7.60 6.38 -15.25
C LYS A 99 -6.15 6.10 -14.90
N ALA A 100 -5.82 4.87 -14.52
CA ALA A 100 -4.41 4.59 -14.18
C ALA A 100 -4.15 3.17 -13.71
N LYS A 101 -2.88 2.77 -13.83
CA LYS A 101 -2.40 1.46 -13.40
C LYS A 101 -1.59 1.64 -12.11
N ILE A 102 -1.27 0.55 -11.41
CA ILE A 102 -0.50 0.67 -10.18
C ILE A 102 0.99 0.44 -10.42
N GLN A 103 1.81 0.87 -9.46
CA GLN A 103 3.26 0.74 -9.57
C GLN A 103 3.87 0.17 -8.27
N TYR A 104 5.19 0.26 -8.16
CA TYR A 104 5.90 -0.24 -6.98
C TYR A 104 7.38 0.10 -7.07
N THR A 105 8.01 0.35 -5.92
CA THR A 105 9.45 0.64 -5.90
C THR A 105 10.23 -0.56 -5.39
N VAL A 106 11.37 -0.82 -6.00
CA VAL A 106 12.18 -1.98 -5.62
C VAL A 106 13.21 -1.63 -4.53
N ASP A 107 14.11 -0.70 -4.86
CA ASP A 107 15.15 -0.31 -3.91
C ASP A 107 14.74 0.96 -3.15
N GLY A 108 13.45 1.10 -2.88
CA GLY A 108 12.96 2.26 -2.16
C GLY A 108 13.46 3.57 -2.74
N ARG A 109 13.58 3.61 -4.06
CA ARG A 109 14.06 4.80 -4.75
C ARG A 109 13.18 5.11 -5.95
N GLU A 110 13.29 4.29 -6.99
CA GLU A 110 12.50 4.46 -8.19
C GLU A 110 11.19 3.72 -8.08
N TRP A 111 10.26 4.01 -8.98
CA TRP A 111 8.95 3.37 -8.97
C TRP A 111 8.56 2.92 -10.38
N ILE A 112 8.42 1.61 -10.55
CA ILE A 112 8.06 1.04 -11.85
C ILE A 112 6.62 0.53 -11.86
N ASP A 113 6.02 0.47 -13.04
CA ASP A 113 4.65 -0.01 -13.19
C ASP A 113 4.44 -1.33 -12.45
N LEU A 114 3.19 -1.60 -12.08
CA LEU A 114 2.86 -2.83 -11.37
C LEU A 114 1.71 -3.57 -12.04
N GLU A 115 0.52 -2.98 -12.01
CA GLU A 115 -0.64 -3.60 -12.61
C GLU A 115 -0.88 -3.15 -14.04
N GLU A 116 -1.54 -4.02 -14.80
CA GLU A 116 -1.87 -3.74 -16.19
C GLU A 116 -2.43 -2.34 -16.34
N GLY A 117 -2.52 -1.86 -17.58
CA GLY A 117 -3.06 -0.53 -17.81
C GLY A 117 -4.53 -0.47 -17.41
N VAL A 118 -4.79 -0.72 -16.13
CA VAL A 118 -6.13 -0.71 -15.60
C VAL A 118 -6.59 0.71 -15.33
N GLU A 119 -7.89 0.88 -15.25
CA GLU A 119 -8.46 2.18 -14.99
C GLU A 119 -9.04 2.20 -13.59
N TYR A 120 -8.16 2.46 -12.62
CA TYR A 120 -8.57 2.50 -11.22
C TYR A 120 -9.41 3.73 -10.93
N THR A 121 -10.21 4.11 -11.91
CA THR A 121 -11.14 5.23 -11.77
C THR A 121 -12.46 4.71 -11.26
N MET A 122 -12.67 3.43 -11.48
CA MET A 122 -13.88 2.75 -11.04
C MET A 122 -13.50 1.40 -10.41
N PRO A 123 -12.43 1.37 -9.59
CA PRO A 123 -11.96 0.15 -8.96
C PRO A 123 -12.57 -0.07 -7.57
N GLY A 124 -13.61 -0.91 -7.50
CA GLY A 124 -14.21 -1.20 -6.23
C GLY A 124 -13.23 -1.93 -5.33
N ALA A 125 -12.51 -2.87 -5.93
CA ALA A 125 -11.51 -3.66 -5.23
C ALA A 125 -10.32 -3.90 -6.14
N ILE A 126 -9.13 -3.57 -5.65
CA ILE A 126 -7.92 -3.73 -6.43
C ILE A 126 -7.01 -4.79 -5.85
N LYS A 127 -6.56 -5.71 -6.70
CA LYS A 127 -5.66 -6.77 -6.28
C LYS A 127 -4.74 -7.20 -7.41
N VAL A 128 -3.47 -7.42 -7.10
CA VAL A 128 -2.49 -7.83 -8.09
C VAL A 128 -1.99 -9.24 -7.82
N GLU A 129 -2.52 -10.21 -8.55
CA GLU A 129 -2.13 -11.60 -8.39
C GLU A 129 -0.93 -11.93 -9.28
N ASN A 130 -0.18 -12.97 -8.90
CA ASN A 130 0.99 -13.38 -9.66
C ASN A 130 2.02 -12.27 -9.72
N LEU A 131 2.51 -11.86 -8.54
CA LEU A 131 3.52 -10.80 -8.45
C LEU A 131 4.59 -11.14 -7.42
N ASP A 132 4.78 -12.43 -7.16
CA ASP A 132 5.78 -12.88 -6.20
C ASP A 132 7.15 -12.32 -6.53
N LEU A 133 7.45 -11.14 -5.99
CA LEU A 133 8.73 -10.49 -6.24
C LEU A 133 9.07 -9.53 -5.09
N LYS A 134 10.28 -9.65 -4.56
CA LYS A 134 10.71 -8.76 -3.48
C LYS A 134 10.56 -7.31 -3.92
N VAL A 135 9.97 -6.47 -3.07
CA VAL A 135 9.77 -5.09 -3.43
C VAL A 135 9.76 -4.19 -2.22
N ARG A 136 9.79 -2.89 -2.47
CA ARG A 136 9.72 -1.94 -1.39
C ARG A 136 8.47 -1.09 -1.60
N GLY A 137 7.67 -0.99 -0.56
CA GLY A 137 6.46 -0.20 -0.64
C GLY A 137 5.58 -0.52 -1.83
N VAL A 138 4.55 0.30 -2.02
CA VAL A 138 3.60 0.14 -3.12
C VAL A 138 2.88 1.46 -3.40
N ARG A 139 2.43 1.65 -4.63
CA ARG A 139 1.75 2.89 -4.99
C ARG A 139 1.17 2.83 -6.40
N LEU A 140 0.26 3.76 -6.68
CA LEU A 140 -0.39 3.85 -7.98
C LEU A 140 0.13 5.04 -8.78
N ILE A 141 -0.05 4.99 -10.10
CA ILE A 141 0.41 6.07 -10.97
C ILE A 141 -0.74 6.59 -11.84
N ALA A 142 -1.12 7.85 -11.62
CA ALA A 142 -2.20 8.46 -12.38
C ALA A 142 -1.76 8.75 -13.81
N THR A 143 -2.70 8.61 -14.75
CA THR A 143 -2.43 8.86 -16.16
C THR A 143 -3.13 10.12 -16.64
N GLU A 144 -4.26 10.45 -16.00
CA GLU A 144 -5.03 11.63 -16.38
C GLU A 144 -6.17 11.86 -15.39
N ALA A 145 -5.83 12.20 -14.15
CA ALA A 145 -6.83 12.44 -13.11
C ALA A 145 -7.90 13.41 -13.59
N ARG A 146 -9.01 13.48 -12.86
CA ARG A 146 -10.11 14.36 -13.21
C ARG A 146 -10.31 15.44 -12.15
N GLU A 147 -11.06 16.48 -12.50
CA GLU A 147 -11.33 17.58 -11.58
C GLU A 147 -12.45 17.22 -10.61
N ASN A 148 -12.50 17.92 -9.48
CA ASN A 148 -13.53 17.67 -8.47
C ASN A 148 -13.70 16.18 -8.21
N THR A 149 -12.78 15.61 -7.44
CA THR A 149 -12.82 14.20 -7.13
C THR A 149 -11.91 13.84 -5.96
N TRP A 150 -12.47 13.19 -4.95
CA TRP A 150 -11.70 12.77 -3.78
C TRP A 150 -11.23 11.33 -3.95
N LEU A 151 -10.64 10.78 -2.89
CA LEU A 151 -10.17 9.40 -2.92
C LEU A 151 -10.66 8.65 -1.70
N GLY A 152 -11.68 7.81 -1.88
CA GLY A 152 -12.23 7.04 -0.78
C GLY A 152 -11.76 5.60 -0.80
N VAL A 153 -10.93 5.24 0.17
CA VAL A 153 -10.40 3.88 0.26
C VAL A 153 -10.98 3.15 1.46
N ARG A 154 -11.08 1.83 1.35
CA ARG A 154 -11.62 1.00 2.43
C ARG A 154 -10.54 0.11 3.02
N ASP A 155 -9.57 -0.28 2.20
CA ASP A 155 -8.48 -1.14 2.65
C ASP A 155 -7.42 -1.31 1.57
N ILE A 156 -6.26 -1.80 1.98
CA ILE A 156 -5.13 -2.04 1.08
C ILE A 156 -3.99 -2.72 1.83
N ASN A 157 -3.73 -3.97 1.51
CA ASN A 157 -2.67 -4.69 2.19
C ASN A 157 -1.89 -5.58 1.22
N VAL A 158 -0.64 -5.86 1.56
CA VAL A 158 0.21 -6.71 0.74
C VAL A 158 0.56 -8.00 1.48
N ASN A 159 0.37 -9.14 0.82
CA ASN A 159 0.66 -10.44 1.41
C ASN A 159 -0.47 -10.90 2.34
N LYS A 160 -1.49 -10.06 2.50
CA LYS A 160 -2.62 -10.39 3.36
C LYS A 160 -2.16 -10.98 4.69
N LYS A 161 -1.00 -10.51 5.17
CA LYS A 161 -0.44 -10.99 6.42
C LYS A 161 -0.10 -12.47 6.33
N GLU A 162 0.33 -12.90 5.14
CA GLU A 162 0.69 -14.29 4.90
C GLU A 162 1.97 -14.40 4.09
N ASP A 163 2.02 -13.67 2.97
CA ASP A 163 3.21 -13.69 2.10
C ASP A 163 3.41 -15.08 1.49
N SER A 164 3.96 -15.99 2.29
CA SER A 164 4.21 -17.35 1.82
C SER A 164 3.02 -18.26 2.12
N MET A 1 33.32 -18.24 10.17
CA MET A 1 34.60 -17.47 10.27
C MET A 1 35.36 -17.83 11.53
N GLY A 2 34.69 -17.71 12.67
CA GLY A 2 35.32 -18.03 13.94
C GLY A 2 34.43 -18.83 14.85
N SER A 3 33.40 -18.18 15.40
CA SER A 3 32.46 -18.85 16.30
C SER A 3 33.18 -19.40 17.53
N SER A 4 34.21 -18.68 17.97
CA SER A 4 34.98 -19.09 19.14
C SER A 4 34.57 -18.29 20.38
N HIS A 5 33.50 -18.71 21.02
CA HIS A 5 33.01 -18.03 22.21
C HIS A 5 33.96 -18.25 23.39
N HIS A 6 35.04 -17.49 23.42
CA HIS A 6 36.02 -17.59 24.49
C HIS A 6 37.13 -16.55 24.33
N HIS A 7 37.78 -16.56 23.17
CA HIS A 7 38.85 -15.61 22.90
C HIS A 7 38.31 -14.18 22.82
N HIS A 8 37.13 -14.04 22.25
CA HIS A 8 36.50 -12.74 22.11
C HIS A 8 35.34 -12.57 23.08
N HIS A 9 35.16 -11.36 23.60
CA HIS A 9 34.10 -11.08 24.54
C HIS A 9 32.83 -10.64 23.82
N HIS A 10 31.85 -10.15 24.58
CA HIS A 10 30.60 -9.68 24.01
C HIS A 10 30.20 -8.33 24.60
N SER A 11 29.05 -7.81 24.15
CA SER A 11 28.57 -6.52 24.63
C SER A 11 29.55 -5.41 24.31
N SER A 12 30.17 -5.50 23.13
CA SER A 12 31.14 -4.49 22.69
C SER A 12 30.49 -3.11 22.63
N GLY A 13 29.27 -3.05 22.11
CA GLY A 13 28.57 -1.79 22.00
C GLY A 13 27.61 -1.75 20.83
N LEU A 14 27.92 -2.53 19.79
CA LEU A 14 27.08 -2.59 18.60
C LEU A 14 25.93 -3.58 18.79
N VAL A 15 25.12 -3.34 19.82
CA VAL A 15 23.99 -4.21 20.11
C VAL A 15 22.77 -3.86 19.26
N PRO A 16 22.44 -2.56 19.14
CA PRO A 16 21.30 -2.11 18.34
C PRO A 16 21.31 -2.69 16.93
N ARG A 17 20.56 -3.78 16.74
CA ARG A 17 20.49 -4.44 15.44
C ARG A 17 19.50 -5.61 15.49
N GLY A 18 19.84 -6.63 16.26
CA GLY A 18 18.97 -7.79 16.36
C GLY A 18 19.72 -9.02 16.83
N SER A 19 20.51 -8.87 17.90
CA SER A 19 21.28 -9.98 18.45
C SER A 19 20.35 -11.10 18.90
N HIS A 20 20.57 -12.30 18.35
CA HIS A 20 19.76 -13.47 18.70
C HIS A 20 18.29 -13.22 18.35
N MET A 21 17.45 -14.20 18.69
CA MET A 21 16.02 -14.08 18.42
C MET A 21 15.42 -12.88 19.12
N ALA A 22 15.09 -11.85 18.35
CA ALA A 22 14.50 -10.63 18.90
C ALA A 22 13.66 -9.91 17.86
N SER A 23 14.23 -9.72 16.68
CA SER A 23 13.52 -9.05 15.59
C SER A 23 13.34 -9.97 14.39
N ASP A 24 14.43 -10.64 13.99
CA ASP A 24 14.38 -11.55 12.86
C ASP A 24 14.01 -10.81 11.57
N PRO A 25 14.48 -11.31 10.42
CA PRO A 25 14.19 -10.70 9.11
C PRO A 25 12.73 -10.88 8.70
N ASN A 26 11.83 -10.29 9.48
CA ASN A 26 10.40 -10.38 9.19
C ASN A 26 9.65 -9.18 9.76
N ARG A 27 8.33 -9.23 9.69
CA ARG A 27 7.49 -8.15 10.21
C ARG A 27 7.79 -6.84 9.47
N ILE A 28 7.25 -6.72 8.26
CA ILE A 28 7.46 -5.52 7.45
C ILE A 28 6.36 -4.49 7.70
N ILE A 29 6.76 -3.25 7.88
CA ILE A 29 5.81 -2.16 8.12
C ILE A 29 5.24 -1.67 6.80
N ALA A 30 4.08 -1.03 6.85
CA ALA A 30 3.44 -0.51 5.66
C ALA A 30 2.75 0.81 5.93
N THR A 31 3.41 1.91 5.60
CA THR A 31 2.84 3.24 5.80
C THR A 31 2.00 3.61 4.59
N TYR A 32 1.04 4.49 4.78
CA TYR A 32 0.17 4.88 3.68
C TYR A 32 0.71 6.07 2.92
N ILE A 33 0.45 6.09 1.61
CA ILE A 33 0.90 7.17 0.75
C ILE A 33 -0.27 7.80 0.01
N SER A 34 0.00 8.92 -0.65
CA SER A 34 -1.02 9.61 -1.41
C SER A 34 -0.45 10.83 -2.12
N ASN A 35 -0.71 10.93 -3.42
CA ASN A 35 -0.22 12.07 -4.19
C ASN A 35 -0.72 13.38 -3.57
N ARG A 36 -1.81 13.28 -2.82
CA ARG A 36 -2.41 14.43 -2.16
C ARG A 36 -1.59 14.83 -0.93
N GLN A 37 -1.34 16.12 -0.78
CA GLN A 37 -0.57 16.63 0.36
C GLN A 37 -1.39 16.56 1.63
N ASP A 38 -2.71 16.59 1.50
CA ASP A 38 -3.61 16.53 2.65
C ASP A 38 -3.37 15.27 3.47
N ALA A 39 -3.92 15.24 4.67
CA ALA A 39 -3.77 14.11 5.57
C ALA A 39 -4.98 13.18 5.48
N PRO A 40 -4.86 11.97 6.06
CA PRO A 40 -5.96 10.99 6.04
C PRO A 40 -7.18 11.47 6.80
N THR A 41 -8.35 11.09 6.33
CA THR A 41 -9.62 11.48 6.95
C THR A 41 -9.63 11.14 8.43
N GLY A 42 -9.33 9.89 8.76
CA GLY A 42 -9.32 9.45 10.14
C GLY A 42 -8.07 8.67 10.49
N ASN A 43 -8.00 7.44 10.03
CA ASN A 43 -6.86 6.58 10.30
C ASN A 43 -6.73 5.49 9.23
N PRO A 44 -5.59 5.46 8.53
CA PRO A 44 -5.34 4.46 7.49
C PRO A 44 -5.00 3.09 8.08
N ASP A 45 -4.95 3.01 9.41
CA ASP A 45 -4.64 1.76 10.11
C ASP A 45 -5.30 0.56 9.41
N ASN A 46 -6.48 0.80 8.84
CA ASN A 46 -7.20 -0.26 8.12
C ASN A 46 -6.26 -1.00 7.20
N ILE A 47 -5.26 -0.27 6.70
CA ILE A 47 -4.28 -0.81 5.78
C ILE A 47 -3.04 -1.28 6.53
N PHE A 48 -2.65 -0.51 7.54
CA PHE A 48 -1.47 -0.83 8.33
C PHE A 48 -1.53 -2.25 8.88
N ASP A 49 -2.74 -2.80 9.00
CA ASP A 49 -2.93 -4.15 9.52
C ASP A 49 -4.12 -4.83 8.86
N ASN A 50 -4.52 -4.34 7.69
CA ASN A 50 -5.65 -4.92 6.95
C ASN A 50 -6.86 -5.11 7.85
N ASN A 51 -7.76 -4.12 7.84
CA ASN A 51 -8.97 -4.16 8.65
C ASN A 51 -9.79 -2.89 8.42
N ALA A 52 -10.76 -2.98 7.51
CA ALA A 52 -11.62 -1.84 7.17
C ALA A 52 -12.49 -1.43 8.35
N SER A 53 -11.86 -1.00 9.44
CA SER A 53 -12.60 -0.56 10.62
C SER A 53 -12.40 0.93 10.86
N THR A 54 -12.10 1.65 9.79
CA THR A 54 -11.87 3.08 9.86
C THR A 54 -12.02 3.71 8.48
N GLU A 55 -12.01 5.03 8.40
CA GLU A 55 -12.14 5.73 7.13
C GLU A 55 -10.80 6.28 6.65
N LEU A 56 -10.59 6.25 5.34
CA LEU A 56 -9.35 6.74 4.76
C LEU A 56 -9.61 7.35 3.38
N VAL A 57 -9.49 8.67 3.29
CA VAL A 57 -9.69 9.37 2.03
C VAL A 57 -8.91 10.69 2.00
N TYR A 58 -8.41 11.04 0.83
CA TYR A 58 -7.65 12.28 0.66
C TYR A 58 -8.47 13.30 -0.10
N LYS A 59 -8.25 14.58 0.18
CA LYS A 59 -9.02 15.64 -0.48
C LYS A 59 -8.18 16.48 -1.42
N ASN A 60 -7.16 17.15 -0.90
CA ASN A 60 -6.31 18.01 -1.73
C ASN A 60 -7.21 18.93 -2.58
N PRO A 61 -6.64 19.81 -3.43
CA PRO A 61 -7.47 20.68 -4.25
C PRO A 61 -8.47 19.85 -5.06
N ASN A 62 -9.76 19.97 -4.70
CA ASN A 62 -10.83 19.21 -5.36
C ASN A 62 -10.47 18.84 -6.79
N ARG A 63 -9.92 19.81 -7.53
CA ARG A 63 -9.51 19.57 -8.91
C ARG A 63 -8.01 19.40 -8.99
N ILE A 64 -7.55 18.28 -9.52
CA ILE A 64 -6.12 18.00 -9.64
C ILE A 64 -5.76 17.44 -11.00
N ASP A 65 -4.47 17.30 -11.24
CA ASP A 65 -3.96 16.75 -12.49
C ASP A 65 -3.24 15.43 -12.27
N VAL A 66 -2.77 14.83 -13.36
CA VAL A 66 -2.05 13.55 -13.29
C VAL A 66 -1.19 13.43 -12.04
N GLY A 67 -0.98 12.19 -11.58
CA GLY A 67 -0.19 11.97 -10.39
C GLY A 67 -1.04 11.55 -9.21
N THR A 68 -2.32 11.87 -9.26
CA THR A 68 -3.25 11.52 -8.20
C THR A 68 -3.25 10.01 -7.96
N TYR A 69 -2.68 9.58 -6.85
CA TYR A 69 -2.63 8.16 -6.53
C TYR A 69 -2.32 7.92 -5.06
N VAL A 70 -2.30 6.64 -4.68
CA VAL A 70 -2.00 6.26 -3.30
C VAL A 70 -1.39 4.86 -3.25
N GLY A 71 -1.27 4.34 -2.04
CA GLY A 71 -0.71 3.01 -1.86
C GLY A 71 -0.31 2.77 -0.43
N VAL A 72 0.92 2.30 -0.25
CA VAL A 72 1.43 2.04 1.07
C VAL A 72 2.92 1.68 1.03
N LYS A 73 3.76 2.50 1.67
CA LYS A 73 5.20 2.29 1.66
C LYS A 73 5.66 1.39 2.79
N TYR A 74 6.69 0.57 2.52
CA TYR A 74 7.23 -0.35 3.51
C TYR A 74 8.57 0.17 4.03
N SER A 75 9.25 -0.64 4.82
CA SER A 75 10.54 -0.26 5.39
C SER A 75 11.69 -0.73 4.51
N ASN A 76 11.77 -2.04 4.31
CA ASN A 76 12.82 -2.64 3.49
C ASN A 76 12.23 -3.62 2.47
N PRO A 77 13.03 -4.05 1.48
CA PRO A 77 12.58 -4.99 0.46
C PRO A 77 12.00 -6.25 1.07
N ILE A 78 10.91 -6.76 0.49
CA ILE A 78 10.25 -7.94 1.02
C ILE A 78 9.62 -8.77 -0.09
N THR A 79 9.89 -10.08 -0.09
CA THR A 79 9.33 -10.97 -1.10
C THR A 79 7.80 -10.92 -1.05
N LEU A 80 7.22 -10.10 -1.92
CA LEU A 80 5.77 -9.96 -1.97
C LEU A 80 5.16 -11.02 -2.87
N ASN A 81 3.94 -11.44 -2.54
CA ASN A 81 3.23 -12.46 -3.32
C ASN A 81 1.91 -11.93 -3.85
N ASN A 82 1.21 -11.16 -3.01
CA ASN A 82 -0.08 -10.59 -3.41
C ASN A 82 -0.20 -9.13 -2.98
N VAL A 83 -0.59 -8.28 -3.92
CA VAL A 83 -0.75 -6.85 -3.65
C VAL A 83 -2.15 -6.40 -4.09
N GLU A 84 -2.89 -5.79 -3.18
CA GLU A 84 -4.24 -5.32 -3.50
C GLU A 84 -4.64 -4.11 -2.67
N PHE A 85 -5.18 -3.09 -3.33
CA PHE A 85 -5.64 -1.89 -2.64
C PHE A 85 -7.16 -1.81 -2.67
N LEU A 86 -7.79 -2.19 -1.56
CA LEU A 86 -9.24 -2.14 -1.46
C LEU A 86 -9.67 -0.70 -1.26
N MET A 87 -10.01 -0.02 -2.34
CA MET A 87 -10.39 1.38 -2.25
C MET A 87 -11.52 1.71 -3.22
N GLY A 88 -12.20 2.82 -2.95
CA GLY A 88 -13.29 3.26 -3.80
C GLY A 88 -13.40 4.77 -3.82
N ALA A 89 -14.40 5.29 -3.13
CA ALA A 89 -14.60 6.73 -3.05
C ALA A 89 -15.11 7.14 -1.68
N ASN A 90 -14.86 8.40 -1.32
CA ASN A 90 -15.29 8.91 -0.02
C ASN A 90 -16.80 9.11 0.00
N SER A 91 -17.28 10.08 -0.78
CA SER A 91 -18.70 10.39 -0.84
C SER A 91 -19.32 9.85 -2.14
N ASN A 92 -18.83 10.36 -3.27
CA ASN A 92 -19.33 9.95 -4.57
C ASN A 92 -18.50 8.79 -5.14
N PRO A 93 -19.14 7.65 -5.44
CA PRO A 93 -18.46 6.46 -5.97
C PRO A 93 -17.47 6.81 -7.09
N ASN A 94 -17.68 7.95 -7.75
CA ASN A 94 -16.80 8.38 -8.83
C ASN A 94 -15.64 9.23 -8.31
N ASP A 95 -15.27 9.03 -7.05
CA ASP A 95 -14.17 9.79 -6.45
C ASP A 95 -12.91 8.94 -6.35
N THR A 96 -12.14 8.93 -7.43
CA THR A 96 -10.88 8.17 -7.47
C THR A 96 -10.18 8.42 -8.81
N MET A 97 -9.20 7.58 -9.14
CA MET A 97 -8.47 7.73 -10.40
C MET A 97 -9.44 8.04 -11.53
N GLN A 98 -8.93 8.65 -12.61
CA GLN A 98 -9.77 8.95 -13.75
C GLN A 98 -9.54 7.86 -14.79
N LYS A 99 -8.27 7.47 -14.89
CA LYS A 99 -7.83 6.40 -15.77
C LYS A 99 -6.35 6.18 -15.51
N ALA A 100 -5.96 4.97 -15.12
CA ALA A 100 -4.56 4.70 -14.84
C ALA A 100 -4.31 3.28 -14.32
N LYS A 101 -3.03 2.91 -14.33
CA LYS A 101 -2.60 1.61 -13.82
C LYS A 101 -1.92 1.80 -12.47
N ILE A 102 -1.40 0.73 -11.93
CA ILE A 102 -0.75 0.76 -10.63
C ILE A 102 0.78 0.72 -10.76
N GLN A 103 1.49 1.08 -9.69
CA GLN A 103 2.95 1.08 -9.71
C GLN A 103 3.53 0.50 -8.42
N TYR A 104 4.85 0.63 -8.26
CA TYR A 104 5.56 0.11 -7.09
C TYR A 104 7.04 0.50 -7.14
N THR A 105 7.71 0.52 -6.00
CA THR A 105 9.14 0.84 -5.94
C THR A 105 9.91 -0.36 -5.43
N VAL A 106 11.08 -0.60 -6.03
CA VAL A 106 11.91 -1.74 -5.63
C VAL A 106 12.91 -1.37 -4.55
N ASP A 107 13.81 -0.44 -4.86
CA ASP A 107 14.83 -0.02 -3.91
C ASP A 107 14.39 1.23 -3.14
N GLY A 108 13.09 1.38 -2.95
CA GLY A 108 12.58 2.53 -2.22
C GLY A 108 13.04 3.84 -2.82
N ARG A 109 13.30 3.85 -4.12
CA ARG A 109 13.76 5.05 -4.80
C ARG A 109 12.83 5.38 -5.98
N GLU A 110 12.92 4.59 -7.04
CA GLU A 110 12.09 4.79 -8.21
C GLU A 110 10.78 4.03 -8.07
N TRP A 111 9.83 4.35 -8.93
CA TRP A 111 8.53 3.69 -8.90
C TRP A 111 8.09 3.29 -10.31
N ILE A 112 7.83 2.00 -10.49
CA ILE A 112 7.43 1.49 -11.81
C ILE A 112 6.03 0.86 -11.75
N ASP A 113 5.34 0.87 -12.89
CA ASP A 113 4.01 0.32 -13.00
C ASP A 113 3.98 -1.16 -12.58
N LEU A 114 2.89 -1.57 -11.94
CA LEU A 114 2.74 -2.95 -11.48
C LEU A 114 1.49 -3.61 -12.05
N GLU A 115 0.58 -2.82 -12.62
CA GLU A 115 -0.66 -3.36 -13.16
C GLU A 115 -0.86 -2.99 -14.62
N GLU A 116 -1.45 -3.92 -15.36
CA GLU A 116 -1.76 -3.74 -16.77
C GLU A 116 -2.39 -2.37 -16.98
N GLY A 117 -2.49 -1.94 -18.25
CA GLY A 117 -3.11 -0.67 -18.53
C GLY A 117 -4.56 -0.65 -18.04
N VAL A 118 -4.73 -0.77 -16.74
CA VAL A 118 -6.04 -0.82 -16.11
C VAL A 118 -6.52 0.57 -15.81
N GLU A 119 -7.81 0.67 -15.59
CA GLU A 119 -8.42 1.93 -15.26
C GLU A 119 -8.78 1.93 -13.79
N TYR A 120 -7.77 2.15 -12.94
CA TYR A 120 -7.99 2.19 -11.49
C TYR A 120 -8.78 3.45 -11.11
N THR A 121 -9.67 3.86 -12.02
CA THR A 121 -10.52 5.02 -11.83
C THR A 121 -11.85 4.59 -11.25
N MET A 122 -12.18 3.33 -11.46
CA MET A 122 -13.41 2.75 -10.93
C MET A 122 -13.08 1.42 -10.27
N PRO A 123 -11.94 1.36 -9.54
CA PRO A 123 -11.50 0.14 -8.87
C PRO A 123 -12.06 0.02 -7.47
N GLY A 124 -13.13 -0.75 -7.32
CA GLY A 124 -13.71 -0.95 -6.00
C GLY A 124 -12.72 -1.66 -5.10
N ALA A 125 -12.07 -2.65 -5.69
CA ALA A 125 -11.06 -3.43 -5.00
C ALA A 125 -9.92 -3.75 -5.95
N ILE A 126 -8.75 -3.18 -5.69
CA ILE A 126 -7.61 -3.41 -6.55
C ILE A 126 -6.79 -4.58 -6.05
N LYS A 127 -6.36 -5.43 -6.98
CA LYS A 127 -5.55 -6.60 -6.64
C LYS A 127 -4.68 -7.03 -7.80
N VAL A 128 -3.65 -7.82 -7.49
CA VAL A 128 -2.73 -8.33 -8.50
C VAL A 128 -2.28 -9.74 -8.18
N GLU A 129 -2.69 -10.70 -9.01
CA GLU A 129 -2.32 -12.09 -8.80
C GLU A 129 -1.00 -12.42 -9.49
N ASN A 130 -0.31 -13.44 -8.99
CA ASN A 130 0.97 -13.85 -9.56
C ASN A 130 1.99 -12.72 -9.47
N LEU A 131 2.45 -12.44 -8.26
CA LEU A 131 3.42 -11.38 -8.04
C LEU A 131 4.44 -11.79 -6.98
N ASP A 132 5.42 -12.61 -7.37
CA ASP A 132 6.45 -13.04 -6.44
C ASP A 132 7.75 -12.29 -6.70
N LEU A 133 7.89 -11.14 -6.05
CA LEU A 133 9.08 -10.31 -6.22
C LEU A 133 9.29 -9.40 -5.01
N LYS A 134 10.52 -9.38 -4.48
CA LYS A 134 10.82 -8.50 -3.36
C LYS A 134 10.52 -7.07 -3.77
N VAL A 135 9.88 -6.29 -2.90
CA VAL A 135 9.54 -4.94 -3.27
C VAL A 135 9.54 -4.02 -2.07
N ARG A 136 9.66 -2.74 -2.35
CA ARG A 136 9.60 -1.76 -1.30
C ARG A 136 8.34 -0.94 -1.49
N GLY A 137 7.55 -0.85 -0.45
CA GLY A 137 6.32 -0.09 -0.51
C GLY A 137 5.43 -0.47 -1.69
N VAL A 138 4.40 0.35 -1.93
CA VAL A 138 3.45 0.12 -3.01
C VAL A 138 2.65 1.40 -3.29
N ARG A 139 2.20 1.55 -4.53
CA ARG A 139 1.44 2.75 -4.90
C ARG A 139 0.90 2.64 -6.31
N LEU A 140 -0.12 3.44 -6.60
CA LEU A 140 -0.74 3.45 -7.92
C LEU A 140 -0.27 4.66 -8.72
N ILE A 141 -0.38 4.57 -10.03
CA ILE A 141 0.05 5.65 -10.92
C ILE A 141 -1.16 6.29 -11.61
N ALA A 142 -1.16 7.61 -11.72
CA ALA A 142 -2.27 8.32 -12.36
C ALA A 142 -1.84 8.92 -13.70
N THR A 143 -2.51 8.51 -14.77
CA THR A 143 -2.22 9.02 -16.10
C THR A 143 -3.16 10.17 -16.44
N GLU A 144 -4.27 10.25 -15.74
CA GLU A 144 -5.26 11.31 -15.96
C GLU A 144 -6.15 11.45 -14.73
N ALA A 145 -6.58 12.69 -14.46
CA ALA A 145 -7.44 12.95 -13.31
C ALA A 145 -8.66 13.77 -13.72
N ARG A 146 -9.67 13.80 -12.85
CA ARG A 146 -10.90 14.55 -13.11
C ARG A 146 -11.01 15.75 -12.18
N GLU A 147 -11.84 16.72 -12.57
CA GLU A 147 -12.06 17.92 -11.76
C GLU A 147 -12.95 17.63 -10.56
N ASN A 148 -12.66 18.27 -9.44
CA ASN A 148 -13.42 18.08 -8.21
C ASN A 148 -13.65 16.59 -7.94
N THR A 149 -12.76 16.02 -7.14
CA THR A 149 -12.86 14.60 -6.82
C THR A 149 -11.81 14.19 -5.79
N TRP A 150 -12.26 13.47 -4.76
CA TRP A 150 -11.36 12.99 -3.72
C TRP A 150 -10.91 11.57 -4.01
N LEU A 151 -10.21 10.97 -3.06
CA LEU A 151 -9.76 9.60 -3.19
C LEU A 151 -10.16 8.81 -1.96
N GLY A 152 -11.27 8.08 -2.07
CA GLY A 152 -11.76 7.31 -0.93
C GLY A 152 -11.20 5.92 -0.86
N VAL A 153 -10.33 5.69 0.12
CA VAL A 153 -9.70 4.39 0.33
C VAL A 153 -10.41 3.64 1.46
N ARG A 154 -10.46 2.32 1.35
CA ARG A 154 -11.10 1.50 2.37
C ARG A 154 -10.10 0.58 3.06
N ASP A 155 -9.14 0.06 2.30
CA ASP A 155 -8.14 -0.84 2.85
C ASP A 155 -7.16 -1.32 1.77
N ILE A 156 -6.21 -2.15 2.20
CA ILE A 156 -5.20 -2.70 1.30
C ILE A 156 -4.66 -4.00 1.87
N ASN A 157 -4.37 -4.96 0.99
CA ASN A 157 -3.84 -6.24 1.44
C ASN A 157 -2.52 -6.57 0.73
N VAL A 158 -1.50 -6.87 1.52
CA VAL A 158 -0.19 -7.21 0.99
C VAL A 158 0.47 -8.29 1.83
N ASN A 159 1.02 -9.30 1.16
CA ASN A 159 1.69 -10.40 1.85
C ASN A 159 0.69 -11.19 2.69
N LYS A 160 -0.45 -11.52 2.09
CA LYS A 160 -1.49 -12.28 2.79
C LYS A 160 -0.96 -13.65 3.19
N LYS A 161 -1.86 -14.65 3.27
CA LYS A 161 -1.46 -16.00 3.64
C LYS A 161 -0.59 -16.62 2.55
N GLU A 162 0.62 -16.07 2.38
CA GLU A 162 1.55 -16.56 1.38
C GLU A 162 2.89 -15.84 1.50
N ASP A 163 2.85 -14.51 1.56
CA ASP A 163 4.06 -13.71 1.67
C ASP A 163 4.89 -13.78 0.39
N SER A 164 5.47 -14.95 0.12
CA SER A 164 6.27 -15.14 -1.07
C SER A 164 5.50 -15.90 -2.14
N MET A 1 -7.68 -26.94 35.68
CA MET A 1 -6.28 -27.26 35.30
C MET A 1 -5.46 -26.00 35.07
N GLY A 2 -5.01 -25.40 36.17
CA GLY A 2 -4.21 -24.19 36.06
C GLY A 2 -4.67 -23.11 37.03
N SER A 3 -3.75 -22.22 37.40
CA SER A 3 -4.06 -21.14 38.33
C SER A 3 -3.41 -19.84 37.88
N SER A 4 -4.24 -18.87 37.50
CA SER A 4 -3.74 -17.58 37.05
C SER A 4 -4.00 -16.50 38.10
N HIS A 5 -2.98 -16.16 38.87
CA HIS A 5 -3.10 -15.15 39.91
C HIS A 5 -1.73 -14.62 40.32
N HIS A 6 -1.12 -13.85 39.43
CA HIS A 6 0.20 -13.28 39.70
C HIS A 6 1.23 -14.37 39.96
N HIS A 7 1.01 -15.54 39.35
CA HIS A 7 1.92 -16.66 39.51
C HIS A 7 3.31 -16.33 38.99
N HIS A 8 3.37 -15.43 38.00
CA HIS A 8 4.64 -15.03 37.42
C HIS A 8 5.20 -13.79 38.12
N HIS A 9 6.34 -13.30 37.65
CA HIS A 9 6.97 -12.13 38.23
C HIS A 9 8.20 -11.72 37.42
N HIS A 10 8.98 -12.70 36.99
CA HIS A 10 10.18 -12.45 36.21
C HIS A 10 9.93 -12.71 34.73
N SER A 11 9.53 -11.67 34.00
CA SER A 11 9.27 -11.79 32.58
C SER A 11 9.25 -10.42 31.90
N SER A 12 9.56 -10.40 30.61
CA SER A 12 9.58 -9.15 29.85
C SER A 12 8.18 -8.77 29.40
N GLY A 13 7.77 -7.55 29.77
CA GLY A 13 6.44 -7.08 29.39
C GLY A 13 6.49 -6.05 28.28
N LEU A 14 6.26 -4.79 28.64
CA LEU A 14 6.27 -3.70 27.67
C LEU A 14 5.09 -3.81 26.70
N VAL A 15 5.12 -4.83 25.86
CA VAL A 15 4.05 -5.05 24.88
C VAL A 15 3.87 -6.54 24.60
N PRO A 16 3.17 -7.26 25.49
CA PRO A 16 2.93 -8.70 25.33
C PRO A 16 2.31 -9.03 23.98
N ARG A 17 1.12 -8.49 23.73
CA ARG A 17 0.42 -8.72 22.47
C ARG A 17 0.41 -7.48 21.61
N GLY A 18 -0.28 -7.54 20.48
CA GLY A 18 -0.34 -6.41 19.57
C GLY A 18 -0.20 -6.81 18.13
N SER A 19 0.81 -7.61 17.82
CA SER A 19 1.04 -8.07 16.47
C SER A 19 0.63 -9.53 16.30
N HIS A 20 0.02 -9.84 15.15
CA HIS A 20 -0.42 -11.20 14.88
C HIS A 20 0.75 -12.17 14.88
N MET A 21 0.54 -13.36 15.45
CA MET A 21 1.57 -14.37 15.52
C MET A 21 1.26 -15.55 14.61
N ALA A 22 2.18 -15.84 13.70
CA ALA A 22 1.99 -16.94 12.76
C ALA A 22 3.33 -17.47 12.26
N SER A 23 4.17 -17.90 13.19
CA SER A 23 5.49 -18.44 12.84
C SER A 23 6.34 -17.37 12.15
N ASP A 24 6.11 -16.11 12.51
CA ASP A 24 6.85 -15.00 11.92
C ASP A 24 6.66 -14.96 10.41
N PRO A 25 5.43 -14.65 9.95
CA PRO A 25 5.13 -14.57 8.52
C PRO A 25 5.73 -13.35 7.86
N ASN A 26 5.61 -12.20 8.52
CA ASN A 26 6.16 -10.96 8.00
C ASN A 26 6.09 -9.85 9.05
N ARG A 27 7.16 -9.07 9.14
CA ARG A 27 7.23 -7.98 10.11
C ARG A 27 7.18 -6.62 9.41
N ILE A 28 7.58 -6.60 8.15
CA ILE A 28 7.59 -5.36 7.37
C ILE A 28 6.21 -4.70 7.36
N ILE A 29 6.12 -3.51 7.94
CA ILE A 29 4.87 -2.78 7.99
C ILE A 29 4.67 -1.97 6.71
N ALA A 30 3.43 -1.63 6.42
CA ALA A 30 3.11 -0.87 5.22
C ALA A 30 2.46 0.47 5.57
N THR A 31 3.25 1.55 5.49
CA THR A 31 2.73 2.87 5.80
C THR A 31 2.11 3.50 4.57
N TYR A 32 0.84 3.84 4.68
CA TYR A 32 0.12 4.44 3.59
C TYR A 32 0.83 5.67 3.01
N ILE A 33 0.78 5.80 1.69
CA ILE A 33 1.41 6.93 0.99
C ILE A 33 0.37 7.73 0.21
N SER A 34 0.82 8.75 -0.51
CA SER A 34 -0.09 9.55 -1.31
C SER A 34 0.63 10.63 -2.10
N ASN A 35 0.06 11.00 -3.23
CA ASN A 35 0.63 12.05 -4.07
C ASN A 35 0.13 13.42 -3.62
N ARG A 36 -1.07 13.43 -3.06
CA ARG A 36 -1.68 14.66 -2.58
C ARG A 36 -1.13 15.04 -1.21
N GLN A 37 -1.46 16.24 -0.75
CA GLN A 37 -1.00 16.71 0.54
C GLN A 37 -2.13 16.76 1.56
N ASP A 38 -3.10 15.87 1.39
CA ASP A 38 -4.24 15.80 2.30
C ASP A 38 -4.05 14.69 3.34
N ALA A 39 -4.19 15.06 4.60
CA ALA A 39 -4.03 14.11 5.69
C ALA A 39 -5.18 13.11 5.69
N PRO A 40 -5.02 11.97 6.38
CA PRO A 40 -6.06 10.94 6.45
C PRO A 40 -7.30 11.44 7.18
N THR A 41 -8.43 11.44 6.48
CA THR A 41 -9.69 11.90 7.07
C THR A 41 -9.90 11.29 8.45
N GLY A 42 -9.72 9.97 8.53
CA GLY A 42 -9.87 9.28 9.80
C GLY A 42 -8.57 8.69 10.28
N ASN A 43 -8.22 7.52 9.78
CA ASN A 43 -6.99 6.85 10.16
C ASN A 43 -6.56 5.82 9.11
N PRO A 44 -5.28 5.84 8.70
CA PRO A 44 -4.76 4.89 7.72
C PRO A 44 -4.76 3.45 8.25
N ASP A 45 -5.16 3.27 9.52
CA ASP A 45 -5.20 1.95 10.14
C ASP A 45 -5.71 0.91 9.17
N ASN A 46 -6.62 1.31 8.29
CA ASN A 46 -7.17 0.42 7.28
C ASN A 46 -6.06 -0.27 6.52
N ILE A 47 -5.04 0.50 6.18
CA ILE A 47 -3.88 0.00 5.44
C ILE A 47 -2.68 -0.20 6.36
N PHE A 48 -2.54 0.70 7.33
CA PHE A 48 -1.44 0.63 8.28
C PHE A 48 -1.40 -0.73 8.97
N ASP A 49 -2.57 -1.25 9.29
CA ASP A 49 -2.68 -2.56 9.96
C ASP A 49 -3.69 -3.46 9.25
N ASN A 50 -3.77 -3.32 7.92
CA ASN A 50 -4.68 -4.13 7.11
C ASN A 50 -6.07 -4.24 7.74
N ASN A 51 -6.62 -3.10 8.13
CA ASN A 51 -7.96 -3.06 8.74
C ASN A 51 -8.96 -2.47 7.77
N ALA A 52 -10.17 -2.20 8.27
CA ALA A 52 -11.22 -1.62 7.44
C ALA A 52 -12.36 -1.04 8.29
N SER A 53 -12.02 -0.59 9.49
CA SER A 53 -13.01 0.00 10.39
C SER A 53 -12.93 1.52 10.34
N THR A 54 -11.71 2.02 10.16
CA THR A 54 -11.46 3.46 10.09
C THR A 54 -11.67 3.96 8.65
N GLU A 55 -11.65 5.27 8.48
CA GLU A 55 -11.83 5.87 7.16
C GLU A 55 -10.51 6.43 6.62
N LEU A 56 -10.48 6.71 5.32
CA LEU A 56 -9.28 7.24 4.68
C LEU A 56 -9.60 7.85 3.32
N VAL A 57 -9.46 9.16 3.20
CA VAL A 57 -9.74 9.85 1.94
C VAL A 57 -8.94 11.15 1.81
N TYR A 58 -8.37 11.37 0.63
CA TYR A 58 -7.60 12.58 0.36
C TYR A 58 -8.38 13.51 -0.56
N LYS A 59 -8.62 14.74 -0.11
CA LYS A 59 -9.40 15.70 -0.91
C LYS A 59 -8.64 16.98 -1.18
N ASN A 60 -8.10 17.61 -0.12
CA ASN A 60 -7.37 18.88 -0.22
C ASN A 60 -7.56 19.56 -1.59
N PRO A 61 -6.87 19.12 -2.67
CA PRO A 61 -7.03 19.71 -3.99
C PRO A 61 -8.22 19.10 -4.74
N ASN A 62 -9.28 19.86 -4.92
CA ASN A 62 -10.45 19.37 -5.63
C ASN A 62 -10.08 19.02 -7.06
N ARG A 63 -9.16 19.79 -7.63
CA ARG A 63 -8.70 19.56 -9.00
C ARG A 63 -7.43 18.73 -8.99
N ILE A 64 -7.31 17.82 -9.95
CA ILE A 64 -6.14 16.96 -10.03
C ILE A 64 -5.83 16.56 -11.48
N ASP A 65 -4.67 16.96 -11.97
CA ASP A 65 -4.27 16.64 -13.33
C ASP A 65 -2.98 15.81 -13.34
N VAL A 66 -3.08 14.58 -13.84
CA VAL A 66 -1.93 13.67 -13.92
C VAL A 66 -1.01 13.79 -12.71
N GLY A 67 -1.22 12.93 -11.72
CA GLY A 67 -0.38 12.97 -10.53
C GLY A 67 -1.07 12.39 -9.31
N THR A 68 -2.36 12.65 -9.18
CA THR A 68 -3.12 12.16 -8.05
C THR A 68 -3.02 10.63 -7.95
N TYR A 69 -2.29 10.16 -6.95
CA TYR A 69 -2.13 8.72 -6.75
C TYR A 69 -1.63 8.41 -5.34
N VAL A 70 -1.93 7.20 -4.88
CA VAL A 70 -1.51 6.77 -3.55
C VAL A 70 -1.36 5.25 -3.49
N GLY A 71 -1.17 4.76 -2.27
CA GLY A 71 -1.02 3.34 -2.04
C GLY A 71 -0.56 3.08 -0.63
N VAL A 72 0.64 2.54 -0.48
CA VAL A 72 1.17 2.27 0.84
C VAL A 72 2.62 1.79 0.80
N LYS A 73 3.51 2.52 1.47
CA LYS A 73 4.93 2.16 1.48
C LYS A 73 5.26 1.21 2.62
N TYR A 74 6.39 0.51 2.50
CA TYR A 74 6.81 -0.44 3.53
C TYR A 74 8.05 0.05 4.26
N SER A 75 8.60 -0.81 5.11
CA SER A 75 9.79 -0.49 5.88
C SER A 75 11.06 -0.97 5.17
N ASN A 76 10.91 -2.06 4.42
CA ASN A 76 12.04 -2.63 3.68
C ASN A 76 11.55 -3.64 2.64
N PRO A 77 12.36 -3.91 1.60
CA PRO A 77 12.00 -4.86 0.54
C PRO A 77 11.52 -6.20 1.09
N ILE A 78 10.41 -6.69 0.55
CA ILE A 78 9.84 -7.96 0.98
C ILE A 78 9.25 -8.74 -0.19
N THR A 79 9.39 -10.05 -0.17
CA THR A 79 8.86 -10.90 -1.23
C THR A 79 7.38 -10.60 -1.44
N LEU A 80 7.10 -9.74 -2.43
CA LEU A 80 5.72 -9.36 -2.73
C LEU A 80 5.06 -10.37 -3.65
N ASN A 81 4.33 -11.30 -3.07
CA ASN A 81 3.64 -12.34 -3.84
C ASN A 81 2.48 -11.72 -4.63
N ASN A 82 1.68 -10.91 -3.95
CA ASN A 82 0.54 -10.26 -4.59
C ASN A 82 0.13 -9.00 -3.81
N VAL A 83 -0.10 -7.92 -4.55
CA VAL A 83 -0.50 -6.66 -3.95
C VAL A 83 -1.98 -6.42 -4.19
N GLU A 84 -2.67 -5.85 -3.19
CA GLU A 84 -4.09 -5.61 -3.32
C GLU A 84 -4.54 -4.40 -2.49
N PHE A 85 -5.21 -3.46 -3.15
CA PHE A 85 -5.74 -2.28 -2.47
C PHE A 85 -7.25 -2.25 -2.59
N LEU A 86 -7.95 -2.66 -1.54
CA LEU A 86 -9.40 -2.67 -1.53
C LEU A 86 -9.92 -1.29 -1.15
N MET A 87 -10.30 -0.50 -2.15
CA MET A 87 -10.78 0.84 -1.90
C MET A 87 -11.93 1.22 -2.82
N GLY A 88 -12.55 2.36 -2.52
CA GLY A 88 -13.64 2.85 -3.33
C GLY A 88 -13.59 4.36 -3.44
N ALA A 89 -14.44 5.04 -2.67
CA ALA A 89 -14.47 6.50 -2.67
C ALA A 89 -14.75 7.04 -1.28
N ASN A 90 -14.83 8.36 -1.16
CA ASN A 90 -15.10 9.00 0.12
C ASN A 90 -16.60 9.10 0.36
N SER A 91 -17.28 9.86 -0.50
CA SER A 91 -18.73 10.05 -0.38
C SER A 91 -19.45 9.23 -1.45
N ASN A 92 -19.16 9.55 -2.71
CA ASN A 92 -19.78 8.86 -3.84
C ASN A 92 -18.84 7.79 -4.39
N PRO A 93 -19.29 6.51 -4.43
CA PRO A 93 -18.47 5.40 -4.93
C PRO A 93 -17.75 5.72 -6.23
N ASN A 94 -18.22 6.73 -6.96
CA ASN A 94 -17.61 7.12 -8.23
C ASN A 94 -16.48 8.12 -8.01
N ASP A 95 -15.86 8.10 -6.82
CA ASP A 95 -14.76 9.00 -6.51
C ASP A 95 -13.45 8.25 -6.37
N THR A 96 -12.61 8.34 -7.40
CA THR A 96 -11.31 7.67 -7.40
C THR A 96 -10.55 8.03 -8.66
N MET A 97 -9.49 7.26 -8.97
CA MET A 97 -8.69 7.50 -10.17
C MET A 97 -9.60 7.82 -11.34
N GLN A 98 -9.07 8.49 -12.35
CA GLN A 98 -9.84 8.79 -13.53
C GLN A 98 -9.50 7.73 -14.57
N LYS A 99 -8.23 7.36 -14.57
CA LYS A 99 -7.71 6.31 -15.43
C LYS A 99 -6.24 6.10 -15.10
N ALA A 100 -5.87 4.88 -14.73
CA ALA A 100 -4.48 4.61 -14.38
C ALA A 100 -4.27 3.21 -13.80
N LYS A 101 -3.01 2.84 -13.63
CA LYS A 101 -2.63 1.55 -13.07
C LYS A 101 -1.82 1.78 -11.79
N ILE A 102 -1.56 0.73 -11.03
CA ILE A 102 -0.79 0.85 -9.81
C ILE A 102 0.71 0.72 -10.07
N GLN A 103 1.52 1.26 -9.17
CA GLN A 103 2.97 1.20 -9.28
C GLN A 103 3.59 0.50 -8.08
N TYR A 104 4.92 0.45 -8.04
CA TYR A 104 5.64 -0.19 -6.94
C TYR A 104 7.14 0.03 -7.07
N THR A 105 7.81 0.40 -5.97
CA THR A 105 9.25 0.60 -6.00
C THR A 105 9.96 -0.67 -5.58
N VAL A 106 10.97 -1.06 -6.35
CA VAL A 106 11.71 -2.29 -6.08
C VAL A 106 12.74 -2.11 -4.96
N ASP A 107 13.38 -0.95 -4.91
CA ASP A 107 14.39 -0.68 -3.90
C ASP A 107 14.02 0.54 -3.06
N GLY A 108 12.72 0.83 -2.98
CA GLY A 108 12.27 1.98 -2.21
C GLY A 108 12.82 3.28 -2.75
N ARG A 109 13.28 3.25 -3.99
CA ARG A 109 13.85 4.44 -4.64
C ARG A 109 12.96 4.87 -5.80
N GLU A 110 13.08 4.17 -6.92
CA GLU A 110 12.28 4.47 -8.10
C GLU A 110 10.97 3.71 -8.06
N TRP A 111 9.99 4.17 -8.82
CA TRP A 111 8.69 3.51 -8.86
C TRP A 111 8.28 3.20 -10.30
N ILE A 112 8.02 1.92 -10.57
CA ILE A 112 7.64 1.48 -11.91
C ILE A 112 6.21 0.92 -11.92
N ASP A 113 5.59 0.95 -13.10
CA ASP A 113 4.22 0.45 -13.26
C ASP A 113 4.04 -0.90 -12.59
N LEU A 114 2.79 -1.20 -12.20
CA LEU A 114 2.49 -2.47 -11.53
C LEU A 114 1.39 -3.24 -12.26
N GLU A 115 0.18 -2.68 -12.26
CA GLU A 115 -0.95 -3.34 -12.89
C GLU A 115 -0.96 -3.18 -14.40
N GLU A 116 -1.67 -4.09 -15.05
CA GLU A 116 -1.82 -4.10 -16.50
C GLU A 116 -2.56 -2.88 -17.00
N GLY A 117 -1.83 -1.91 -17.59
CA GLY A 117 -2.46 -0.68 -18.11
C GLY A 117 -3.93 -0.61 -17.74
N VAL A 118 -4.19 -0.76 -16.44
CA VAL A 118 -5.54 -0.79 -15.92
C VAL A 118 -6.10 0.60 -15.69
N GLU A 119 -7.38 0.62 -15.37
CA GLU A 119 -8.08 1.85 -15.09
C GLU A 119 -8.61 1.82 -13.68
N TYR A 120 -7.73 2.06 -12.71
CA TYR A 120 -8.13 2.07 -11.31
C TYR A 120 -8.98 3.29 -11.01
N THR A 121 -9.83 3.64 -11.97
CA THR A 121 -10.75 4.76 -11.83
C THR A 121 -12.08 4.25 -11.31
N MET A 122 -12.28 2.95 -11.47
CA MET A 122 -13.47 2.28 -10.99
C MET A 122 -13.06 0.98 -10.30
N PRO A 123 -11.96 1.03 -9.51
CA PRO A 123 -11.43 -0.15 -8.82
C PRO A 123 -12.08 -0.36 -7.45
N GLY A 124 -13.06 -1.24 -7.38
CA GLY A 124 -13.69 -1.53 -6.11
C GLY A 124 -12.73 -2.27 -5.21
N ALA A 125 -12.07 -3.26 -5.79
CA ALA A 125 -11.07 -4.05 -5.08
C ALA A 125 -9.93 -4.38 -6.02
N ILE A 126 -8.75 -3.86 -5.70
CA ILE A 126 -7.59 -4.10 -6.53
C ILE A 126 -6.70 -5.17 -5.94
N LYS A 127 -6.25 -6.09 -6.79
CA LYS A 127 -5.37 -7.17 -6.37
C LYS A 127 -4.60 -7.75 -7.54
N VAL A 128 -3.30 -7.48 -7.58
CA VAL A 128 -2.44 -7.97 -8.65
C VAL A 128 -1.84 -9.32 -8.29
N GLU A 129 -1.65 -10.16 -9.31
CA GLU A 129 -1.08 -11.48 -9.09
C GLU A 129 0.06 -11.75 -10.06
N ASN A 130 0.78 -12.85 -9.83
CA ASN A 130 1.90 -13.23 -10.68
C ASN A 130 3.03 -12.20 -10.58
N LEU A 131 3.11 -11.51 -9.44
CA LEU A 131 4.15 -10.51 -9.23
C LEU A 131 5.00 -10.87 -8.02
N ASP A 132 5.31 -12.16 -7.87
CA ASP A 132 6.12 -12.64 -6.76
C ASP A 132 7.55 -12.11 -6.86
N LEU A 133 7.79 -10.95 -6.26
CA LEU A 133 9.12 -10.34 -6.27
C LEU A 133 9.30 -9.42 -5.08
N LYS A 134 10.47 -9.46 -4.46
CA LYS A 134 10.77 -8.60 -3.32
C LYS A 134 10.52 -7.15 -3.72
N VAL A 135 9.81 -6.39 -2.90
CA VAL A 135 9.50 -5.03 -3.24
C VAL A 135 9.47 -4.14 -2.01
N ARG A 136 9.69 -2.86 -2.23
CA ARG A 136 9.60 -1.91 -1.16
C ARG A 136 8.35 -1.08 -1.36
N GLY A 137 7.54 -1.01 -0.32
CA GLY A 137 6.31 -0.24 -0.40
C GLY A 137 5.48 -0.52 -1.65
N VAL A 138 4.37 0.20 -1.76
CA VAL A 138 3.46 0.08 -2.90
C VAL A 138 2.78 1.43 -3.13
N ARG A 139 2.38 1.69 -4.37
CA ARG A 139 1.74 2.96 -4.70
C ARG A 139 1.10 2.92 -6.07
N LEU A 140 0.14 3.81 -6.27
CA LEU A 140 -0.58 3.91 -7.53
C LEU A 140 -0.05 5.06 -8.35
N ILE A 141 -0.28 5.02 -9.67
CA ILE A 141 0.17 6.07 -10.56
C ILE A 141 -0.96 6.56 -11.46
N ALA A 142 -1.30 7.85 -11.35
CA ALA A 142 -2.37 8.42 -12.15
C ALA A 142 -1.95 8.61 -13.60
N THR A 143 -2.93 8.78 -14.48
CA THR A 143 -2.65 8.96 -15.90
C THR A 143 -3.34 10.22 -16.45
N GLU A 144 -4.54 10.51 -15.96
CA GLU A 144 -5.29 11.68 -16.41
C GLU A 144 -5.95 12.40 -15.25
N ALA A 145 -6.58 11.63 -14.36
CA ALA A 145 -7.26 12.21 -13.21
C ALA A 145 -8.46 13.05 -13.65
N ARG A 146 -9.25 13.52 -12.68
CA ARG A 146 -10.42 14.34 -12.97
C ARG A 146 -10.48 15.56 -12.06
N GLU A 147 -11.13 16.62 -12.55
CA GLU A 147 -11.25 17.86 -11.78
C GLU A 147 -12.33 17.73 -10.71
N ASN A 148 -12.20 18.51 -9.64
CA ASN A 148 -13.16 18.49 -8.54
C ASN A 148 -13.48 17.05 -8.13
N THR A 149 -12.60 16.46 -7.34
CA THR A 149 -12.77 15.09 -6.89
C THR A 149 -11.76 14.73 -5.81
N TRP A 150 -12.16 13.83 -4.92
CA TRP A 150 -11.28 13.38 -3.84
C TRP A 150 -10.76 11.98 -4.13
N LEU A 151 -10.07 11.41 -3.14
CA LEU A 151 -9.53 10.06 -3.28
C LEU A 151 -9.76 9.28 -1.99
N GLY A 152 -10.81 8.46 -1.99
CA GLY A 152 -11.13 7.67 -0.81
C GLY A 152 -10.43 6.32 -0.79
N VAL A 153 -10.41 5.70 0.37
CA VAL A 153 -9.78 4.39 0.54
C VAL A 153 -10.49 3.59 1.62
N ARG A 154 -10.40 2.27 1.54
CA ARG A 154 -11.06 1.40 2.52
C ARG A 154 -10.07 0.45 3.18
N ASP A 155 -9.14 -0.10 2.40
CA ASP A 155 -8.16 -1.04 2.94
C ASP A 155 -7.21 -1.54 1.85
N ILE A 156 -6.07 -2.07 2.28
CA ILE A 156 -5.07 -2.63 1.37
C ILE A 156 -4.39 -3.84 2.00
N ASN A 157 -4.21 -4.90 1.23
CA ASN A 157 -3.58 -6.10 1.74
C ASN A 157 -2.63 -6.72 0.71
N VAL A 158 -1.64 -7.46 1.21
CA VAL A 158 -0.66 -8.11 0.35
C VAL A 158 -0.34 -9.52 0.85
N ASN A 159 -0.59 -10.51 -0.01
CA ASN A 159 -0.34 -11.90 0.34
C ASN A 159 -1.17 -12.31 1.55
N LYS A 160 -2.37 -11.74 1.64
CA LYS A 160 -3.28 -12.05 2.75
C LYS A 160 -2.69 -11.58 4.08
N LYS A 161 -3.45 -10.77 4.81
CA LYS A 161 -3.00 -10.26 6.10
C LYS A 161 -1.69 -9.51 5.98
N GLU A 162 -1.45 -8.93 4.80
CA GLU A 162 -0.23 -8.17 4.53
C GLU A 162 1.01 -8.90 5.06
N ASP A 163 1.25 -10.09 4.54
CA ASP A 163 2.39 -10.89 4.96
C ASP A 163 2.77 -11.91 3.90
N SER A 164 4.00 -11.83 3.40
CA SER A 164 4.48 -12.74 2.37
C SER A 164 4.48 -14.18 2.89
#